data_7D72
#
_entry.id   7D72
#
_cell.length_a   1.00
_cell.length_b   1.00
_cell.length_c   1.00
_cell.angle_alpha   90.00
_cell.angle_beta   90.00
_cell.angle_gamma   90.00
#
_symmetry.space_group_name_H-M   'P 1'
#
loop_
_entity.id
_entity.type
_entity.pdbx_description
1 polymer 'Mannose-1-phosphate guanyltransferase beta'
2 polymer 'Mannose-1-phosphate guanyltransferase alpha'
3 non-polymer "GUANOSINE-5'-DIPHOSPHATE-ALPHA-D-MANNOSE"
4 non-polymer 'MAGNESIUM ION'
5 water water
#
loop_
_entity_poly.entity_id
_entity_poly.type
_entity_poly.pdbx_seq_one_letter_code
_entity_poly.pdbx_strand_id
1 'polypeptide(L)'
;MKALILVGGYGTRLRPLTLSTPKPLVDFCNKPILLHQVEALAAAGVDHVILAVSYMSQVLEKEMKAQEQRLGIRISMSHE
EEPLGTAGPLALARDLLSETADPFFVLNSDVICDFPFQAMVQFHRHHGQEGSILVTKVEEPSKYGVVVCEADTGRIHRFV
EKPQVFVSNKINAGMYILSPAVLQRIQLQPTSIEKEVFPIMAKEGQLYAMELQGFWMDIGQPKDFLTGMCLFLQSLRQKQ
PERLCSGPGIVGNVLVDPSARIGQNCSIGPNVSLGPGVVVEDGVCIRRCTVLRDARIRSHSWLESCIVGWRCRVGQWVRM
ENVTVLGEDVIVNDELYLNGASVLPHKSIGESVPEPRIIM
;
K,I,E,F,G,H,J,L
2 'polypeptide(L)'
;MLKAVILIGGPQKGTRFRPLSFEVPKPLFPVAGVPMIQHHIEACAQVPGMQEILLIGFYQPDEPLTQFLEAAQQEFNLPV
RYLQEFAPLGTGGGLYHFRDQILAGSPEAFFVLNADVCSDFPLSAMLEAHRRQRHPFLLLGTTANRTQSLNYGCIVENPQ
THEVLHYVEKPSTFISDIINCGIYLFSPEALKPLRDVFQRNQQDGQLEDSPGLWPGAGTIRLEQDVFSALAGQGQIYVHL
TDGIWSQIKSAGSALYASRLYLSRYQDTHPERLAKHTPGGPWIRGNVYIHPTAKVAPSAVLGPNVSIGKGVTVGEGVRLR
ESIVLHGATLQEHTCVLHSIVGWGSTVGRWARVEGTPSDPNPNDPRARMDSESLFKDGKLLPAITILGCRVRIPAEVLIL
NSIVLPHKELSRSFTNQIIL
;
A,B,C,D
#
loop_
_chem_comp.id
_chem_comp.type
_chem_comp.name
_chem_comp.formula
GDD non-polymer GUANOSINE-5'-DIPHOSPHATE-ALPHA-D-MANNOSE 'C16 H25 N5 O16 P2'
MG non-polymer 'MAGNESIUM ION' 'Mg 2'
#
# COMPACT_ATOMS: atom_id res chain seq x y z
N MET A 1 25.06 65.43 -51.39
CA MET A 1 25.67 64.82 -50.22
C MET A 1 26.34 63.51 -50.60
N LYS A 2 27.42 63.15 -49.89
CA LYS A 2 28.24 62.00 -50.25
C LYS A 2 28.50 61.13 -49.03
N ALA A 3 28.50 59.81 -49.24
CA ALA A 3 28.52 58.84 -48.17
C ALA A 3 29.41 57.67 -48.54
N LEU A 4 30.23 57.25 -47.59
CA LEU A 4 31.16 56.15 -47.76
C LEU A 4 30.81 55.03 -46.78
N ILE A 5 30.55 53.85 -47.32
CA ILE A 5 30.34 52.65 -46.52
C ILE A 5 31.66 51.91 -46.48
N LEU A 6 31.99 51.33 -45.33
CA LEU A 6 33.10 50.38 -45.28
C LEU A 6 32.54 49.02 -45.66
N VAL A 7 32.76 48.62 -46.90
CA VAL A 7 32.32 47.33 -47.39
C VAL A 7 33.55 46.47 -47.61
N GLY A 8 33.39 45.18 -47.47
CA GLY A 8 34.49 44.30 -47.70
C GLY A 8 35.37 44.14 -46.48
N GLY A 9 36.43 43.39 -46.69
CA GLY A 9 37.20 42.85 -45.58
C GLY A 9 36.66 41.50 -45.17
N TYR A 10 37.44 40.83 -44.34
CA TYR A 10 37.15 39.45 -43.97
C TYR A 10 36.22 39.43 -42.78
N GLY A 11 35.03 38.88 -42.98
CA GLY A 11 34.08 38.71 -41.90
C GLY A 11 34.43 37.48 -41.10
N THR A 12 35.43 37.58 -40.22
CA THR A 12 35.89 36.43 -39.46
C THR A 12 34.84 35.96 -38.47
N ARG A 13 34.12 36.90 -37.89
CA ARG A 13 33.00 36.57 -37.02
C ARG A 13 31.91 36.09 -37.96
N LEU A 14 31.13 35.09 -37.54
CA LEU A 14 30.06 34.51 -38.37
C LEU A 14 30.67 34.10 -39.72
N ARG A 15 31.62 33.18 -39.64
CA ARG A 15 32.37 32.72 -40.81
C ARG A 15 31.72 31.74 -41.77
N PRO A 16 30.81 30.88 -41.29
CA PRO A 16 30.29 29.98 -42.33
C PRO A 16 29.38 30.67 -43.33
N LEU A 17 28.71 31.76 -42.96
CA LEU A 17 27.98 32.53 -43.94
C LEU A 17 28.91 33.36 -44.80
N THR A 18 29.97 33.92 -44.20
CA THR A 18 30.94 34.75 -44.91
C THR A 18 31.75 33.95 -45.92
N LEU A 19 31.97 32.65 -45.65
CA LEU A 19 32.74 31.80 -46.54
C LEU A 19 32.07 31.62 -47.90
N SER A 20 30.74 31.71 -47.93
CA SER A 20 30.01 31.49 -49.17
C SER A 20 29.95 32.78 -50.00
N THR A 21 29.29 33.79 -49.46
CA THR A 21 29.08 35.10 -50.06
C THR A 21 29.68 36.14 -49.14
N PRO A 22 30.02 37.33 -49.66
CA PRO A 22 30.54 38.40 -48.81
C PRO A 22 29.54 38.88 -47.76
N LYS A 23 30.09 39.58 -46.76
CA LYS A 23 29.34 39.88 -45.54
C LYS A 23 28.10 40.78 -45.72
N PRO A 24 28.14 41.91 -46.45
CA PRO A 24 26.91 42.69 -46.58
C PRO A 24 25.86 42.05 -47.47
N LEU A 25 26.22 41.02 -48.22
CA LEU A 25 25.29 40.46 -49.20
C LEU A 25 24.32 39.46 -48.57
N VAL A 26 24.50 39.11 -47.29
CA VAL A 26 23.61 38.15 -46.65
C VAL A 26 22.27 38.83 -46.37
N ASP A 27 21.20 38.05 -46.37
CA ASP A 27 19.85 38.56 -46.37
C ASP A 27 19.35 38.72 -44.94
N PHE A 28 19.54 39.91 -44.37
CA PHE A 28 19.04 40.21 -43.04
C PHE A 28 17.63 40.74 -43.18
N CYS A 29 16.65 39.89 -42.82
CA CYS A 29 15.22 40.17 -42.97
C CYS A 29 14.87 40.47 -44.42
N ASN A 30 15.22 39.52 -45.29
CA ASN A 30 14.90 39.42 -46.71
C ASN A 30 15.57 40.47 -47.57
N LYS A 31 16.47 41.28 -47.02
CA LYS A 31 17.22 42.24 -47.80
C LYS A 31 18.65 42.24 -47.30
N PRO A 32 19.63 42.50 -48.16
CA PRO A 32 21.00 42.67 -47.70
C PRO A 32 21.14 43.89 -46.82
N ILE A 33 22.08 43.83 -45.88
CA ILE A 33 22.27 44.94 -44.94
C ILE A 33 22.80 46.17 -45.63
N LEU A 34 23.57 45.98 -46.71
CA LEU A 34 23.93 47.11 -47.56
C LEU A 34 22.70 47.68 -48.27
N LEU A 35 21.70 46.85 -48.54
CA LEU A 35 20.47 47.38 -49.14
C LEU A 35 19.63 48.13 -48.12
N HIS A 36 19.65 47.73 -46.85
CA HIS A 36 18.99 48.50 -45.80
C HIS A 36 19.66 49.86 -45.63
N GLN A 37 20.99 49.86 -45.59
CA GLN A 37 21.72 51.11 -45.49
C GLN A 37 21.51 51.98 -46.72
N VAL A 38 21.34 51.39 -47.90
CA VAL A 38 21.10 52.20 -49.09
C VAL A 38 19.65 52.64 -49.21
N GLU A 39 18.69 51.93 -48.60
CA GLU A 39 17.35 52.46 -48.35
C GLU A 39 17.42 53.78 -47.61
N ALA A 40 18.09 53.77 -46.47
CA ALA A 40 18.12 54.99 -45.67
C ALA A 40 19.01 56.07 -46.28
N LEU A 41 20.01 55.69 -47.07
CA LEU A 41 20.81 56.70 -47.76
C LEU A 41 20.06 57.29 -48.94
N ALA A 42 19.15 56.53 -49.55
CA ALA A 42 18.30 57.09 -50.59
C ALA A 42 17.25 58.02 -49.98
N ALA A 43 16.73 57.66 -48.81
CA ALA A 43 15.78 58.53 -48.14
C ALA A 43 16.45 59.77 -47.58
N ALA A 44 17.76 59.70 -47.30
CA ALA A 44 18.47 60.85 -46.77
C ALA A 44 18.77 61.88 -47.84
N GLY A 45 18.94 61.46 -49.08
CA GLY A 45 19.26 62.36 -50.17
C GLY A 45 20.72 62.46 -50.53
N VAL A 46 21.51 61.42 -50.25
CA VAL A 46 22.92 61.44 -50.62
C VAL A 46 23.04 61.23 -52.12
N ASP A 47 23.88 62.05 -52.75
CA ASP A 47 23.95 62.06 -54.22
C ASP A 47 24.58 60.77 -54.76
N HIS A 48 25.65 60.29 -54.12
CA HIS A 48 26.24 59.03 -54.54
C HIS A 48 26.96 58.40 -53.36
N VAL A 49 27.04 57.07 -53.40
CA VAL A 49 27.61 56.29 -52.33
C VAL A 49 28.98 55.78 -52.77
N ILE A 50 30.01 56.14 -52.01
CA ILE A 50 31.33 55.56 -52.20
C ILE A 50 31.43 54.33 -51.30
N LEU A 51 32.31 53.39 -51.66
CA LEU A 51 32.49 52.22 -50.81
C LEU A 51 33.88 51.63 -50.98
N ALA A 52 34.51 51.32 -49.86
CA ALA A 52 35.69 50.45 -49.89
C ALA A 52 35.27 49.09 -50.39
N VAL A 53 36.16 48.42 -51.11
CA VAL A 53 35.89 47.08 -51.60
C VAL A 53 37.12 46.22 -51.37
N SER A 54 36.96 45.17 -50.57
CA SER A 54 37.99 44.17 -50.32
C SER A 54 37.28 42.83 -50.18
N TYR A 55 38.07 41.75 -50.16
CA TYR A 55 37.58 40.38 -49.95
C TYR A 55 36.55 39.99 -51.02
N MET A 56 37.08 39.63 -52.19
CA MET A 56 36.31 39.09 -53.31
C MET A 56 35.33 40.13 -53.85
N SER A 57 35.88 41.15 -54.52
CA SER A 57 35.15 42.29 -55.08
C SER A 57 33.96 41.91 -55.97
N GLN A 58 34.04 40.71 -56.56
CA GLN A 58 33.35 40.23 -57.75
C GLN A 58 31.82 40.39 -57.68
N VAL A 59 31.23 39.66 -56.73
CA VAL A 59 29.78 39.57 -56.61
C VAL A 59 29.18 40.86 -56.07
N LEU A 60 29.86 41.49 -55.11
CA LEU A 60 29.39 42.76 -54.55
C LEU A 60 29.31 43.84 -55.62
N GLU A 61 30.34 43.91 -56.47
CA GLU A 61 30.36 44.74 -57.67
C GLU A 61 29.16 44.52 -58.59
N LYS A 62 29.04 43.29 -59.13
CA LYS A 62 27.98 43.12 -60.13
C LYS A 62 26.59 43.01 -59.53
N GLU A 63 26.45 43.05 -58.23
CA GLU A 63 25.10 43.06 -57.70
C GLU A 63 24.72 44.48 -57.27
N MET A 64 25.74 45.27 -56.93
CA MET A 64 25.53 46.66 -56.57
C MET A 64 25.12 47.48 -57.79
N LYS A 65 25.59 47.10 -58.98
CA LYS A 65 25.09 47.75 -60.21
C LYS A 65 23.58 47.62 -60.39
N ALA A 66 23.05 46.41 -60.20
CA ALA A 66 21.62 46.18 -60.35
C ALA A 66 20.83 46.89 -59.27
N GLN A 67 21.39 47.04 -58.06
CA GLN A 67 20.70 47.86 -57.06
C GLN A 67 20.78 49.35 -57.40
N GLU A 68 21.87 49.77 -58.06
CA GLU A 68 22.06 51.18 -58.42
C GLU A 68 21.01 51.65 -59.42
N GLN A 69 20.74 50.83 -60.44
CA GLN A 69 19.63 51.10 -61.38
C GLN A 69 18.29 51.42 -60.74
N ARG A 70 17.85 50.63 -59.77
CA ARG A 70 16.56 50.95 -59.16
C ARG A 70 16.70 52.09 -58.17
N LEU A 71 17.89 52.26 -57.60
CA LEU A 71 18.11 53.22 -56.54
C LEU A 71 18.05 54.66 -57.01
N GLY A 72 18.43 54.95 -58.25
CA GLY A 72 18.46 56.31 -58.74
C GLY A 72 19.63 57.13 -58.27
N ILE A 73 20.59 56.51 -57.59
CA ILE A 73 21.73 57.16 -56.98
C ILE A 73 22.98 56.49 -57.50
N ARG A 74 23.95 57.30 -57.94
CA ARG A 74 25.21 56.83 -58.49
C ARG A 74 25.98 56.02 -57.45
N ILE A 75 26.75 55.04 -57.92
CA ILE A 75 27.59 54.22 -57.06
C ILE A 75 29.02 54.33 -57.56
N SER A 76 29.91 54.80 -56.69
CA SER A 76 31.34 54.81 -56.94
C SER A 76 32.00 53.78 -56.02
N MET A 77 32.89 52.96 -56.57
CA MET A 77 33.44 51.87 -55.78
C MET A 77 34.91 51.68 -56.11
N SER A 78 35.71 51.47 -55.06
CA SER A 78 37.15 51.59 -55.14
C SER A 78 37.81 50.30 -54.67
N HIS A 79 38.79 49.83 -55.43
CA HIS A 79 39.47 48.57 -55.16
C HIS A 79 40.82 48.84 -54.52
N GLU A 80 41.22 47.94 -53.63
CA GLU A 80 42.51 48.01 -52.96
C GLU A 80 43.19 46.65 -53.03
N GLU A 81 44.52 46.68 -53.19
CA GLU A 81 45.26 45.46 -53.50
C GLU A 81 45.36 44.56 -52.28
N GLU A 82 46.02 45.03 -51.24
CA GLU A 82 45.95 44.47 -49.91
C GLU A 82 44.93 45.25 -49.10
N PRO A 83 44.38 44.66 -48.03
CA PRO A 83 43.49 45.43 -47.14
C PRO A 83 44.18 46.61 -46.49
N LEU A 84 43.55 47.79 -46.64
CA LEU A 84 44.04 49.03 -46.08
C LEU A 84 43.50 49.28 -44.68
N GLY A 85 43.08 48.24 -43.99
CA GLY A 85 42.44 48.41 -42.70
C GLY A 85 41.07 49.05 -42.84
N THR A 86 40.77 49.93 -41.91
CA THR A 86 39.51 50.65 -41.86
C THR A 86 39.71 52.15 -42.07
N ALA A 87 40.95 52.64 -41.94
CA ALA A 87 41.28 54.03 -42.26
C ALA A 87 41.53 54.25 -43.74
N GLY A 88 42.45 53.48 -44.32
CA GLY A 88 42.80 53.55 -45.72
C GLY A 88 41.70 53.45 -46.77
N PRO A 89 40.56 52.81 -46.44
CA PRO A 89 39.32 53.10 -47.18
C PRO A 89 39.04 54.58 -47.41
N LEU A 90 39.25 55.44 -46.43
CA LEU A 90 39.10 56.87 -46.64
C LEU A 90 40.25 57.46 -47.44
N ALA A 91 41.47 56.98 -47.19
CA ALA A 91 42.64 57.57 -47.84
C ALA A 91 42.70 57.25 -49.33
N LEU A 92 42.11 56.12 -49.74
CA LEU A 92 42.00 55.84 -51.17
C LEU A 92 40.90 56.67 -51.80
N ALA A 93 39.81 56.90 -51.07
CA ALA A 93 38.72 57.74 -51.55
C ALA A 93 38.86 59.19 -51.10
N ARG A 94 40.07 59.61 -50.76
CA ARG A 94 40.29 61.00 -50.35
C ARG A 94 40.21 61.96 -51.53
N ASP A 95 40.43 61.45 -52.75
CA ASP A 95 40.43 62.26 -53.97
C ASP A 95 39.08 62.91 -54.20
N LEU A 96 38.04 62.07 -54.27
CA LEU A 96 36.71 62.52 -54.66
C LEU A 96 36.01 63.31 -53.56
N LEU A 97 36.44 63.14 -52.31
CA LEU A 97 35.90 63.98 -51.23
C LEU A 97 36.74 65.23 -50.99
N SER A 98 37.91 65.36 -51.64
CA SER A 98 38.73 66.55 -51.47
C SER A 98 38.08 67.78 -52.09
N GLU A 99 37.47 67.63 -53.28
CA GLU A 99 37.10 68.80 -54.08
C GLU A 99 35.87 69.52 -53.56
N THR A 100 35.00 68.86 -52.83
CA THR A 100 33.83 69.48 -52.23
C THR A 100 34.03 69.57 -50.74
N ALA A 101 33.98 70.78 -50.19
CA ALA A 101 34.19 71.00 -48.76
C ALA A 101 32.87 70.85 -47.99
N ASP A 102 32.28 69.67 -48.13
CA ASP A 102 31.05 69.28 -47.47
C ASP A 102 31.34 68.07 -46.61
N PRO A 103 30.75 67.96 -45.42
CA PRO A 103 30.96 66.77 -44.59
C PRO A 103 30.32 65.55 -45.22
N PHE A 104 31.00 64.42 -45.09
CA PHE A 104 30.54 63.18 -45.69
C PHE A 104 30.18 62.18 -44.60
N PHE A 105 29.28 61.27 -44.97
CA PHE A 105 28.90 60.19 -44.08
C PHE A 105 29.91 59.04 -44.17
N VAL A 106 30.15 58.37 -43.05
CA VAL A 106 30.95 57.15 -42.97
C VAL A 106 30.14 56.12 -42.20
N LEU A 107 30.02 54.92 -42.77
CA LEU A 107 29.12 53.91 -42.24
C LEU A 107 29.84 52.57 -42.16
N ASN A 108 29.37 51.70 -41.27
CA ASN A 108 29.79 50.31 -41.22
C ASN A 108 28.71 49.43 -41.85
N SER A 109 29.15 48.49 -42.69
CA SER A 109 28.21 47.60 -43.34
C SER A 109 27.63 46.59 -42.37
N ASP A 110 28.38 46.19 -41.35
CA ASP A 110 27.96 45.13 -40.44
C ASP A 110 26.99 45.60 -39.37
N VAL A 111 26.54 46.81 -39.42
CA VAL A 111 25.62 47.29 -38.40
C VAL A 111 24.28 47.58 -39.05
N ILE A 112 23.22 47.53 -38.27
CA ILE A 112 21.89 47.88 -38.75
C ILE A 112 21.07 48.42 -37.60
N CYS A 113 20.25 49.42 -37.91
CA CYS A 113 19.31 50.10 -37.02
C CYS A 113 18.46 51.02 -37.89
N ASP A 114 17.60 51.80 -37.25
CA ASP A 114 16.95 52.90 -37.94
C ASP A 114 17.87 54.10 -37.95
N PHE A 115 18.20 54.60 -39.14
CA PHE A 115 19.31 55.52 -39.30
C PHE A 115 18.81 56.95 -39.24
N PRO A 116 19.22 57.74 -38.25
CA PRO A 116 18.76 59.13 -38.14
C PRO A 116 19.67 60.12 -38.86
N PHE A 117 19.64 60.06 -40.19
CA PHE A 117 20.59 60.82 -41.00
C PHE A 117 20.29 62.32 -40.95
N GLN A 118 19.01 62.68 -41.04
CA GLN A 118 18.62 64.09 -41.03
C GLN A 118 18.86 64.72 -39.66
N ALA A 119 18.53 64.00 -38.59
CA ALA A 119 18.84 64.49 -37.26
C ALA A 119 20.34 64.55 -37.00
N MET A 120 21.13 63.68 -37.63
CA MET A 120 22.57 63.73 -37.41
C MET A 120 23.22 64.89 -38.16
N VAL A 121 22.80 65.20 -39.39
CA VAL A 121 23.36 66.39 -40.04
C VAL A 121 22.85 67.67 -39.37
N GLN A 122 21.63 67.65 -38.82
CA GLN A 122 21.16 68.83 -38.10
C GLN A 122 21.89 69.00 -36.77
N PHE A 123 22.31 67.89 -36.15
CA PHE A 123 23.19 68.00 -35.00
C PHE A 123 24.57 68.52 -35.39
N HIS A 124 25.08 68.06 -36.54
CA HIS A 124 26.42 68.40 -36.98
C HIS A 124 26.54 69.88 -37.33
N ARG A 125 25.46 70.48 -37.84
CA ARG A 125 25.51 71.91 -38.10
C ARG A 125 25.51 72.73 -36.82
N HIS A 126 24.79 72.27 -35.79
CA HIS A 126 24.69 73.04 -34.55
C HIS A 126 25.94 72.91 -33.69
N HIS A 127 26.53 71.71 -33.63
CA HIS A 127 27.73 71.55 -32.81
C HIS A 127 28.94 72.22 -33.46
N GLY A 128 28.92 72.34 -34.78
CA GLY A 128 29.88 73.16 -35.50
C GLY A 128 31.31 72.68 -35.49
N GLN A 129 31.54 71.37 -35.39
CA GLN A 129 32.89 70.86 -35.37
C GLN A 129 33.10 69.89 -36.53
N GLU A 130 34.28 69.27 -36.53
CA GLU A 130 34.75 68.56 -37.71
C GLU A 130 34.29 67.10 -37.71
N GLY A 131 34.25 66.48 -36.53
CA GLY A 131 33.94 65.07 -36.44
C GLY A 131 32.83 64.72 -35.47
N SER A 132 31.74 64.13 -35.98
CA SER A 132 30.57 63.83 -35.17
C SER A 132 30.23 62.36 -35.29
N ILE A 133 30.16 61.67 -34.16
CA ILE A 133 29.85 60.24 -34.17
C ILE A 133 28.51 60.01 -33.50
N LEU A 134 27.91 58.87 -33.83
CA LEU A 134 26.77 58.37 -33.09
C LEU A 134 27.25 57.39 -32.04
N VAL A 135 26.68 57.49 -30.84
CA VAL A 135 26.89 56.50 -29.79
C VAL A 135 25.52 55.95 -29.44
N THR A 136 25.52 54.84 -28.68
CA THR A 136 24.29 54.30 -28.12
C THR A 136 24.54 53.81 -26.72
N LYS A 137 23.54 54.00 -25.86
CA LYS A 137 23.56 53.41 -24.53
C LYS A 137 23.19 51.94 -24.62
N VAL A 138 24.17 51.06 -24.40
CA VAL A 138 23.93 49.62 -24.39
C VAL A 138 24.33 49.09 -23.02
N GLU A 139 24.13 47.78 -22.84
CA GLU A 139 24.47 47.16 -21.57
C GLU A 139 25.81 46.43 -21.58
N GLU A 140 26.37 46.15 -22.75
CA GLU A 140 27.55 45.29 -22.83
C GLU A 140 28.75 46.05 -23.40
N PRO A 141 29.84 46.19 -22.64
CA PRO A 141 31.06 46.79 -23.18
C PRO A 141 32.02 45.78 -23.79
N SER A 142 33.20 46.28 -24.17
CA SER A 142 34.45 45.56 -24.47
C SER A 142 34.46 44.84 -25.81
N LYS A 143 33.33 44.73 -26.47
CA LYS A 143 33.35 44.35 -27.86
C LYS A 143 33.33 45.58 -28.75
N TYR A 144 32.94 46.72 -28.20
CA TYR A 144 32.68 47.92 -28.95
C TYR A 144 33.37 49.10 -28.28
N GLY A 145 33.83 50.04 -29.08
CA GLY A 145 34.56 51.19 -28.55
C GLY A 145 33.65 52.11 -27.77
N VAL A 146 34.19 52.68 -26.70
CA VAL A 146 33.39 53.40 -25.71
C VAL A 146 33.80 54.86 -25.67
N VAL A 147 32.81 55.76 -25.59
CA VAL A 147 33.04 57.17 -25.37
C VAL A 147 32.68 57.50 -23.92
N VAL A 148 33.05 58.70 -23.48
CA VAL A 148 32.72 59.20 -22.15
C VAL A 148 31.37 59.90 -22.20
N CYS A 149 30.81 60.17 -21.03
CA CYS A 149 29.54 60.90 -20.96
C CYS A 149 29.78 62.39 -20.76
N GLU A 150 28.86 63.19 -21.31
CA GLU A 150 28.95 64.64 -21.21
C GLU A 150 27.53 65.20 -21.36
N ALA A 151 27.38 66.48 -21.02
CA ALA A 151 26.10 67.16 -21.06
C ALA A 151 25.74 67.57 -22.49
N ASP A 152 24.77 68.48 -22.61
CA ASP A 152 24.09 68.86 -23.85
C ASP A 152 25.02 69.30 -24.97
N THR A 153 26.22 69.81 -24.65
CA THR A 153 27.23 70.03 -25.67
C THR A 153 27.64 68.70 -26.32
N GLY A 154 28.00 67.71 -25.52
CA GLY A 154 28.28 66.37 -26.01
C GLY A 154 29.71 66.07 -26.37
N ARG A 155 30.65 66.89 -25.90
CA ARG A 155 32.05 66.74 -26.30
C ARG A 155 32.69 65.53 -25.62
N ILE A 156 33.56 64.84 -26.36
CA ILE A 156 34.21 63.62 -25.89
C ILE A 156 35.69 63.91 -25.70
N HIS A 157 36.21 63.61 -24.51
CA HIS A 157 37.62 63.82 -24.22
C HIS A 157 38.42 62.53 -24.18
N ARG A 158 37.76 61.37 -24.14
CA ARG A 158 38.45 60.09 -24.19
C ARG A 158 37.72 59.16 -25.14
N PHE A 159 38.42 58.71 -26.18
CA PHE A 159 37.93 57.65 -27.06
C PHE A 159 38.98 56.56 -27.11
N VAL A 160 38.64 55.39 -26.59
CA VAL A 160 39.47 54.20 -26.69
C VAL A 160 38.58 53.09 -27.24
N GLU A 161 39.05 52.40 -28.26
CA GLU A 161 38.31 51.30 -28.86
C GLU A 161 38.52 50.03 -28.04
N LYS A 162 39.58 50.01 -27.25
CA LYS A 162 39.89 48.86 -26.40
C LYS A 162 39.39 49.14 -25.01
N PRO A 163 38.34 48.43 -24.57
CA PRO A 163 37.80 48.72 -23.25
C PRO A 163 37.81 47.55 -22.26
N GLN A 164 38.28 47.80 -21.04
CA GLN A 164 38.28 46.76 -20.01
C GLN A 164 37.50 47.23 -18.79
N VAL A 165 36.40 46.54 -18.51
CA VAL A 165 35.52 46.81 -17.35
C VAL A 165 35.06 48.30 -17.25
N PHE A 166 35.12 48.89 -16.05
CA PHE A 166 34.82 50.30 -15.71
C PHE A 166 33.41 50.83 -15.97
N VAL A 167 32.42 49.93 -16.07
CA VAL A 167 31.03 50.31 -16.32
C VAL A 167 30.94 51.24 -17.51
N SER A 168 31.69 50.91 -18.55
CA SER A 168 31.81 51.71 -19.77
C SER A 168 30.45 52.24 -20.24
N ASN A 169 29.55 51.34 -20.60
CA ASN A 169 28.09 51.46 -20.67
C ASN A 169 27.56 52.26 -21.87
N LYS A 170 28.39 52.93 -22.66
CA LYS A 170 27.89 53.64 -23.84
C LYS A 170 28.91 53.49 -24.97
N ILE A 171 28.47 52.89 -26.07
CA ILE A 171 29.42 52.45 -27.08
C ILE A 171 29.28 53.28 -28.34
N ASN A 172 30.33 53.23 -29.15
CA ASN A 172 30.31 53.83 -30.48
C ASN A 172 29.30 53.12 -31.38
N ALA A 173 28.34 53.86 -31.90
CA ALA A 173 27.29 53.27 -32.70
C ALA A 173 27.69 53.04 -34.15
N GLY A 174 28.79 53.63 -34.60
CA GLY A 174 29.33 53.29 -35.89
C GLY A 174 28.90 54.15 -37.06
N MET A 175 28.33 55.32 -36.82
CA MET A 175 28.04 56.27 -37.89
C MET A 175 28.81 57.55 -37.62
N TYR A 176 29.63 57.93 -38.58
CA TYR A 176 30.50 59.08 -38.45
C TYR A 176 30.14 60.09 -39.52
N ILE A 177 30.25 61.36 -39.19
CA ILE A 177 30.27 62.42 -40.19
C ILE A 177 31.59 63.13 -40.04
N LEU A 178 32.34 63.19 -41.14
CA LEU A 178 33.68 63.76 -41.13
C LEU A 178 33.77 64.90 -42.12
N SER A 179 34.43 65.97 -41.70
CA SER A 179 34.75 67.08 -42.58
C SER A 179 35.88 66.67 -43.53
N PRO A 180 36.02 67.36 -44.66
CA PRO A 180 37.16 67.07 -45.55
C PRO A 180 38.51 67.42 -44.94
N ALA A 181 38.55 68.38 -44.01
CA ALA A 181 39.80 68.74 -43.34
C ALA A 181 40.27 67.70 -42.33
N VAL A 182 39.43 66.70 -42.00
CA VAL A 182 39.92 65.56 -41.23
C VAL A 182 40.53 64.52 -42.16
N LEU A 183 39.94 64.37 -43.34
CA LEU A 183 40.44 63.41 -44.34
C LEU A 183 41.77 63.88 -44.90
N GLN A 184 42.01 65.18 -44.83
CA GLN A 184 43.30 65.86 -44.98
C GLN A 184 44.40 65.14 -44.21
N ARG A 185 44.11 64.80 -42.95
CA ARG A 185 45.13 64.52 -41.95
C ARG A 185 45.58 63.06 -41.92
N ILE A 186 44.69 62.13 -42.24
CA ILE A 186 44.96 60.72 -42.04
C ILE A 186 45.91 60.21 -43.11
N GLN A 187 46.65 59.16 -42.77
CA GLN A 187 47.72 58.67 -43.63
C GLN A 187 47.18 57.75 -44.71
N LEU A 188 48.00 57.55 -45.75
CA LEU A 188 47.69 56.56 -46.78
C LEU A 188 48.11 55.16 -46.35
N GLN A 189 48.74 55.02 -45.18
CA GLN A 189 49.17 53.72 -44.69
C GLN A 189 47.96 52.91 -44.22
N PRO A 190 47.98 51.58 -44.41
CA PRO A 190 46.90 50.73 -43.88
C PRO A 190 46.83 50.75 -42.36
N THR A 191 45.74 51.30 -41.83
CA THR A 191 45.52 51.30 -40.39
C THR A 191 44.02 51.26 -40.13
N SER A 192 43.65 51.12 -38.85
CA SER A 192 42.28 51.20 -38.41
C SER A 192 42.00 52.64 -38.01
N ILE A 193 40.84 53.18 -38.43
CA ILE A 193 40.64 54.63 -38.33
C ILE A 193 40.46 55.04 -36.88
N GLU A 194 39.86 54.19 -36.06
CA GLU A 194 39.37 54.67 -34.78
C GLU A 194 40.47 54.68 -33.72
N LYS A 195 41.23 53.58 -33.59
CA LYS A 195 42.39 53.58 -32.70
C LYS A 195 43.49 54.54 -33.14
N GLU A 196 43.54 54.92 -34.42
CA GLU A 196 44.59 55.81 -34.89
C GLU A 196 44.21 57.28 -34.76
N VAL A 197 43.05 57.69 -35.28
CA VAL A 197 42.73 59.10 -35.38
C VAL A 197 41.60 59.54 -34.44
N PHE A 198 40.79 58.61 -33.91
CA PHE A 198 39.71 59.04 -33.04
C PHE A 198 40.26 59.42 -31.67
N PRO A 199 41.36 58.80 -31.22
CA PRO A 199 41.90 59.17 -29.91
C PRO A 199 42.55 60.54 -29.89
N ILE A 200 43.33 60.88 -30.92
CA ILE A 200 43.95 62.20 -30.97
C ILE A 200 42.91 63.28 -31.17
N MET A 201 41.82 62.97 -31.88
CA MET A 201 40.73 63.91 -32.02
C MET A 201 39.88 64.01 -30.76
N ALA A 202 39.85 62.95 -29.96
CA ALA A 202 39.20 63.02 -28.65
C ALA A 202 39.99 63.92 -27.71
N LYS A 203 41.32 63.88 -27.82
CA LYS A 203 42.14 64.81 -27.05
C LYS A 203 41.97 66.25 -27.56
N GLU A 204 41.87 66.42 -28.88
CA GLU A 204 41.52 67.73 -29.43
C GLU A 204 40.08 68.10 -29.10
N GLY A 205 39.19 67.11 -29.05
CA GLY A 205 37.83 67.35 -28.60
C GLY A 205 36.90 67.92 -29.64
N GLN A 206 37.27 67.84 -30.92
CA GLN A 206 36.32 68.16 -31.97
C GLN A 206 35.34 67.03 -32.21
N LEU A 207 35.67 65.85 -31.73
CA LEU A 207 34.81 64.68 -31.87
C LEU A 207 33.65 64.78 -30.88
N TYR A 208 32.42 64.69 -31.38
CA TYR A 208 31.26 64.83 -30.51
C TYR A 208 30.40 63.58 -30.58
N ALA A 209 29.61 63.36 -29.52
CA ALA A 209 28.78 62.18 -29.39
C ALA A 209 27.32 62.54 -29.57
N MET A 210 26.60 61.70 -30.29
CA MET A 210 25.15 61.78 -30.36
C MET A 210 24.57 60.41 -30.02
N GLU A 211 23.39 60.40 -29.41
CA GLU A 211 22.77 59.14 -29.00
C GLU A 211 21.54 58.88 -29.85
N LEU A 212 21.32 57.60 -30.18
CA LEU A 212 20.18 57.23 -31.00
C LEU A 212 18.99 56.86 -30.13
N GLN A 213 17.82 56.83 -30.76
CA GLN A 213 16.58 56.48 -30.06
C GLN A 213 16.55 55.01 -29.67
N GLY A 214 16.79 54.09 -30.60
CA GLY A 214 16.62 52.69 -30.24
C GLY A 214 17.25 51.67 -31.17
N PHE A 215 17.23 50.42 -30.67
CA PHE A 215 17.55 49.13 -31.33
C PHE A 215 18.78 49.16 -32.25
N TRP A 216 19.87 49.73 -31.76
CA TRP A 216 21.15 49.50 -32.39
C TRP A 216 21.59 48.06 -32.17
N MET A 217 22.15 47.44 -33.21
CA MET A 217 22.74 46.12 -33.06
C MET A 217 23.76 45.86 -34.16
N ASP A 218 24.99 45.53 -33.75
CA ASP A 218 25.97 44.94 -34.64
C ASP A 218 25.53 43.52 -34.97
N ILE A 219 25.71 43.10 -36.22
CA ILE A 219 25.37 41.73 -36.59
C ILE A 219 26.60 40.95 -37.04
N GLY A 220 27.78 41.33 -36.58
CA GLY A 220 28.99 40.60 -36.93
C GLY A 220 29.03 39.21 -36.33
N GLN A 221 28.52 39.05 -35.13
CA GLN A 221 28.47 37.71 -34.58
C GLN A 221 27.18 37.01 -35.00
N PRO A 222 27.16 35.68 -35.08
CA PRO A 222 25.90 35.01 -35.45
C PRO A 222 24.82 35.08 -34.37
N LYS A 223 25.22 35.01 -33.09
CA LYS A 223 24.27 35.26 -32.02
C LYS A 223 23.75 36.69 -32.08
N ASP A 224 24.64 37.63 -32.41
CA ASP A 224 24.23 39.01 -32.59
C ASP A 224 23.33 39.17 -33.81
N PHE A 225 23.55 38.36 -34.85
CA PHE A 225 22.65 38.33 -36.01
C PHE A 225 21.25 37.94 -35.59
N LEU A 226 21.12 36.92 -34.74
CA LEU A 226 19.78 36.48 -34.36
C LEU A 226 19.08 37.47 -33.42
N THR A 227 19.82 38.05 -32.46
CA THR A 227 19.14 39.00 -31.58
C THR A 227 18.85 40.33 -32.27
N GLY A 228 19.69 40.73 -33.24
CA GLY A 228 19.34 41.86 -34.07
C GLY A 228 18.15 41.58 -34.96
N MET A 229 17.98 40.32 -35.37
CA MET A 229 16.83 39.94 -36.17
C MET A 229 15.53 40.06 -35.39
N CYS A 230 15.52 39.60 -34.13
CA CYS A 230 14.27 39.72 -33.39
C CYS A 230 13.99 41.17 -33.00
N LEU A 231 15.04 41.96 -32.72
CA LEU A 231 14.86 43.39 -32.46
C LEU A 231 14.28 44.11 -33.67
N PHE A 232 14.80 43.80 -34.86
CA PHE A 232 14.30 44.42 -36.08
C PHE A 232 12.89 43.99 -36.40
N LEU A 233 12.52 42.73 -36.09
CA LEU A 233 11.13 42.30 -36.28
C LEU A 233 10.18 43.07 -35.37
N GLN A 234 10.58 43.33 -34.12
CA GLN A 234 9.70 44.11 -33.24
C GLN A 234 9.56 45.55 -33.72
N SER A 235 10.66 46.18 -34.12
CA SER A 235 10.58 47.55 -34.62
C SER A 235 9.82 47.63 -35.95
N LEU A 236 9.93 46.58 -36.77
CA LEU A 236 9.19 46.54 -38.03
C LEU A 236 7.71 46.32 -37.79
N ARG A 237 7.34 45.62 -36.73
CA ARG A 237 5.92 45.51 -36.41
C ARG A 237 5.36 46.83 -35.91
N GLN A 238 6.16 47.58 -35.15
CA GLN A 238 5.68 48.86 -34.64
C GLN A 238 5.49 49.87 -35.76
N LYS A 239 6.43 49.93 -36.72
CA LYS A 239 6.22 50.86 -37.83
C LYS A 239 5.24 50.32 -38.86
N GLN A 240 5.45 49.11 -39.37
CA GLN A 240 4.64 48.57 -40.45
C GLN A 240 4.05 47.23 -40.04
N PRO A 241 2.88 47.22 -39.41
CA PRO A 241 2.22 45.94 -39.10
C PRO A 241 1.69 45.20 -40.32
N GLU A 242 1.63 45.84 -41.49
CA GLU A 242 1.09 45.19 -42.67
C GLU A 242 2.13 44.30 -43.35
N ARG A 243 3.40 44.64 -43.19
CA ARG A 243 4.47 43.89 -43.86
C ARG A 243 4.71 42.53 -43.19
N LEU A 244 4.52 42.45 -41.87
CA LEU A 244 4.60 41.18 -41.18
C LEU A 244 3.38 40.33 -41.49
N CYS A 245 3.62 39.08 -41.85
CA CYS A 245 2.53 38.19 -42.20
C CYS A 245 1.77 37.79 -40.95
N SER A 246 0.51 37.44 -41.13
CA SER A 246 -0.33 36.97 -40.03
C SER A 246 -1.06 35.73 -40.47
N GLY A 247 -1.54 34.96 -39.51
CA GLY A 247 -2.22 33.73 -39.80
C GLY A 247 -2.59 32.98 -38.54
N PRO A 248 -3.36 31.91 -38.70
CA PRO A 248 -3.78 31.14 -37.51
C PRO A 248 -2.68 30.26 -36.93
N GLY A 249 -1.87 29.62 -37.78
CA GLY A 249 -0.75 28.85 -37.28
C GLY A 249 0.46 29.69 -36.90
N ILE A 250 0.47 30.96 -37.30
CA ILE A 250 1.58 31.84 -37.04
C ILE A 250 1.46 32.41 -35.64
N VAL A 251 2.51 32.26 -34.85
CA VAL A 251 2.59 32.81 -33.50
C VAL A 251 3.64 33.89 -33.49
N GLY A 252 3.33 35.03 -32.89
CA GLY A 252 4.32 36.07 -32.74
C GLY A 252 4.54 36.87 -34.02
N ASN A 253 5.76 37.41 -34.14
CA ASN A 253 6.10 38.34 -35.20
C ASN A 253 6.85 37.60 -36.29
N VAL A 254 6.15 37.26 -37.37
CA VAL A 254 6.70 36.45 -38.45
C VAL A 254 6.63 37.21 -39.76
N LEU A 255 7.77 37.35 -40.42
CA LEU A 255 7.84 37.90 -41.77
C LEU A 255 8.23 36.78 -42.72
N VAL A 256 7.37 36.49 -43.68
CA VAL A 256 7.68 35.52 -44.73
C VAL A 256 7.70 36.22 -46.07
N ASP A 257 8.60 35.79 -46.94
CA ASP A 257 8.63 36.28 -48.30
C ASP A 257 7.46 35.72 -49.08
N PRO A 258 6.92 36.46 -50.05
CA PRO A 258 5.81 35.93 -50.85
C PRO A 258 6.18 34.73 -51.71
N SER A 259 7.46 34.54 -52.03
CA SER A 259 7.85 33.37 -52.80
C SER A 259 7.90 32.11 -51.95
N ALA A 260 7.90 32.26 -50.63
CA ALA A 260 8.01 31.11 -49.74
C ALA A 260 6.68 30.39 -49.59
N ARG A 261 6.75 29.07 -49.54
CA ARG A 261 5.57 28.23 -49.37
C ARG A 261 5.64 27.54 -48.02
N ILE A 262 4.58 27.67 -47.23
CA ILE A 262 4.48 27.08 -45.90
C ILE A 262 3.40 26.01 -45.95
N GLY A 263 3.75 24.80 -45.52
CA GLY A 263 2.78 23.73 -45.46
C GLY A 263 1.75 23.91 -44.36
N GLN A 264 0.83 22.96 -44.28
CA GLN A 264 -0.23 22.99 -43.29
C GLN A 264 0.22 22.29 -42.01
N ASN A 265 -0.60 22.45 -40.96
CA ASN A 265 -0.45 21.79 -39.66
C ASN A 265 0.92 22.06 -39.03
N CYS A 266 1.43 23.27 -39.24
CA CYS A 266 2.72 23.64 -38.70
C CYS A 266 2.59 24.98 -38.01
N SER A 267 3.43 25.21 -37.00
CA SER A 267 3.32 26.41 -36.19
C SER A 267 4.66 27.15 -36.22
N ILE A 268 4.64 28.36 -36.76
CA ILE A 268 5.83 29.19 -36.85
C ILE A 268 5.86 30.09 -35.62
N GLY A 269 6.88 29.93 -34.79
CA GLY A 269 6.98 30.69 -33.56
C GLY A 269 7.41 32.12 -33.81
N PRO A 270 7.65 32.84 -32.72
CA PRO A 270 7.96 34.26 -32.84
C PRO A 270 9.35 34.50 -33.42
N ASN A 271 9.49 35.67 -34.06
CA ASN A 271 10.76 36.22 -34.55
C ASN A 271 11.41 35.33 -35.60
N VAL A 272 10.62 34.93 -36.59
CA VAL A 272 11.07 34.06 -37.67
C VAL A 272 10.97 34.79 -38.99
N SER A 273 12.06 34.81 -39.74
CA SER A 273 12.11 35.43 -41.06
C SER A 273 12.42 34.36 -42.10
N LEU A 274 11.43 34.00 -42.91
CA LEU A 274 11.59 33.02 -43.97
C LEU A 274 12.00 33.74 -45.24
N GLY A 275 12.99 33.18 -45.93
CA GLY A 275 13.55 33.84 -47.09
C GLY A 275 12.78 33.58 -48.36
N PRO A 276 13.30 34.11 -49.47
CA PRO A 276 12.66 33.89 -50.76
C PRO A 276 12.88 32.48 -51.27
N GLY A 277 11.78 31.79 -51.56
CA GLY A 277 11.88 30.49 -52.19
C GLY A 277 12.00 29.31 -51.25
N VAL A 278 11.74 29.49 -49.97
CA VAL A 278 11.88 28.37 -49.04
C VAL A 278 10.62 27.54 -49.08
N VAL A 279 10.76 26.27 -48.76
CA VAL A 279 9.66 25.32 -48.73
C VAL A 279 9.64 24.71 -47.34
N VAL A 280 8.77 25.20 -46.48
CA VAL A 280 8.60 24.66 -45.14
C VAL A 280 7.48 23.63 -45.22
N GLU A 281 7.80 22.38 -44.95
CA GLU A 281 6.82 21.32 -45.15
C GLU A 281 5.93 21.16 -43.93
N ASP A 282 5.11 20.12 -43.92
CA ASP A 282 3.95 20.07 -43.03
C ASP A 282 4.34 19.51 -41.66
N GLY A 283 4.20 20.34 -40.64
CA GLY A 283 4.50 19.95 -39.28
C GLY A 283 5.81 20.47 -38.74
N VAL A 284 6.37 21.53 -39.30
CA VAL A 284 7.65 22.07 -38.89
C VAL A 284 7.41 23.22 -37.93
N CYS A 285 8.09 23.21 -36.80
CA CYS A 285 7.96 24.26 -35.79
C CYS A 285 9.26 25.06 -35.76
N ILE A 286 9.21 26.30 -36.20
CA ILE A 286 10.40 27.16 -36.29
C ILE A 286 10.19 28.34 -35.36
N ARG A 287 11.15 28.55 -34.46
CA ARG A 287 11.11 29.66 -33.52
C ARG A 287 12.44 30.38 -33.55
N ARG A 288 12.41 31.71 -33.56
CA ARG A 288 13.57 32.60 -33.43
C ARG A 288 14.65 32.38 -34.51
N CYS A 289 14.32 31.71 -35.59
CA CYS A 289 15.30 31.31 -36.60
C CYS A 289 15.06 32.07 -37.89
N THR A 290 16.13 32.39 -38.60
CA THR A 290 16.01 32.97 -39.93
C THR A 290 16.45 31.94 -40.96
N VAL A 291 15.75 31.91 -42.08
CA VAL A 291 16.02 30.95 -43.15
C VAL A 291 16.35 31.74 -44.40
N LEU A 292 17.49 31.43 -45.01
CA LEU A 292 17.90 32.14 -46.22
C LEU A 292 17.27 31.49 -47.44
N ARG A 293 17.72 31.87 -48.62
CA ARG A 293 17.00 31.55 -49.84
C ARG A 293 17.19 30.09 -50.25
N ASP A 294 16.17 29.57 -50.96
CA ASP A 294 16.18 28.27 -51.64
C ASP A 294 16.36 27.09 -50.68
N ALA A 295 16.02 27.27 -49.41
CA ALA A 295 16.25 26.25 -48.40
C ALA A 295 14.97 25.46 -48.14
N ARG A 296 15.06 24.14 -48.19
CA ARG A 296 13.91 23.28 -48.00
C ARG A 296 14.01 22.62 -46.64
N ILE A 297 12.98 22.79 -45.82
CA ILE A 297 12.92 22.22 -44.47
C ILE A 297 11.85 21.16 -44.46
N ARG A 298 12.26 19.90 -44.39
CA ARG A 298 11.32 18.79 -44.47
C ARG A 298 10.50 18.67 -43.20
N SER A 299 9.52 17.78 -43.24
CA SER A 299 8.41 17.72 -42.31
C SER A 299 8.81 17.20 -40.93
N HIS A 300 7.95 17.51 -39.95
CA HIS A 300 8.06 17.11 -38.54
C HIS A 300 9.35 17.56 -37.88
N SER A 301 9.99 18.59 -38.40
CA SER A 301 11.25 19.06 -37.87
C SER A 301 11.01 20.20 -36.89
N TRP A 302 12.02 20.53 -36.10
CA TRP A 302 11.89 21.54 -35.06
C TRP A 302 13.16 22.35 -35.00
N LEU A 303 13.05 23.66 -35.09
CA LEU A 303 14.24 24.50 -35.16
C LEU A 303 14.03 25.69 -34.24
N GLU A 304 15.00 25.94 -33.36
CA GLU A 304 14.94 27.12 -32.49
C GLU A 304 16.26 27.85 -32.54
N SER A 305 16.20 29.11 -32.97
CA SER A 305 17.30 30.06 -32.97
C SER A 305 18.52 29.52 -33.71
N CYS A 306 18.34 29.26 -35.00
CA CYS A 306 19.44 28.87 -35.86
C CYS A 306 19.40 29.72 -37.10
N ILE A 307 20.42 29.59 -37.94
CA ILE A 307 20.48 30.27 -39.22
C ILE A 307 20.73 29.24 -40.30
N VAL A 308 19.79 29.11 -41.22
CA VAL A 308 19.84 28.10 -42.27
C VAL A 308 20.31 28.77 -43.54
N GLY A 309 21.45 28.32 -44.06
CA GLY A 309 22.07 28.96 -45.20
C GLY A 309 21.36 28.70 -46.51
N TRP A 310 22.01 29.12 -47.58
CA TRP A 310 21.44 29.03 -48.92
C TRP A 310 21.41 27.60 -49.40
N ARG A 311 20.26 27.20 -49.95
CA ARG A 311 20.06 25.92 -50.64
C ARG A 311 20.31 24.73 -49.73
N CYS A 312 19.95 24.87 -48.46
CA CYS A 312 20.06 23.79 -47.50
C CYS A 312 18.83 22.91 -47.53
N ARG A 313 19.06 21.60 -47.55
CA ARG A 313 18.01 20.65 -47.26
C ARG A 313 18.15 20.23 -45.81
N VAL A 314 17.07 20.35 -45.05
CA VAL A 314 17.03 19.90 -43.66
C VAL A 314 16.10 18.69 -43.62
N GLY A 315 16.62 17.56 -43.14
CA GLY A 315 15.87 16.33 -43.17
C GLY A 315 14.72 16.30 -42.18
N GLN A 316 14.00 15.19 -42.21
CA GLN A 316 12.82 15.03 -41.38
C GLN A 316 13.19 14.65 -39.95
N TRP A 317 12.40 15.15 -38.99
CA TRP A 317 12.61 14.99 -37.55
C TRP A 317 14.00 15.44 -37.12
N VAL A 318 14.35 16.67 -37.45
CA VAL A 318 15.63 17.25 -37.07
C VAL A 318 15.38 18.30 -36.03
N ARG A 319 16.11 18.25 -34.92
CA ARG A 319 15.99 19.21 -33.85
C ARG A 319 17.27 20.03 -33.81
N MET A 320 17.16 21.34 -34.00
CA MET A 320 18.31 22.22 -34.00
C MET A 320 18.11 23.33 -32.98
N GLU A 321 19.17 23.66 -32.25
CA GLU A 321 19.04 24.68 -31.22
C GLU A 321 20.39 25.33 -31.01
N ASN A 322 20.44 26.30 -30.11
CA ASN A 322 21.67 27.02 -29.75
C ASN A 322 22.38 27.81 -30.85
N VAL A 323 21.60 28.46 -31.70
CA VAL A 323 22.09 29.33 -32.77
C VAL A 323 23.10 28.69 -33.73
N THR A 324 22.86 27.42 -34.06
CA THR A 324 23.74 26.72 -34.98
C THR A 324 23.58 27.36 -36.35
N VAL A 325 24.68 27.57 -37.05
CA VAL A 325 24.60 28.14 -38.38
C VAL A 325 24.99 27.09 -39.40
N LEU A 326 24.16 26.92 -40.42
CA LEU A 326 24.45 26.02 -41.52
C LEU A 326 24.94 26.85 -42.69
N GLY A 327 26.01 26.40 -43.34
CA GLY A 327 26.56 27.10 -44.49
C GLY A 327 25.69 26.92 -45.73
N GLU A 328 26.26 27.31 -46.87
CA GLU A 328 25.53 27.15 -48.11
C GLU A 328 25.57 25.71 -48.58
N ASP A 329 24.39 25.20 -48.97
CA ASP A 329 24.20 23.89 -49.62
C ASP A 329 24.65 22.76 -48.69
N VAL A 330 24.07 22.76 -47.48
CA VAL A 330 24.38 21.78 -46.46
C VAL A 330 23.18 20.86 -46.33
N ILE A 331 23.41 19.57 -46.53
CA ILE A 331 22.36 18.56 -46.42
C ILE A 331 22.43 17.96 -45.03
N VAL A 332 21.31 17.93 -44.34
CA VAL A 332 21.21 17.34 -43.01
C VAL A 332 20.32 16.11 -43.11
N ASN A 333 20.84 14.98 -42.66
CA ASN A 333 20.10 13.73 -42.75
C ASN A 333 18.96 13.71 -41.74
N ASP A 334 18.10 12.70 -41.87
CA ASP A 334 16.93 12.61 -41.01
C ASP A 334 17.29 12.06 -39.64
N GLU A 335 16.49 12.47 -38.65
CA GLU A 335 16.65 12.08 -37.24
C GLU A 335 18.02 12.45 -36.68
N LEU A 336 18.41 13.70 -36.87
CA LEU A 336 19.67 14.21 -36.36
C LEU A 336 19.40 15.40 -35.47
N TYR A 337 20.20 15.55 -34.43
CA TYR A 337 20.04 16.61 -33.46
C TYR A 337 21.31 17.45 -33.47
N LEU A 338 21.15 18.75 -33.73
CA LEU A 338 22.28 19.66 -33.85
C LEU A 338 22.18 20.75 -32.78
N ASN A 339 23.24 20.88 -31.99
CA ASN A 339 23.28 21.75 -30.82
C ASN A 339 24.56 22.56 -30.93
N GLY A 340 24.45 23.81 -31.37
CA GLY A 340 25.61 24.66 -31.37
C GLY A 340 26.61 24.40 -32.46
N ALA A 341 26.19 23.75 -33.53
CA ALA A 341 27.12 23.25 -34.54
C ALA A 341 27.17 24.21 -35.71
N SER A 342 28.28 24.91 -35.85
CA SER A 342 28.54 25.74 -37.02
C SER A 342 29.10 24.86 -38.13
N VAL A 343 28.38 24.77 -39.25
CA VAL A 343 28.70 23.83 -40.31
C VAL A 343 29.24 24.58 -41.51
N LEU A 344 30.39 24.13 -42.02
CA LEU A 344 31.01 24.71 -43.19
C LEU A 344 30.16 24.42 -44.43
N PRO A 345 30.32 25.21 -45.51
CA PRO A 345 29.49 24.98 -46.70
C PRO A 345 29.87 23.70 -47.43
N HIS A 346 28.88 23.20 -48.20
CA HIS A 346 28.98 22.01 -49.04
C HIS A 346 29.39 20.78 -48.23
N LYS A 347 28.69 20.54 -47.12
CA LYS A 347 28.94 19.38 -46.29
C LYS A 347 27.65 18.66 -45.98
N SER A 348 27.71 17.34 -45.95
CA SER A 348 26.57 16.51 -45.58
C SER A 348 26.81 15.92 -44.20
N ILE A 349 25.78 15.92 -43.37
CA ILE A 349 25.88 15.57 -41.95
C ILE A 349 25.13 14.28 -41.71
N GLY A 350 25.82 13.28 -41.18
CA GLY A 350 25.19 12.02 -40.85
C GLY A 350 25.47 11.55 -39.43
N GLU A 351 25.65 12.49 -38.51
CA GLU A 351 25.99 12.16 -37.13
C GLU A 351 25.53 13.29 -36.24
N SER A 352 24.82 12.96 -35.17
CA SER A 352 24.26 13.94 -34.25
C SER A 352 25.37 14.69 -33.53
N VAL A 353 25.19 16.00 -33.38
CA VAL A 353 26.21 16.86 -32.78
C VAL A 353 25.64 17.52 -31.52
N PRO A 354 25.76 16.89 -30.36
CA PRO A 354 25.19 17.49 -29.15
C PRO A 354 26.13 18.46 -28.45
N GLU A 355 27.39 18.34 -28.67
CA GLU A 355 28.30 19.33 -28.13
C GLU A 355 28.58 20.41 -29.16
N PRO A 356 28.58 21.68 -28.77
CA PRO A 356 28.75 22.77 -29.74
C PRO A 356 30.19 22.84 -30.25
N ARG A 357 30.37 22.42 -31.50
CA ARG A 357 31.69 22.47 -32.11
C ARG A 357 31.57 22.79 -33.59
N ILE A 358 32.62 23.42 -34.12
CA ILE A 358 32.67 23.77 -35.53
C ILE A 358 32.88 22.51 -36.34
N ILE A 359 32.02 22.29 -37.33
CA ILE A 359 32.06 21.09 -38.15
C ILE A 359 32.73 21.44 -39.47
N MET A 360 33.86 20.82 -39.73
CA MET A 360 34.61 21.11 -40.93
C MET A 360 34.31 20.06 -42.01
N MET B 1 83.36 -22.54 -10.53
CA MET B 1 82.83 -21.54 -11.45
C MET B 1 82.43 -20.26 -10.73
N LYS B 2 82.10 -19.24 -11.51
CA LYS B 2 81.82 -17.91 -10.99
C LYS B 2 80.45 -17.45 -11.46
N ALA B 3 79.96 -16.37 -10.88
CA ALA B 3 78.60 -15.92 -11.14
C ALA B 3 78.50 -14.40 -11.10
N LEU B 4 77.95 -13.80 -12.16
CA LEU B 4 77.89 -12.34 -12.29
C LEU B 4 76.44 -11.88 -12.13
N ILE B 5 76.17 -11.18 -11.03
CA ILE B 5 74.86 -10.58 -10.82
C ILE B 5 74.90 -9.15 -11.35
N LEU B 6 74.00 -8.84 -12.28
CA LEU B 6 73.93 -7.51 -12.87
C LEU B 6 73.07 -6.63 -11.96
N VAL B 7 73.72 -5.93 -11.04
CA VAL B 7 73.03 -4.91 -10.26
C VAL B 7 72.77 -3.67 -11.10
N GLY B 8 73.83 -3.04 -11.56
CA GLY B 8 73.71 -1.95 -12.49
C GLY B 8 73.33 -0.63 -11.86
N GLY B 9 73.04 0.32 -12.74
CA GLY B 9 72.61 1.63 -12.30
C GLY B 9 71.22 1.59 -11.69
N TYR B 10 70.94 2.61 -10.89
CA TYR B 10 69.63 2.75 -10.27
C TYR B 10 68.57 2.96 -11.35
N GLY B 11 67.42 2.33 -11.17
CA GLY B 11 66.38 2.39 -12.18
C GLY B 11 65.28 3.37 -11.83
N THR B 12 64.55 3.78 -12.86
CA THR B 12 63.34 4.58 -12.66
C THR B 12 62.22 3.74 -12.06
N ARG B 13 62.30 2.42 -12.23
CA ARG B 13 61.33 1.52 -11.63
C ARG B 13 61.53 1.47 -10.12
N LEU B 14 60.43 1.38 -9.38
CA LEU B 14 60.43 1.30 -7.91
C LEU B 14 61.04 2.56 -7.25
N ARG B 15 60.98 3.69 -7.94
CA ARG B 15 61.73 4.88 -7.52
C ARG B 15 61.39 5.48 -6.15
N PRO B 16 60.14 5.54 -5.67
CA PRO B 16 59.96 6.06 -4.30
C PRO B 16 60.51 5.16 -3.22
N LEU B 17 60.57 3.84 -3.46
CA LEU B 17 61.14 2.94 -2.48
C LEU B 17 62.65 3.05 -2.46
N THR B 18 63.28 3.09 -3.63
CA THR B 18 64.74 3.06 -3.74
C THR B 18 65.35 4.44 -3.84
N LEU B 19 64.74 5.45 -3.23
CA LEU B 19 65.42 6.74 -3.15
C LEU B 19 66.42 6.75 -1.99
N SER B 20 66.17 5.96 -0.95
CA SER B 20 67.05 5.92 0.20
C SER B 20 68.15 4.88 0.02
N THR B 21 67.79 3.67 -0.36
CA THR B 21 68.68 2.53 -0.52
C THR B 21 68.67 2.10 -1.96
N PRO B 22 69.67 1.33 -2.40
CA PRO B 22 69.60 0.77 -3.76
C PRO B 22 68.50 -0.26 -3.90
N LYS B 23 68.05 -0.42 -5.15
CA LYS B 23 67.03 -1.41 -5.48
C LYS B 23 67.33 -2.85 -5.07
N PRO B 24 68.55 -3.39 -5.16
CA PRO B 24 68.76 -4.73 -4.62
C PRO B 24 68.90 -4.81 -3.10
N LEU B 25 68.69 -3.71 -2.39
CA LEU B 25 68.82 -3.72 -0.94
C LEU B 25 67.48 -3.72 -0.23
N VAL B 26 66.36 -3.57 -0.95
CA VAL B 26 65.05 -3.47 -0.31
C VAL B 26 64.60 -4.86 0.15
N ASP B 27 63.98 -4.90 1.33
CA ASP B 27 63.59 -6.15 1.96
C ASP B 27 62.40 -6.75 1.23
N PHE B 28 62.60 -7.90 0.61
CA PHE B 28 61.53 -8.65 -0.04
C PHE B 28 61.36 -9.94 0.74
N CYS B 29 60.25 -10.04 1.48
CA CYS B 29 59.97 -11.10 2.44
C CYS B 29 61.11 -11.23 3.46
N ASN B 30 61.42 -10.09 4.10
CA ASN B 30 62.42 -9.88 5.14
C ASN B 30 63.85 -10.11 4.68
N LYS B 31 64.07 -10.31 3.38
CA LYS B 31 65.39 -10.52 2.80
C LYS B 31 65.58 -9.56 1.65
N PRO B 32 66.77 -9.00 1.47
CA PRO B 32 67.07 -8.30 0.23
C PRO B 32 67.06 -9.25 -0.95
N ILE B 33 66.87 -8.69 -2.15
CA ILE B 33 66.84 -9.53 -3.34
C ILE B 33 68.23 -9.81 -3.86
N LEU B 34 69.24 -9.12 -3.36
CA LEU B 34 70.60 -9.63 -3.45
C LEU B 34 70.70 -10.97 -2.74
N LEU B 35 70.14 -11.05 -1.52
CA LEU B 35 70.29 -12.20 -0.64
C LEU B 35 69.69 -13.47 -1.19
N HIS B 36 68.53 -13.41 -1.86
CA HIS B 36 67.91 -14.62 -2.36
C HIS B 36 68.76 -15.28 -3.44
N GLN B 37 69.29 -14.46 -4.34
CA GLN B 37 70.11 -14.98 -5.42
C GLN B 37 71.46 -15.45 -4.90
N VAL B 38 72.07 -14.73 -3.96
CA VAL B 38 73.35 -15.23 -3.44
C VAL B 38 73.16 -16.40 -2.49
N GLU B 39 71.98 -16.54 -1.86
CA GLU B 39 71.62 -17.73 -1.10
C GLU B 39 71.65 -18.97 -2.00
N ALA B 40 70.89 -18.92 -3.09
CA ALA B 40 70.83 -20.07 -3.97
C ALA B 40 72.14 -20.25 -4.74
N LEU B 41 72.96 -19.19 -4.86
CA LEU B 41 74.30 -19.37 -5.41
C LEU B 41 75.23 -20.06 -4.42
N ALA B 42 75.05 -19.80 -3.13
CA ALA B 42 75.83 -20.51 -2.12
C ALA B 42 75.41 -21.97 -2.06
N ALA B 43 74.13 -22.25 -2.28
CA ALA B 43 73.69 -23.64 -2.43
C ALA B 43 74.23 -24.26 -3.72
N ALA B 44 74.47 -23.44 -4.74
CA ALA B 44 75.05 -23.95 -5.98
C ALA B 44 76.52 -24.31 -5.83
N GLY B 45 77.23 -23.65 -4.92
CA GLY B 45 78.63 -23.94 -4.68
C GLY B 45 79.60 -23.08 -5.44
N VAL B 46 79.16 -21.92 -5.94
CA VAL B 46 80.07 -21.01 -6.63
C VAL B 46 80.87 -20.26 -5.59
N ASP B 47 82.20 -20.29 -5.71
CA ASP B 47 83.04 -19.62 -4.73
C ASP B 47 83.20 -18.12 -5.00
N HIS B 48 82.84 -17.65 -6.19
CA HIS B 48 83.05 -16.24 -6.51
C HIS B 48 81.86 -15.70 -7.29
N VAL B 49 81.12 -14.80 -6.67
CA VAL B 49 80.09 -14.02 -7.36
C VAL B 49 80.58 -12.58 -7.43
N ILE B 50 80.13 -11.87 -8.45
CA ILE B 50 80.60 -10.54 -8.80
C ILE B 50 79.41 -9.67 -9.17
N LEU B 51 79.31 -8.50 -8.53
CA LEU B 51 78.24 -7.56 -8.82
C LEU B 51 78.78 -6.41 -9.65
N ALA B 52 78.09 -6.09 -10.73
CA ALA B 52 78.46 -4.98 -11.61
C ALA B 52 77.50 -3.83 -11.37
N VAL B 53 77.95 -2.85 -10.61
CA VAL B 53 77.13 -1.71 -10.21
C VAL B 53 77.65 -0.48 -10.96
N SER B 54 76.72 0.40 -11.39
CA SER B 54 77.10 1.53 -12.21
C SER B 54 77.28 2.84 -11.44
N TYR B 55 76.97 2.87 -10.16
CA TYR B 55 77.35 4.00 -9.30
C TYR B 55 77.69 3.45 -7.92
N MET B 56 78.81 3.92 -7.36
CA MET B 56 79.25 3.37 -6.09
C MET B 56 78.38 3.87 -4.96
N SER B 57 77.99 2.95 -4.08
CA SER B 57 77.15 3.23 -2.93
C SER B 57 77.80 2.62 -1.70
N GLN B 58 78.14 3.45 -0.72
CA GLN B 58 78.91 2.99 0.43
C GLN B 58 78.08 2.11 1.35
N VAL B 59 76.76 2.34 1.43
CA VAL B 59 75.92 1.49 2.24
C VAL B 59 75.79 0.09 1.62
N LEU B 60 75.84 0.03 0.28
CA LEU B 60 75.86 -1.26 -0.40
C LEU B 60 77.16 -2.00 -0.13
N GLU B 61 78.28 -1.27 -0.07
CA GLU B 61 79.57 -1.87 0.24
C GLU B 61 79.60 -2.38 1.69
N LYS B 62 79.06 -1.59 2.61
CA LYS B 62 78.79 -1.99 3.99
C LYS B 62 78.06 -3.34 4.06
N GLU B 63 76.93 -3.44 3.36
CA GLU B 63 76.09 -4.63 3.48
C GLU B 63 76.74 -5.86 2.84
N MET B 64 77.40 -5.68 1.68
CA MET B 64 78.01 -6.85 1.05
C MET B 64 79.21 -7.35 1.85
N LYS B 65 80.03 -6.46 2.40
CA LYS B 65 81.10 -6.90 3.30
C LYS B 65 80.58 -7.49 4.60
N ALA B 66 79.39 -7.09 5.04
CA ALA B 66 78.84 -7.74 6.23
C ALA B 66 78.36 -9.16 5.94
N GLN B 67 77.61 -9.36 4.85
CA GLN B 67 77.08 -10.71 4.56
C GLN B 67 78.17 -11.66 4.05
N GLU B 68 79.29 -11.09 3.60
CA GLU B 68 80.46 -11.74 3.02
C GLU B 68 81.05 -12.83 3.91
N GLN B 69 80.99 -12.65 5.24
CA GLN B 69 81.62 -13.59 6.16
C GLN B 69 80.75 -14.81 6.38
N ARG B 70 79.49 -14.60 6.77
CA ARG B 70 78.59 -15.71 7.06
C ARG B 70 78.18 -16.47 5.81
N LEU B 71 78.29 -15.85 4.64
CA LEU B 71 77.91 -16.55 3.43
C LEU B 71 78.98 -17.56 3.01
N GLY B 72 80.24 -17.29 3.36
CA GLY B 72 81.30 -18.26 3.18
C GLY B 72 82.02 -18.22 1.86
N ILE B 73 81.67 -17.30 0.97
CA ILE B 73 82.31 -17.17 -0.32
C ILE B 73 82.85 -15.76 -0.43
N ARG B 74 83.82 -15.56 -1.33
CA ARG B 74 84.37 -14.24 -1.51
C ARG B 74 83.55 -13.47 -2.54
N ILE B 75 83.40 -12.16 -2.30
CA ILE B 75 82.56 -11.29 -3.12
C ILE B 75 83.47 -10.20 -3.68
N SER B 76 83.54 -10.09 -5.00
CA SER B 76 84.24 -8.99 -5.66
C SER B 76 83.20 -8.09 -6.30
N MET B 77 83.42 -6.79 -6.16
CA MET B 77 82.51 -5.79 -6.68
C MET B 77 83.25 -4.90 -7.66
N SER B 78 82.83 -4.99 -8.91
CA SER B 78 83.43 -4.22 -9.98
C SER B 78 82.48 -3.08 -10.38
N HIS B 79 83.05 -1.89 -10.60
CA HIS B 79 82.24 -0.69 -10.74
C HIS B 79 82.38 -0.13 -12.14
N GLU B 80 81.24 -0.01 -12.80
CA GLU B 80 81.02 0.71 -14.04
C GLU B 80 81.01 2.21 -13.77
N GLU B 81 81.99 2.94 -14.28
CA GLU B 81 81.98 4.37 -13.96
C GLU B 81 81.01 5.16 -14.83
N GLU B 82 80.64 4.65 -16.00
CA GLU B 82 79.66 5.22 -16.91
C GLU B 82 78.93 4.02 -17.46
N PRO B 83 77.59 4.04 -17.53
CA PRO B 83 76.82 2.82 -17.81
C PRO B 83 77.02 2.32 -19.23
N LEU B 84 77.43 1.05 -19.33
CA LEU B 84 77.70 0.42 -20.62
C LEU B 84 76.55 -0.46 -21.07
N GLY B 85 75.33 -0.19 -20.63
CA GLY B 85 74.25 -1.12 -20.86
C GLY B 85 74.43 -2.32 -19.95
N THR B 86 73.93 -3.47 -20.40
CA THR B 86 74.10 -4.71 -19.65
C THR B 86 75.08 -5.67 -20.29
N ALA B 87 75.51 -5.41 -21.53
CA ALA B 87 76.52 -6.24 -22.17
C ALA B 87 77.92 -5.85 -21.73
N GLY B 88 78.17 -4.55 -21.60
CA GLY B 88 79.40 -4.01 -21.07
C GLY B 88 79.88 -4.49 -19.70
N PRO B 89 78.97 -4.85 -18.77
CA PRO B 89 79.41 -5.58 -17.57
C PRO B 89 80.27 -6.81 -17.82
N LEU B 90 79.94 -7.65 -18.80
CA LEU B 90 80.79 -8.79 -19.10
C LEU B 90 82.12 -8.36 -19.71
N ALA B 91 82.12 -7.25 -20.43
CA ALA B 91 83.35 -6.74 -21.03
C ALA B 91 84.30 -6.19 -19.97
N LEU B 92 83.77 -5.57 -18.92
CA LEU B 92 84.65 -5.13 -17.85
C LEU B 92 85.01 -6.31 -16.95
N ALA B 93 84.12 -7.30 -16.86
CA ALA B 93 84.40 -8.49 -16.06
C ALA B 93 85.24 -9.51 -16.81
N ARG B 94 85.62 -9.21 -18.06
CA ARG B 94 86.37 -10.15 -18.88
C ARG B 94 87.75 -10.43 -18.31
N ASP B 95 88.43 -9.39 -17.83
CA ASP B 95 89.70 -9.58 -17.15
C ASP B 95 89.53 -10.11 -15.74
N LEU B 96 88.29 -10.16 -15.24
CA LEU B 96 88.04 -10.64 -13.89
C LEU B 96 87.62 -12.11 -13.87
N LEU B 97 87.14 -12.65 -14.99
CA LEU B 97 86.81 -14.06 -15.08
C LEU B 97 87.48 -14.74 -16.27
N SER B 98 88.50 -14.13 -16.87
CA SER B 98 89.14 -14.72 -18.03
C SER B 98 90.16 -15.79 -17.66
N GLU B 99 90.48 -15.91 -16.37
CA GLU B 99 91.50 -16.84 -15.91
C GLU B 99 91.01 -18.28 -15.98
N THR B 100 89.71 -18.49 -15.88
CA THR B 100 89.13 -19.82 -15.91
C THR B 100 88.35 -20.00 -17.20
N ALA B 101 88.46 -21.19 -17.79
CA ALA B 101 87.65 -21.58 -18.94
C ALA B 101 86.57 -22.53 -18.46
N ASP B 102 85.53 -21.94 -17.85
CA ASP B 102 84.49 -22.69 -17.18
C ASP B 102 83.24 -21.80 -17.28
N PRO B 103 82.12 -22.36 -17.71
CA PRO B 103 80.90 -21.54 -17.92
C PRO B 103 80.39 -20.89 -16.65
N PHE B 104 80.10 -19.60 -16.75
CA PHE B 104 79.71 -18.79 -15.61
C PHE B 104 78.22 -18.49 -15.63
N PHE B 105 77.71 -18.08 -14.48
CA PHE B 105 76.32 -17.68 -14.30
C PHE B 105 76.20 -16.18 -14.53
N VAL B 106 75.08 -15.78 -15.13
CA VAL B 106 74.68 -14.38 -15.14
C VAL B 106 73.22 -14.32 -14.75
N LEU B 107 72.90 -13.43 -13.83
CA LEU B 107 71.55 -13.28 -13.31
C LEU B 107 71.18 -11.81 -13.38
N ASN B 108 69.90 -11.55 -13.62
CA ASN B 108 69.39 -10.22 -13.32
C ASN B 108 69.10 -10.15 -11.84
N SER B 109 69.11 -8.94 -11.29
CA SER B 109 68.87 -8.80 -9.87
C SER B 109 67.38 -8.81 -9.55
N ASP B 110 66.57 -8.24 -10.44
CA ASP B 110 65.16 -7.99 -10.16
C ASP B 110 64.26 -9.19 -10.45
N VAL B 111 64.80 -10.37 -10.64
CA VAL B 111 63.98 -11.56 -10.84
C VAL B 111 63.93 -12.35 -9.54
N ILE B 112 62.77 -12.91 -9.25
CA ILE B 112 62.59 -13.81 -8.11
C ILE B 112 61.76 -14.99 -8.58
N CYS B 113 62.26 -16.18 -8.31
CA CYS B 113 61.81 -17.42 -8.90
C CYS B 113 62.44 -18.56 -8.10
N ASP B 114 62.00 -19.78 -8.41
CA ASP B 114 62.72 -20.94 -7.94
C ASP B 114 64.00 -21.11 -8.74
N PHE B 115 65.08 -21.46 -8.08
CA PHE B 115 66.40 -21.47 -8.71
C PHE B 115 66.85 -22.90 -9.01
N PRO B 116 66.75 -23.34 -10.27
CA PRO B 116 67.12 -24.73 -10.59
C PRO B 116 68.56 -24.87 -11.07
N PHE B 117 69.54 -24.50 -10.25
CA PHE B 117 70.91 -24.29 -10.74
C PHE B 117 71.62 -25.58 -11.13
N GLN B 118 71.38 -26.67 -10.39
CA GLN B 118 72.05 -27.92 -10.76
C GLN B 118 71.42 -28.54 -11.98
N ALA B 119 70.09 -28.42 -12.13
CA ALA B 119 69.45 -28.79 -13.38
C ALA B 119 69.87 -27.85 -14.52
N MET B 120 70.17 -26.59 -14.18
CA MET B 120 70.66 -25.63 -15.17
C MET B 120 72.03 -26.03 -15.70
N VAL B 121 72.96 -26.40 -14.81
CA VAL B 121 74.28 -26.81 -15.28
C VAL B 121 74.23 -28.17 -15.94
N GLN B 122 73.27 -29.03 -15.57
CA GLN B 122 73.12 -30.31 -16.27
C GLN B 122 72.60 -30.11 -17.68
N PHE B 123 71.65 -29.17 -17.86
CA PHE B 123 71.15 -28.83 -19.19
C PHE B 123 72.24 -28.19 -20.04
N HIS B 124 73.05 -27.32 -19.43
CA HIS B 124 74.14 -26.67 -20.15
C HIS B 124 75.24 -27.66 -20.52
N ARG B 125 75.50 -28.64 -19.66
CA ARG B 125 76.49 -29.67 -19.97
C ARG B 125 75.99 -30.60 -21.06
N HIS B 126 74.69 -30.93 -21.05
CA HIS B 126 74.17 -31.89 -22.01
C HIS B 126 74.03 -31.28 -23.41
N HIS B 127 73.61 -30.01 -23.50
CA HIS B 127 73.47 -29.42 -24.81
C HIS B 127 74.82 -29.07 -25.44
N GLY B 128 75.83 -28.81 -24.61
CA GLY B 128 77.21 -28.75 -25.07
C GLY B 128 77.63 -27.50 -25.81
N GLN B 129 76.71 -26.61 -26.17
CA GLN B 129 77.07 -25.42 -26.93
C GLN B 129 77.39 -24.28 -25.97
N GLU B 130 77.53 -23.07 -26.51
CA GLU B 130 78.11 -21.96 -25.76
C GLU B 130 77.09 -21.34 -24.81
N GLY B 131 75.94 -20.91 -25.33
CA GLY B 131 74.98 -20.17 -24.53
C GLY B 131 73.75 -21.01 -24.21
N SER B 132 73.38 -21.01 -22.94
CA SER B 132 72.17 -21.65 -22.47
C SER B 132 71.30 -20.59 -21.81
N ILE B 133 70.03 -20.53 -22.24
CA ILE B 133 69.09 -19.52 -21.78
C ILE B 133 68.02 -20.24 -20.98
N LEU B 134 67.58 -19.63 -19.88
CA LEU B 134 66.39 -20.08 -19.19
C LEU B 134 65.21 -19.21 -19.60
N VAL B 135 64.08 -19.85 -19.91
CA VAL B 135 62.89 -19.18 -20.40
C VAL B 135 61.71 -19.63 -19.55
N THR B 136 60.57 -18.94 -19.69
CA THR B 136 59.37 -19.31 -18.97
C THR B 136 58.13 -18.91 -19.77
N LYS B 137 57.10 -19.76 -19.72
CA LYS B 137 55.82 -19.45 -20.35
C LYS B 137 54.96 -18.65 -19.38
N VAL B 138 54.39 -17.53 -19.85
CA VAL B 138 53.59 -16.68 -18.98
C VAL B 138 52.31 -16.24 -19.68
N GLU B 139 51.58 -15.39 -18.95
CA GLU B 139 50.43 -14.61 -19.35
C GLU B 139 50.65 -13.79 -20.62
N GLU B 140 51.47 -12.77 -20.51
CA GLU B 140 51.59 -11.71 -21.49
C GLU B 140 53.03 -11.58 -21.95
N PRO B 141 53.34 -11.80 -23.23
CA PRO B 141 54.71 -11.60 -23.71
C PRO B 141 55.04 -10.16 -24.06
N SER B 142 54.18 -9.20 -23.73
CA SER B 142 54.35 -7.83 -24.17
C SER B 142 55.27 -7.00 -23.28
N LYS B 143 55.76 -7.56 -22.18
CA LYS B 143 56.68 -6.82 -21.33
C LYS B 143 58.11 -7.33 -21.45
N TYR B 144 58.31 -8.46 -22.13
CA TYR B 144 59.57 -9.17 -22.09
C TYR B 144 59.96 -9.60 -23.51
N GLY B 145 61.10 -10.29 -23.61
CA GLY B 145 61.58 -10.78 -24.88
C GLY B 145 61.16 -12.23 -25.13
N VAL B 146 60.60 -12.47 -26.32
CA VAL B 146 59.96 -13.73 -26.65
C VAL B 146 60.94 -14.60 -27.44
N VAL B 147 60.97 -15.89 -27.11
CA VAL B 147 61.83 -16.86 -27.76
C VAL B 147 60.97 -17.82 -28.57
N VAL B 148 61.64 -18.69 -29.34
CA VAL B 148 60.99 -19.81 -30.03
C VAL B 148 61.50 -21.11 -29.41
N CYS B 149 60.58 -22.04 -29.17
CA CYS B 149 60.88 -23.28 -28.47
C CYS B 149 60.91 -24.46 -29.43
N GLU B 150 61.78 -25.43 -29.14
CA GLU B 150 61.96 -26.62 -29.95
C GLU B 150 61.34 -27.85 -29.28
N ALA B 151 61.64 -29.01 -29.84
CA ALA B 151 61.37 -30.34 -29.30
C ALA B 151 62.41 -30.72 -28.25
N ASP B 152 62.58 -32.04 -28.03
CA ASP B 152 63.56 -32.63 -27.10
C ASP B 152 64.92 -31.93 -27.07
N THR B 153 65.43 -31.55 -28.23
CA THR B 153 66.75 -30.92 -28.29
C THR B 153 66.75 -29.55 -27.62
N GLY B 154 65.77 -28.71 -27.96
CA GLY B 154 65.63 -27.43 -27.31
C GLY B 154 66.40 -26.29 -27.93
N ARG B 155 66.90 -26.45 -29.16
CA ARG B 155 67.64 -25.38 -29.82
C ARG B 155 66.70 -24.26 -30.23
N ILE B 156 67.06 -23.04 -29.88
CA ILE B 156 66.22 -21.88 -30.15
C ILE B 156 66.27 -21.56 -31.63
N HIS B 157 65.10 -21.61 -32.29
CA HIS B 157 65.02 -21.23 -33.70
C HIS B 157 65.33 -19.76 -33.89
N ARG B 158 64.76 -18.91 -33.05
CA ARG B 158 64.90 -17.47 -33.22
C ARG B 158 64.68 -16.78 -31.88
N PHE B 159 65.39 -15.67 -31.70
CA PHE B 159 65.20 -14.81 -30.53
C PHE B 159 64.63 -13.48 -31.01
N VAL B 160 63.62 -12.98 -30.30
CA VAL B 160 63.10 -11.64 -30.49
C VAL B 160 63.24 -10.91 -29.17
N GLU B 161 63.76 -9.68 -29.21
CA GLU B 161 63.91 -8.90 -27.98
C GLU B 161 62.63 -8.15 -27.65
N LYS B 162 61.96 -7.61 -28.65
CA LYS B 162 60.87 -6.73 -28.29
C LYS B 162 59.55 -7.29 -28.79
N PRO B 163 58.47 -7.06 -28.05
CA PRO B 163 57.17 -7.66 -28.38
C PRO B 163 56.44 -7.07 -29.58
N GLN B 164 55.16 -7.45 -29.63
CA GLN B 164 54.08 -7.11 -30.56
C GLN B 164 54.15 -7.94 -31.83
N VAL B 165 55.10 -8.89 -31.93
CA VAL B 165 55.06 -9.85 -33.02
C VAL B 165 54.20 -11.06 -32.63
N PHE B 166 54.22 -11.43 -31.34
CA PHE B 166 53.44 -12.52 -30.75
C PHE B 166 53.70 -13.86 -31.46
N VAL B 167 54.97 -14.25 -31.46
CA VAL B 167 55.33 -15.53 -32.06
C VAL B 167 55.15 -16.67 -31.08
N SER B 168 55.32 -16.41 -29.79
CA SER B 168 55.00 -17.37 -28.74
C SER B 168 54.64 -16.56 -27.50
N ASN B 169 54.14 -17.25 -26.47
CA ASN B 169 53.92 -16.56 -25.20
C ASN B 169 55.05 -16.79 -24.21
N LYS B 170 56.07 -17.56 -24.60
CA LYS B 170 57.25 -17.72 -23.77
C LYS B 170 58.05 -16.42 -23.73
N ILE B 171 58.75 -16.21 -22.62
CA ILE B 171 59.57 -15.05 -22.39
C ILE B 171 60.92 -15.50 -21.87
N ASN B 172 61.88 -14.58 -21.92
CA ASN B 172 63.15 -14.78 -21.24
C ASN B 172 62.94 -14.79 -19.73
N ALA B 173 63.72 -15.61 -19.02
CA ALA B 173 63.57 -15.73 -17.58
C ALA B 173 64.58 -14.91 -16.80
N GLY B 174 65.60 -14.37 -17.45
CA GLY B 174 66.51 -13.44 -16.82
C GLY B 174 67.74 -14.03 -16.19
N MET B 175 67.93 -15.35 -16.26
CA MET B 175 69.13 -16.00 -15.76
C MET B 175 69.67 -16.91 -16.84
N TYR B 176 70.98 -16.81 -17.10
CA TYR B 176 71.60 -17.64 -18.12
C TYR B 176 72.93 -18.16 -17.60
N ILE B 177 73.46 -19.14 -18.33
CA ILE B 177 74.84 -19.59 -18.19
C ILE B 177 75.52 -19.29 -19.51
N LEU B 178 76.62 -18.56 -19.47
CA LEU B 178 77.37 -18.27 -20.68
C LEU B 178 78.75 -18.89 -20.62
N SER B 179 79.28 -19.18 -21.80
CA SER B 179 80.57 -19.82 -21.98
C SER B 179 81.67 -18.77 -21.97
N PRO B 180 82.93 -19.18 -21.86
CA PRO B 180 84.03 -18.22 -22.10
C PRO B 180 84.22 -17.86 -23.56
N ALA B 181 83.62 -18.59 -24.50
CA ALA B 181 83.85 -18.31 -25.91
C ALA B 181 82.99 -17.16 -26.43
N VAL B 182 81.77 -17.01 -25.89
CA VAL B 182 80.92 -15.89 -26.27
C VAL B 182 81.44 -14.58 -25.68
N LEU B 183 82.24 -14.65 -24.62
CA LEU B 183 82.75 -13.43 -24.00
C LEU B 183 83.87 -12.82 -24.83
N GLN B 184 84.45 -13.59 -25.74
CA GLN B 184 85.25 -13.03 -26.82
C GLN B 184 84.41 -12.13 -27.73
N ARG B 185 83.19 -12.56 -28.05
CA ARG B 185 82.38 -11.91 -29.09
C ARG B 185 81.92 -10.52 -28.67
N ILE B 186 81.72 -10.29 -27.38
CA ILE B 186 81.20 -9.00 -26.92
C ILE B 186 82.37 -8.01 -26.78
N GLN B 187 82.21 -6.84 -27.40
CA GLN B 187 83.21 -5.79 -27.35
C GLN B 187 83.09 -5.01 -26.04
N LEU B 188 83.99 -4.05 -25.85
CA LEU B 188 84.00 -3.27 -24.63
C LEU B 188 83.14 -2.01 -24.72
N GLN B 189 82.81 -1.56 -25.93
CA GLN B 189 81.95 -0.40 -26.09
C GLN B 189 80.53 -0.74 -25.62
N PRO B 190 79.77 0.25 -25.16
CA PRO B 190 78.42 -0.01 -24.61
C PRO B 190 77.43 -0.57 -25.62
N THR B 191 76.83 -1.70 -25.27
CA THR B 191 75.64 -2.24 -25.90
C THR B 191 74.88 -3.06 -24.87
N SER B 192 73.86 -3.77 -25.31
CA SER B 192 73.00 -4.55 -24.41
C SER B 192 72.91 -5.98 -24.92
N ILE B 193 73.17 -6.94 -24.02
CA ILE B 193 73.44 -8.32 -24.41
C ILE B 193 72.17 -9.03 -24.85
N GLU B 194 71.09 -8.81 -24.12
CA GLU B 194 69.79 -9.39 -24.38
C GLU B 194 69.20 -8.97 -25.71
N LYS B 195 69.52 -7.76 -26.18
CA LYS B 195 68.99 -7.24 -27.43
C LYS B 195 69.92 -7.48 -28.61
N GLU B 196 71.22 -7.46 -28.39
CA GLU B 196 72.13 -7.31 -29.52
C GLU B 196 73.16 -8.42 -29.61
N VAL B 197 73.47 -9.11 -28.51
CA VAL B 197 74.35 -10.26 -28.59
C VAL B 197 73.57 -11.54 -28.87
N PHE B 198 72.42 -11.71 -28.20
CA PHE B 198 71.57 -12.88 -28.34
C PHE B 198 70.96 -12.91 -29.73
N PRO B 199 70.72 -11.73 -30.32
CA PRO B 199 70.11 -11.71 -31.67
C PRO B 199 71.03 -12.16 -32.78
N ILE B 200 72.35 -12.06 -32.64
CA ILE B 200 73.22 -12.64 -33.66
C ILE B 200 73.64 -14.03 -33.22
N MET B 201 73.58 -14.33 -31.93
CA MET B 201 73.93 -15.67 -31.46
C MET B 201 72.83 -16.68 -31.76
N ALA B 202 71.59 -16.22 -31.94
CA ALA B 202 70.48 -17.12 -32.24
C ALA B 202 70.43 -17.53 -33.71
N LYS B 203 71.27 -16.93 -34.56
CA LYS B 203 71.17 -17.18 -35.99
C LYS B 203 71.84 -18.51 -36.33
N GLU B 204 73.00 -18.76 -35.73
CA GLU B 204 73.69 -20.02 -35.92
C GLU B 204 73.00 -21.15 -35.17
N GLY B 205 72.35 -20.86 -34.05
CA GLY B 205 71.68 -21.87 -33.27
C GLY B 205 72.44 -22.36 -32.06
N GLN B 206 73.40 -21.58 -31.55
CA GLN B 206 74.14 -21.99 -30.36
C GLN B 206 73.29 -21.88 -29.10
N LEU B 207 72.30 -20.99 -29.10
CA LEU B 207 71.47 -20.77 -27.93
C LEU B 207 70.47 -21.89 -27.76
N TYR B 208 70.29 -22.31 -26.51
CA TYR B 208 69.32 -23.35 -26.17
C TYR B 208 68.43 -22.82 -25.04
N ALA B 209 67.28 -23.48 -24.86
CA ALA B 209 66.25 -22.99 -23.95
C ALA B 209 65.85 -24.07 -22.95
N MET B 210 65.67 -23.65 -21.71
CA MET B 210 65.23 -24.50 -20.62
C MET B 210 64.11 -23.76 -19.88
N GLU B 211 63.04 -24.45 -19.54
CA GLU B 211 61.87 -23.74 -19.03
C GLU B 211 61.71 -23.96 -17.52
N LEU B 212 61.33 -22.88 -16.85
CA LEU B 212 61.27 -22.84 -15.39
C LEU B 212 60.06 -23.62 -14.89
N GLN B 213 60.19 -24.13 -13.67
CA GLN B 213 59.09 -24.92 -13.12
C GLN B 213 58.02 -24.03 -12.50
N GLY B 214 58.40 -23.16 -11.58
CA GLY B 214 57.40 -22.43 -10.80
C GLY B 214 57.72 -20.98 -10.58
N PHE B 215 56.66 -20.16 -10.62
CA PHE B 215 56.51 -18.85 -9.95
C PHE B 215 57.63 -17.84 -10.28
N TRP B 216 58.02 -17.80 -11.56
CA TRP B 216 58.86 -16.71 -12.03
C TRP B 216 58.10 -15.38 -11.97
N MET B 217 58.73 -14.36 -11.40
CA MET B 217 58.15 -13.03 -11.43
C MET B 217 59.24 -11.98 -11.30
N ASP B 218 59.25 -11.03 -12.22
CA ASP B 218 60.10 -9.85 -12.09
C ASP B 218 59.53 -8.97 -11.00
N ILE B 219 60.39 -8.39 -10.18
CA ILE B 219 59.91 -7.49 -9.14
C ILE B 219 60.56 -6.12 -9.22
N GLY B 220 60.90 -5.68 -10.42
CA GLY B 220 61.51 -4.36 -10.57
C GLY B 220 60.55 -3.22 -10.34
N GLN B 221 59.29 -3.44 -10.60
CA GLN B 221 58.22 -2.46 -10.62
C GLN B 221 57.19 -2.82 -9.55
N PRO B 222 56.62 -1.83 -8.84
CA PRO B 222 55.98 -2.12 -7.53
C PRO B 222 54.74 -3.00 -7.59
N LYS B 223 53.96 -2.96 -8.65
CA LYS B 223 52.81 -3.87 -8.68
C LYS B 223 53.26 -5.27 -9.07
N ASP B 224 54.32 -5.37 -9.88
CA ASP B 224 55.04 -6.64 -10.05
C ASP B 224 55.66 -7.11 -8.75
N PHE B 225 56.16 -6.18 -7.92
CA PHE B 225 56.71 -6.54 -6.60
C PHE B 225 55.65 -7.19 -5.73
N LEU B 226 54.44 -6.61 -5.72
CA LEU B 226 53.39 -7.15 -4.87
C LEU B 226 52.90 -8.50 -5.39
N THR B 227 52.75 -8.65 -6.70
CA THR B 227 52.31 -9.97 -7.18
C THR B 227 53.43 -11.00 -7.07
N GLY B 228 54.69 -10.56 -7.06
CA GLY B 228 55.79 -11.48 -6.86
C GLY B 228 55.87 -11.97 -5.43
N MET B 229 55.58 -11.09 -4.48
CA MET B 229 55.49 -11.51 -3.09
C MET B 229 54.33 -12.47 -2.87
N CYS B 230 53.16 -12.16 -3.45
CA CYS B 230 51.99 -13.01 -3.32
C CYS B 230 52.20 -14.38 -3.97
N LEU B 231 52.98 -14.42 -5.06
CA LEU B 231 53.33 -15.69 -5.68
C LEU B 231 54.45 -16.41 -4.94
N PHE B 232 55.31 -15.67 -4.23
CA PHE B 232 56.36 -16.28 -3.44
C PHE B 232 55.79 -16.98 -2.22
N LEU B 233 54.74 -16.42 -1.63
CA LEU B 233 54.20 -17.00 -0.40
C LEU B 233 53.51 -18.34 -0.65
N GLN B 234 53.00 -18.57 -1.86
CA GLN B 234 52.38 -19.84 -2.21
C GLN B 234 53.39 -20.98 -2.17
N SER B 235 54.46 -20.84 -2.94
CA SER B 235 55.54 -21.82 -2.96
C SER B 235 56.31 -21.85 -1.65
N LEU B 236 56.33 -20.76 -0.89
CA LEU B 236 56.93 -20.82 0.44
C LEU B 236 56.06 -21.61 1.40
N ARG B 237 54.74 -21.57 1.24
CA ARG B 237 53.85 -22.42 2.03
C ARG B 237 54.07 -23.88 1.69
N GLN B 238 54.24 -24.19 0.41
CA GLN B 238 54.45 -25.58 0.03
C GLN B 238 55.84 -26.08 0.46
N LYS B 239 56.86 -25.23 0.36
CA LYS B 239 58.21 -25.67 0.70
C LYS B 239 58.45 -25.62 2.20
N GLN B 240 58.13 -24.50 2.85
CA GLN B 240 58.30 -24.34 4.29
C GLN B 240 56.97 -23.94 4.93
N PRO B 241 56.14 -24.91 5.29
CA PRO B 241 54.93 -24.58 6.08
C PRO B 241 55.22 -24.19 7.52
N GLU B 242 56.47 -24.25 7.97
CA GLU B 242 56.79 -23.92 9.35
C GLU B 242 57.13 -22.45 9.52
N ARG B 243 57.62 -21.82 8.44
CA ARG B 243 57.98 -20.41 8.49
C ARG B 243 56.75 -19.51 8.49
N LEU B 244 55.70 -19.93 7.80
CA LEU B 244 54.49 -19.14 7.68
C LEU B 244 53.74 -19.10 9.00
N CYS B 245 53.31 -17.91 9.41
CA CYS B 245 52.66 -17.77 10.70
C CYS B 245 51.23 -18.25 10.61
N SER B 246 50.77 -18.93 11.67
CA SER B 246 49.39 -19.37 11.79
C SER B 246 48.84 -18.82 13.10
N GLY B 247 47.61 -18.33 13.04
CA GLY B 247 47.03 -17.69 14.19
C GLY B 247 45.51 -17.76 14.20
N PRO B 248 44.92 -17.39 15.35
CA PRO B 248 43.46 -17.41 15.42
C PRO B 248 42.80 -16.25 14.68
N GLY B 249 43.47 -15.10 14.60
CA GLY B 249 42.94 -13.96 13.88
C GLY B 249 43.67 -13.68 12.58
N ILE B 250 44.29 -14.72 12.01
CA ILE B 250 45.07 -14.62 10.79
C ILE B 250 44.44 -15.52 9.74
N VAL B 251 44.18 -14.98 8.56
CA VAL B 251 43.69 -15.78 7.44
C VAL B 251 44.73 -15.76 6.34
N GLY B 252 44.87 -16.88 5.63
CA GLY B 252 45.75 -16.95 4.50
C GLY B 252 47.20 -17.18 4.87
N ASN B 253 48.06 -16.92 3.89
CA ASN B 253 49.49 -17.21 3.97
C ASN B 253 50.21 -15.96 4.47
N VAL B 254 50.48 -15.90 5.77
CA VAL B 254 51.12 -14.72 6.37
C VAL B 254 52.49 -15.11 6.88
N LEU B 255 53.50 -14.32 6.53
CA LEU B 255 54.83 -14.41 7.11
C LEU B 255 55.03 -13.18 7.98
N VAL B 256 55.31 -13.40 9.27
CA VAL B 256 55.60 -12.33 10.21
C VAL B 256 57.00 -12.56 10.77
N ASP B 257 57.81 -11.52 10.80
CA ASP B 257 59.10 -11.61 11.47
C ASP B 257 58.89 -11.71 12.98
N PRO B 258 59.71 -12.48 13.69
CA PRO B 258 59.52 -12.65 15.14
C PRO B 258 59.76 -11.40 15.97
N SER B 259 60.44 -10.39 15.44
CA SER B 259 60.57 -9.12 16.17
C SER B 259 59.26 -8.35 16.16
N ALA B 260 58.41 -8.58 15.16
CA ALA B 260 57.21 -7.80 14.98
C ALA B 260 56.14 -8.18 15.99
N ARG B 261 55.39 -7.18 16.46
CA ARG B 261 54.28 -7.41 17.36
C ARG B 261 52.99 -7.03 16.66
N ILE B 262 51.93 -7.77 16.97
CA ILE B 262 50.61 -7.62 16.37
C ILE B 262 49.60 -7.59 17.50
N GLY B 263 48.80 -6.52 17.56
CA GLY B 263 47.75 -6.46 18.56
C GLY B 263 46.64 -7.46 18.28
N GLN B 264 45.79 -7.67 19.27
CA GLN B 264 44.66 -8.58 19.11
C GLN B 264 43.53 -7.87 18.35
N ASN B 265 42.45 -8.60 18.12
CA ASN B 265 41.22 -8.14 17.46
C ASN B 265 41.45 -7.61 16.05
N CYS B 266 42.54 -7.98 15.40
CA CYS B 266 42.88 -7.47 14.09
C CYS B 266 43.06 -8.63 13.14
N SER B 267 42.74 -8.40 11.86
CA SER B 267 42.64 -9.48 10.87
C SER B 267 43.69 -9.28 9.79
N ILE B 268 44.82 -9.97 9.91
CA ILE B 268 45.83 -9.94 8.87
C ILE B 268 45.42 -10.89 7.75
N GLY B 269 45.22 -10.33 6.56
CA GLY B 269 44.67 -11.09 5.46
C GLY B 269 45.73 -11.89 4.74
N PRO B 270 45.34 -12.44 3.58
CA PRO B 270 46.25 -13.31 2.85
C PRO B 270 47.41 -12.57 2.21
N ASN B 271 48.55 -13.26 2.14
CA ASN B 271 49.76 -12.83 1.43
C ASN B 271 50.30 -11.51 1.98
N VAL B 272 50.58 -11.48 3.28
CA VAL B 272 51.07 -10.29 3.97
C VAL B 272 52.41 -10.61 4.59
N SER B 273 53.41 -9.77 4.32
CA SER B 273 54.73 -9.89 4.92
C SER B 273 54.98 -8.70 5.81
N LEU B 274 55.26 -8.95 7.09
CA LEU B 274 55.53 -7.89 8.05
C LEU B 274 57.02 -7.88 8.36
N GLY B 275 57.63 -6.71 8.22
CA GLY B 275 59.05 -6.57 8.41
C GLY B 275 59.46 -6.69 9.87
N PRO B 276 60.77 -6.73 10.11
CA PRO B 276 61.24 -6.87 11.50
C PRO B 276 61.09 -5.58 12.27
N GLY B 277 60.33 -5.64 13.36
CA GLY B 277 60.18 -4.49 14.23
C GLY B 277 59.00 -3.61 13.93
N VAL B 278 58.00 -4.09 13.21
CA VAL B 278 56.83 -3.27 12.94
C VAL B 278 55.90 -3.34 14.13
N VAL B 279 55.16 -2.27 14.36
CA VAL B 279 54.23 -2.17 15.47
C VAL B 279 52.84 -1.98 14.88
N VAL B 280 52.08 -3.06 14.80
CA VAL B 280 50.71 -3.04 14.31
C VAL B 280 49.80 -2.96 15.54
N GLU B 281 49.00 -1.91 15.62
CA GLU B 281 48.09 -1.78 16.75
C GLU B 281 46.84 -2.61 16.51
N ASP B 282 45.91 -2.56 17.46
CA ASP B 282 44.76 -3.43 17.38
C ASP B 282 43.72 -2.90 16.39
N GLY B 283 42.92 -3.82 15.85
CA GLY B 283 41.84 -3.43 14.96
C GLY B 283 42.28 -2.98 13.59
N VAL B 284 43.38 -3.51 13.08
CA VAL B 284 43.94 -3.12 11.80
C VAL B 284 43.87 -4.31 10.87
N CYS B 285 43.22 -4.14 9.73
CA CYS B 285 43.05 -5.21 8.75
C CYS B 285 43.94 -4.96 7.55
N ILE B 286 44.88 -5.87 7.31
CA ILE B 286 45.88 -5.74 6.26
C ILE B 286 45.83 -6.97 5.37
N ARG B 287 45.62 -6.77 4.08
CA ARG B 287 45.56 -7.85 3.10
C ARG B 287 46.50 -7.54 1.95
N ARG B 288 47.24 -8.55 1.49
CA ARG B 288 48.08 -8.50 0.28
C ARG B 288 49.14 -7.38 0.33
N CYS B 289 49.62 -7.04 1.51
CA CYS B 289 50.50 -5.89 1.69
C CYS B 289 51.81 -6.28 2.35
N THR B 290 52.90 -5.66 1.93
CA THR B 290 54.19 -5.83 2.57
C THR B 290 54.57 -4.58 3.33
N VAL B 291 54.83 -4.73 4.61
CA VAL B 291 55.22 -3.63 5.47
C VAL B 291 56.70 -3.78 5.78
N LEU B 292 57.51 -2.80 5.36
CA LEU B 292 58.93 -2.84 5.64
C LEU B 292 59.20 -2.48 7.10
N ARG B 293 60.46 -2.58 7.49
CA ARG B 293 60.83 -2.58 8.91
C ARG B 293 60.65 -1.21 9.54
N ASP B 294 60.56 -1.21 10.87
CA ASP B 294 60.43 -0.04 11.74
C ASP B 294 59.15 0.75 11.52
N ALA B 295 58.16 0.22 10.80
CA ALA B 295 56.97 0.97 10.43
C ALA B 295 55.87 0.72 11.44
N ARG B 296 55.27 1.78 11.96
CA ARG B 296 54.22 1.68 12.97
C ARG B 296 52.88 2.03 12.34
N ILE B 297 51.96 1.07 12.37
CA ILE B 297 50.62 1.23 11.80
C ILE B 297 49.66 1.41 12.96
N ARG B 298 49.10 2.61 13.10
CA ARG B 298 48.21 2.89 14.21
C ARG B 298 46.86 2.22 14.01
N SER B 299 46.01 2.32 15.03
CA SER B 299 44.85 1.45 15.14
C SER B 299 43.73 1.86 14.18
N HIS B 300 42.76 0.94 14.01
CA HIS B 300 41.52 1.14 13.27
C HIS B 300 41.73 1.45 11.78
N SER B 301 42.88 1.07 11.23
CA SER B 301 43.22 1.43 9.87
C SER B 301 43.11 0.20 8.97
N TRP B 302 42.88 0.45 7.68
CA TRP B 302 42.67 -0.62 6.71
C TRP B 302 43.69 -0.49 5.59
N LEU B 303 44.31 -1.60 5.19
CA LEU B 303 45.32 -1.54 4.14
C LEU B 303 45.21 -2.78 3.27
N GLU B 304 44.88 -2.60 2.00
CA GLU B 304 44.88 -3.70 1.04
C GLU B 304 45.84 -3.37 -0.08
N SER B 305 46.81 -4.26 -0.32
CA SER B 305 47.67 -4.26 -1.49
C SER B 305 48.47 -2.96 -1.60
N CYS B 306 49.36 -2.73 -0.65
CA CYS B 306 50.21 -1.57 -0.68
C CYS B 306 51.58 -1.94 -0.16
N ILE B 307 52.51 -0.99 -0.18
CA ILE B 307 53.85 -1.17 0.36
C ILE B 307 54.10 -0.02 1.32
N VAL B 308 54.49 -0.35 2.55
CA VAL B 308 54.74 0.66 3.58
C VAL B 308 56.24 0.77 3.79
N GLY B 309 56.77 1.98 3.66
CA GLY B 309 58.19 2.19 3.73
C GLY B 309 58.74 2.09 5.14
N TRP B 310 60.08 2.14 5.21
CA TRP B 310 60.78 2.05 6.49
C TRP B 310 60.47 3.26 7.37
N ARG B 311 60.53 3.01 8.69
CA ARG B 311 60.32 3.98 9.80
C ARG B 311 59.14 4.91 9.56
N CYS B 312 58.04 4.35 9.09
CA CYS B 312 56.85 5.10 8.70
C CYS B 312 55.79 5.03 9.80
N ARG B 313 54.92 6.03 9.86
CA ARG B 313 53.86 6.08 10.85
C ARG B 313 52.52 6.36 10.15
N VAL B 314 51.73 5.31 9.96
CA VAL B 314 50.41 5.41 9.35
C VAL B 314 49.42 5.78 10.45
N GLY B 315 48.61 6.80 10.20
CA GLY B 315 47.67 7.25 11.21
C GLY B 315 46.48 6.31 11.40
N GLN B 316 45.59 6.72 12.30
CA GLN B 316 44.39 5.95 12.57
C GLN B 316 43.32 6.22 11.53
N TRP B 317 42.47 5.22 11.31
CA TRP B 317 41.37 5.25 10.32
C TRP B 317 41.85 5.57 8.91
N VAL B 318 43.03 5.08 8.55
CA VAL B 318 43.60 5.35 7.23
C VAL B 318 43.30 4.16 6.33
N ARG B 319 42.74 4.43 5.16
CA ARG B 319 42.47 3.41 4.17
C ARG B 319 43.42 3.61 3.00
N MET B 320 44.20 2.59 2.68
CA MET B 320 45.10 2.63 1.55
C MET B 320 44.81 1.45 0.65
N GLU B 321 44.90 1.66 -0.66
CA GLU B 321 44.62 0.58 -1.60
C GLU B 321 45.33 0.87 -2.91
N ASN B 322 45.21 -0.08 -3.84
CA ASN B 322 45.79 0.03 -5.19
C ASN B 322 47.29 0.20 -5.29
N VAL B 323 48.02 -0.58 -4.51
CA VAL B 323 49.48 -0.60 -4.48
C VAL B 323 50.14 0.75 -4.20
N THR B 324 49.52 1.51 -3.29
CA THR B 324 50.08 2.79 -2.92
C THR B 324 51.42 2.50 -2.26
N VAL B 325 52.43 3.28 -2.61
CA VAL B 325 53.76 3.07 -2.06
C VAL B 325 54.22 4.22 -1.19
N LEU B 326 54.65 3.92 0.02
CA LEU B 326 55.14 4.96 0.92
C LEU B 326 56.66 4.86 1.01
N GLY B 327 57.31 6.00 1.07
CA GLY B 327 58.76 6.02 1.17
C GLY B 327 59.24 5.84 2.60
N GLU B 328 60.53 6.09 2.79
CA GLU B 328 61.11 6.04 4.11
C GLU B 328 60.68 7.27 4.92
N ASP B 329 60.23 7.03 6.16
CA ASP B 329 59.86 8.05 7.13
C ASP B 329 58.71 8.92 6.60
N VAL B 330 57.58 8.29 6.32
CA VAL B 330 56.41 8.96 5.80
C VAL B 330 55.34 8.99 6.89
N ILE B 331 54.73 10.15 7.09
CA ILE B 331 53.71 10.34 8.10
C ILE B 331 52.38 10.55 7.39
N VAL B 332 51.41 9.70 7.71
CA VAL B 332 50.05 9.84 7.21
C VAL B 332 49.17 10.28 8.36
N ASN B 333 48.46 11.38 8.17
CA ASN B 333 47.58 11.89 9.21
C ASN B 333 46.36 11.00 9.37
N ASP B 334 45.58 11.26 10.40
CA ASP B 334 44.45 10.41 10.71
C ASP B 334 43.30 10.66 9.74
N GLU B 335 42.52 9.60 9.50
CA GLU B 335 41.30 9.62 8.68
C GLU B 335 41.55 10.07 7.25
N LEU B 336 42.67 9.68 6.67
CA LEU B 336 42.97 9.97 5.28
C LEU B 336 42.73 8.73 4.45
N TYR B 337 42.74 8.92 3.13
CA TYR B 337 42.49 7.84 2.19
C TYR B 337 43.46 7.99 1.03
N LEU B 338 44.26 6.94 0.80
CA LEU B 338 45.27 6.96 -0.24
C LEU B 338 45.00 5.82 -1.22
N ASN B 339 44.95 6.16 -2.50
CA ASN B 339 44.58 5.25 -3.57
C ASN B 339 45.54 5.48 -4.72
N GLY B 340 46.53 4.63 -4.86
CA GLY B 340 47.42 4.72 -5.99
C GLY B 340 48.49 5.77 -5.86
N ALA B 341 48.83 6.19 -4.65
CA ALA B 341 49.70 7.33 -4.44
C ALA B 341 51.08 6.85 -4.03
N SER B 342 52.04 7.01 -4.95
CA SER B 342 53.43 6.83 -4.59
C SER B 342 53.95 8.08 -3.90
N VAL B 343 54.47 7.94 -2.70
CA VAL B 343 54.86 9.07 -1.87
C VAL B 343 56.37 9.10 -1.75
N LEU B 344 56.95 10.26 -2.00
CA LEU B 344 58.37 10.47 -1.79
C LEU B 344 58.70 10.41 -0.30
N PRO B 345 59.94 10.06 0.06
CA PRO B 345 60.30 9.97 1.48
C PRO B 345 60.27 11.31 2.20
N HIS B 346 60.19 11.23 3.52
CA HIS B 346 60.28 12.37 4.45
C HIS B 346 59.19 13.41 4.22
N LYS B 347 57.99 13.01 3.84
CA LYS B 347 56.92 13.95 3.56
C LYS B 347 55.67 13.54 4.32
N SER B 348 55.16 14.45 5.14
CA SER B 348 53.89 14.22 5.80
C SER B 348 52.74 14.44 4.82
N ILE B 349 51.66 13.70 5.02
CA ILE B 349 50.51 13.73 4.12
C ILE B 349 49.31 14.26 4.89
N GLY B 350 48.74 15.36 4.42
CA GLY B 350 47.62 15.98 5.09
C GLY B 350 46.33 16.00 4.29
N GLU B 351 46.38 15.51 3.05
CA GLU B 351 45.22 15.55 2.17
C GLU B 351 44.96 14.15 1.62
N SER B 352 43.69 13.87 1.35
CA SER B 352 43.34 12.60 0.72
C SER B 352 43.82 12.60 -0.71
N VAL B 353 44.30 11.45 -1.17
CA VAL B 353 44.69 11.31 -2.57
C VAL B 353 43.80 10.21 -3.14
N PRO B 354 42.61 10.55 -3.64
CA PRO B 354 41.75 9.51 -4.19
C PRO B 354 42.12 9.11 -5.59
N GLU B 355 42.98 9.85 -6.23
CA GLU B 355 43.23 9.58 -7.62
C GLU B 355 44.73 9.41 -7.84
N PRO B 356 45.14 8.37 -8.57
CA PRO B 356 46.51 7.85 -8.43
C PRO B 356 47.61 8.71 -9.02
N ARG B 357 48.10 9.66 -8.24
CA ARG B 357 49.20 10.53 -8.65
C ARG B 357 50.37 10.38 -7.69
N ILE B 358 51.55 10.77 -8.16
CA ILE B 358 52.73 10.80 -7.30
C ILE B 358 52.74 12.09 -6.50
N ILE B 359 53.05 11.99 -5.21
CA ILE B 359 53.06 13.14 -4.31
C ILE B 359 54.51 13.54 -4.08
N MET B 360 54.72 14.82 -3.76
CA MET B 360 56.02 15.44 -3.59
C MET B 360 56.82 14.76 -2.50
N MET C 1 21.68 -29.66 23.60
CA MET C 1 21.12 -28.50 22.93
C MET C 1 19.72 -28.78 22.43
N LEU C 2 18.77 -27.95 22.83
CA LEU C 2 17.42 -28.03 22.33
C LEU C 2 17.11 -26.79 21.53
N LYS C 3 16.15 -26.91 20.61
CA LYS C 3 15.51 -25.75 20.04
C LYS C 3 14.01 -25.99 20.10
N ALA C 4 13.23 -24.99 19.71
CA ALA C 4 11.79 -25.09 19.84
C ALA C 4 11.12 -24.57 18.59
N VAL C 5 10.00 -25.19 18.23
CA VAL C 5 9.26 -24.85 17.03
C VAL C 5 7.87 -24.41 17.47
N ILE C 6 7.45 -23.23 17.05
CA ILE C 6 6.14 -22.69 17.40
C ILE C 6 5.34 -22.60 16.13
N LEU C 7 4.26 -23.37 16.04
CA LEU C 7 3.46 -23.41 14.83
C LEU C 7 2.44 -22.28 14.86
N ILE C 8 2.87 -21.10 14.43
CA ILE C 8 1.91 -20.04 14.23
C ILE C 8 1.15 -20.32 12.94
N GLY C 9 -0.07 -19.84 12.87
CA GLY C 9 -0.93 -20.23 11.78
C GLY C 9 -0.68 -19.40 10.55
N GLY C 10 -1.74 -19.22 9.78
CA GLY C 10 -1.74 -18.25 8.72
C GLY C 10 -2.99 -17.41 8.80
N PRO C 11 -3.21 -16.55 7.80
CA PRO C 11 -4.39 -15.67 7.87
C PRO C 11 -5.71 -16.38 7.65
N GLN C 12 -5.76 -17.28 6.67
CA GLN C 12 -7.04 -17.92 6.35
C GLN C 12 -7.40 -19.02 7.33
N LYS C 13 -6.42 -19.82 7.75
CA LYS C 13 -6.66 -21.03 8.53
C LYS C 13 -7.17 -20.77 9.94
N GLY C 14 -7.11 -19.53 10.42
CA GLY C 14 -7.65 -19.18 11.72
C GLY C 14 -9.14 -19.39 11.83
N THR C 15 -9.90 -18.67 10.99
CA THR C 15 -11.37 -18.60 11.03
C THR C 15 -11.84 -18.31 12.45
N ARG C 16 -11.52 -17.08 12.88
CA ARG C 16 -11.70 -16.69 14.26
C ARG C 16 -13.17 -16.73 14.63
N PHE C 17 -13.48 -17.46 15.69
CA PHE C 17 -14.86 -17.70 16.09
C PHE C 17 -15.54 -16.43 16.54
N ARG C 18 -14.76 -15.46 17.04
CA ARG C 18 -15.17 -14.07 17.12
C ARG C 18 -13.99 -13.25 16.61
N PRO C 19 -14.19 -12.42 15.60
CA PRO C 19 -13.04 -11.81 14.91
C PRO C 19 -12.38 -10.74 15.71
N LEU C 20 -11.45 -11.15 16.57
CA LEU C 20 -10.89 -10.23 17.54
C LEU C 20 -9.95 -9.22 16.87
N SER C 21 -9.09 -9.70 15.99
CA SER C 21 -7.98 -8.89 15.50
C SER C 21 -8.11 -8.80 13.99
N PHE C 22 -8.62 -7.67 13.51
CA PHE C 22 -8.91 -7.55 12.10
C PHE C 22 -7.66 -7.23 11.28
N GLU C 23 -6.66 -6.58 11.86
CA GLU C 23 -5.42 -6.34 11.12
C GLU C 23 -4.14 -6.74 11.82
N VAL C 24 -4.14 -6.98 13.12
CA VAL C 24 -2.96 -7.50 13.80
C VAL C 24 -3.02 -9.02 13.68
N PRO C 25 -1.93 -9.71 13.34
CA PRO C 25 -1.99 -11.16 13.22
C PRO C 25 -2.26 -11.82 14.56
N LYS C 26 -2.92 -12.97 14.51
CA LYS C 26 -3.36 -13.65 15.73
C LYS C 26 -2.25 -14.06 16.70
N PRO C 27 -1.05 -14.48 16.29
CA PRO C 27 -0.01 -14.68 17.32
C PRO C 27 0.45 -13.41 17.98
N LEU C 28 0.35 -12.27 17.32
CA LEU C 28 0.83 -11.03 17.89
C LEU C 28 -0.21 -10.28 18.69
N PHE C 29 -1.37 -10.87 18.91
CA PHE C 29 -2.38 -10.17 19.68
C PHE C 29 -2.03 -10.25 21.15
N PRO C 30 -1.97 -9.13 21.87
CA PRO C 30 -1.50 -9.14 23.26
C PRO C 30 -2.49 -9.77 24.22
N VAL C 31 -2.09 -10.90 24.80
CA VAL C 31 -2.84 -11.57 25.85
C VAL C 31 -2.11 -11.28 27.16
N ALA C 32 -2.80 -10.57 28.06
CA ALA C 32 -2.29 -10.17 29.38
C ALA C 32 -1.02 -9.34 29.28
N GLY C 33 -1.02 -8.39 28.35
CA GLY C 33 -0.01 -7.37 28.29
C GLY C 33 1.05 -7.58 27.25
N VAL C 34 1.51 -8.82 27.06
CA VAL C 34 2.54 -9.14 26.10
C VAL C 34 1.89 -9.95 25.00
N PRO C 35 2.49 -10.04 23.80
CA PRO C 35 1.89 -10.81 22.71
C PRO C 35 1.69 -12.28 23.06
N MET C 36 0.80 -12.92 22.30
CA MET C 36 0.32 -14.25 22.66
C MET C 36 1.43 -15.28 22.57
N ILE C 37 2.30 -15.18 21.56
CA ILE C 37 3.38 -16.14 21.45
C ILE C 37 4.57 -15.81 22.32
N GLN C 38 4.64 -14.60 22.87
CA GLN C 38 5.75 -14.23 23.75
C GLN C 38 5.75 -15.06 25.02
N HIS C 39 4.56 -15.40 25.55
CA HIS C 39 4.46 -16.33 26.67
C HIS C 39 5.08 -17.68 26.36
N HIS C 40 5.03 -18.09 25.10
CA HIS C 40 5.70 -19.31 24.70
C HIS C 40 7.20 -19.09 24.74
N ILE C 41 7.64 -17.99 24.13
CA ILE C 41 9.06 -17.74 23.89
C ILE C 41 9.80 -17.55 25.20
N GLU C 42 9.20 -16.76 26.11
CA GLU C 42 9.71 -16.60 27.46
C GLU C 42 9.89 -17.94 28.15
N ALA C 43 8.88 -18.79 28.08
CA ALA C 43 8.98 -20.09 28.72
C ALA C 43 10.05 -20.94 28.06
N CYS C 44 10.17 -20.82 26.73
CA CYS C 44 11.22 -21.54 26.04
C CYS C 44 12.59 -20.96 26.33
N ALA C 45 12.65 -19.71 26.81
CA ALA C 45 13.93 -19.17 27.22
C ALA C 45 14.40 -19.76 28.53
N GLN C 46 13.49 -20.22 29.39
CA GLN C 46 13.92 -20.65 30.71
C GLN C 46 14.45 -22.08 30.71
N VAL C 47 14.25 -22.81 29.62
CA VAL C 47 14.73 -24.19 29.54
C VAL C 47 16.25 -24.17 29.32
N PRO C 48 17.02 -24.94 30.09
CA PRO C 48 18.48 -24.90 29.94
C PRO C 48 18.95 -25.54 28.64
N GLY C 49 19.94 -24.91 28.03
CA GLY C 49 20.46 -25.39 26.77
C GLY C 49 19.55 -25.16 25.59
N MET C 50 18.78 -24.08 25.60
CA MET C 50 17.89 -23.77 24.49
C MET C 50 18.63 -22.87 23.52
N GLN C 51 18.75 -23.31 22.27
CA GLN C 51 19.53 -22.55 21.30
C GLN C 51 18.66 -21.60 20.50
N GLU C 52 17.64 -22.10 19.83
CA GLU C 52 16.92 -21.33 18.82
C GLU C 52 15.42 -21.45 19.03
N ILE C 53 14.68 -20.54 18.41
CA ILE C 53 13.23 -20.63 18.35
C ILE C 53 12.79 -20.37 16.91
N LEU C 54 12.08 -21.32 16.33
CA LEU C 54 11.61 -21.23 14.96
C LEU C 54 10.10 -21.06 14.95
N LEU C 55 9.62 -20.07 14.22
CA LEU C 55 8.19 -19.85 14.05
C LEU C 55 7.82 -20.25 12.63
N ILE C 56 7.03 -21.29 12.48
CA ILE C 56 6.69 -21.84 11.18
C ILE C 56 5.28 -21.42 10.84
N GLY C 57 5.12 -20.63 9.78
CA GLY C 57 3.76 -20.29 9.40
C GLY C 57 3.73 -19.43 8.16
N PHE C 58 2.55 -19.35 7.56
CA PHE C 58 2.43 -18.75 6.23
C PHE C 58 1.85 -17.36 6.23
N TYR C 59 2.07 -16.59 7.30
CA TYR C 59 1.88 -15.15 7.20
C TYR C 59 2.97 -14.58 6.33
N GLN C 60 2.63 -13.59 5.52
CA GLN C 60 3.68 -12.88 4.81
C GLN C 60 4.47 -12.04 5.80
N PRO C 61 5.79 -11.92 5.63
CA PRO C 61 6.55 -11.12 6.59
C PRO C 61 6.36 -9.65 6.31
N ASP C 62 5.78 -8.95 7.26
CA ASP C 62 5.73 -7.50 7.20
C ASP C 62 5.96 -6.94 8.59
N GLU C 63 5.80 -5.63 8.69
CA GLU C 63 6.33 -4.82 9.79
C GLU C 63 5.98 -5.24 11.22
N PRO C 64 4.73 -5.61 11.59
CA PRO C 64 4.50 -5.99 13.00
C PRO C 64 5.19 -7.28 13.39
N LEU C 65 5.19 -8.27 12.49
CA LEU C 65 5.84 -9.54 12.77
C LEU C 65 7.34 -9.39 12.92
N THR C 66 7.99 -8.72 11.96
CA THR C 66 9.44 -8.62 12.02
C THR C 66 9.90 -7.66 13.11
N GLN C 67 9.08 -6.66 13.46
CA GLN C 67 9.40 -5.81 14.60
C GLN C 67 9.33 -6.60 15.90
N PHE C 68 8.33 -7.48 16.02
CA PHE C 68 8.26 -8.35 17.19
C PHE C 68 9.45 -9.30 17.25
N LEU C 69 9.89 -9.78 16.08
CA LEU C 69 11.02 -10.69 16.04
C LEU C 69 12.30 -10.02 16.52
N GLU C 70 12.56 -8.80 16.05
CA GLU C 70 13.75 -8.07 16.51
C GLU C 70 13.70 -7.77 18.00
N ALA C 71 12.52 -7.34 18.49
CA ALA C 71 12.36 -7.02 19.91
C ALA C 71 12.54 -8.26 20.78
N ALA C 72 11.98 -9.40 20.37
CA ALA C 72 12.11 -10.60 21.17
C ALA C 72 13.53 -11.19 21.09
N GLN C 73 14.19 -11.05 19.93
CA GLN C 73 15.56 -11.50 19.79
C GLN C 73 16.48 -10.76 20.74
N GLN C 74 16.36 -9.43 20.79
CA GLN C 74 17.22 -8.69 21.69
C GLN C 74 16.76 -8.74 23.14
N GLU C 75 15.50 -9.10 23.40
CA GLU C 75 15.05 -9.15 24.78
C GLU C 75 15.43 -10.46 25.46
N PHE C 76 15.27 -11.59 24.77
CA PHE C 76 15.46 -12.87 25.44
C PHE C 76 16.84 -13.48 25.18
N ASN C 77 17.72 -12.79 24.45
CA ASN C 77 19.07 -13.25 24.10
C ASN C 77 19.04 -14.60 23.39
N LEU C 78 18.13 -14.74 22.43
CA LEU C 78 17.93 -15.95 21.68
C LEU C 78 17.74 -15.61 20.21
N PRO C 79 18.21 -16.46 19.30
CA PRO C 79 17.85 -16.29 17.90
C PRO C 79 16.45 -16.80 17.63
N VAL C 80 15.58 -15.90 17.18
CA VAL C 80 14.20 -16.20 16.84
C VAL C 80 14.04 -16.01 15.35
N ARG C 81 13.81 -17.09 14.63
CA ARG C 81 13.69 -17.05 13.18
C ARG C 81 12.27 -17.35 12.76
N TYR C 82 11.87 -16.76 11.65
CA TYR C 82 10.56 -17.02 11.07
C TYR C 82 10.76 -17.79 9.78
N LEU C 83 10.30 -19.03 9.75
CA LEU C 83 10.30 -19.83 8.54
C LEU C 83 8.90 -19.85 7.96
N GLN C 84 8.79 -19.53 6.69
CA GLN C 84 7.52 -19.29 6.04
C GLN C 84 7.27 -20.36 5.00
N GLU C 85 6.19 -21.11 5.16
CA GLU C 85 5.83 -22.08 4.15
C GLU C 85 5.32 -21.36 2.90
N PHE C 86 5.51 -22.00 1.75
CA PHE C 86 5.07 -21.42 0.51
C PHE C 86 3.56 -21.52 0.35
N ALA C 87 2.96 -22.55 0.94
CA ALA C 87 1.54 -22.82 0.89
C ALA C 87 1.17 -23.34 2.27
N PRO C 88 -0.11 -23.32 2.62
CA PRO C 88 -0.52 -24.01 3.85
C PRO C 88 -0.29 -25.51 3.77
N LEU C 89 0.70 -25.99 4.52
CA LEU C 89 1.12 -27.38 4.46
C LEU C 89 0.57 -28.20 5.61
N GLY C 90 -0.17 -27.60 6.51
CA GLY C 90 -0.68 -28.35 7.63
C GLY C 90 0.37 -28.53 8.71
N THR C 91 -0.11 -29.09 9.81
CA THR C 91 0.58 -29.04 11.09
C THR C 91 1.88 -29.82 11.07
N GLY C 92 1.91 -30.94 10.36
CA GLY C 92 3.11 -31.75 10.31
C GLY C 92 3.89 -31.52 9.04
N GLY C 93 3.22 -31.04 8.01
CA GLY C 93 3.89 -30.70 6.77
C GLY C 93 4.82 -29.52 6.93
N GLY C 94 4.50 -28.60 7.84
CA GLY C 94 5.44 -27.55 8.16
C GLY C 94 6.72 -28.08 8.79
N LEU C 95 6.60 -29.08 9.65
CA LEU C 95 7.78 -29.66 10.29
C LEU C 95 8.57 -30.54 9.35
N TYR C 96 7.92 -31.13 8.36
CA TYR C 96 8.65 -31.95 7.43
C TYR C 96 9.36 -31.12 6.37
N HIS C 97 8.70 -30.07 5.88
CA HIS C 97 9.28 -29.26 4.81
C HIS C 97 10.48 -28.47 5.27
N PHE C 98 10.48 -28.01 6.52
CA PHE C 98 11.61 -27.29 7.10
C PHE C 98 12.45 -28.17 7.99
N ARG C 99 12.62 -29.45 7.66
CA ARG C 99 13.34 -30.34 8.56
C ARG C 99 14.83 -30.09 8.58
N ASP C 100 15.40 -29.52 7.51
CA ASP C 100 16.84 -29.26 7.50
C ASP C 100 17.19 -28.10 8.42
N GLN C 101 16.31 -27.11 8.50
CA GLN C 101 16.53 -25.99 9.40
C GLN C 101 16.27 -26.37 10.84
N ILE C 102 15.40 -27.35 11.07
CA ILE C 102 15.11 -27.81 12.42
C ILE C 102 16.25 -28.67 12.94
N LEU C 103 16.73 -29.61 12.14
CA LEU C 103 17.77 -30.51 12.60
C LEU C 103 19.17 -29.93 12.52
N ALA C 104 19.32 -28.69 12.05
CA ALA C 104 20.64 -28.07 11.94
C ALA C 104 21.20 -27.78 13.32
N GLY C 105 22.43 -28.22 13.57
CA GLY C 105 23.02 -28.16 14.87
C GLY C 105 22.88 -29.43 15.67
N SER C 106 22.16 -30.43 15.14
CA SER C 106 21.82 -31.71 15.75
C SER C 106 21.23 -31.56 17.15
N PRO C 107 20.00 -31.07 17.29
CA PRO C 107 19.39 -30.99 18.62
C PRO C 107 19.10 -32.37 19.16
N GLU C 108 19.09 -32.49 20.48
CA GLU C 108 18.83 -33.79 21.08
C GLU C 108 17.34 -34.07 21.24
N ALA C 109 16.50 -33.03 21.20
CA ALA C 109 15.04 -33.07 21.20
C ALA C 109 14.55 -31.67 20.94
N PHE C 110 13.42 -31.54 20.26
CA PHE C 110 12.88 -30.22 20.04
C PHE C 110 11.40 -30.15 20.39
N PHE C 111 11.01 -29.03 20.99
CA PHE C 111 9.63 -28.80 21.39
C PHE C 111 8.82 -28.28 20.23
N VAL C 112 7.57 -28.72 20.13
CA VAL C 112 6.62 -28.21 19.17
C VAL C 112 5.47 -27.60 19.95
N LEU C 113 5.04 -26.41 19.60
CA LEU C 113 3.99 -25.74 20.35
C LEU C 113 2.93 -25.17 19.41
N ASN C 114 1.67 -25.43 19.72
CA ASN C 114 0.59 -24.68 19.11
C ASN C 114 0.69 -23.24 19.58
N ALA C 115 0.41 -22.29 18.69
CA ALA C 115 0.55 -20.90 19.08
C ALA C 115 -0.68 -20.35 19.77
N ASP C 116 -1.81 -21.06 19.73
CA ASP C 116 -3.01 -20.51 20.32
C ASP C 116 -3.26 -20.97 21.74
N VAL C 117 -2.42 -21.81 22.30
CA VAL C 117 -2.66 -22.26 23.67
C VAL C 117 -2.10 -21.25 24.66
N CYS C 118 -2.85 -21.03 25.73
CA CYS C 118 -2.40 -20.38 26.94
C CYS C 118 -2.24 -21.46 27.98
N SER C 119 -1.02 -21.64 28.46
CA SER C 119 -0.75 -22.80 29.29
C SER C 119 0.27 -22.46 30.35
N ASP C 120 0.50 -23.43 31.22
CA ASP C 120 1.53 -23.35 32.22
C ASP C 120 2.92 -23.36 31.59
N PHE C 121 3.04 -24.04 30.45
CA PHE C 121 4.26 -24.41 29.74
C PHE C 121 5.24 -25.08 30.69
N PRO C 122 4.99 -26.31 31.10
CA PRO C 122 5.93 -27.02 31.97
C PRO C 122 6.91 -27.81 31.11
N LEU C 123 7.82 -27.08 30.47
CA LEU C 123 8.71 -27.71 29.50
C LEU C 123 9.79 -28.53 30.17
N SER C 124 10.23 -28.12 31.36
CA SER C 124 11.31 -28.84 32.05
C SER C 124 10.82 -30.17 32.61
N ALA C 125 9.57 -30.22 33.07
CA ALA C 125 9.03 -31.48 33.57
C ALA C 125 8.85 -32.50 32.46
N MET C 126 8.37 -32.03 31.31
CA MET C 126 8.31 -32.86 30.11
C MET C 126 9.69 -33.33 29.69
N LEU C 127 10.70 -32.47 29.85
CA LEU C 127 12.05 -32.85 29.48
C LEU C 127 12.62 -33.93 30.38
N GLU C 128 12.34 -33.86 31.68
CA GLU C 128 12.82 -34.90 32.59
C GLU C 128 12.11 -36.22 32.35
N ALA C 129 10.78 -36.19 32.19
CA ALA C 129 10.03 -37.41 31.92
C ALA C 129 10.34 -37.98 30.54
N HIS C 130 10.85 -37.15 29.63
CA HIS C 130 11.34 -37.67 28.36
C HIS C 130 12.71 -38.31 28.51
N ARG C 131 13.62 -37.66 29.22
CA ARG C 131 14.99 -38.16 29.37
C ARG C 131 15.04 -39.47 30.13
N ARG C 132 14.03 -39.77 30.94
CA ARG C 132 14.04 -41.05 31.65
C ARG C 132 13.75 -42.23 30.73
N GLN C 133 12.94 -42.03 29.68
CA GLN C 133 12.57 -43.14 28.82
C GLN C 133 13.04 -42.99 27.37
N ARG C 134 13.25 -41.76 26.89
CA ARG C 134 13.83 -41.46 25.57
C ARG C 134 13.01 -42.04 24.42
N HIS C 135 11.79 -41.55 24.30
CA HIS C 135 10.86 -42.02 23.29
C HIS C 135 10.55 -40.92 22.29
N PRO C 136 10.11 -41.27 21.05
CA PRO C 136 9.96 -40.25 20.00
C PRO C 136 8.96 -39.14 20.23
N PHE C 137 7.69 -39.45 20.49
CA PHE C 137 6.65 -38.43 20.65
C PHE C 137 6.17 -38.38 22.07
N LEU C 138 6.20 -37.20 22.68
CA LEU C 138 5.67 -36.99 24.01
C LEU C 138 4.60 -35.90 23.95
N LEU C 139 3.41 -36.20 24.44
CA LEU C 139 2.25 -35.35 24.28
C LEU C 139 1.81 -34.85 25.64
N LEU C 140 1.73 -33.54 25.81
CA LEU C 140 1.13 -33.02 27.03
C LEU C 140 -0.37 -33.19 26.93
N GLY C 141 -0.97 -33.73 27.98
CA GLY C 141 -2.41 -33.97 27.99
C GLY C 141 -3.00 -33.62 29.32
N THR C 142 -4.24 -33.13 29.28
CA THR C 142 -4.95 -32.80 30.51
C THR C 142 -6.30 -33.46 30.56
N THR C 143 -6.90 -33.45 31.74
CA THR C 143 -8.26 -33.95 31.90
C THR C 143 -9.25 -32.87 31.47
N ALA C 144 -10.38 -33.32 30.90
CA ALA C 144 -11.40 -32.41 30.42
C ALA C 144 -12.77 -32.97 30.74
N ASN C 145 -13.79 -32.16 30.47
CA ASN C 145 -15.17 -32.56 30.68
C ASN C 145 -15.56 -33.65 29.69
N ARG C 146 -16.65 -34.33 30.00
CA ARG C 146 -17.11 -35.42 29.14
C ARG C 146 -17.78 -34.89 27.89
N THR C 147 -18.54 -33.81 28.00
CA THR C 147 -19.18 -33.23 26.82
C THR C 147 -18.30 -32.21 26.12
N GLN C 148 -17.33 -31.63 26.82
CA GLN C 148 -16.44 -30.65 26.21
C GLN C 148 -15.24 -31.27 25.54
N SER C 149 -15.02 -32.57 25.73
CA SER C 149 -13.87 -33.21 25.11
C SER C 149 -14.08 -33.50 23.63
N LEU C 150 -15.31 -33.39 23.13
CA LEU C 150 -15.55 -33.64 21.72
C LEU C 150 -14.99 -32.53 20.83
N ASN C 151 -14.69 -31.36 21.40
CA ASN C 151 -14.07 -30.30 20.60
C ASN C 151 -12.58 -30.54 20.46
N TYR C 152 -11.95 -31.14 21.46
CA TYR C 152 -10.53 -31.39 21.45
C TYR C 152 -10.24 -32.76 20.88
N GLY C 153 -8.96 -33.08 20.75
CA GLY C 153 -8.58 -34.41 20.31
C GLY C 153 -8.34 -35.33 21.49
N CYS C 154 -9.05 -36.45 21.55
CA CYS C 154 -9.01 -37.29 22.73
C CYS C 154 -7.98 -38.39 22.64
N ILE C 155 -7.48 -38.79 23.81
CA ILE C 155 -6.30 -39.63 24.00
C ILE C 155 -6.65 -40.75 24.96
N VAL C 156 -6.47 -42.00 24.54
CA VAL C 156 -6.68 -43.16 25.40
C VAL C 156 -5.33 -43.64 25.91
N GLU C 157 -5.15 -43.64 27.22
CA GLU C 157 -3.85 -43.86 27.83
C GLU C 157 -3.86 -45.13 28.66
N ASN C 158 -2.78 -45.90 28.56
CA ASN C 158 -2.48 -46.93 29.55
C ASN C 158 -1.91 -46.27 30.79
N PRO C 159 -2.45 -46.52 31.97
CA PRO C 159 -1.97 -45.81 33.16
C PRO C 159 -0.62 -46.27 33.64
N GLN C 160 -0.25 -47.52 33.37
CA GLN C 160 0.99 -48.05 33.93
C GLN C 160 2.20 -47.62 33.11
N THR C 161 2.13 -47.72 31.79
CA THR C 161 3.27 -47.43 30.94
C THR C 161 3.20 -46.07 30.27
N HIS C 162 2.10 -45.32 30.47
CA HIS C 162 1.90 -43.96 29.99
C HIS C 162 1.95 -43.86 28.46
N GLU C 163 1.43 -44.87 27.78
CA GLU C 163 1.45 -44.93 26.32
C GLU C 163 0.04 -44.72 25.77
N VAL C 164 -0.05 -43.96 24.68
CA VAL C 164 -1.31 -43.87 23.94
C VAL C 164 -1.60 -45.22 23.30
N LEU C 165 -2.84 -45.67 23.40
CA LEU C 165 -3.29 -46.80 22.63
C LEU C 165 -4.29 -46.42 21.55
N HIS C 166 -4.92 -45.26 21.67
CA HIS C 166 -5.89 -44.83 20.68
C HIS C 166 -6.05 -43.32 20.74
N TYR C 167 -5.73 -42.65 19.65
CA TYR C 167 -5.91 -41.22 19.51
C TYR C 167 -7.00 -40.99 18.49
N VAL C 168 -8.01 -40.19 18.85
CA VAL C 168 -9.04 -39.81 17.90
C VAL C 168 -9.10 -38.29 17.88
N GLU C 169 -9.19 -37.70 16.69
CA GLU C 169 -9.16 -36.25 16.54
C GLU C 169 -10.58 -35.71 16.41
N LYS C 170 -11.01 -34.97 17.44
CA LYS C 170 -12.32 -34.35 17.51
C LYS C 170 -13.48 -35.31 17.26
N PRO C 171 -13.73 -36.26 18.15
CA PRO C 171 -14.70 -37.29 17.86
C PRO C 171 -16.12 -36.86 18.19
N SER C 172 -17.07 -37.44 17.48
CA SER C 172 -18.47 -37.18 17.79
C SER C 172 -18.88 -37.90 19.06
N THR C 173 -18.66 -39.21 19.12
CA THR C 173 -18.93 -39.95 20.33
C THR C 173 -17.87 -39.66 21.38
N PHE C 174 -18.15 -40.08 22.61
CA PHE C 174 -17.17 -39.95 23.68
C PHE C 174 -16.05 -40.98 23.50
N ILE C 175 -14.82 -40.55 23.71
CA ILE C 175 -13.68 -41.45 23.56
C ILE C 175 -12.92 -41.56 24.87
N SER C 176 -12.46 -40.44 25.41
CA SER C 176 -11.70 -40.49 26.65
C SER C 176 -11.80 -39.17 27.38
N ASP C 177 -11.34 -39.19 28.63
CA ASP C 177 -11.36 -38.03 29.52
C ASP C 177 -10.10 -37.18 29.41
N ILE C 178 -9.12 -37.61 28.64
CA ILE C 178 -7.87 -36.87 28.49
C ILE C 178 -7.83 -36.27 27.10
N ILE C 179 -7.33 -35.04 27.01
CA ILE C 179 -7.27 -34.32 25.75
C ILE C 179 -5.83 -33.88 25.51
N ASN C 180 -5.55 -33.62 24.24
CA ASN C 180 -4.25 -33.16 23.79
C ASN C 180 -4.10 -31.68 24.07
N CYS C 181 -2.96 -31.29 24.64
CA CYS C 181 -2.76 -29.88 24.93
C CYS C 181 -2.35 -29.09 23.71
N GLY C 182 -1.63 -29.70 22.78
CA GLY C 182 -1.00 -28.95 21.74
C GLY C 182 0.44 -28.59 22.04
N ILE C 183 1.01 -29.16 23.09
CA ILE C 183 2.44 -29.02 23.40
C ILE C 183 3.07 -30.38 23.23
N TYR C 184 4.06 -30.47 22.36
CA TYR C 184 4.67 -31.74 22.01
C TYR C 184 6.17 -31.67 22.24
N LEU C 185 6.75 -32.85 22.45
CA LEU C 185 8.18 -33.02 22.52
C LEU C 185 8.58 -34.06 21.51
N PHE C 186 9.52 -33.73 20.63
CA PHE C 186 9.90 -34.56 19.51
C PHE C 186 11.34 -35.00 19.68
N SER C 187 11.62 -36.23 19.31
CA SER C 187 12.99 -36.73 19.23
C SER C 187 13.59 -36.32 17.88
N PRO C 188 14.90 -36.47 17.68
CA PRO C 188 15.41 -36.28 16.32
C PRO C 188 14.96 -37.36 15.36
N GLU C 189 14.60 -38.52 15.85
CA GLU C 189 14.07 -39.59 15.00
C GLU C 189 12.57 -39.48 14.82
N ALA C 190 11.93 -38.51 15.47
CA ALA C 190 10.50 -38.30 15.31
C ALA C 190 10.14 -37.76 13.94
N LEU C 191 11.11 -37.22 13.20
CA LEU C 191 10.87 -36.86 11.81
C LEU C 191 10.92 -38.05 10.88
N LYS C 192 11.35 -39.21 11.37
CA LYS C 192 11.36 -40.38 10.51
C LYS C 192 9.97 -40.95 10.20
N PRO C 193 9.00 -41.03 11.13
CA PRO C 193 7.66 -41.46 10.70
C PRO C 193 6.95 -40.45 9.82
N LEU C 194 7.22 -39.14 9.99
CA LEU C 194 6.57 -38.10 9.19
C LEU C 194 6.85 -38.29 7.71
N ARG C 195 8.10 -38.67 7.38
CA ARG C 195 8.50 -38.92 6.01
C ARG C 195 7.66 -40.01 5.38
N ASP C 196 7.32 -41.04 6.16
CA ASP C 196 6.50 -42.13 5.65
C ASP C 196 5.15 -41.61 5.16
N VAL C 197 4.58 -40.66 5.91
CA VAL C 197 3.29 -40.09 5.54
C VAL C 197 3.41 -39.34 4.22
N PHE C 198 4.53 -38.64 4.03
CA PHE C 198 4.77 -37.93 2.78
C PHE C 198 4.85 -38.90 1.62
N GLN C 199 5.52 -40.04 1.82
CA GLN C 199 5.61 -41.03 0.75
C GLN C 199 4.24 -41.63 0.47
N ARG C 200 3.43 -41.77 1.50
CA ARG C 200 2.09 -42.32 1.30
C ARG C 200 1.20 -41.36 0.54
N ASN C 201 1.53 -40.07 0.52
CA ASN C 201 0.72 -39.17 -0.26
C ASN C 201 1.13 -39.17 -1.73
N GLN C 202 2.34 -39.62 -2.04
CA GLN C 202 2.75 -39.57 -3.44
C GLN C 202 2.20 -40.75 -4.24
N GLN C 203 1.76 -41.80 -3.55
CA GLN C 203 1.13 -42.94 -4.20
C GLN C 203 -0.38 -42.93 -3.95
N ALA C 217 -0.70 -31.25 -2.43
CA ALA C 217 0.34 -30.23 -2.41
C ALA C 217 1.42 -30.57 -1.39
N GLY C 218 1.50 -31.84 -1.02
CA GLY C 218 2.41 -32.27 0.04
C GLY C 218 2.01 -31.79 1.42
N THR C 219 0.75 -31.93 1.78
CA THR C 219 0.19 -31.37 3.01
C THR C 219 -0.08 -32.48 3.99
N ILE C 220 0.54 -32.41 5.16
CA ILE C 220 0.43 -33.44 6.19
C ILE C 220 -0.23 -32.83 7.41
N ARG C 221 -1.42 -33.31 7.74
CA ARG C 221 -2.00 -33.00 9.03
C ARG C 221 -1.33 -33.88 10.07
N LEU C 222 -0.79 -33.26 11.12
CA LEU C 222 0.01 -34.00 12.09
C LEU C 222 -0.86 -34.93 12.92
N GLU C 223 -1.94 -34.39 13.50
CA GLU C 223 -2.74 -35.13 14.46
C GLU C 223 -3.53 -36.26 13.80
N GLN C 224 -4.02 -36.04 12.59
CA GLN C 224 -4.85 -37.04 11.94
C GLN C 224 -4.04 -38.13 11.27
N ASP C 225 -2.84 -37.84 10.78
CA ASP C 225 -2.04 -38.85 10.10
C ASP C 225 -1.06 -39.52 11.05
N VAL C 226 -0.14 -38.73 11.63
CA VAL C 226 0.97 -39.30 12.38
C VAL C 226 0.48 -39.91 13.68
N PHE C 227 -0.33 -39.16 14.43
CA PHE C 227 -0.74 -39.59 15.76
C PHE C 227 -1.80 -40.67 15.71
N SER C 228 -2.72 -40.59 14.75
CA SER C 228 -3.72 -41.62 14.62
C SER C 228 -3.21 -42.85 13.88
N ALA C 229 -2.03 -42.79 13.26
CA ALA C 229 -1.46 -44.00 12.69
C ALA C 229 -0.53 -44.71 13.65
N LEU C 230 0.32 -43.98 14.35
CA LEU C 230 1.31 -44.59 15.24
C LEU C 230 0.75 -44.94 16.60
N ALA C 231 -0.54 -44.78 16.82
CA ALA C 231 -1.10 -44.97 18.16
C ALA C 231 -1.17 -46.45 18.50
N GLY C 232 -0.67 -46.79 19.68
CA GLY C 232 -0.68 -48.16 20.15
C GLY C 232 0.49 -49.00 19.69
N GLN C 233 1.50 -48.38 19.07
CA GLN C 233 2.66 -49.11 18.60
C GLN C 233 3.91 -48.81 19.41
N GLY C 234 3.77 -48.10 20.52
CA GLY C 234 4.91 -47.77 21.36
C GLY C 234 5.65 -46.52 20.95
N GLN C 235 5.13 -45.75 19.99
CA GLN C 235 5.82 -44.55 19.55
C GLN C 235 5.42 -43.33 20.37
N ILE C 236 4.14 -43.19 20.70
CA ILE C 236 3.63 -41.99 21.34
C ILE C 236 3.38 -42.26 22.81
N TYR C 237 3.78 -41.31 23.67
CA TYR C 237 3.56 -41.41 25.09
C TYR C 237 2.94 -40.11 25.59
N VAL C 238 2.20 -40.19 26.70
CA VAL C 238 1.48 -39.04 27.26
C VAL C 238 2.22 -38.56 28.49
N HIS C 239 2.07 -37.28 28.79
CA HIS C 239 2.47 -36.69 30.05
C HIS C 239 1.29 -35.90 30.58
N LEU C 240 0.81 -36.27 31.77
CA LEU C 240 -0.39 -35.68 32.34
C LEU C 240 -0.02 -34.56 33.29
N THR C 241 -0.61 -33.39 33.09
CA THR C 241 -0.39 -32.25 33.97
C THR C 241 -1.71 -31.74 34.51
N ASP C 242 -1.62 -30.88 35.51
CA ASP C 242 -2.79 -30.32 36.17
C ASP C 242 -2.79 -28.79 36.13
N GLY C 243 -1.81 -28.18 35.49
CA GLY C 243 -1.71 -26.74 35.45
C GLY C 243 -2.75 -26.13 34.54
N ILE C 244 -2.68 -24.80 34.43
CA ILE C 244 -3.71 -24.05 33.71
C ILE C 244 -3.55 -24.27 32.21
N TRP C 245 -4.67 -24.41 31.51
CA TRP C 245 -4.64 -24.56 30.08
C TRP C 245 -5.97 -24.11 29.49
N SER C 246 -5.89 -23.25 28.48
CA SER C 246 -7.03 -22.93 27.65
C SER C 246 -6.49 -22.63 26.28
N GLN C 247 -7.33 -22.70 25.26
CA GLN C 247 -6.86 -22.41 23.92
C GLN C 247 -7.52 -21.14 23.41
N ILE C 248 -6.73 -20.25 22.86
CA ILE C 248 -7.20 -18.93 22.45
C ILE C 248 -7.71 -19.11 21.03
N LYS C 249 -8.95 -19.54 20.92
CA LYS C 249 -9.57 -19.66 19.61
C LYS C 249 -10.40 -18.43 19.25
N SER C 250 -11.10 -17.85 20.22
CA SER C 250 -11.93 -16.68 19.95
C SER C 250 -11.66 -15.59 20.97
N ALA C 251 -12.51 -14.58 20.99
CA ALA C 251 -12.29 -13.42 21.84
C ALA C 251 -12.57 -13.72 23.30
N GLY C 252 -13.62 -14.48 23.57
CA GLY C 252 -13.95 -14.81 24.96
C GLY C 252 -12.89 -15.66 25.62
N SER C 253 -12.33 -16.60 24.88
CA SER C 253 -11.21 -17.36 25.42
C SER C 253 -9.93 -16.54 25.48
N ALA C 254 -9.82 -15.46 24.71
CA ALA C 254 -8.68 -14.57 24.89
C ALA C 254 -8.81 -13.80 26.20
N LEU C 255 -10.01 -13.36 26.55
CA LEU C 255 -10.21 -12.72 27.85
C LEU C 255 -9.98 -13.70 28.98
N TYR C 256 -10.44 -14.94 28.81
CA TYR C 256 -10.23 -15.96 29.84
C TYR C 256 -8.76 -16.35 29.95
N ALA C 257 -8.04 -16.35 28.84
CA ALA C 257 -6.61 -16.64 28.89
C ALA C 257 -5.84 -15.51 29.51
N SER C 258 -6.25 -14.26 29.26
CA SER C 258 -5.65 -13.14 29.94
C SER C 258 -5.90 -13.21 31.43
N ARG C 259 -7.09 -13.67 31.84
CA ARG C 259 -7.36 -13.83 33.26
C ARG C 259 -6.49 -14.91 33.88
N LEU C 260 -6.33 -16.04 33.19
CA LEU C 260 -5.48 -17.13 33.67
C LEU C 260 -4.03 -16.68 33.80
N TYR C 261 -3.54 -15.93 32.83
CA TYR C 261 -2.16 -15.46 32.88
C TYR C 261 -1.96 -14.42 33.96
N LEU C 262 -2.93 -13.53 34.15
CA LEU C 262 -2.79 -12.52 35.19
C LEU C 262 -2.88 -13.14 36.58
N SER C 263 -3.66 -14.20 36.74
CA SER C 263 -3.66 -14.88 38.03
C SER C 263 -2.40 -15.72 38.22
N ARG C 264 -1.80 -16.18 37.14
CA ARG C 264 -0.56 -16.94 37.23
C ARG C 264 0.66 -16.04 37.39
N TYR C 265 0.53 -14.75 37.12
CA TYR C 265 1.69 -13.85 37.11
C TYR C 265 2.33 -13.70 38.47
N GLN C 266 1.60 -13.92 39.55
CA GLN C 266 2.12 -13.61 40.89
C GLN C 266 3.26 -14.54 41.29
N ASP C 267 3.34 -15.73 40.69
CA ASP C 267 4.50 -16.57 40.92
C ASP C 267 5.66 -16.16 40.04
N THR C 268 5.44 -16.05 38.73
CA THR C 268 6.56 -15.84 37.82
C THR C 268 6.99 -14.38 37.77
N HIS C 269 6.06 -13.44 37.60
CA HIS C 269 6.39 -12.02 37.46
C HIS C 269 5.57 -11.21 38.44
N PRO C 270 6.01 -11.08 39.69
CA PRO C 270 5.23 -10.31 40.67
C PRO C 270 5.29 -8.82 40.45
N GLU C 271 6.20 -8.34 39.62
CA GLU C 271 6.36 -6.93 39.37
C GLU C 271 5.45 -6.42 38.27
N ARG C 272 4.84 -7.32 37.49
CA ARG C 272 4.04 -6.90 36.36
C ARG C 272 2.65 -6.42 36.77
N LEU C 273 2.06 -7.04 37.78
CA LEU C 273 0.74 -6.64 38.24
C LEU C 273 0.84 -5.29 38.95
N ALA C 274 -0.18 -4.46 38.75
CA ALA C 274 -0.16 -3.15 39.36
C ALA C 274 -0.53 -3.27 40.82
N LYS C 275 0.13 -2.49 41.67
CA LYS C 275 -0.14 -2.45 43.09
C LYS C 275 -1.37 -1.57 43.35
N HIS C 276 -1.78 -1.53 44.62
CA HIS C 276 -2.99 -0.80 44.98
C HIS C 276 -2.78 0.71 44.87
N THR C 277 -1.61 1.20 45.32
CA THR C 277 -1.04 2.53 45.07
C THR C 277 -1.99 3.66 45.41
N PRO C 278 -2.17 4.00 46.70
CA PRO C 278 -3.16 5.02 47.08
C PRO C 278 -2.90 6.41 46.51
N GLY C 279 -1.66 6.71 46.12
CA GLY C 279 -1.41 7.94 45.39
C GLY C 279 -1.86 7.87 43.94
N GLY C 280 -1.89 6.67 43.37
CA GLY C 280 -2.27 6.49 41.98
C GLY C 280 -3.70 6.01 41.83
N PRO C 281 -3.97 5.28 40.74
CA PRO C 281 -5.34 4.84 40.48
C PRO C 281 -5.74 3.70 41.40
N TRP C 282 -7.06 3.56 41.58
CA TRP C 282 -7.60 2.52 42.43
C TRP C 282 -7.61 1.21 41.65
N ILE C 283 -7.24 0.12 42.30
CA ILE C 283 -7.04 -1.14 41.60
C ILE C 283 -7.56 -2.28 42.47
N ARG C 284 -8.49 -3.06 41.94
CA ARG C 284 -8.95 -4.28 42.58
C ARG C 284 -8.77 -5.46 41.63
N GLY C 285 -8.54 -6.63 42.19
CA GLY C 285 -8.24 -7.76 41.34
C GLY C 285 -6.84 -7.67 40.76
N ASN C 286 -6.60 -8.45 39.71
CA ASN C 286 -5.32 -8.47 39.04
C ASN C 286 -5.38 -7.57 37.81
N VAL C 287 -4.56 -6.53 37.79
CA VAL C 287 -4.54 -5.56 36.70
C VAL C 287 -3.12 -5.45 36.19
N TYR C 288 -2.94 -5.50 34.87
CA TYR C 288 -1.69 -5.13 34.25
C TYR C 288 -1.83 -3.71 33.72
N ILE C 289 -0.83 -2.87 33.97
CA ILE C 289 -0.79 -1.52 33.41
C ILE C 289 0.59 -1.29 32.82
N HIS C 290 0.63 -0.92 31.54
CA HIS C 290 1.89 -0.58 30.90
C HIS C 290 2.43 0.71 31.50
N PRO C 291 3.76 0.87 31.54
CA PRO C 291 4.33 2.12 32.07
C PRO C 291 3.98 3.37 31.27
N THR C 292 3.83 3.26 29.96
CA THR C 292 3.48 4.43 29.15
C THR C 292 2.05 4.86 29.37
N ALA C 293 1.19 3.95 29.83
CA ALA C 293 -0.23 4.23 29.97
C ALA C 293 -0.48 5.22 31.09
N LYS C 294 -1.23 6.27 30.78
CA LYS C 294 -1.54 7.33 31.72
C LYS C 294 -2.96 7.13 32.23
N VAL C 295 -3.09 6.90 33.53
CA VAL C 295 -4.38 6.65 34.15
C VAL C 295 -4.60 7.68 35.25
N ALA C 296 -5.73 8.36 35.20
CA ALA C 296 -6.09 9.32 36.23
C ALA C 296 -6.35 8.61 37.56
N PRO C 297 -6.10 9.27 38.69
CA PRO C 297 -6.27 8.60 39.99
C PRO C 297 -7.71 8.31 40.37
N SER C 298 -8.70 8.92 39.71
CA SER C 298 -10.09 8.61 40.01
C SER C 298 -10.56 7.33 39.33
N ALA C 299 -9.79 6.81 38.38
CA ALA C 299 -10.17 5.60 37.68
C ALA C 299 -9.98 4.40 38.58
N VAL C 300 -10.93 3.48 38.54
CA VAL C 300 -10.85 2.25 39.30
C VAL C 300 -10.96 1.09 38.32
N LEU C 301 -9.92 0.28 38.26
CA LEU C 301 -9.78 -0.76 37.26
C LEU C 301 -10.08 -2.10 37.89
N GLY C 302 -11.10 -2.78 37.38
CA GLY C 302 -11.55 -4.00 38.00
C GLY C 302 -10.65 -5.17 37.72
N PRO C 303 -11.10 -6.34 38.13
CA PRO C 303 -10.27 -7.53 38.00
C PRO C 303 -10.10 -7.96 36.56
N ASN C 304 -8.91 -8.53 36.29
CA ASN C 304 -8.53 -9.13 35.01
C ASN C 304 -8.61 -8.13 33.86
N VAL C 305 -7.81 -7.08 33.99
CA VAL C 305 -7.79 -5.98 33.04
C VAL C 305 -6.36 -5.80 32.56
N SER C 306 -6.16 -5.73 31.26
CA SER C 306 -4.86 -5.47 30.67
C SER C 306 -4.89 -4.13 29.93
N ILE C 307 -3.85 -3.33 30.11
CA ILE C 307 -3.76 -2.01 29.49
C ILE C 307 -2.50 -1.96 28.65
N GLY C 308 -2.64 -1.66 27.37
CA GLY C 308 -1.50 -1.58 26.47
C GLY C 308 -0.76 -0.27 26.64
N LYS C 309 0.22 -0.06 25.76
CA LYS C 309 1.10 1.09 25.90
C LYS C 309 0.46 2.34 25.32
N GLY C 310 0.66 3.46 25.99
CA GLY C 310 0.16 4.71 25.48
C GLY C 310 -1.32 4.96 25.66
N VAL C 311 -2.01 4.09 26.39
CA VAL C 311 -3.43 4.28 26.63
C VAL C 311 -3.63 5.40 27.64
N THR C 312 -4.47 6.37 27.30
CA THR C 312 -4.80 7.43 28.24
C THR C 312 -6.19 7.17 28.78
N VAL C 313 -6.26 6.69 30.01
CA VAL C 313 -7.51 6.36 30.67
C VAL C 313 -7.96 7.56 31.46
N GLY C 314 -9.20 8.00 31.23
CA GLY C 314 -9.65 9.26 31.78
C GLY C 314 -10.04 9.18 33.23
N GLU C 315 -10.60 10.29 33.71
CA GLU C 315 -11.01 10.39 35.11
C GLU C 315 -12.31 9.63 35.35
N GLY C 316 -12.28 8.69 36.28
CA GLY C 316 -13.50 8.00 36.65
C GLY C 316 -13.86 6.85 35.76
N VAL C 317 -12.94 6.38 34.95
CA VAL C 317 -13.18 5.27 34.05
C VAL C 317 -13.20 3.98 34.84
N ARG C 318 -14.26 3.21 34.68
CA ARG C 318 -14.34 1.86 35.21
C ARG C 318 -14.01 0.89 34.10
N LEU C 319 -13.08 -0.02 34.36
CA LEU C 319 -12.65 -1.04 33.40
C LEU C 319 -12.68 -2.38 34.10
N ARG C 320 -13.51 -3.29 33.62
CA ARG C 320 -13.61 -4.60 34.26
C ARG C 320 -13.60 -5.67 33.19
N GLU C 321 -12.73 -6.67 33.38
CA GLU C 321 -12.62 -7.86 32.52
C GLU C 321 -12.39 -7.49 31.05
N SER C 322 -11.54 -6.51 30.83
CA SER C 322 -11.35 -5.96 29.51
C SER C 322 -9.92 -6.15 29.06
N ILE C 323 -9.67 -5.83 27.80
CA ILE C 323 -8.32 -5.71 27.25
C ILE C 323 -8.29 -4.44 26.43
N VAL C 324 -7.40 -3.53 26.74
CA VAL C 324 -7.29 -2.26 26.04
C VAL C 324 -5.97 -2.23 25.30
N LEU C 325 -6.01 -2.30 23.98
CA LEU C 325 -4.81 -2.31 23.18
C LEU C 325 -4.20 -0.91 23.12
N HIS C 326 -3.08 -0.79 22.43
CA HIS C 326 -2.22 0.37 22.58
C HIS C 326 -2.77 1.60 21.88
N GLY C 327 -2.58 2.75 22.50
CA GLY C 327 -3.00 3.98 21.88
C GLY C 327 -4.48 4.29 21.98
N ALA C 328 -5.27 3.47 22.67
CA ALA C 328 -6.67 3.77 22.84
C ALA C 328 -6.84 4.94 23.80
N THR C 329 -8.04 5.50 23.80
CA THR C 329 -8.33 6.67 24.61
C THR C 329 -9.73 6.55 25.16
N LEU C 330 -9.84 6.42 26.48
CA LEU C 330 -11.14 6.45 27.13
C LEU C 330 -11.26 7.77 27.87
N GLN C 331 -12.24 8.57 27.47
CA GLN C 331 -12.50 9.85 28.12
C GLN C 331 -13.18 9.61 29.46
N GLU C 332 -13.60 10.68 30.12
CA GLU C 332 -14.01 10.57 31.51
C GLU C 332 -15.38 9.91 31.65
N HIS C 333 -15.56 9.26 32.79
CA HIS C 333 -16.77 8.58 33.25
C HIS C 333 -17.22 7.39 32.42
N THR C 334 -16.40 6.86 31.52
CA THR C 334 -16.82 5.69 30.74
C THR C 334 -16.85 4.46 31.60
N CYS C 335 -17.58 3.45 31.13
CA CYS C 335 -17.67 2.17 31.80
C CYS C 335 -17.51 1.08 30.76
N VAL C 336 -16.45 0.30 30.87
CA VAL C 336 -16.06 -0.66 29.87
C VAL C 336 -15.98 -2.02 30.55
N LEU C 337 -16.95 -2.88 30.28
CA LEU C 337 -17.02 -4.20 30.90
C LEU C 337 -17.02 -5.27 29.83
N HIS C 338 -16.16 -6.28 30.00
CA HIS C 338 -16.15 -7.50 29.20
C HIS C 338 -16.01 -7.22 27.71
N SER C 339 -15.04 -6.41 27.35
CA SER C 339 -14.90 -6.03 25.96
C SER C 339 -13.45 -5.80 25.63
N ILE C 340 -13.14 -5.85 24.34
CA ILE C 340 -11.79 -5.62 23.86
C ILE C 340 -11.80 -4.33 23.06
N VAL C 341 -11.03 -3.36 23.50
CA VAL C 341 -10.96 -2.05 22.87
C VAL C 341 -9.75 -2.06 21.94
N GLY C 342 -10.00 -1.94 20.64
CA GLY C 342 -8.94 -2.03 19.67
C GLY C 342 -8.01 -0.84 19.73
N TRP C 343 -6.90 -0.96 19.01
CA TRP C 343 -5.83 0.02 19.17
C TRP C 343 -6.17 1.33 18.47
N GLY C 344 -5.90 2.42 19.14
CA GLY C 344 -6.16 3.74 18.60
C GLY C 344 -7.59 4.20 18.67
N SER C 345 -8.50 3.38 19.20
CA SER C 345 -9.91 3.75 19.18
C SER C 345 -10.22 4.66 20.35
N THR C 346 -11.25 5.47 20.20
CA THR C 346 -11.61 6.47 21.20
C THR C 346 -13.02 6.22 21.68
N VAL C 347 -13.23 6.39 22.98
CA VAL C 347 -14.55 6.23 23.60
C VAL C 347 -14.87 7.55 24.28
N GLY C 348 -15.97 8.18 23.88
CA GLY C 348 -16.34 9.47 24.43
C GLY C 348 -16.90 9.36 25.83
N ARG C 349 -17.18 10.51 26.43
CA ARG C 349 -17.55 10.54 27.84
C ARG C 349 -18.92 9.95 28.07
N TRP C 350 -19.07 9.31 29.24
CA TRP C 350 -20.29 8.63 29.70
C TRP C 350 -20.73 7.50 28.77
N ALA C 351 -19.84 6.97 27.95
CA ALA C 351 -20.20 5.91 27.03
C ALA C 351 -19.91 4.57 27.68
N ARG C 352 -20.84 3.64 27.50
CA ARG C 352 -20.76 2.33 28.12
C ARG C 352 -20.55 1.30 27.04
N VAL C 353 -19.48 0.53 27.16
CA VAL C 353 -19.15 -0.53 26.22
C VAL C 353 -19.18 -1.84 26.98
N GLU C 354 -20.15 -2.69 26.69
CA GLU C 354 -20.43 -3.83 27.54
C GLU C 354 -20.50 -5.10 26.72
N GLY C 355 -20.21 -6.22 27.37
CA GLY C 355 -20.35 -7.51 26.75
C GLY C 355 -20.80 -8.51 27.77
N THR C 356 -20.99 -9.75 27.33
CA THR C 356 -21.42 -10.81 28.21
C THR C 356 -20.44 -11.96 28.15
N PRO C 357 -19.90 -12.39 29.29
CA PRO C 357 -18.93 -13.48 29.26
C PRO C 357 -19.57 -14.83 29.56
N SER C 358 -19.50 -15.74 28.60
CA SER C 358 -20.06 -17.07 28.76
C SER C 358 -19.33 -17.87 29.83
N ASP C 359 -18.00 -17.72 29.84
CA ASP C 359 -17.09 -18.40 30.78
C ASP C 359 -17.17 -19.91 30.70
N PRO C 360 -16.98 -20.58 31.85
CA PRO C 360 -17.02 -22.02 32.06
C PRO C 360 -18.14 -22.31 33.05
N ASN C 361 -18.78 -23.46 32.95
CA ASN C 361 -19.86 -23.77 33.88
C ASN C 361 -19.30 -23.77 35.29
N PRO C 362 -20.02 -23.12 36.22
CA PRO C 362 -19.59 -23.02 37.63
C PRO C 362 -19.72 -24.34 38.38
N ASN C 363 -20.74 -25.13 38.04
CA ASN C 363 -20.96 -26.40 38.71
C ASN C 363 -20.02 -27.51 38.24
N ASP C 364 -19.86 -27.65 36.93
CA ASP C 364 -19.00 -28.70 36.41
C ASP C 364 -17.64 -28.68 37.11
N PRO C 365 -17.11 -29.85 37.47
CA PRO C 365 -15.82 -29.87 38.17
C PRO C 365 -14.64 -29.51 37.28
N ARG C 366 -14.66 -29.94 36.02
CA ARG C 366 -13.61 -29.60 35.06
C ARG C 366 -14.30 -28.99 33.84
N ALA C 367 -14.53 -27.69 33.86
CA ALA C 367 -15.16 -27.01 32.75
C ALA C 367 -14.16 -26.03 32.15
N ARG C 368 -13.98 -26.12 30.85
CA ARG C 368 -13.10 -25.22 30.13
C ARG C 368 -13.95 -24.33 29.23
N MET C 369 -13.42 -23.15 28.93
CA MET C 369 -14.13 -22.22 28.08
C MET C 369 -14.13 -22.73 26.65
N ASP C 370 -15.31 -22.95 26.09
CA ASP C 370 -15.45 -23.30 24.69
C ASP C 370 -15.64 -22.04 23.88
N SER C 371 -14.88 -21.91 22.80
CA SER C 371 -14.97 -20.73 21.96
C SER C 371 -16.07 -20.96 20.94
N GLU C 372 -17.29 -20.58 21.33
CA GLU C 372 -18.44 -20.60 20.46
C GLU C 372 -18.21 -19.71 19.24
N SER C 373 -18.87 -20.04 18.16
CA SER C 373 -18.74 -19.28 16.93
C SER C 373 -19.59 -18.01 17.04
N LEU C 374 -19.80 -17.33 15.91
CA LEU C 374 -20.59 -16.11 15.97
C LEU C 374 -22.07 -16.41 16.11
N PHE C 375 -22.57 -17.48 15.48
CA PHE C 375 -24.00 -17.70 15.40
C PHE C 375 -24.37 -19.03 16.05
N LYS C 376 -25.30 -18.98 17.01
CA LYS C 376 -25.75 -20.16 17.73
C LYS C 376 -26.57 -21.07 16.83
N ASP C 377 -27.73 -20.57 16.41
CA ASP C 377 -28.75 -21.32 15.71
C ASP C 377 -29.26 -20.54 14.51
N GLY C 378 -28.36 -19.83 13.85
CA GLY C 378 -28.74 -18.84 12.88
C GLY C 378 -28.89 -17.45 13.44
N LYS C 379 -28.73 -17.28 14.75
CA LYS C 379 -28.84 -15.97 15.37
C LYS C 379 -27.58 -15.68 16.16
N LEU C 380 -27.26 -14.40 16.32
CA LEU C 380 -26.04 -13.96 16.98
C LEU C 380 -26.08 -14.30 18.46
N LEU C 381 -25.00 -14.92 18.98
CA LEU C 381 -25.14 -15.13 20.41
C LEU C 381 -24.37 -14.05 21.18
N PRO C 382 -24.92 -13.62 22.32
CA PRO C 382 -24.27 -12.55 23.11
C PRO C 382 -22.93 -12.98 23.65
N ALA C 383 -21.92 -12.13 23.41
CA ALA C 383 -20.55 -12.46 23.73
C ALA C 383 -19.79 -11.16 23.92
N ILE C 384 -18.47 -11.25 23.86
CA ILE C 384 -17.59 -10.12 24.15
C ILE C 384 -17.72 -9.07 23.05
N THR C 385 -17.69 -7.80 23.45
CA THR C 385 -17.81 -6.69 22.53
C THR C 385 -16.45 -6.34 21.96
N ILE C 386 -16.32 -6.37 20.63
CA ILE C 386 -15.06 -6.04 19.98
C ILE C 386 -15.21 -4.69 19.33
N LEU C 387 -14.32 -3.77 19.65
CA LEU C 387 -14.16 -2.55 18.87
C LEU C 387 -12.92 -2.70 18.02
N GLY C 388 -13.03 -2.42 16.74
CA GLY C 388 -11.88 -2.49 15.88
C GLY C 388 -10.94 -1.33 16.11
N CYS C 389 -9.89 -1.26 15.30
CA CYS C 389 -8.96 -0.16 15.45
C CYS C 389 -9.56 1.14 14.93
N ARG C 390 -9.17 2.23 15.57
CA ARG C 390 -9.54 3.61 15.24
C ARG C 390 -11.05 3.87 15.26
N VAL C 391 -11.81 3.09 16.03
CA VAL C 391 -13.26 3.27 16.12
C VAL C 391 -13.56 4.42 17.05
N ARG C 392 -14.35 5.38 16.59
CA ARG C 392 -14.67 6.56 17.39
C ARG C 392 -16.08 6.43 17.96
N ILE C 393 -16.18 6.09 19.22
CA ILE C 393 -17.45 5.98 19.93
C ILE C 393 -17.83 7.38 20.41
N PRO C 394 -19.02 7.87 20.13
CA PRO C 394 -19.41 9.21 20.56
C PRO C 394 -19.74 9.24 22.05
N ALA C 395 -19.99 10.44 22.54
CA ALA C 395 -20.29 10.63 23.94
C ALA C 395 -21.71 10.18 24.27
N GLU C 396 -21.86 9.57 25.45
CA GLU C 396 -23.14 9.15 26.03
C GLU C 396 -23.89 8.18 25.12
N VAL C 397 -23.27 7.02 24.88
CA VAL C 397 -23.86 6.04 23.99
C VAL C 397 -23.43 4.65 24.44
N LEU C 398 -24.25 3.65 24.14
CA LEU C 398 -24.07 2.31 24.68
C LEU C 398 -23.84 1.32 23.55
N ILE C 399 -22.76 0.56 23.64
CA ILE C 399 -22.49 -0.54 22.73
C ILE C 399 -22.59 -1.82 23.53
N LEU C 400 -23.41 -2.76 23.07
CA LEU C 400 -23.76 -3.93 23.86
C LEU C 400 -23.68 -5.17 22.97
N ASN C 401 -22.79 -6.09 23.35
CA ASN C 401 -22.63 -7.41 22.71
C ASN C 401 -22.32 -7.30 21.22
N SER C 402 -21.58 -6.27 20.84
CA SER C 402 -21.51 -5.87 19.45
C SER C 402 -20.09 -5.90 18.90
N ILE C 403 -19.95 -6.09 17.60
CA ILE C 403 -18.66 -6.09 16.92
C ILE C 403 -18.62 -4.92 15.97
N VAL C 404 -17.68 -4.00 16.18
CA VAL C 404 -17.54 -2.84 15.33
C VAL C 404 -16.30 -3.02 14.48
N LEU C 405 -16.48 -2.95 13.18
CA LEU C 405 -15.39 -3.11 12.23
C LEU C 405 -14.49 -1.88 12.27
N PRO C 406 -13.23 -1.99 11.80
CA PRO C 406 -12.30 -0.87 11.96
C PRO C 406 -12.66 0.40 11.21
N HIS C 407 -12.15 1.52 11.72
CA HIS C 407 -12.28 2.86 11.15
C HIS C 407 -13.73 3.30 11.00
N LYS C 408 -14.52 3.03 12.02
CA LYS C 408 -15.94 3.35 12.01
C LYS C 408 -16.20 4.45 13.02
N GLU C 409 -17.10 5.36 12.69
CA GLU C 409 -17.58 6.38 13.60
C GLU C 409 -19.06 6.18 13.82
N LEU C 410 -19.46 5.98 15.07
CA LEU C 410 -20.85 5.74 15.37
C LEU C 410 -21.51 7.02 15.85
N SER C 411 -22.83 7.04 15.83
CA SER C 411 -23.59 8.17 16.31
C SER C 411 -24.78 7.78 17.17
N ARG C 412 -25.09 6.51 17.28
CA ARG C 412 -26.21 6.04 18.07
C ARG C 412 -25.83 4.76 18.76
N SER C 413 -26.68 4.30 19.67
CA SER C 413 -26.36 3.16 20.50
C SER C 413 -26.80 1.87 19.83
N PHE C 414 -25.89 0.91 19.75
CA PHE C 414 -26.12 -0.35 19.06
C PHE C 414 -26.20 -1.49 20.06
N THR C 415 -27.06 -2.46 19.79
CA THR C 415 -27.29 -3.58 20.67
C THR C 415 -27.39 -4.86 19.87
N ASN C 416 -26.52 -5.83 20.19
CA ASN C 416 -26.51 -7.17 19.61
C ASN C 416 -26.30 -7.15 18.10
N GLN C 417 -25.42 -6.29 17.61
CA GLN C 417 -25.28 -6.09 16.18
C GLN C 417 -23.83 -6.14 15.76
N ILE C 418 -23.60 -6.49 14.49
CA ILE C 418 -22.29 -6.36 13.87
C ILE C 418 -22.33 -5.14 12.98
N ILE C 419 -21.49 -4.16 13.26
CA ILE C 419 -21.51 -2.89 12.54
C ILE C 419 -20.40 -2.92 11.51
N LEU C 420 -20.77 -2.79 10.25
CA LEU C 420 -19.81 -2.85 9.17
C LEU C 420 -19.27 -1.46 8.86
N MET D 1 -23.60 30.89 -18.19
CA MET D 1 -22.61 29.91 -17.79
C MET D 1 -23.00 29.29 -16.47
N LEU D 2 -23.07 27.95 -16.43
CA LEU D 2 -23.44 27.23 -15.23
C LEU D 2 -22.33 26.30 -14.79
N LYS D 3 -22.29 26.05 -13.49
CA LYS D 3 -21.39 25.05 -12.94
C LYS D 3 -22.18 23.99 -12.17
N ALA D 4 -21.50 22.93 -11.78
CA ALA D 4 -22.16 21.84 -11.07
C ALA D 4 -21.20 21.25 -10.07
N VAL D 5 -21.57 21.29 -8.80
CA VAL D 5 -20.74 20.81 -7.70
C VAL D 5 -21.36 19.54 -7.17
N ILE D 6 -20.59 18.46 -7.15
CA ILE D 6 -21.04 17.17 -6.67
C ILE D 6 -20.32 16.88 -5.36
N LEU D 7 -21.08 16.77 -4.28
CA LEU D 7 -20.47 16.50 -2.97
C LEU D 7 -20.29 15.00 -2.84
N ILE D 8 -19.17 14.49 -3.35
CA ILE D 8 -18.82 13.12 -3.03
C ILE D 8 -18.37 13.07 -1.58
N GLY D 9 -18.53 11.93 -0.95
CA GLY D 9 -18.30 11.86 0.48
C GLY D 9 -16.84 11.78 0.83
N GLY D 10 -16.58 11.28 2.02
CA GLY D 10 -15.24 10.91 2.38
C GLY D 10 -15.18 9.44 2.65
N PRO D 11 -14.10 8.97 3.28
CA PRO D 11 -14.05 7.56 3.65
C PRO D 11 -14.92 7.25 4.84
N GLN D 12 -15.32 8.26 5.60
CA GLN D 12 -16.20 8.06 6.73
C GLN D 12 -17.63 7.83 6.28
N LYS D 13 -18.00 8.42 5.14
CA LYS D 13 -19.36 8.25 4.64
C LYS D 13 -19.55 6.93 3.93
N GLY D 14 -18.49 6.35 3.40
CA GLY D 14 -18.60 5.08 2.72
C GLY D 14 -18.69 3.88 3.60
N THR D 15 -18.59 4.05 4.93
CA THR D 15 -18.55 2.91 5.83
C THR D 15 -19.86 2.15 5.85
N ARG D 16 -20.98 2.85 5.69
CA ARG D 16 -22.26 2.18 5.61
C ARG D 16 -22.36 1.40 4.29
N PHE D 17 -21.24 1.36 3.56
CA PHE D 17 -21.11 0.69 2.28
C PHE D 17 -19.83 -0.13 2.36
N ARG D 18 -19.61 -0.77 3.51
CA ARG D 18 -18.36 -1.48 3.77
C ARG D 18 -17.90 -2.69 2.93
N PRO D 19 -18.80 -3.61 2.60
CA PRO D 19 -18.28 -4.73 1.79
C PRO D 19 -17.78 -4.28 0.43
N LEU D 20 -18.52 -3.35 -0.18
CA LEU D 20 -18.23 -2.78 -1.48
C LEU D 20 -17.33 -1.55 -1.40
N SER D 21 -17.09 -1.03 -0.19
CA SER D 21 -16.24 0.13 -0.06
C SER D 21 -14.81 -0.22 0.31
N PHE D 22 -14.51 -1.50 0.50
CA PHE D 22 -13.13 -1.89 0.76
C PHE D 22 -12.29 -1.80 -0.50
N GLU D 23 -12.89 -2.04 -1.67
CA GLU D 23 -12.13 -2.12 -2.92
C GLU D 23 -12.12 -0.77 -3.66
N VAL D 24 -13.29 -0.28 -4.03
CA VAL D 24 -13.41 1.04 -4.66
C VAL D 24 -14.02 1.97 -3.63
N PRO D 25 -13.84 3.28 -3.79
CA PRO D 25 -14.63 4.22 -3.00
C PRO D 25 -16.10 4.13 -3.35
N LYS D 26 -16.93 4.66 -2.45
CA LYS D 26 -18.37 4.64 -2.68
C LYS D 26 -18.86 5.37 -3.93
N PRO D 27 -18.40 6.59 -4.29
CA PRO D 27 -18.97 7.22 -5.49
C PRO D 27 -18.52 6.61 -6.79
N LEU D 28 -17.52 5.73 -6.79
CA LEU D 28 -17.09 5.06 -7.99
C LEU D 28 -17.62 3.66 -8.11
N PHE D 29 -18.59 3.29 -7.31
CA PHE D 29 -19.18 1.97 -7.43
C PHE D 29 -20.11 1.95 -8.64
N PRO D 30 -19.97 0.99 -9.54
CA PRO D 30 -20.79 0.98 -10.75
C PRO D 30 -22.25 0.63 -10.54
N VAL D 31 -23.12 1.63 -10.68
CA VAL D 31 -24.57 1.45 -10.66
C VAL D 31 -25.04 1.45 -12.10
N ALA D 32 -25.65 0.34 -12.52
CA ALA D 32 -26.11 0.08 -13.89
C ALA D 32 -24.99 0.24 -14.90
N GLY D 33 -23.83 -0.34 -14.58
CA GLY D 33 -22.72 -0.43 -15.50
C GLY D 33 -21.68 0.66 -15.37
N VAL D 34 -22.10 1.89 -15.14
CA VAL D 34 -21.20 3.03 -15.10
C VAL D 34 -21.13 3.50 -13.65
N PRO D 35 -20.05 4.19 -13.24
CA PRO D 35 -19.92 4.65 -11.85
C PRO D 35 -21.04 5.58 -11.39
N MET D 36 -21.14 5.72 -10.07
CA MET D 36 -22.31 6.33 -9.47
C MET D 36 -22.36 7.82 -9.75
N ILE D 37 -21.21 8.48 -9.90
CA ILE D 37 -21.21 9.90 -10.24
C ILE D 37 -21.14 10.13 -11.74
N GLN D 38 -21.02 9.08 -12.55
CA GLN D 38 -21.04 9.25 -14.00
C GLN D 38 -22.42 9.66 -14.47
N HIS D 39 -23.47 9.23 -13.79
CA HIS D 39 -24.82 9.67 -14.14
C HIS D 39 -24.99 11.15 -13.86
N HIS D 40 -24.42 11.63 -12.75
CA HIS D 40 -24.43 13.04 -12.42
C HIS D 40 -23.67 13.85 -13.47
N ILE D 41 -22.50 13.35 -13.86
CA ILE D 41 -21.66 14.09 -14.80
C ILE D 41 -22.27 14.11 -16.19
N GLU D 42 -22.88 13.00 -16.62
CA GLU D 42 -23.48 12.99 -17.96
C GLU D 42 -24.77 13.80 -18.00
N ALA D 43 -25.52 13.84 -16.90
CA ALA D 43 -26.73 14.65 -16.91
C ALA D 43 -26.41 16.13 -16.76
N CYS D 44 -25.27 16.45 -16.15
CA CYS D 44 -24.85 17.84 -16.11
C CYS D 44 -24.22 18.28 -17.42
N ALA D 45 -23.53 17.37 -18.12
CA ALA D 45 -22.91 17.72 -19.39
C ALA D 45 -23.94 17.81 -20.50
N GLN D 46 -25.09 17.15 -20.36
CA GLN D 46 -26.15 17.35 -21.35
C GLN D 46 -26.81 18.72 -21.24
N VAL D 47 -26.66 19.39 -20.10
CA VAL D 47 -27.21 20.75 -19.94
C VAL D 47 -26.40 21.72 -20.78
N PRO D 48 -27.02 22.55 -21.61
CA PRO D 48 -26.25 23.45 -22.47
C PRO D 48 -25.64 24.59 -21.67
N GLY D 49 -24.42 24.96 -22.04
CA GLY D 49 -23.74 26.05 -21.38
C GLY D 49 -23.01 25.69 -20.12
N MET D 50 -22.97 24.40 -19.76
CA MET D 50 -22.26 23.98 -18.57
C MET D 50 -20.77 24.04 -18.79
N GLN D 51 -20.04 24.73 -17.91
CA GLN D 51 -18.61 24.83 -18.14
C GLN D 51 -17.79 23.77 -17.43
N GLU D 52 -17.97 23.61 -16.13
CA GLU D 52 -17.06 22.77 -15.37
C GLU D 52 -17.83 22.03 -14.31
N ILE D 53 -17.31 20.88 -13.90
CA ILE D 53 -17.91 20.09 -12.83
C ILE D 53 -16.86 19.92 -11.75
N LEU D 54 -17.19 20.35 -10.54
CA LEU D 54 -16.31 20.27 -9.40
C LEU D 54 -16.80 19.18 -8.46
N LEU D 55 -15.90 18.34 -7.97
CA LEU D 55 -16.23 17.35 -6.98
C LEU D 55 -15.59 17.76 -5.66
N ILE D 56 -16.40 17.91 -4.62
CA ILE D 56 -15.91 18.29 -3.31
C ILE D 56 -16.06 17.09 -2.38
N GLY D 57 -14.94 16.64 -1.83
CA GLY D 57 -14.98 15.53 -0.89
C GLY D 57 -13.60 15.33 -0.31
N PHE D 58 -13.55 14.66 0.83
CA PHE D 58 -12.28 14.49 1.52
C PHE D 58 -11.66 13.13 1.29
N TYR D 59 -11.94 12.52 0.15
CA TYR D 59 -11.18 11.35 -0.28
C TYR D 59 -9.76 11.76 -0.63
N GLN D 60 -8.81 10.87 -0.36
CA GLN D 60 -7.48 11.07 -0.89
C GLN D 60 -7.49 10.76 -2.39
N PRO D 61 -6.72 11.48 -3.17
CA PRO D 61 -6.67 11.17 -4.60
C PRO D 61 -5.89 9.88 -4.88
N ASP D 62 -6.57 8.75 -4.65
CA ASP D 62 -6.03 7.49 -5.10
C ASP D 62 -6.16 7.37 -6.60
N GLU D 63 -5.35 6.51 -7.19
CA GLU D 63 -5.31 6.28 -8.63
C GLU D 63 -6.62 5.82 -9.28
N PRO D 64 -7.53 5.09 -8.60
CA PRO D 64 -8.89 4.97 -9.14
C PRO D 64 -9.64 6.28 -9.34
N LEU D 65 -9.56 7.19 -8.37
CA LEU D 65 -10.29 8.45 -8.48
C LEU D 65 -9.71 9.35 -9.57
N THR D 66 -8.38 9.50 -9.59
CA THR D 66 -7.75 10.32 -10.61
C THR D 66 -7.88 9.71 -12.00
N GLN D 67 -7.88 8.37 -12.08
CA GLN D 67 -8.13 7.72 -13.36
C GLN D 67 -9.55 7.97 -13.84
N PHE D 68 -10.51 8.02 -12.91
CA PHE D 68 -11.87 8.36 -13.31
C PHE D 68 -11.97 9.81 -13.78
N LEU D 69 -11.22 10.72 -13.16
CA LEU D 69 -11.23 12.12 -13.61
C LEU D 69 -10.66 12.24 -15.01
N GLU D 70 -9.53 11.58 -15.27
CA GLU D 70 -8.91 11.60 -16.59
C GLU D 70 -9.82 10.97 -17.64
N ALA D 71 -10.58 9.93 -17.27
CA ALA D 71 -11.47 9.31 -18.24
C ALA D 71 -12.71 10.15 -18.49
N ALA D 72 -13.24 10.80 -17.45
CA ALA D 72 -14.48 11.57 -17.61
C ALA D 72 -14.25 12.86 -18.38
N GLN D 73 -13.07 13.47 -18.21
CA GLN D 73 -12.74 14.69 -18.95
C GLN D 73 -12.74 14.45 -20.46
N GLN D 74 -12.20 13.32 -20.89
CA GLN D 74 -12.17 13.04 -22.31
C GLN D 74 -13.43 12.35 -22.80
N GLU D 75 -14.23 11.80 -21.89
CA GLU D 75 -15.51 11.23 -22.30
C GLU D 75 -16.52 12.32 -22.62
N PHE D 76 -16.67 13.31 -21.72
CA PHE D 76 -17.75 14.27 -21.85
C PHE D 76 -17.32 15.63 -22.36
N ASN D 77 -16.03 15.81 -22.68
CA ASN D 77 -15.45 17.07 -23.18
C ASN D 77 -15.70 18.23 -22.22
N LEU D 78 -15.69 17.92 -20.93
CA LEU D 78 -15.93 18.91 -19.88
C LEU D 78 -14.83 18.73 -18.83
N PRO D 79 -14.19 19.81 -18.39
CA PRO D 79 -13.17 19.66 -17.35
C PRO D 79 -13.81 19.26 -16.03
N VAL D 80 -13.24 18.23 -15.41
CA VAL D 80 -13.74 17.72 -14.14
C VAL D 80 -12.61 17.84 -13.14
N ARG D 81 -12.76 18.71 -12.16
CA ARG D 81 -11.73 18.95 -11.16
C ARG D 81 -12.21 18.41 -9.82
N TYR D 82 -11.27 18.01 -8.98
CA TYR D 82 -11.58 17.46 -7.67
C TYR D 82 -10.92 18.33 -6.62
N LEU D 83 -11.73 19.04 -5.85
CA LEU D 83 -11.24 19.93 -4.81
C LEU D 83 -11.43 19.24 -3.46
N GLN D 84 -10.33 18.95 -2.80
CA GLN D 84 -10.34 18.12 -1.61
C GLN D 84 -10.30 19.00 -0.36
N GLU D 85 -11.24 18.78 0.55
CA GLU D 85 -11.24 19.51 1.81
C GLU D 85 -10.12 18.99 2.71
N PHE D 86 -9.64 19.86 3.59
CA PHE D 86 -8.60 19.44 4.51
C PHE D 86 -9.16 18.59 5.65
N ALA D 87 -10.41 18.82 6.03
CA ALA D 87 -11.07 18.10 7.09
C ALA D 87 -12.52 17.92 6.67
N PRO D 88 -13.24 16.97 7.26
CA PRO D 88 -14.68 16.88 7.00
C PRO D 88 -15.42 18.12 7.50
N LEU D 89 -15.93 18.90 6.55
CA LEU D 89 -16.55 20.18 6.85
C LEU D 89 -18.05 20.15 6.70
N GLY D 90 -18.64 18.98 6.59
CA GLY D 90 -20.08 18.92 6.47
C GLY D 90 -20.52 19.19 5.05
N THR D 91 -21.85 19.26 4.89
CA THR D 91 -22.44 19.34 3.57
C THR D 91 -22.21 20.69 2.93
N GLY D 92 -22.20 21.76 3.73
CA GLY D 92 -22.14 23.08 3.17
C GLY D 92 -20.88 23.83 3.50
N GLY D 93 -20.12 23.34 4.48
CA GLY D 93 -18.86 23.97 4.81
C GLY D 93 -17.84 23.87 3.70
N GLY D 94 -17.89 22.79 2.93
CA GLY D 94 -17.03 22.69 1.77
C GLY D 94 -17.49 23.56 0.63
N LEU D 95 -18.79 23.81 0.53
CA LEU D 95 -19.29 24.73 -0.48
C LEU D 95 -18.92 26.16 -0.16
N TYR D 96 -18.86 26.50 1.13
CA TYR D 96 -18.42 27.83 1.50
C TYR D 96 -16.92 27.96 1.37
N HIS D 97 -16.17 26.91 1.72
CA HIS D 97 -14.72 27.03 1.78
C HIS D 97 -14.09 27.14 0.40
N PHE D 98 -14.69 26.53 -0.61
CA PHE D 98 -14.20 26.63 -1.98
C PHE D 98 -15.00 27.64 -2.78
N ARG D 99 -15.41 28.76 -2.17
CA ARG D 99 -16.34 29.67 -2.84
C ARG D 99 -15.68 30.41 -3.99
N ASP D 100 -14.38 30.70 -3.90
CA ASP D 100 -13.72 31.41 -4.97
C ASP D 100 -13.56 30.56 -6.21
N GLN D 101 -13.38 29.25 -6.03
CA GLN D 101 -13.26 28.35 -7.15
C GLN D 101 -14.63 28.05 -7.78
N ILE D 102 -15.69 28.11 -6.98
CA ILE D 102 -17.03 27.89 -7.51
C ILE D 102 -17.52 29.12 -8.25
N LEU D 103 -17.28 30.30 -7.69
CA LEU D 103 -17.69 31.55 -8.30
C LEU D 103 -16.69 32.07 -9.33
N ALA D 104 -15.68 31.29 -9.68
CA ALA D 104 -14.69 31.74 -10.65
C ALA D 104 -15.28 31.74 -12.05
N GLY D 105 -15.10 32.86 -12.75
CA GLY D 105 -15.67 33.04 -14.06
C GLY D 105 -17.06 33.65 -14.04
N SER D 106 -17.60 33.96 -12.86
CA SER D 106 -18.94 34.48 -12.60
C SER D 106 -20.00 33.61 -13.25
N PRO D 107 -20.28 32.42 -12.70
CA PRO D 107 -21.34 31.59 -13.29
C PRO D 107 -22.71 32.14 -12.95
N GLU D 108 -23.66 31.88 -13.84
CA GLU D 108 -25.03 32.32 -13.61
C GLU D 108 -25.67 31.56 -12.46
N ALA D 109 -25.45 30.25 -12.42
CA ALA D 109 -25.94 29.42 -11.33
C ALA D 109 -25.12 28.14 -11.30
N PHE D 110 -25.11 27.49 -10.15
CA PHE D 110 -24.43 26.21 -10.05
C PHE D 110 -25.28 25.23 -9.29
N PHE D 111 -25.43 24.04 -9.85
CA PHE D 111 -26.15 22.97 -9.18
C PHE D 111 -25.31 22.40 -8.06
N VAL D 112 -25.96 21.81 -7.08
CA VAL D 112 -25.29 21.13 -5.98
C VAL D 112 -25.97 19.78 -5.83
N LEU D 113 -25.20 18.71 -5.99
CA LEU D 113 -25.76 17.37 -5.97
C LEU D 113 -25.08 16.56 -4.89
N ASN D 114 -25.76 15.53 -4.40
CA ASN D 114 -25.17 14.55 -3.49
C ASN D 114 -24.81 13.33 -4.30
N ALA D 115 -23.62 12.77 -4.06
CA ALA D 115 -23.13 11.69 -4.91
C ALA D 115 -23.87 10.37 -4.71
N ASP D 116 -24.67 10.24 -3.66
CA ASP D 116 -25.33 8.96 -3.42
C ASP D 116 -26.75 8.90 -3.95
N VAL D 117 -27.31 9.98 -4.43
CA VAL D 117 -28.66 9.86 -4.96
C VAL D 117 -28.60 9.27 -6.36
N CYS D 118 -29.64 8.52 -6.70
CA CYS D 118 -29.85 8.00 -8.04
C CYS D 118 -31.18 8.54 -8.50
N SER D 119 -31.16 9.35 -9.54
CA SER D 119 -32.36 10.08 -9.88
C SER D 119 -32.43 10.28 -11.39
N ASP D 120 -33.55 10.87 -11.80
CA ASP D 120 -33.74 11.28 -13.18
C ASP D 120 -32.74 12.34 -13.59
N PHE D 121 -32.34 13.21 -12.65
CA PHE D 121 -31.59 14.45 -12.79
C PHE D 121 -32.21 15.34 -13.85
N PRO D 122 -33.35 15.96 -13.55
CA PRO D 122 -33.92 16.94 -14.49
C PRO D 122 -33.39 18.32 -14.19
N LEU D 123 -32.12 18.55 -14.51
CA LEU D 123 -31.51 19.83 -14.21
C LEU D 123 -31.98 20.93 -15.15
N SER D 124 -32.37 20.53 -16.37
CA SER D 124 -32.86 21.49 -17.35
C SER D 124 -34.18 22.11 -16.89
N ALA D 125 -35.10 21.29 -16.41
CA ALA D 125 -36.39 21.79 -15.92
C ALA D 125 -36.22 22.64 -14.68
N MET D 126 -35.27 22.28 -13.82
CA MET D 126 -34.98 23.11 -12.64
C MET D 126 -34.39 24.45 -13.04
N LEU D 127 -33.61 24.48 -14.12
CA LEU D 127 -33.08 25.74 -14.61
C LEU D 127 -34.17 26.62 -15.20
N GLU D 128 -35.11 26.02 -15.94
CA GLU D 128 -36.22 26.81 -16.48
C GLU D 128 -37.12 27.32 -15.37
N ALA D 129 -37.30 26.54 -14.31
CA ALA D 129 -38.07 27.02 -13.17
C ALA D 129 -37.30 28.10 -12.41
N HIS D 130 -35.97 28.06 -12.44
CA HIS D 130 -35.18 29.03 -11.71
C HIS D 130 -35.18 30.37 -12.41
N ARG D 131 -35.16 30.37 -13.76
CA ARG D 131 -34.91 31.61 -14.48
C ARG D 131 -36.05 32.60 -14.40
N ARG D 132 -37.26 32.16 -14.07
CA ARG D 132 -38.35 33.11 -13.87
C ARG D 132 -38.31 33.71 -12.48
N GLN D 133 -38.12 32.90 -11.46
CA GLN D 133 -38.16 33.39 -10.09
C GLN D 133 -36.86 34.06 -9.69
N ARG D 134 -35.73 33.48 -10.11
CA ARG D 134 -34.37 33.94 -9.82
C ARG D 134 -34.12 34.08 -8.32
N HIS D 135 -34.27 32.98 -7.61
CA HIS D 135 -34.16 33.00 -6.17
C HIS D 135 -32.90 32.26 -5.73
N PRO D 136 -32.41 32.51 -4.50
CA PRO D 136 -31.13 31.93 -4.09
C PRO D 136 -31.08 30.41 -4.01
N PHE D 137 -32.09 29.76 -3.44
CA PHE D 137 -32.05 28.33 -3.23
C PHE D 137 -33.24 27.70 -3.94
N LEU D 138 -32.97 26.79 -4.86
CA LEU D 138 -34.03 25.99 -5.48
C LEU D 138 -33.84 24.53 -5.11
N LEU D 139 -34.83 23.97 -4.42
CA LEU D 139 -34.75 22.61 -3.91
C LEU D 139 -35.61 21.70 -4.76
N LEU D 140 -35.14 20.49 -4.97
CA LEU D 140 -35.95 19.47 -5.62
C LEU D 140 -36.64 18.64 -4.56
N GLY D 141 -37.91 18.36 -4.76
CA GLY D 141 -38.66 17.61 -3.76
C GLY D 141 -39.60 16.63 -4.40
N THR D 142 -39.83 15.49 -3.75
CA THR D 142 -40.73 14.50 -4.31
C THR D 142 -41.69 14.02 -3.23
N THR D 143 -42.73 13.30 -3.64
CA THR D 143 -43.71 12.81 -2.69
C THR D 143 -43.29 11.44 -2.15
N ALA D 144 -43.53 11.23 -0.87
CA ALA D 144 -43.10 10.00 -0.21
C ALA D 144 -44.19 9.50 0.72
N ASN D 145 -44.08 8.23 1.08
CA ASN D 145 -45.00 7.61 2.03
C ASN D 145 -44.81 8.20 3.42
N ARG D 146 -45.89 8.26 4.19
CA ARG D 146 -45.87 8.94 5.49
C ARG D 146 -45.00 8.21 6.50
N THR D 147 -44.94 6.88 6.40
CA THR D 147 -43.97 6.12 7.19
C THR D 147 -42.56 6.40 6.72
N GLN D 148 -42.34 6.40 5.40
CA GLN D 148 -41.01 6.53 4.85
C GLN D 148 -40.48 7.95 4.89
N SER D 149 -41.35 8.95 5.08
CA SER D 149 -40.90 10.32 5.06
C SER D 149 -40.14 10.71 6.32
N LEU D 150 -40.22 9.92 7.38
CA LEU D 150 -39.44 10.22 8.58
C LEU D 150 -37.95 9.94 8.39
N ASN D 151 -37.58 9.19 7.36
CA ASN D 151 -36.16 8.92 7.13
C ASN D 151 -35.49 10.02 6.33
N TYR D 152 -36.24 10.81 5.57
CA TYR D 152 -35.69 11.87 4.74
C TYR D 152 -36.10 13.22 5.32
N GLY D 153 -35.45 14.28 4.84
CA GLY D 153 -35.79 15.61 5.30
C GLY D 153 -37.08 16.09 4.66
N CYS D 154 -37.97 16.66 5.48
CA CYS D 154 -39.31 17.04 5.06
C CYS D 154 -39.46 18.54 4.87
N ILE D 155 -40.31 18.88 3.88
CA ILE D 155 -40.51 20.23 3.39
C ILE D 155 -42.00 20.53 3.43
N VAL D 156 -42.41 21.51 4.23
CA VAL D 156 -43.75 22.07 4.17
C VAL D 156 -43.71 23.30 3.28
N GLU D 157 -44.43 23.23 2.17
CA GLU D 157 -44.39 24.24 1.12
C GLU D 157 -45.75 24.89 0.94
N ASN D 158 -45.72 26.09 0.38
CA ASN D 158 -46.90 26.82 -0.04
C ASN D 158 -47.24 26.44 -1.49
N PRO D 159 -48.48 26.07 -1.79
CA PRO D 159 -48.80 25.69 -3.17
C PRO D 159 -48.84 26.88 -4.12
N GLN D 160 -49.21 28.05 -3.62
CA GLN D 160 -49.43 29.22 -4.46
C GLN D 160 -48.12 29.88 -4.88
N THR D 161 -47.16 30.00 -3.97
CA THR D 161 -45.91 30.67 -4.27
C THR D 161 -44.70 29.75 -4.32
N HIS D 162 -44.88 28.45 -4.09
CA HIS D 162 -43.84 27.42 -4.19
C HIS D 162 -42.67 27.69 -3.25
N GLU D 163 -42.97 27.99 -2.00
CA GLU D 163 -41.96 28.45 -1.07
C GLU D 163 -41.98 27.60 0.18
N VAL D 164 -40.80 27.24 0.67
CA VAL D 164 -40.67 26.46 1.89
C VAL D 164 -41.08 27.30 3.08
N LEU D 165 -42.27 27.05 3.62
CA LEU D 165 -42.62 27.68 4.88
C LEU D 165 -41.93 27.01 6.04
N HIS D 166 -41.73 25.69 5.96
CA HIS D 166 -41.18 24.97 7.09
C HIS D 166 -40.27 23.86 6.60
N TYR D 167 -39.11 23.71 7.25
CA TYR D 167 -38.18 22.64 6.92
C TYR D 167 -37.81 21.92 8.19
N VAL D 168 -37.96 20.60 8.20
CA VAL D 168 -37.54 19.78 9.33
C VAL D 168 -36.64 18.68 8.79
N GLU D 169 -35.49 18.49 9.41
CA GLU D 169 -34.51 17.52 8.93
C GLU D 169 -34.53 16.29 9.82
N LYS D 170 -34.84 15.14 9.23
CA LYS D 170 -35.00 13.83 9.88
C LYS D 170 -35.97 13.94 11.04
N PRO D 171 -37.26 14.07 10.77
CA PRO D 171 -38.19 14.40 11.86
C PRO D 171 -38.54 13.19 12.70
N SER D 172 -38.80 13.44 13.98
CA SER D 172 -39.28 12.39 14.86
C SER D 172 -40.71 11.99 14.49
N THR D 173 -41.59 12.97 14.38
CA THR D 173 -42.97 12.76 13.98
C THR D 173 -43.21 13.36 12.59
N PHE D 174 -44.35 13.00 12.01
CA PHE D 174 -44.66 13.35 10.64
C PHE D 174 -44.88 14.85 10.48
N ILE D 175 -44.34 15.41 9.39
CA ILE D 175 -44.41 16.85 9.12
C ILE D 175 -45.02 17.13 7.76
N SER D 176 -44.50 16.50 6.71
CA SER D 176 -45.06 16.70 5.37
C SER D 176 -44.75 15.50 4.48
N ASP D 177 -45.52 15.38 3.40
CA ASP D 177 -45.32 14.29 2.45
C ASP D 177 -44.06 14.50 1.62
N ILE D 178 -43.73 15.75 1.30
CA ILE D 178 -42.64 16.02 0.39
C ILE D 178 -41.32 15.82 1.09
N ILE D 179 -40.39 15.15 0.41
CA ILE D 179 -39.06 14.91 0.93
C ILE D 179 -38.03 15.52 0.00
N ASN D 180 -36.89 15.89 0.58
CA ASN D 180 -35.81 16.51 -0.14
C ASN D 180 -35.16 15.51 -1.07
N CYS D 181 -35.03 15.87 -2.34
CA CYS D 181 -34.44 14.97 -3.31
C CYS D 181 -32.93 14.96 -3.26
N GLY D 182 -32.30 15.90 -2.59
CA GLY D 182 -30.86 15.92 -2.55
C GLY D 182 -30.21 16.58 -3.74
N ILE D 183 -30.96 17.29 -4.56
CA ILE D 183 -30.45 18.08 -5.67
C ILE D 183 -30.89 19.52 -5.46
N TYR D 184 -29.95 20.45 -5.51
CA TYR D 184 -30.23 21.86 -5.29
C TYR D 184 -29.68 22.67 -6.45
N LEU D 185 -30.17 23.90 -6.55
CA LEU D 185 -29.67 24.87 -7.52
C LEU D 185 -29.39 26.16 -6.77
N PHE D 186 -28.17 26.66 -6.88
CA PHE D 186 -27.68 27.77 -6.07
C PHE D 186 -27.36 28.96 -6.97
N SER D 187 -27.83 30.13 -6.58
CA SER D 187 -27.62 31.45 -7.16
C SER D 187 -26.38 32.09 -6.53
N PRO D 188 -25.79 33.12 -7.17
CA PRO D 188 -24.51 33.66 -6.65
C PRO D 188 -24.48 34.21 -5.22
N GLU D 189 -25.44 35.02 -4.77
CA GLU D 189 -25.38 35.41 -3.36
C GLU D 189 -26.06 34.44 -2.42
N ALA D 190 -26.40 33.23 -2.88
CA ALA D 190 -26.81 32.19 -1.95
C ALA D 190 -25.66 31.73 -1.06
N LEU D 191 -24.42 32.02 -1.43
CA LEU D 191 -23.30 31.81 -0.53
C LEU D 191 -23.20 32.88 0.53
N LYS D 192 -23.96 33.97 0.42
CA LYS D 192 -23.94 35.00 1.45
C LYS D 192 -24.65 34.57 2.75
N PRO D 193 -25.79 33.84 2.74
CA PRO D 193 -26.27 33.26 4.01
C PRO D 193 -25.32 32.26 4.63
N LEU D 194 -24.66 31.44 3.80
CA LEU D 194 -23.75 30.41 4.29
C LEU D 194 -22.62 31.00 5.11
N ARG D 195 -22.06 32.13 4.63
CA ARG D 195 -21.01 32.83 5.34
C ARG D 195 -21.44 33.26 6.73
N ASP D 196 -22.71 33.65 6.87
CA ASP D 196 -23.24 34.08 8.17
C ASP D 196 -23.16 32.96 9.19
N VAL D 197 -23.42 31.72 8.74
CA VAL D 197 -23.32 30.56 9.62
C VAL D 197 -21.90 30.39 10.13
N PHE D 198 -20.92 30.64 9.24
CA PHE D 198 -19.52 30.59 9.61
C PHE D 198 -19.22 31.57 10.73
N GLN D 199 -19.75 32.79 10.64
CA GLN D 199 -19.52 33.77 11.68
C GLN D 199 -20.18 33.35 12.98
N ARG D 200 -21.35 32.71 12.89
CA ARG D 200 -22.02 32.25 14.09
C ARG D 200 -21.30 31.08 14.71
N ASN D 201 -20.46 30.37 13.95
CA ASN D 201 -19.69 29.31 14.57
C ASN D 201 -18.42 29.82 15.23
N GLN D 202 -18.08 31.09 15.03
CA GLN D 202 -16.81 31.58 15.58
C GLN D 202 -16.91 31.92 17.05
N GLN D 203 -18.11 32.06 17.59
CA GLN D 203 -18.27 32.31 19.02
C GLN D 203 -18.33 31.00 19.81
N GLY D 218 -14.25 25.46 10.28
CA GLY D 218 -15.65 25.79 10.42
C GLY D 218 -16.56 24.92 9.58
N THR D 219 -17.31 24.05 10.24
CA THR D 219 -18.18 23.08 9.59
C THR D 219 -19.60 23.61 9.55
N ILE D 220 -20.23 23.53 8.39
CA ILE D 220 -21.59 24.01 8.19
C ILE D 220 -22.39 22.85 7.64
N ARG D 221 -23.29 22.30 8.44
CA ARG D 221 -24.28 21.37 7.91
C ARG D 221 -25.27 22.17 7.07
N LEU D 222 -25.51 21.73 5.85
CA LEU D 222 -26.32 22.54 4.94
C LEU D 222 -27.79 22.48 5.29
N GLU D 223 -28.27 21.33 5.76
CA GLU D 223 -29.69 21.18 6.00
C GLU D 223 -30.10 21.77 7.34
N GLN D 224 -29.32 21.53 8.38
CA GLN D 224 -29.73 21.94 9.72
C GLN D 224 -29.41 23.40 10.00
N ASP D 225 -28.29 23.90 9.48
CA ASP D 225 -27.88 25.26 9.82
C ASP D 225 -28.42 26.29 8.85
N VAL D 226 -28.58 25.93 7.58
CA VAL D 226 -29.00 26.88 6.56
C VAL D 226 -30.45 26.71 6.18
N PHE D 227 -30.85 25.48 5.83
CA PHE D 227 -32.20 25.26 5.33
C PHE D 227 -33.25 25.41 6.42
N SER D 228 -32.95 24.93 7.62
CA SER D 228 -33.94 25.05 8.70
C SER D 228 -34.00 26.44 9.28
N ALA D 229 -32.97 27.26 9.06
CA ALA D 229 -32.99 28.61 9.58
C ALA D 229 -33.69 29.57 8.63
N LEU D 230 -33.49 29.38 7.33
CA LEU D 230 -34.05 30.28 6.32
C LEU D 230 -35.42 29.85 5.83
N ALA D 231 -36.04 28.86 6.47
CA ALA D 231 -37.33 28.38 6.00
C ALA D 231 -38.42 29.37 6.38
N GLY D 232 -39.17 29.83 5.39
CA GLY D 232 -40.25 30.75 5.61
C GLY D 232 -39.88 32.21 5.43
N GLN D 233 -38.61 32.52 5.24
CA GLN D 233 -38.16 33.88 5.03
C GLN D 233 -38.12 34.27 3.56
N GLY D 234 -38.72 33.47 2.69
CA GLY D 234 -38.77 33.78 1.28
C GLY D 234 -37.52 33.46 0.50
N GLN D 235 -36.55 32.78 1.10
CA GLN D 235 -35.31 32.50 0.42
C GLN D 235 -35.29 31.15 -0.29
N ILE D 236 -35.95 30.14 0.26
CA ILE D 236 -35.89 28.78 -0.27
C ILE D 236 -37.16 28.49 -1.05
N TYR D 237 -37.02 27.90 -2.23
CA TYR D 237 -38.15 27.55 -3.07
C TYR D 237 -38.06 26.09 -3.46
N VAL D 238 -39.20 25.49 -3.76
CA VAL D 238 -39.27 24.06 -4.02
C VAL D 238 -39.45 23.86 -5.52
N HIS D 239 -39.06 22.69 -5.98
CA HIS D 239 -39.47 22.19 -7.28
C HIS D 239 -39.88 20.74 -7.12
N LEU D 240 -41.03 20.37 -7.70
CA LEU D 240 -41.63 19.07 -7.51
C LEU D 240 -41.34 18.18 -8.72
N THR D 241 -40.92 16.94 -8.46
CA THR D 241 -40.60 16.01 -9.53
C THR D 241 -41.42 14.74 -9.42
N ASP D 242 -41.74 14.15 -10.57
CA ASP D 242 -42.41 12.87 -10.66
C ASP D 242 -41.48 11.79 -11.18
N GLY D 243 -40.26 12.16 -11.57
CA GLY D 243 -39.31 11.21 -12.07
C GLY D 243 -38.80 10.26 -10.99
N ILE D 244 -38.01 9.30 -11.44
CA ILE D 244 -37.53 8.26 -10.54
C ILE D 244 -36.52 8.84 -9.58
N TRP D 245 -36.50 8.31 -8.37
CA TRP D 245 -35.64 8.84 -7.32
C TRP D 245 -35.40 7.76 -6.28
N SER D 246 -34.16 7.67 -5.82
CA SER D 246 -33.78 6.81 -4.73
C SER D 246 -32.47 7.34 -4.17
N GLN D 247 -32.12 6.89 -2.98
CA GLN D 247 -30.81 7.21 -2.44
C GLN D 247 -30.04 5.94 -2.16
N ILE D 248 -28.75 5.98 -2.42
CA ILE D 248 -27.89 4.82 -2.23
C ILE D 248 -27.07 5.02 -0.97
N LYS D 249 -27.61 4.61 0.17
CA LYS D 249 -26.89 4.75 1.42
C LYS D 249 -26.24 3.46 1.86
N SER D 250 -26.69 2.33 1.33
CA SER D 250 -26.24 1.04 1.80
C SER D 250 -25.86 0.19 0.62
N ALA D 251 -25.44 -1.04 0.90
CA ALA D 251 -24.98 -1.91 -0.16
C ALA D 251 -26.14 -2.45 -0.99
N GLY D 252 -27.22 -2.82 -0.33
CA GLY D 252 -28.37 -3.34 -1.05
C GLY D 252 -29.21 -2.31 -1.76
N SER D 253 -28.96 -1.02 -1.48
CA SER D 253 -29.67 0.04 -2.18
C SER D 253 -29.13 0.27 -3.58
N ALA D 254 -27.88 -0.12 -3.83
CA ALA D 254 -27.31 0.06 -5.16
C ALA D 254 -27.96 -0.87 -6.18
N LEU D 255 -28.50 -2.00 -5.73
CA LEU D 255 -29.19 -2.90 -6.65
C LEU D 255 -30.54 -2.31 -7.08
N TYR D 256 -31.25 -1.70 -6.15
CA TYR D 256 -32.51 -1.04 -6.50
C TYR D 256 -32.27 0.17 -7.38
N ALA D 257 -31.19 0.90 -7.11
CA ALA D 257 -30.84 2.02 -7.98
C ALA D 257 -30.43 1.54 -9.36
N SER D 258 -29.78 0.39 -9.46
CA SER D 258 -29.45 -0.18 -10.75
C SER D 258 -30.70 -0.61 -11.49
N ARG D 259 -31.72 -1.10 -10.78
CA ARG D 259 -32.98 -1.46 -11.43
C ARG D 259 -33.66 -0.23 -11.99
N LEU D 260 -33.66 0.87 -11.21
CA LEU D 260 -34.26 2.11 -11.69
C LEU D 260 -33.52 2.69 -12.88
N TYR D 261 -32.19 2.62 -12.88
CA TYR D 261 -31.44 3.17 -13.99
C TYR D 261 -31.53 2.30 -15.24
N LEU D 262 -31.56 0.98 -15.08
CA LEU D 262 -31.75 0.11 -16.23
C LEU D 262 -33.13 0.28 -16.83
N SER D 263 -34.12 0.61 -16.01
CA SER D 263 -35.43 0.92 -16.58
C SER D 263 -35.47 2.32 -17.18
N ARG D 264 -34.61 3.23 -16.71
CA ARG D 264 -34.54 4.54 -17.32
C ARG D 264 -33.77 4.53 -18.64
N TYR D 265 -32.90 3.54 -18.84
CA TYR D 265 -32.05 3.49 -20.04
C TYR D 265 -32.84 3.40 -21.33
N GLN D 266 -34.07 2.86 -21.28
CA GLN D 266 -34.88 2.70 -22.49
C GLN D 266 -35.24 4.04 -23.12
N ASP D 267 -35.36 5.09 -22.32
CA ASP D 267 -35.69 6.40 -22.87
C ASP D 267 -34.47 7.10 -23.45
N THR D 268 -33.29 6.93 -22.83
CA THR D 268 -32.11 7.68 -23.23
C THR D 268 -31.11 6.86 -24.02
N HIS D 269 -30.69 5.71 -23.51
CA HIS D 269 -29.62 4.93 -24.13
C HIS D 269 -30.10 3.52 -24.44
N PRO D 270 -30.86 3.35 -25.53
CA PRO D 270 -31.40 2.02 -25.84
C PRO D 270 -30.37 1.06 -26.37
N GLU D 271 -29.16 1.53 -26.67
CA GLU D 271 -28.11 0.64 -27.14
C GLU D 271 -27.36 -0.04 -26.00
N ARG D 272 -27.51 0.46 -24.76
CA ARG D 272 -26.80 -0.14 -23.64
C ARG D 272 -27.49 -1.41 -23.15
N LEU D 273 -28.81 -1.47 -23.25
CA LEU D 273 -29.52 -2.71 -22.92
C LEU D 273 -29.20 -3.78 -23.96
N ALA D 274 -29.08 -5.01 -23.49
CA ALA D 274 -28.75 -6.11 -24.38
C ALA D 274 -29.98 -6.54 -25.16
N LYS D 275 -29.77 -6.81 -26.45
CA LYS D 275 -30.84 -7.25 -27.34
C LYS D 275 -31.19 -8.68 -27.00
N HIS D 276 -32.37 -9.14 -27.42
CA HIS D 276 -32.77 -10.50 -27.09
C HIS D 276 -31.77 -11.48 -27.68
N THR D 277 -31.39 -11.28 -28.94
CA THR D 277 -30.37 -12.06 -29.68
C THR D 277 -30.56 -13.58 -29.92
N PRO D 278 -30.78 -13.98 -31.19
CA PRO D 278 -30.93 -15.42 -31.43
C PRO D 278 -29.66 -16.17 -31.03
N GLY D 279 -28.50 -15.62 -31.39
CA GLY D 279 -27.22 -16.20 -31.00
C GLY D 279 -26.99 -16.11 -29.50
N GLY D 280 -27.39 -14.97 -28.94
CA GLY D 280 -27.24 -14.64 -27.53
C GLY D 280 -28.11 -15.30 -26.48
N PRO D 281 -27.72 -15.17 -25.20
CA PRO D 281 -28.43 -15.74 -24.05
C PRO D 281 -29.81 -15.12 -23.94
N TRP D 282 -30.80 -15.92 -23.58
CA TRP D 282 -32.18 -15.46 -23.48
C TRP D 282 -32.25 -14.34 -22.47
N ILE D 283 -32.93 -13.25 -22.83
CA ILE D 283 -32.93 -12.04 -22.03
C ILE D 283 -34.37 -11.59 -21.83
N ARG D 284 -34.79 -11.47 -20.58
CA ARG D 284 -36.08 -10.91 -20.24
C ARG D 284 -35.87 -9.71 -19.34
N GLY D 285 -36.67 -8.68 -19.55
CA GLY D 285 -36.48 -7.46 -18.79
C GLY D 285 -35.27 -6.69 -19.29
N ASN D 286 -34.77 -5.83 -18.42
CA ASN D 286 -33.66 -4.94 -18.76
C ASN D 286 -32.35 -5.55 -18.29
N VAL D 287 -31.44 -5.81 -19.22
CA VAL D 287 -30.15 -6.41 -18.94
C VAL D 287 -29.08 -5.57 -19.61
N TYR D 288 -28.09 -5.14 -18.85
CA TYR D 288 -26.89 -4.52 -19.40
C TYR D 288 -25.77 -5.53 -19.35
N ILE D 289 -25.17 -5.81 -20.51
CA ILE D 289 -23.96 -6.61 -20.59
C ILE D 289 -22.87 -5.77 -21.21
N HIS D 290 -21.70 -5.77 -20.59
CA HIS D 290 -20.55 -5.07 -21.15
C HIS D 290 -20.08 -5.77 -22.41
N PRO D 291 -19.52 -5.03 -23.38
CA PRO D 291 -18.98 -5.68 -24.58
C PRO D 291 -17.83 -6.65 -24.32
N THR D 292 -17.00 -6.39 -23.31
CA THR D 292 -15.91 -7.29 -22.98
C THR D 292 -16.42 -8.55 -22.29
N ALA D 293 -17.61 -8.50 -21.71
CA ALA D 293 -18.15 -9.65 -21.00
C ALA D 293 -18.52 -10.77 -21.95
N LYS D 294 -18.34 -12.00 -21.50
CA LYS D 294 -18.56 -13.18 -22.31
C LYS D 294 -19.61 -14.06 -21.64
N VAL D 295 -20.74 -14.23 -22.29
CA VAL D 295 -21.86 -15.00 -21.75
C VAL D 295 -22.11 -16.18 -22.69
N ALA D 296 -22.18 -17.38 -22.11
CA ALA D 296 -22.48 -18.58 -22.88
C ALA D 296 -23.91 -18.52 -23.42
N PRO D 297 -24.18 -19.19 -24.55
CA PRO D 297 -25.53 -19.10 -25.13
C PRO D 297 -26.60 -19.85 -24.36
N SER D 298 -26.25 -20.83 -23.54
CA SER D 298 -27.26 -21.53 -22.77
C SER D 298 -27.72 -20.75 -21.55
N ALA D 299 -26.98 -19.73 -21.15
CA ALA D 299 -27.33 -18.90 -20.00
C ALA D 299 -28.59 -18.11 -20.27
N VAL D 300 -29.23 -17.67 -19.20
CA VAL D 300 -30.43 -16.85 -19.28
C VAL D 300 -30.34 -15.79 -18.19
N LEU D 301 -30.42 -14.53 -18.58
CA LEU D 301 -30.25 -13.43 -17.66
C LEU D 301 -31.58 -12.73 -17.47
N GLY D 302 -32.14 -12.85 -16.27
CA GLY D 302 -33.44 -12.30 -15.98
C GLY D 302 -33.43 -10.80 -15.84
N PRO D 303 -34.50 -10.24 -15.29
CA PRO D 303 -34.62 -8.79 -15.21
C PRO D 303 -33.62 -8.15 -14.27
N ASN D 304 -33.25 -6.90 -14.60
CA ASN D 304 -32.46 -6.00 -13.77
C ASN D 304 -31.09 -6.57 -13.44
N VAL D 305 -30.42 -7.11 -14.46
CA VAL D 305 -29.13 -7.75 -14.30
C VAL D 305 -28.09 -6.95 -15.04
N SER D 306 -27.09 -6.46 -14.34
CA SER D 306 -25.94 -5.78 -14.92
C SER D 306 -24.73 -6.69 -14.89
N ILE D 307 -23.96 -6.69 -15.97
CA ILE D 307 -22.76 -7.53 -16.08
C ILE D 307 -21.58 -6.62 -16.34
N GLY D 308 -20.52 -6.78 -15.55
CA GLY D 308 -19.34 -5.97 -15.72
C GLY D 308 -18.41 -6.54 -16.75
N LYS D 309 -17.28 -5.85 -16.94
CA LYS D 309 -16.37 -6.21 -18.02
C LYS D 309 -15.45 -7.34 -17.59
N GLY D 310 -15.13 -8.21 -18.55
CA GLY D 310 -14.29 -9.35 -18.23
C GLY D 310 -14.97 -10.44 -17.46
N VAL D 311 -16.29 -10.39 -17.35
CA VAL D 311 -17.05 -11.40 -16.61
C VAL D 311 -17.29 -12.57 -17.53
N THR D 312 -16.91 -13.76 -17.08
CA THR D 312 -17.20 -14.99 -17.82
C THR D 312 -18.37 -15.70 -17.17
N VAL D 313 -19.46 -15.86 -17.90
CA VAL D 313 -20.67 -16.48 -17.41
C VAL D 313 -20.80 -17.84 -18.09
N GLY D 314 -20.91 -18.90 -17.30
CA GLY D 314 -20.81 -20.25 -17.80
C GLY D 314 -22.09 -20.75 -18.43
N GLU D 315 -22.15 -22.07 -18.59
CA GLU D 315 -23.24 -22.73 -19.28
C GLU D 315 -24.43 -22.90 -18.34
N GLY D 316 -25.58 -22.36 -18.72
CA GLY D 316 -26.78 -22.58 -17.94
C GLY D 316 -26.95 -21.72 -16.72
N VAL D 317 -26.20 -20.63 -16.60
CA VAL D 317 -26.33 -19.72 -15.47
C VAL D 317 -27.65 -18.98 -15.56
N ARG D 318 -28.29 -18.77 -14.42
CA ARG D 318 -29.47 -17.91 -14.33
C ARG D 318 -29.15 -16.78 -13.38
N LEU D 319 -29.29 -15.54 -13.85
CA LEU D 319 -29.09 -14.36 -13.04
C LEU D 319 -30.38 -13.58 -13.02
N ARG D 320 -30.83 -13.20 -11.83
CA ARG D 320 -32.01 -12.36 -11.75
C ARG D 320 -31.79 -11.32 -10.68
N GLU D 321 -31.94 -10.05 -11.05
CA GLU D 321 -31.77 -8.90 -10.16
C GLU D 321 -30.41 -8.91 -9.47
N SER D 322 -29.36 -9.14 -10.23
CA SER D 322 -28.04 -9.26 -9.65
C SER D 322 -27.08 -8.31 -10.34
N ILE D 323 -26.06 -7.90 -9.62
CA ILE D 323 -24.97 -7.10 -10.16
C ILE D 323 -23.73 -7.96 -10.13
N VAL D 324 -23.12 -8.16 -11.27
CA VAL D 324 -21.92 -8.98 -11.35
C VAL D 324 -20.78 -8.06 -11.73
N LEU D 325 -19.98 -7.67 -10.76
CA LEU D 325 -18.90 -6.72 -11.00
C LEU D 325 -17.75 -7.39 -11.75
N HIS D 326 -16.75 -6.59 -12.08
CA HIS D 326 -15.83 -6.96 -13.15
C HIS D 326 -14.80 -7.96 -12.67
N GLY D 327 -14.52 -8.95 -13.52
CA GLY D 327 -13.60 -10.01 -13.21
C GLY D 327 -14.23 -11.26 -12.63
N ALA D 328 -15.52 -11.24 -12.36
CA ALA D 328 -16.17 -12.37 -11.71
C ALA D 328 -16.41 -13.50 -12.70
N THR D 329 -16.20 -14.72 -12.24
CA THR D 329 -16.46 -15.91 -13.05
C THR D 329 -17.50 -16.79 -12.37
N LEU D 330 -18.60 -17.01 -13.07
CA LEU D 330 -19.63 -17.93 -12.61
C LEU D 330 -19.54 -19.21 -13.44
N GLN D 331 -19.46 -20.34 -12.76
CA GLN D 331 -19.36 -21.60 -13.48
C GLN D 331 -20.72 -22.08 -13.95
N GLU D 332 -20.79 -23.34 -14.32
CA GLU D 332 -21.96 -23.88 -14.98
C GLU D 332 -23.08 -24.17 -13.99
N HIS D 333 -24.32 -23.99 -14.46
CA HIS D 333 -25.56 -24.35 -13.77
C HIS D 333 -25.76 -23.60 -12.45
N THR D 334 -25.20 -22.41 -12.29
CA THR D 334 -25.34 -21.66 -11.06
C THR D 334 -26.52 -20.71 -11.14
N CYS D 335 -27.19 -20.53 -10.02
CA CYS D 335 -28.34 -19.65 -9.93
C CYS D 335 -28.03 -18.54 -8.95
N VAL D 336 -28.14 -17.29 -9.39
CA VAL D 336 -27.80 -16.14 -8.58
C VAL D 336 -28.98 -15.18 -8.64
N LEU D 337 -29.58 -14.91 -7.48
CA LEU D 337 -30.68 -13.98 -7.41
C LEU D 337 -30.42 -12.98 -6.30
N HIS D 338 -30.70 -11.70 -6.57
CA HIS D 338 -30.66 -10.60 -5.59
C HIS D 338 -29.32 -10.52 -4.88
N SER D 339 -28.24 -10.52 -5.64
CA SER D 339 -26.93 -10.56 -5.02
C SER D 339 -25.96 -9.69 -5.79
N ILE D 340 -24.90 -9.27 -5.12
CA ILE D 340 -23.87 -8.43 -5.69
C ILE D 340 -22.58 -9.20 -5.63
N VAL D 341 -22.02 -9.54 -6.78
CA VAL D 341 -20.87 -10.41 -6.88
C VAL D 341 -19.63 -9.54 -7.05
N GLY D 342 -18.63 -9.73 -6.19
CA GLY D 342 -17.54 -8.80 -6.09
C GLY D 342 -16.55 -8.88 -7.23
N TRP D 343 -15.55 -8.00 -7.16
CA TRP D 343 -14.50 -7.94 -8.15
C TRP D 343 -13.63 -9.19 -8.10
N GLY D 344 -13.67 -9.98 -9.16
CA GLY D 344 -12.89 -11.20 -9.18
C GLY D 344 -13.45 -12.31 -8.33
N SER D 345 -14.68 -12.18 -7.86
CA SER D 345 -15.29 -13.22 -7.05
C SER D 345 -15.73 -14.38 -7.91
N THR D 346 -15.52 -15.59 -7.42
CA THR D 346 -15.74 -16.80 -8.21
C THR D 346 -16.84 -17.63 -7.57
N VAL D 347 -17.81 -18.06 -8.38
CA VAL D 347 -18.91 -18.90 -7.91
C VAL D 347 -18.78 -20.25 -8.60
N GLY D 348 -18.56 -21.30 -7.83
CA GLY D 348 -18.37 -22.63 -8.38
C GLY D 348 -19.65 -23.21 -8.96
N ARG D 349 -19.53 -24.37 -9.59
CA ARG D 349 -20.64 -24.91 -10.36
C ARG D 349 -21.71 -25.49 -9.45
N TRP D 350 -22.96 -25.28 -9.86
CA TRP D 350 -24.22 -25.60 -9.18
C TRP D 350 -24.46 -24.79 -7.92
N ALA D 351 -23.61 -23.83 -7.60
CA ALA D 351 -23.80 -23.02 -6.40
C ALA D 351 -24.93 -22.03 -6.62
N ARG D 352 -25.68 -21.78 -5.56
CA ARG D 352 -26.80 -20.86 -5.61
C ARG D 352 -26.55 -19.75 -4.62
N VAL D 353 -26.54 -18.52 -5.09
CA VAL D 353 -26.32 -17.35 -4.25
C VAL D 353 -27.60 -16.55 -4.27
N GLU D 354 -28.37 -16.60 -3.21
CA GLU D 354 -29.67 -15.96 -3.22
C GLU D 354 -29.75 -14.88 -2.16
N GLY D 355 -30.51 -13.83 -2.45
CA GLY D 355 -30.83 -12.80 -1.48
C GLY D 355 -32.32 -12.55 -1.47
N THR D 356 -32.74 -11.78 -0.50
CA THR D 356 -34.16 -11.43 -0.44
C THR D 356 -34.30 -9.94 -0.68
N PRO D 357 -35.25 -9.49 -1.51
CA PRO D 357 -35.27 -8.08 -1.91
C PRO D 357 -35.70 -7.14 -0.79
N SER D 358 -34.86 -6.15 -0.52
CA SER D 358 -35.14 -5.14 0.48
C SER D 358 -34.86 -3.77 -0.13
N ASP D 359 -35.69 -3.35 -1.08
CA ASP D 359 -35.54 -2.06 -1.75
C ASP D 359 -35.92 -0.89 -0.83
N PRO D 360 -35.17 0.22 -0.92
CA PRO D 360 -35.49 1.36 -0.05
C PRO D 360 -36.86 1.97 -0.30
N ASN D 361 -37.16 2.36 -1.56
CA ASN D 361 -38.48 2.63 -2.13
C ASN D 361 -39.36 3.55 -1.30
N PRO D 362 -39.12 4.86 -1.30
CA PRO D 362 -39.82 5.75 -0.36
C PRO D 362 -41.31 5.89 -0.61
N ASN D 363 -41.84 5.43 -1.74
CA ASN D 363 -43.28 5.43 -1.91
C ASN D 363 -43.93 4.21 -1.29
N ASP D 364 -43.18 3.13 -1.12
CA ASP D 364 -43.74 1.85 -0.70
C ASP D 364 -43.97 1.83 0.80
N PRO D 365 -45.15 1.41 1.27
CA PRO D 365 -45.43 1.50 2.71
C PRO D 365 -44.74 0.44 3.55
N ARG D 366 -44.49 -0.74 3.02
CA ARG D 366 -43.87 -1.80 3.82
C ARG D 366 -42.37 -1.89 3.64
N ALA D 367 -41.75 -0.96 2.94
CA ALA D 367 -40.31 -0.99 2.80
C ALA D 367 -39.65 -0.56 4.12
N ARG D 368 -38.42 -1.00 4.30
CA ARG D 368 -37.77 -0.85 5.59
C ARG D 368 -37.29 0.58 5.80
N MET D 369 -36.92 0.88 7.04
CA MET D 369 -36.55 2.24 7.41
C MET D 369 -35.13 2.61 7.04
N ASP D 370 -34.38 1.67 6.43
CA ASP D 370 -32.95 1.81 6.09
C ASP D 370 -32.14 2.23 7.31
N SER D 371 -32.35 1.52 8.41
CA SER D 371 -31.43 1.65 9.53
C SER D 371 -30.11 0.98 9.16
N GLU D 372 -29.04 1.44 9.81
CA GLU D 372 -27.75 0.80 9.64
C GLU D 372 -27.52 -0.30 10.67
N SER D 373 -28.59 -0.91 11.17
CA SER D 373 -28.47 -1.84 12.27
C SER D 373 -28.16 -3.26 11.80
N LEU D 374 -28.87 -3.73 10.78
CA LEU D 374 -28.74 -5.03 10.10
C LEU D 374 -29.15 -6.23 10.92
N PHE D 375 -29.51 -6.09 12.20
CA PHE D 375 -29.94 -7.19 13.03
C PHE D 375 -31.18 -6.78 13.80
N LYS D 376 -32.19 -7.64 13.84
CA LYS D 376 -33.42 -7.26 14.52
C LYS D 376 -33.31 -7.47 16.02
N ASP D 377 -33.18 -8.71 16.45
CA ASP D 377 -32.97 -9.02 17.86
C ASP D 377 -31.93 -10.11 17.98
N GLY D 378 -30.84 -9.95 17.26
CA GLY D 378 -29.85 -11.00 17.17
C GLY D 378 -29.97 -11.84 15.93
N LYS D 379 -30.99 -11.65 15.12
CA LYS D 379 -31.15 -12.34 13.85
C LYS D 379 -30.89 -11.36 12.73
N LEU D 380 -30.18 -11.80 11.70
CA LEU D 380 -29.87 -10.93 10.58
C LEU D 380 -31.08 -10.84 9.67
N LEU D 381 -31.47 -9.61 9.35
CA LEU D 381 -32.64 -9.39 8.54
C LEU D 381 -32.38 -9.78 7.09
N PRO D 382 -33.41 -10.23 6.37
CA PRO D 382 -33.20 -10.66 4.98
C PRO D 382 -32.94 -9.47 4.07
N ALA D 383 -31.83 -9.55 3.32
CA ALA D 383 -31.43 -8.43 2.48
C ALA D 383 -30.67 -8.98 1.28
N ILE D 384 -29.91 -8.12 0.62
CA ILE D 384 -29.15 -8.50 -0.55
C ILE D 384 -27.89 -9.25 -0.13
N THR D 385 -27.58 -10.34 -0.83
CA THR D 385 -26.40 -11.14 -0.53
C THR D 385 -25.17 -10.50 -1.15
N ILE D 386 -24.35 -9.84 -0.34
CA ILE D 386 -23.14 -9.20 -0.84
C ILE D 386 -22.01 -10.20 -0.79
N LEU D 387 -21.30 -10.37 -1.89
CA LEU D 387 -20.05 -11.11 -1.89
C LEU D 387 -18.90 -10.11 -2.05
N GLY D 388 -17.90 -10.23 -1.21
CA GLY D 388 -16.81 -9.28 -1.23
C GLY D 388 -15.91 -9.46 -2.43
N CYS D 389 -14.86 -8.64 -2.45
CA CYS D 389 -13.87 -8.72 -3.51
C CYS D 389 -13.03 -9.98 -3.36
N ARG D 390 -12.88 -10.72 -4.47
CA ARG D 390 -12.09 -11.96 -4.54
C ARG D 390 -12.58 -13.02 -3.56
N VAL D 391 -13.88 -13.30 -3.58
CA VAL D 391 -14.46 -14.34 -2.75
C VAL D 391 -14.70 -15.57 -3.62
N ARG D 392 -14.13 -16.70 -3.22
CA ARG D 392 -14.26 -17.94 -3.96
C ARG D 392 -15.34 -18.79 -3.29
N ILE D 393 -16.37 -19.13 -4.05
CA ILE D 393 -17.48 -19.96 -3.57
C ILE D 393 -17.30 -21.35 -4.17
N PRO D 394 -17.32 -22.41 -3.38
CA PRO D 394 -17.08 -23.74 -3.91
C PRO D 394 -18.30 -24.28 -4.63
N ALA D 395 -18.15 -25.49 -5.15
CA ALA D 395 -19.20 -26.11 -5.94
C ALA D 395 -20.30 -26.65 -5.04
N GLU D 396 -21.55 -26.45 -5.48
CA GLU D 396 -22.76 -27.00 -4.86
C GLU D 396 -22.96 -26.51 -3.42
N VAL D 397 -22.83 -25.20 -3.23
CA VAL D 397 -22.89 -24.59 -1.91
C VAL D 397 -23.78 -23.37 -2.00
N LEU D 398 -24.81 -23.31 -1.16
CA LEU D 398 -25.78 -22.23 -1.18
C LEU D 398 -25.38 -21.14 -0.20
N ILE D 399 -25.43 -19.90 -0.65
CA ILE D 399 -25.18 -18.74 0.19
C ILE D 399 -26.47 -17.93 0.19
N LEU D 400 -27.13 -17.88 1.34
CA LEU D 400 -28.46 -17.29 1.42
C LEU D 400 -28.44 -16.15 2.43
N ASN D 401 -28.78 -14.95 1.95
CA ASN D 401 -28.92 -13.73 2.77
C ASN D 401 -27.67 -13.42 3.57
N SER D 402 -26.52 -13.49 2.94
CA SER D 402 -25.27 -13.40 3.67
C SER D 402 -24.42 -12.24 3.19
N ILE D 403 -23.48 -11.83 4.03
CA ILE D 403 -22.49 -10.83 3.66
C ILE D 403 -21.13 -11.45 3.87
N VAL D 404 -20.35 -11.57 2.81
CA VAL D 404 -19.05 -12.21 2.86
C VAL D 404 -17.98 -11.15 2.69
N LEU D 405 -17.09 -11.05 3.66
CA LEU D 405 -16.04 -10.06 3.67
C LEU D 405 -15.00 -10.39 2.57
N PRO D 406 -14.20 -9.43 2.13
CA PRO D 406 -13.30 -9.68 1.01
C PRO D 406 -12.20 -10.70 1.29
N HIS D 407 -11.71 -11.29 0.19
CA HIS D 407 -10.58 -12.23 0.17
C HIS D 407 -10.83 -13.45 1.04
N LYS D 408 -12.02 -13.98 0.95
CA LYS D 408 -12.44 -15.11 1.76
C LYS D 408 -12.60 -16.32 0.85
N GLU D 409 -12.54 -17.51 1.43
CA GLU D 409 -12.81 -18.74 0.70
C GLU D 409 -13.68 -19.63 1.57
N LEU D 410 -14.79 -20.07 1.03
CA LEU D 410 -15.77 -20.81 1.81
C LEU D 410 -15.70 -22.29 1.49
N SER D 411 -16.19 -23.11 2.42
CA SER D 411 -16.21 -24.54 2.25
C SER D 411 -17.57 -25.16 2.47
N ARG D 412 -18.54 -24.41 2.97
CA ARG D 412 -19.85 -24.96 3.29
C ARG D 412 -20.91 -23.88 3.14
N SER D 413 -22.17 -24.31 3.22
CA SER D 413 -23.29 -23.44 2.92
C SER D 413 -23.67 -22.59 4.12
N PHE D 414 -23.76 -21.27 3.90
CA PHE D 414 -24.09 -20.31 4.93
C PHE D 414 -25.47 -19.74 4.69
N THR D 415 -26.19 -19.44 5.77
CA THR D 415 -27.57 -19.00 5.68
C THR D 415 -27.81 -17.99 6.78
N ASN D 416 -28.15 -16.76 6.39
CA ASN D 416 -28.43 -15.64 7.29
C ASN D 416 -27.26 -15.34 8.23
N GLN D 417 -26.06 -15.22 7.67
CA GLN D 417 -24.86 -15.03 8.46
C GLN D 417 -23.95 -14.00 7.83
N ILE D 418 -23.23 -13.25 8.65
CA ILE D 418 -22.12 -12.43 8.19
C ILE D 418 -20.85 -13.23 8.39
N ILE D 419 -20.13 -13.54 7.32
CA ILE D 419 -18.90 -14.30 7.41
C ILE D 419 -17.75 -13.33 7.57
N LEU D 420 -17.12 -13.35 8.74
CA LEU D 420 -16.11 -12.37 9.11
C LEU D 420 -14.71 -12.98 9.03
N MET E 1 -2.73 38.31 20.99
CA MET E 1 -2.75 36.93 20.56
C MET E 1 -2.13 36.82 19.17
N LEU E 2 -1.22 35.86 19.00
CA LEU E 2 -0.58 35.62 17.72
C LEU E 2 -0.60 34.13 17.42
N LYS E 3 -0.84 33.78 16.17
CA LYS E 3 -0.53 32.44 15.71
C LYS E 3 0.60 32.52 14.71
N ALA E 4 1.04 31.39 14.21
CA ALA E 4 2.17 31.35 13.29
C ALA E 4 1.89 30.32 12.22
N VAL E 5 2.15 30.69 10.97
CA VAL E 5 1.88 29.85 9.82
C VAL E 5 3.21 29.39 9.25
N ILE E 6 3.41 28.09 9.16
CA ILE E 6 4.64 27.52 8.63
C ILE E 6 4.32 26.97 7.25
N LEU E 7 5.03 27.44 6.24
CA LEU E 7 4.77 27.02 4.87
C LEU E 7 5.63 25.81 4.56
N ILE E 8 5.17 24.63 4.96
CA ILE E 8 5.85 23.43 4.50
C ILE E 8 5.50 23.20 3.04
N GLY E 9 6.40 22.59 2.31
CA GLY E 9 6.23 22.49 0.89
C GLY E 9 5.30 21.37 0.50
N GLY E 10 5.37 21.01 -0.77
CA GLY E 10 4.75 19.80 -1.22
C GLY E 10 5.82 18.82 -1.66
N PRO E 11 5.40 17.66 -2.19
CA PRO E 11 6.41 16.67 -2.57
C PRO E 11 7.12 17.01 -3.86
N GLN E 12 6.43 17.61 -4.83
CA GLN E 12 7.07 17.96 -6.08
C GLN E 12 7.93 19.21 -5.94
N LYS E 13 7.50 20.17 -5.11
CA LYS E 13 8.18 21.45 -4.99
C LYS E 13 9.53 21.37 -4.27
N GLY E 14 9.83 20.25 -3.61
CA GLY E 14 11.10 20.12 -2.94
C GLY E 14 12.26 20.11 -3.92
N THR E 15 12.15 19.25 -4.94
CA THR E 15 13.03 19.06 -6.11
C THR E 15 14.52 19.18 -5.74
N ARG E 16 14.91 18.22 -4.90
CA ARG E 16 16.09 18.37 -4.06
C ARG E 16 17.36 18.43 -4.88
N PHE E 17 18.24 19.34 -4.51
CA PHE E 17 19.51 19.52 -5.19
C PHE E 17 20.39 18.31 -4.98
N ARG E 18 20.35 17.73 -3.78
CA ARG E 18 20.73 16.35 -3.51
C ARG E 18 19.63 15.81 -2.61
N PRO E 19 19.04 14.67 -2.93
CA PRO E 19 17.92 14.18 -2.11
C PRO E 19 18.38 13.69 -0.76
N LEU E 20 18.12 14.50 0.28
CA LEU E 20 18.53 14.13 1.63
C LEU E 20 17.77 12.92 2.12
N SER E 21 16.54 12.73 1.66
CA SER E 21 15.77 11.57 2.03
C SER E 21 14.77 11.26 0.93
N PHE E 22 14.70 9.99 0.53
CA PHE E 22 13.84 9.59 -0.56
C PHE E 22 12.45 9.20 -0.07
N GLU E 23 12.32 8.88 1.22
CA GLU E 23 11.14 8.21 1.74
C GLU E 23 10.41 8.99 2.83
N VAL E 24 11.07 9.94 3.47
CA VAL E 24 10.43 10.74 4.52
C VAL E 24 10.21 12.12 3.89
N PRO E 25 9.25 12.92 4.36
CA PRO E 25 9.14 14.29 3.87
C PRO E 25 10.35 15.12 4.24
N LYS E 26 10.64 16.10 3.40
CA LYS E 26 11.67 17.09 3.73
C LYS E 26 11.45 17.87 5.02
N PRO E 27 10.24 18.36 5.38
CA PRO E 27 10.15 19.10 6.66
C PRO E 27 10.28 18.23 7.89
N LEU E 28 10.18 16.92 7.76
CA LEU E 28 10.42 16.01 8.86
C LEU E 28 11.84 15.46 8.86
N PHE E 29 12.73 16.04 8.09
CA PHE E 29 14.10 15.54 8.09
C PHE E 29 14.81 16.04 9.34
N PRO E 30 15.44 15.17 10.11
CA PRO E 30 16.07 15.58 11.37
C PRO E 30 17.34 16.38 11.16
N VAL E 31 17.25 17.68 11.38
CA VAL E 31 18.39 18.57 11.38
C VAL E 31 18.79 18.81 12.83
N ALA E 32 20.02 18.38 13.17
CA ALA E 32 20.60 18.45 14.52
C ALA E 32 19.73 17.74 15.54
N GLY E 33 19.27 16.55 15.19
CA GLY E 33 18.58 15.69 16.11
C GLY E 33 17.07 15.75 16.05
N VAL E 34 16.49 16.93 15.91
CA VAL E 34 15.04 17.05 15.90
C VAL E 34 14.60 17.40 14.49
N PRO E 35 13.34 17.14 14.10
CA PRO E 35 12.88 17.49 12.75
C PRO E 35 12.99 18.97 12.42
N MET E 36 12.95 19.26 11.12
CA MET E 36 13.33 20.57 10.63
C MET E 36 12.32 21.63 11.03
N ILE E 37 11.02 21.31 11.04
CA ILE E 37 10.04 22.29 11.47
C ILE E 37 9.85 22.30 12.98
N GLN E 38 10.48 21.39 13.71
CA GLN E 38 10.38 21.45 15.17
C GLN E 38 11.19 22.61 15.72
N HIS E 39 12.23 23.05 15.01
CA HIS E 39 12.92 24.26 15.41
C HIS E 39 12.02 25.48 15.28
N HIS E 40 11.24 25.55 14.20
CA HIS E 40 10.29 26.64 14.03
C HIS E 40 9.20 26.60 15.09
N ILE E 41 8.70 25.40 15.38
CA ILE E 41 7.62 25.25 16.35
C ILE E 41 8.08 25.63 17.74
N GLU E 42 9.30 25.25 18.10
CA GLU E 42 9.81 25.57 19.44
C GLU E 42 10.11 27.06 19.57
N ALA E 43 10.71 27.67 18.55
CA ALA E 43 10.99 29.09 18.63
C ALA E 43 9.72 29.93 18.57
N CYS E 44 8.64 29.39 17.98
CA CYS E 44 7.37 30.08 18.01
C CYS E 44 6.65 29.89 19.35
N ALA E 45 6.84 28.74 19.99
CA ALA E 45 6.23 28.50 21.28
C ALA E 45 6.90 29.29 22.39
N GLN E 46 8.16 29.69 22.20
CA GLN E 46 8.79 30.55 23.20
C GLN E 46 8.19 31.95 23.23
N VAL E 47 7.57 32.39 22.14
CA VAL E 47 7.03 33.75 22.03
C VAL E 47 5.76 33.86 22.88
N PRO E 48 5.62 34.91 23.69
CA PRO E 48 4.43 35.02 24.55
C PRO E 48 3.15 35.27 23.77
N GLY E 49 2.08 34.66 24.24
CA GLY E 49 0.79 34.85 23.61
C GLY E 49 0.60 34.11 22.30
N MET E 50 1.39 33.07 22.06
CA MET E 50 1.24 32.26 20.85
C MET E 50 0.12 31.26 21.09
N GLN E 51 -0.98 31.42 20.37
CA GLN E 51 -2.18 30.61 20.57
C GLN E 51 -2.14 29.31 19.80
N GLU E 52 -1.68 29.34 18.55
CA GLU E 52 -1.78 28.19 17.67
C GLU E 52 -0.62 28.22 16.69
N ILE E 53 -0.42 27.11 15.99
CA ILE E 53 0.58 26.99 14.93
C ILE E 53 -0.06 26.20 13.80
N LEU E 54 -0.02 26.74 12.59
CA LEU E 54 -0.58 26.08 11.43
C LEU E 54 0.52 25.72 10.45
N LEU E 55 0.35 24.61 9.75
CA LEU E 55 1.26 24.19 8.71
C LEU E 55 0.47 24.07 7.41
N ILE E 56 0.82 24.87 6.42
CA ILE E 56 0.14 24.86 5.14
C ILE E 56 1.06 24.22 4.11
N GLY E 57 0.60 23.16 3.48
CA GLY E 57 1.36 22.50 2.44
C GLY E 57 0.60 21.33 1.91
N PHE E 58 0.91 20.93 0.69
CA PHE E 58 0.09 19.95 -0.01
C PHE E 58 0.69 18.55 0.02
N TYR E 59 1.40 18.21 1.08
CA TYR E 59 1.72 16.81 1.35
C TYR E 59 0.45 16.05 1.67
N GLN E 60 0.36 14.83 1.20
CA GLN E 60 -0.75 14.02 1.67
C GLN E 60 -0.47 13.55 3.08
N PRO E 61 -1.48 13.45 3.92
CA PRO E 61 -1.20 13.13 5.33
C PRO E 61 -0.86 11.66 5.56
N ASP E 62 0.41 11.34 5.31
CA ASP E 62 0.95 10.06 5.71
C ASP E 62 1.06 10.00 7.23
N GLU E 63 1.13 8.79 7.77
CA GLU E 63 1.21 8.59 9.21
C GLU E 63 2.47 9.12 9.89
N PRO E 64 3.66 9.18 9.24
CA PRO E 64 4.76 9.95 9.85
C PRO E 64 4.45 11.40 10.19
N LEU E 65 3.75 12.11 9.30
CA LEU E 65 3.46 13.51 9.53
C LEU E 65 2.43 13.69 10.63
N THR E 66 1.35 12.90 10.61
CA THR E 66 0.34 12.99 11.66
C THR E 66 0.90 12.52 13.00
N GLN E 67 1.81 11.55 12.99
CA GLN E 67 2.46 11.09 14.22
C GLN E 67 3.36 12.17 14.79
N PHE E 68 4.06 12.91 13.92
CA PHE E 68 4.83 14.07 14.38
C PHE E 68 3.93 15.13 15.00
N LEU E 69 2.73 15.33 14.41
CA LEU E 69 1.80 16.30 14.98
C LEU E 69 1.31 15.87 16.36
N GLU E 70 1.02 14.57 16.53
CA GLU E 70 0.70 13.99 17.84
C GLU E 70 1.77 14.31 18.86
N ALA E 71 3.04 14.13 18.46
CA ALA E 71 4.13 14.33 19.40
C ALA E 71 4.31 15.81 19.75
N ALA E 72 4.25 16.69 18.74
CA ALA E 72 4.55 18.09 18.96
C ALA E 72 3.47 18.80 19.76
N GLN E 73 2.19 18.41 19.57
CA GLN E 73 1.09 19.05 20.28
C GLN E 73 1.21 18.87 21.78
N GLN E 74 1.52 17.66 22.23
CA GLN E 74 1.69 17.43 23.65
C GLN E 74 3.08 17.78 24.14
N GLU E 75 4.05 17.98 23.25
CA GLU E 75 5.36 18.42 23.71
C GLU E 75 5.36 19.89 24.06
N PHE E 76 4.80 20.74 23.20
CA PHE E 76 4.88 22.17 23.44
C PHE E 76 3.62 22.78 24.03
N ASN E 77 2.58 21.95 24.26
CA ASN E 77 1.28 22.38 24.80
C ASN E 77 0.62 23.47 23.96
N LEU E 78 0.80 23.38 22.64
CA LEU E 78 0.14 24.25 21.69
C LEU E 78 -0.61 23.41 20.68
N PRO E 79 -1.79 23.84 20.24
CA PRO E 79 -2.47 23.13 19.15
C PRO E 79 -1.72 23.38 17.84
N VAL E 80 -1.25 22.31 17.21
CA VAL E 80 -0.55 22.36 15.94
C VAL E 80 -1.38 21.62 14.93
N ARG E 81 -1.82 22.32 13.89
CA ARG E 81 -2.73 21.75 12.92
C ARG E 81 -2.09 21.72 11.54
N TYR E 82 -2.62 20.87 10.68
CA TYR E 82 -2.12 20.73 9.33
C TYR E 82 -3.26 21.02 8.37
N LEU E 83 -3.14 22.12 7.62
CA LEU E 83 -4.11 22.51 6.62
C LEU E 83 -3.55 22.19 5.26
N GLN E 84 -4.22 21.34 4.52
CA GLN E 84 -3.71 20.85 3.24
C GLN E 84 -4.37 21.62 2.10
N GLU E 85 -3.57 22.20 1.22
CA GLU E 85 -4.11 22.82 0.02
C GLU E 85 -4.64 21.75 -0.92
N PHE E 86 -5.64 22.12 -1.70
CA PHE E 86 -6.19 21.15 -2.65
C PHE E 86 -5.31 20.99 -3.87
N ALA E 87 -4.46 21.98 -4.14
CA ALA E 87 -3.58 22.01 -5.30
C ALA E 87 -2.39 22.88 -4.91
N PRO E 88 -1.27 22.80 -5.65
CA PRO E 88 -0.17 23.71 -5.33
C PRO E 88 -0.48 25.15 -5.67
N LEU E 89 -0.76 25.96 -4.66
CA LEU E 89 -1.25 27.31 -4.85
C LEU E 89 -0.17 28.36 -4.73
N GLY E 90 1.08 27.96 -4.63
CA GLY E 90 2.13 28.95 -4.52
C GLY E 90 2.38 29.36 -3.09
N THR E 91 3.31 30.30 -2.93
CA THR E 91 3.74 30.71 -1.60
C THR E 91 2.64 31.48 -0.88
N GLY E 92 2.03 32.43 -1.56
CA GLY E 92 1.05 33.26 -0.90
C GLY E 92 -0.38 32.86 -1.23
N GLY E 93 -0.55 31.91 -2.15
CA GLY E 93 -1.90 31.47 -2.46
C GLY E 93 -2.50 30.64 -1.36
N GLY E 94 -1.69 29.83 -0.69
CA GLY E 94 -2.19 29.03 0.41
C GLY E 94 -2.52 29.86 1.62
N LEU E 95 -1.90 31.03 1.75
CA LEU E 95 -2.26 31.93 2.84
C LEU E 95 -3.61 32.58 2.57
N TYR E 96 -3.90 32.90 1.32
CA TYR E 96 -5.16 33.55 1.01
C TYR E 96 -6.30 32.57 1.01
N HIS E 97 -6.06 31.35 0.56
CA HIS E 97 -7.11 30.34 0.50
C HIS E 97 -7.57 29.93 1.89
N PHE E 98 -6.66 29.89 2.85
CA PHE E 98 -6.96 29.53 4.22
C PHE E 98 -7.06 30.76 5.11
N ARG E 99 -7.60 31.87 4.60
CA ARG E 99 -7.65 33.07 5.40
C ARG E 99 -8.67 32.99 6.52
N ASP E 100 -9.69 32.15 6.37
CA ASP E 100 -10.70 32.01 7.41
C ASP E 100 -10.17 31.23 8.60
N GLN E 101 -9.22 30.32 8.37
CA GLN E 101 -8.67 29.54 9.46
C GLN E 101 -7.59 30.30 10.20
N ILE E 102 -6.85 31.16 9.51
CA ILE E 102 -5.84 31.97 10.18
C ILE E 102 -6.47 33.16 10.87
N LEU E 103 -7.43 33.82 10.21
CA LEU E 103 -8.01 35.04 10.76
C LEU E 103 -8.97 34.78 11.92
N ALA E 104 -9.39 33.53 12.13
CA ALA E 104 -10.34 33.22 13.19
C ALA E 104 -9.69 33.35 14.55
N GLY E 105 -10.39 34.04 15.45
CA GLY E 105 -9.85 34.41 16.73
C GLY E 105 -9.34 35.83 16.80
N SER E 106 -9.20 36.48 15.65
CA SER E 106 -8.65 37.82 15.45
C SER E 106 -7.26 37.96 16.07
N PRO E 107 -6.22 37.38 15.47
CA PRO E 107 -4.88 37.57 16.01
C PRO E 107 -4.39 38.99 15.78
N GLU E 108 -3.53 39.45 16.69
CA GLU E 108 -2.95 40.78 16.55
C GLU E 108 -2.02 40.85 15.36
N ALA E 109 -1.23 39.81 15.16
CA ALA E 109 -0.38 39.63 13.99
C ALA E 109 -0.06 38.15 13.91
N PHE E 110 0.39 37.70 12.75
CA PHE E 110 0.77 36.30 12.63
C PHE E 110 2.04 36.15 11.83
N PHE E 111 2.91 35.27 12.29
CA PHE E 111 4.16 35.00 11.61
C PHE E 111 3.95 34.11 10.41
N VAL E 112 4.79 34.28 9.40
CA VAL E 112 4.88 33.35 8.28
C VAL E 112 6.33 32.90 8.18
N LEU E 113 6.57 31.61 8.31
CA LEU E 113 7.91 31.05 8.28
C LEU E 113 8.01 30.05 7.15
N ASN E 114 9.04 30.21 6.31
CA ASN E 114 9.40 29.17 5.38
C ASN E 114 9.83 27.94 6.16
N ALA E 115 9.53 26.77 5.65
CA ALA E 115 9.92 25.58 6.40
C ALA E 115 11.39 25.26 6.22
N ASP E 116 11.93 25.58 5.05
CA ASP E 116 13.32 25.22 4.75
C ASP E 116 14.43 26.13 5.25
N VAL E 117 14.10 27.17 6.02
CA VAL E 117 15.16 28.02 6.53
C VAL E 117 15.57 27.53 7.91
N CYS E 118 16.85 27.70 8.21
CA CYS E 118 17.44 27.40 9.49
C CYS E 118 17.98 28.71 10.01
N SER E 119 17.37 29.24 11.06
CA SER E 119 17.70 30.59 11.45
C SER E 119 17.73 30.74 12.95
N ASP E 120 18.13 31.93 13.38
CA ASP E 120 18.08 32.33 14.78
C ASP E 120 16.66 32.36 15.30
N PHE E 121 15.70 32.75 14.45
CA PHE E 121 14.32 33.10 14.74
C PHE E 121 14.25 34.15 15.83
N PRO E 122 14.61 35.39 15.55
CA PRO E 122 14.43 36.44 16.55
C PRO E 122 13.03 37.02 16.46
N LEU E 123 12.05 36.20 16.84
CA LEU E 123 10.66 36.58 16.63
C LEU E 123 10.22 37.65 17.62
N SER E 124 10.85 37.72 18.80
CA SER E 124 10.49 38.75 19.75
C SER E 124 11.01 40.11 19.32
N ALA E 125 12.17 40.15 18.66
CA ALA E 125 12.71 41.43 18.19
C ALA E 125 11.86 42.00 17.06
N MET E 126 11.47 41.14 16.11
CA MET E 126 10.52 41.53 15.07
C MET E 126 9.19 41.95 15.68
N LEU E 127 8.77 41.28 16.76
CA LEU E 127 7.52 41.66 17.40
C LEU E 127 7.61 43.01 18.10
N GLU E 128 8.77 43.33 18.67
CA GLU E 128 8.93 44.64 19.30
C GLU E 128 8.93 45.76 18.25
N ALA E 129 9.61 45.54 17.12
CA ALA E 129 9.59 46.55 16.06
C ALA E 129 8.19 46.69 15.46
N HIS E 130 7.48 45.57 15.34
CA HIS E 130 6.12 45.61 14.80
C HIS E 130 5.16 46.28 15.78
N ARG E 131 5.35 46.07 17.08
CA ARG E 131 4.52 46.76 18.06
C ARG E 131 4.88 48.24 18.14
N ARG E 132 6.09 48.59 17.72
CA ARG E 132 6.44 50.01 17.64
C ARG E 132 5.72 50.69 16.48
N GLN E 133 5.72 50.08 15.29
CA GLN E 133 5.25 50.83 14.12
C GLN E 133 3.99 50.31 13.45
N ARG E 134 3.58 49.05 13.68
CA ARG E 134 2.30 48.48 13.23
C ARG E 134 2.11 48.52 11.72
N HIS E 135 3.15 48.30 11.02
CA HIS E 135 3.09 48.30 9.56
C HIS E 135 2.72 46.90 9.05
N PRO E 136 2.10 46.77 7.87
CA PRO E 136 1.47 45.49 7.51
C PRO E 136 2.42 44.34 7.23
N PHE E 137 3.57 44.59 6.62
CA PHE E 137 4.52 43.55 6.30
C PHE E 137 5.84 43.83 6.98
N LEU E 138 6.38 42.84 7.69
CA LEU E 138 7.73 42.94 8.22
C LEU E 138 8.54 41.77 7.68
N LEU E 139 9.72 42.06 7.18
CA LEU E 139 10.58 41.07 6.53
C LEU E 139 11.87 40.97 7.29
N LEU E 140 12.33 39.74 7.56
CA LEU E 140 13.68 39.59 8.08
C LEU E 140 14.67 39.71 6.94
N GLY E 141 15.79 40.37 7.21
CA GLY E 141 16.80 40.60 6.18
C GLY E 141 18.17 40.29 6.70
N THR E 142 19.01 39.74 5.82
CA THR E 142 20.40 39.46 6.19
C THR E 142 21.36 39.96 5.13
N THR E 143 22.61 40.15 5.55
CA THR E 143 23.64 40.67 4.67
C THR E 143 24.38 39.51 4.00
N ALA E 144 24.58 39.63 2.69
CA ALA E 144 25.14 38.53 1.91
C ALA E 144 26.22 39.04 0.97
N ASN E 145 26.91 38.09 0.36
CA ASN E 145 27.93 38.37 -0.63
C ASN E 145 27.31 38.91 -1.90
N ARG E 146 28.13 39.55 -2.74
CA ARG E 146 27.63 40.09 -3.99
C ARG E 146 27.34 38.98 -4.99
N THR E 147 28.11 37.89 -4.96
CA THR E 147 27.84 36.77 -5.85
C THR E 147 26.69 35.91 -5.32
N GLN E 148 26.64 35.69 -4.02
CA GLN E 148 25.62 34.83 -3.45
C GLN E 148 24.24 35.47 -3.43
N SER E 149 24.14 36.78 -3.62
CA SER E 149 22.85 37.45 -3.50
C SER E 149 21.94 37.17 -4.68
N LEU E 150 22.48 36.71 -5.81
CA LEU E 150 21.63 36.46 -6.96
C LEU E 150 20.77 35.21 -6.79
N ASN E 151 21.04 34.37 -5.80
CA ASN E 151 20.23 33.19 -5.58
C ASN E 151 19.00 33.47 -4.73
N TYR E 152 19.08 34.46 -3.85
CA TYR E 152 17.99 34.81 -2.96
C TYR E 152 17.19 35.96 -3.56
N GLY E 153 16.30 36.56 -2.78
CA GLY E 153 15.53 37.71 -3.21
C GLY E 153 16.09 38.99 -2.63
N CYS E 154 16.58 39.85 -3.51
CA CYS E 154 17.30 41.03 -3.04
C CYS E 154 16.35 42.16 -2.68
N ILE E 155 16.78 42.93 -1.69
CA ILE E 155 15.99 43.98 -1.05
C ILE E 155 16.82 45.24 -1.04
N VAL E 156 16.31 46.31 -1.65
CA VAL E 156 16.87 47.64 -1.53
C VAL E 156 15.97 48.43 -0.60
N GLU E 157 16.54 49.04 0.42
CA GLU E 157 15.76 49.70 1.44
C GLU E 157 16.23 51.13 1.64
N ASN E 158 15.38 51.91 2.30
CA ASN E 158 15.83 53.17 2.89
C ASN E 158 16.50 52.87 4.22
N PRO E 159 17.74 53.30 4.44
CA PRO E 159 18.46 52.88 5.66
C PRO E 159 17.95 53.54 6.92
N GLN E 160 17.27 54.69 6.82
CA GLN E 160 16.86 55.39 8.01
C GLN E 160 15.53 54.87 8.55
N THR E 161 14.54 54.74 7.68
CA THR E 161 13.21 54.32 8.09
C THR E 161 12.99 52.82 7.98
N HIS E 162 13.98 52.08 7.46
CA HIS E 162 13.95 50.62 7.33
C HIS E 162 12.76 50.13 6.51
N GLU E 163 12.42 50.86 5.46
CA GLU E 163 11.32 50.50 4.57
C GLU E 163 11.89 50.06 3.22
N VAL E 164 11.32 48.99 2.67
CA VAL E 164 11.72 48.52 1.35
C VAL E 164 11.35 49.56 0.31
N LEU E 165 12.33 50.01 -0.46
CA LEU E 165 12.08 50.84 -1.62
C LEU E 165 12.03 50.04 -2.91
N HIS E 166 12.78 48.94 -2.98
CA HIS E 166 12.77 48.10 -4.17
C HIS E 166 12.96 46.65 -3.76
N TYR E 167 12.25 45.75 -4.42
CA TYR E 167 12.39 44.33 -4.18
C TYR E 167 12.54 43.66 -5.53
N VAL E 168 13.44 42.68 -5.62
CA VAL E 168 13.58 41.93 -6.85
C VAL E 168 13.87 40.49 -6.48
N GLU E 169 13.42 39.56 -7.29
CA GLU E 169 13.40 38.15 -6.91
C GLU E 169 14.33 37.35 -7.80
N LYS E 170 15.46 36.93 -7.22
CA LYS E 170 16.52 36.21 -7.90
C LYS E 170 16.99 36.91 -9.18
N PRO E 171 17.62 38.07 -9.05
CA PRO E 171 17.91 38.88 -10.24
C PRO E 171 19.10 38.34 -11.00
N SER E 172 19.11 38.63 -12.30
CA SER E 172 20.24 38.23 -13.12
C SER E 172 21.45 39.11 -12.84
N THR E 173 21.22 40.37 -12.51
CA THR E 173 22.28 41.30 -12.19
C THR E 173 22.28 41.62 -10.70
N PHE E 174 23.38 42.17 -10.22
CA PHE E 174 23.48 42.54 -8.81
C PHE E 174 22.60 43.75 -8.52
N ILE E 175 21.86 43.68 -7.42
CA ILE E 175 20.88 44.71 -7.09
C ILE E 175 21.20 45.30 -5.72
N SER E 176 21.16 44.46 -4.69
CA SER E 176 21.58 44.85 -3.35
C SER E 176 22.07 43.60 -2.64
N ASP E 177 22.76 43.82 -1.53
CA ASP E 177 23.33 42.73 -0.75
C ASP E 177 22.36 42.14 0.26
N ILE E 178 21.39 42.93 0.70
CA ILE E 178 20.46 42.40 1.69
C ILE E 178 19.57 41.37 0.99
N ILE E 179 19.35 40.25 1.65
CA ILE E 179 18.54 39.18 1.10
C ILE E 179 17.39 38.91 2.06
N ASN E 180 16.26 38.54 1.47
CA ASN E 180 15.11 38.07 2.22
C ASN E 180 15.43 36.73 2.84
N CYS E 181 15.05 36.56 4.11
CA CYS E 181 15.36 35.35 4.85
C CYS E 181 14.19 34.42 5.01
N GLY E 182 13.06 34.70 4.37
CA GLY E 182 11.94 33.80 4.47
C GLY E 182 11.20 33.81 5.77
N ILE E 183 11.38 34.83 6.61
CA ILE E 183 10.66 34.97 7.85
C ILE E 183 9.96 36.31 7.82
N TYR E 184 8.64 36.29 7.97
CA TYR E 184 7.84 37.51 7.87
C TYR E 184 6.86 37.61 9.02
N LEU E 185 6.40 38.83 9.25
CA LEU E 185 5.36 39.14 10.22
C LEU E 185 4.24 39.87 9.50
N PHE E 186 3.02 39.35 9.60
CA PHE E 186 1.88 39.79 8.81
C PHE E 186 0.84 40.35 9.77
N SER E 187 0.51 41.62 9.62
CA SER E 187 -0.62 42.20 10.34
C SER E 187 -1.91 41.71 9.68
N PRO E 188 -3.07 41.79 10.35
CA PRO E 188 -4.30 41.28 9.72
C PRO E 188 -4.79 42.11 8.56
N GLU E 189 -4.27 43.33 8.40
CA GLU E 189 -4.58 44.12 7.22
C GLU E 189 -3.89 43.55 5.98
N ALA E 190 -2.79 42.81 6.19
CA ALA E 190 -1.95 42.36 5.09
C ALA E 190 -2.58 41.25 4.27
N LEU E 191 -3.70 40.68 4.69
CA LEU E 191 -4.44 39.78 3.81
C LEU E 191 -5.32 40.52 2.83
N LYS E 192 -5.51 41.82 3.03
CA LYS E 192 -6.23 42.66 2.08
C LYS E 192 -5.48 42.88 0.76
N PRO E 193 -4.16 43.19 0.72
CA PRO E 193 -3.53 43.33 -0.60
C PRO E 193 -3.42 42.04 -1.36
N LEU E 194 -3.22 40.91 -0.67
CA LEU E 194 -3.20 39.59 -1.29
C LEU E 194 -4.46 39.33 -2.10
N ARG E 195 -5.62 39.67 -1.51
CA ARG E 195 -6.90 39.54 -2.18
C ARG E 195 -6.94 40.30 -3.49
N ASP E 196 -6.33 41.50 -3.51
CA ASP E 196 -6.28 42.31 -4.71
C ASP E 196 -5.56 41.59 -5.83
N VAL E 197 -4.46 40.91 -5.47
CA VAL E 197 -3.67 40.15 -6.45
C VAL E 197 -4.51 39.02 -7.03
N PHE E 198 -5.36 38.41 -6.20
CA PHE E 198 -6.21 37.31 -6.63
C PHE E 198 -7.16 37.75 -7.73
N GLN E 199 -7.67 38.99 -7.65
CA GLN E 199 -8.59 39.44 -8.67
C GLN E 199 -7.88 39.63 -10.00
N ARG E 200 -6.62 40.05 -9.96
CA ARG E 200 -5.87 40.20 -11.20
C ARG E 200 -5.56 38.86 -11.83
N ASN E 201 -5.57 37.78 -11.05
CA ASN E 201 -5.35 36.47 -11.64
C ASN E 201 -6.60 35.95 -12.33
N GLN E 202 -7.76 36.54 -12.05
CA GLN E 202 -8.96 36.04 -12.72
C GLN E 202 -9.10 36.61 -14.11
N GLN E 203 -8.46 37.74 -14.38
CA GLN E 203 -8.56 38.37 -15.69
C GLN E 203 -7.35 38.02 -16.56
N GLY E 218 -5.78 31.92 -9.29
CA GLY E 218 -5.78 30.89 -8.27
C GLY E 218 -4.52 30.87 -7.41
N THR E 219 -3.37 30.79 -8.08
CA THR E 219 -2.09 30.66 -7.40
C THR E 219 -1.41 32.02 -7.31
N ILE E 220 -1.01 32.38 -6.11
CA ILE E 220 -0.39 33.67 -5.82
C ILE E 220 1.02 33.41 -5.30
N ARG E 221 2.02 33.85 -6.03
CA ARG E 221 3.39 33.82 -5.55
C ARG E 221 3.60 35.05 -4.67
N LEU E 222 4.01 34.83 -3.43
CA LEU E 222 4.04 35.93 -2.47
C LEU E 222 5.18 36.89 -2.75
N GLU E 223 6.32 36.39 -3.19
CA GLU E 223 7.46 37.26 -3.42
C GLU E 223 7.35 38.01 -4.74
N GLN E 224 6.85 37.35 -5.78
CA GLN E 224 6.85 37.97 -7.10
C GLN E 224 5.63 38.85 -7.32
N ASP E 225 4.49 38.51 -6.73
CA ASP E 225 3.26 39.25 -7.01
C ASP E 225 2.88 40.25 -5.92
N VAL E 226 3.20 39.98 -4.67
CA VAL E 226 2.88 40.89 -3.58
C VAL E 226 4.05 41.76 -3.21
N PHE E 227 5.21 41.16 -2.94
CA PHE E 227 6.36 41.90 -2.46
C PHE E 227 6.99 42.73 -3.58
N SER E 228 7.14 42.16 -4.76
CA SER E 228 7.83 42.86 -5.84
C SER E 228 6.96 43.89 -6.54
N ALA E 229 5.67 43.93 -6.24
CA ALA E 229 4.78 44.94 -6.79
C ALA E 229 4.52 46.09 -5.82
N LEU E 230 4.32 45.79 -4.54
CA LEU E 230 4.04 46.79 -3.53
C LEU E 230 5.28 47.40 -2.92
N ALA E 231 6.46 47.14 -3.48
CA ALA E 231 7.68 47.61 -2.87
C ALA E 231 7.88 49.09 -3.13
N GLY E 232 8.15 49.84 -2.06
CA GLY E 232 8.36 51.27 -2.17
C GLY E 232 7.17 52.11 -1.79
N GLN E 233 5.98 51.51 -1.70
CA GLN E 233 4.75 52.24 -1.42
C GLN E 233 4.42 52.29 0.06
N GLY E 234 5.42 52.13 0.93
CA GLY E 234 5.21 52.24 2.35
C GLY E 234 4.55 51.04 3.00
N GLN E 235 4.46 49.92 2.31
CA GLN E 235 3.75 48.77 2.86
C GLN E 235 4.68 47.70 3.40
N ILE E 236 5.92 47.65 2.96
CA ILE E 236 6.85 46.59 3.33
C ILE E 236 8.04 47.20 4.05
N TYR E 237 8.35 46.66 5.23
CA TYR E 237 9.45 47.14 6.04
C TYR E 237 10.38 45.98 6.34
N VAL E 238 11.69 46.22 6.31
CA VAL E 238 12.68 45.18 6.55
C VAL E 238 13.30 45.40 7.93
N HIS E 239 13.37 44.33 8.71
CA HIS E 239 14.10 44.31 9.96
C HIS E 239 15.39 43.54 9.74
N LEU E 240 16.53 44.24 9.75
CA LEU E 240 17.82 43.60 9.62
C LEU E 240 18.13 42.76 10.85
N THR E 241 18.90 41.69 10.65
CA THR E 241 19.29 40.85 11.77
C THR E 241 20.72 40.39 11.61
N ASP E 242 21.20 39.73 12.65
CA ASP E 242 22.61 39.45 12.88
C ASP E 242 22.92 37.98 12.98
N GLY E 243 22.01 37.17 13.48
CA GLY E 243 22.30 35.80 13.86
C GLY E 243 22.51 34.87 12.69
N ILE E 244 22.54 33.57 13.03
CA ILE E 244 22.85 32.56 12.05
C ILE E 244 21.69 32.37 11.09
N TRP E 245 22.00 32.20 9.82
CA TRP E 245 20.95 31.95 8.85
C TRP E 245 21.51 31.11 7.72
N SER E 246 20.77 30.07 7.36
CA SER E 246 21.08 29.25 6.20
C SER E 246 19.77 28.70 5.66
N GLN E 247 19.80 28.21 4.44
CA GLN E 247 18.61 27.61 3.86
C GLN E 247 18.89 26.14 3.63
N ILE E 248 17.92 25.30 3.98
CA ILE E 248 18.11 23.87 3.87
C ILE E 248 17.51 23.47 2.53
N LYS E 249 18.33 23.59 1.49
CA LYS E 249 17.88 23.24 0.17
C LYS E 249 18.36 21.85 -0.24
N SER E 250 19.62 21.57 0.00
CA SER E 250 20.27 20.35 -0.44
C SER E 250 20.72 19.55 0.77
N ALA E 251 21.49 18.50 0.50
CA ALA E 251 22.03 17.69 1.57
C ALA E 251 23.18 18.37 2.28
N GLY E 252 24.07 19.01 1.51
CA GLY E 252 25.19 19.69 2.11
C GLY E 252 24.76 20.90 2.93
N SER E 253 23.73 21.59 2.46
CA SER E 253 23.21 22.71 3.24
C SER E 253 22.43 22.23 4.44
N ALA E 254 21.88 21.01 4.38
CA ALA E 254 21.27 20.42 5.57
C ALA E 254 22.31 20.09 6.62
N LEU E 255 23.45 19.59 6.17
CA LEU E 255 24.53 19.28 7.10
C LEU E 255 25.13 20.53 7.70
N TYR E 256 25.27 21.58 6.91
CA TYR E 256 25.79 22.85 7.42
C TYR E 256 24.79 23.52 8.36
N ALA E 257 23.49 23.38 8.07
CA ALA E 257 22.49 23.89 9.00
C ALA E 257 22.48 23.11 10.29
N SER E 258 22.73 21.80 10.23
CA SER E 258 22.84 21.01 11.45
C SER E 258 24.05 21.43 12.27
N ARG E 259 25.16 21.79 11.60
CA ARG E 259 26.31 22.31 12.32
C ARG E 259 25.98 23.63 13.00
N LEU E 260 25.23 24.50 12.31
CA LEU E 260 24.83 25.78 12.89
C LEU E 260 23.95 25.60 14.11
N TYR E 261 23.01 24.66 14.05
CA TYR E 261 22.14 24.42 15.20
C TYR E 261 22.90 23.77 16.35
N LEU E 262 23.86 22.88 16.05
CA LEU E 262 24.63 22.28 17.14
C LEU E 262 25.52 23.30 17.80
N SER E 263 25.98 24.31 17.07
CA SER E 263 26.72 25.38 17.71
C SER E 263 25.80 26.33 18.46
N ARG E 264 24.55 26.47 18.00
CA ARG E 264 23.58 27.30 18.69
C ARG E 264 23.07 26.64 19.97
N TYR E 265 23.16 25.32 20.07
CA TYR E 265 22.62 24.57 21.21
C TYR E 265 23.27 24.93 22.53
N GLN E 266 24.51 25.44 22.51
CA GLN E 266 25.22 25.77 23.75
C GLN E 266 24.51 26.86 24.54
N ASP E 267 23.89 27.81 23.85
CA ASP E 267 23.24 28.92 24.54
C ASP E 267 21.86 28.54 25.05
N THR E 268 21.17 27.61 24.39
CA THR E 268 19.79 27.28 24.74
C THR E 268 19.63 25.92 25.39
N HIS E 269 20.16 24.86 24.82
CA HIS E 269 19.99 23.51 25.36
C HIS E 269 21.34 22.85 25.59
N PRO E 270 22.03 23.18 26.69
CA PRO E 270 23.31 22.51 26.97
C PRO E 270 23.15 21.05 27.35
N GLU E 271 21.95 20.61 27.70
CA GLU E 271 21.67 19.22 28.00
C GLU E 271 21.47 18.38 26.76
N ARG E 272 21.41 19.00 25.57
CA ARG E 272 21.26 18.24 24.34
C ARG E 272 22.60 17.76 23.82
N LEU E 273 23.62 18.59 23.89
CA LEU E 273 24.94 18.21 23.44
C LEU E 273 25.52 17.16 24.35
N ALA E 274 26.27 16.22 23.78
CA ALA E 274 26.94 15.22 24.57
C ALA E 274 28.13 15.84 25.27
N LYS E 275 28.29 15.53 26.56
CA LYS E 275 29.42 15.99 27.33
C LYS E 275 30.64 15.14 27.01
N HIS E 276 31.77 15.44 27.65
CA HIS E 276 33.03 14.80 27.27
C HIS E 276 33.04 13.33 27.65
N THR E 277 32.59 12.98 28.87
CA THR E 277 32.33 11.65 29.37
C THR E 277 33.52 10.70 29.21
N PRO E 278 34.55 10.83 30.04
CA PRO E 278 35.77 10.01 29.83
C PRO E 278 35.55 8.52 30.02
N GLY E 279 34.52 8.11 30.75
CA GLY E 279 34.21 6.69 30.83
C GLY E 279 33.56 6.13 29.58
N GLY E 280 32.81 6.96 28.85
CA GLY E 280 32.11 6.51 27.67
C GLY E 280 32.84 6.84 26.37
N PRO E 281 32.08 7.06 25.30
CA PRO E 281 32.70 7.33 24.00
C PRO E 281 33.29 8.72 23.95
N TRP E 282 34.31 8.89 23.11
CA TRP E 282 34.98 10.17 23.03
C TRP E 282 34.15 11.13 22.19
N ILE E 283 34.10 12.38 22.62
CA ILE E 283 33.34 13.41 21.92
C ILE E 283 34.22 14.64 21.81
N ARG E 284 34.49 15.07 20.59
CA ARG E 284 35.11 16.36 20.34
C ARG E 284 34.13 17.21 19.55
N GLY E 285 34.10 18.51 19.83
CA GLY E 285 33.13 19.33 19.16
C GLY E 285 31.72 19.10 19.69
N ASN E 286 30.75 19.66 18.98
CA ASN E 286 29.35 19.59 19.37
C ASN E 286 28.72 18.35 18.76
N VAL E 287 28.22 17.45 19.60
CA VAL E 287 27.67 16.16 19.16
C VAL E 287 26.36 15.93 19.88
N TYR E 288 25.30 15.69 19.12
CA TYR E 288 24.03 15.25 19.68
C TYR E 288 23.97 13.74 19.59
N ILE E 289 23.77 13.08 20.73
CA ILE E 289 23.49 11.65 20.77
C ILE E 289 22.13 11.45 21.43
N HIS E 290 21.28 10.66 20.80
CA HIS E 290 19.98 10.35 21.38
C HIS E 290 20.15 9.48 22.62
N PRO E 291 19.23 9.56 23.58
CA PRO E 291 19.31 8.65 24.72
C PRO E 291 19.12 7.18 24.37
N THR E 292 18.30 6.87 23.38
CA THR E 292 18.04 5.48 23.04
C THR E 292 19.20 4.86 22.27
N ALA E 293 20.02 5.69 21.63
CA ALA E 293 21.15 5.18 20.87
C ALA E 293 22.24 4.67 21.79
N LYS E 294 22.80 3.51 21.45
CA LYS E 294 23.85 2.89 22.25
C LYS E 294 25.16 2.94 21.49
N VAL E 295 26.09 3.74 21.98
CA VAL E 295 27.39 3.94 21.36
C VAL E 295 28.44 3.25 22.21
N ALA E 296 29.29 2.47 21.57
CA ALA E 296 30.35 1.77 22.29
C ALA E 296 31.39 2.76 22.81
N PRO E 297 32.02 2.46 23.94
CA PRO E 297 32.93 3.46 24.55
C PRO E 297 34.24 3.65 23.82
N SER E 298 34.59 2.77 22.88
CA SER E 298 35.79 2.99 22.09
C SER E 298 35.54 3.87 20.89
N ALA E 299 34.28 4.11 20.55
CA ALA E 299 33.93 4.97 19.43
C ALA E 299 34.25 6.42 19.76
N VAL E 300 34.69 7.17 18.76
CA VAL E 300 34.97 8.59 18.91
C VAL E 300 34.22 9.36 17.85
N LEU E 301 33.44 10.34 18.27
CA LEU E 301 32.52 11.04 17.39
C LEU E 301 33.01 12.46 17.21
N GLY E 302 33.40 12.80 15.98
CA GLY E 302 34.00 14.09 15.72
C GLY E 302 32.99 15.21 15.72
N PRO E 303 33.41 16.40 15.29
CA PRO E 303 32.53 17.56 15.38
C PRO E 303 31.34 17.46 14.45
N ASN E 304 30.23 18.05 14.91
CA ASN E 304 29.01 18.29 14.15
C ASN E 304 28.34 16.99 13.69
N VAL E 305 28.11 16.10 14.64
CA VAL E 305 27.61 14.75 14.38
C VAL E 305 26.32 14.56 15.14
N SER E 306 25.25 14.19 14.42
CA SER E 306 23.98 13.88 15.03
C SER E 306 23.70 12.40 14.92
N ILE E 307 23.29 11.78 16.02
CA ILE E 307 22.95 10.36 16.06
C ILE E 307 21.47 10.27 16.37
N GLY E 308 20.78 9.36 15.69
CA GLY E 308 19.35 9.22 15.85
C GLY E 308 18.97 8.18 16.88
N LYS E 309 17.66 7.97 17.00
CA LYS E 309 17.12 7.10 18.04
C LYS E 309 17.23 5.64 17.62
N GLY E 310 17.86 4.83 18.47
CA GLY E 310 17.99 3.42 18.17
C GLY E 310 19.20 3.05 17.35
N VAL E 311 20.15 3.97 17.18
CA VAL E 311 21.36 3.72 16.42
C VAL E 311 22.35 2.98 17.29
N THR E 312 22.95 1.93 16.77
CA THR E 312 23.96 1.16 17.52
C THR E 312 25.31 1.40 16.86
N VAL E 313 25.98 2.46 17.26
CA VAL E 313 27.31 2.75 16.75
C VAL E 313 28.29 1.79 17.40
N GLY E 314 29.03 1.06 16.58
CA GLY E 314 29.82 -0.04 17.08
C GLY E 314 31.10 0.36 17.75
N GLU E 315 31.91 -0.66 18.02
CA GLU E 315 33.22 -0.49 18.61
C GLU E 315 34.21 0.09 17.60
N GLY E 316 34.81 1.22 17.94
CA GLY E 316 35.88 1.76 17.13
C GLY E 316 35.46 2.65 15.99
N VAL E 317 34.18 3.01 15.89
CA VAL E 317 33.68 3.84 14.80
C VAL E 317 34.19 5.26 14.94
N ARG E 318 34.54 5.87 13.82
CA ARG E 318 34.80 7.30 13.74
C ARG E 318 33.71 7.94 12.91
N LEU E 319 33.04 8.94 13.47
CA LEU E 319 31.99 9.68 12.78
C LEU E 319 32.34 11.15 12.83
N ARG E 320 32.54 11.76 11.68
CA ARG E 320 32.83 13.18 11.62
C ARG E 320 31.91 13.81 10.59
N GLU E 321 31.26 14.91 10.96
CA GLU E 321 30.44 15.72 10.07
C GLU E 321 29.30 14.92 9.44
N SER E 322 28.69 14.04 10.21
CA SER E 322 27.70 13.14 9.65
C SER E 322 26.34 13.39 10.27
N ILE E 323 25.33 12.71 9.74
CA ILE E 323 24.00 12.65 10.30
C ILE E 323 23.54 11.21 10.16
N VAL E 324 23.23 10.56 11.27
CA VAL E 324 22.82 9.17 11.26
C VAL E 324 21.36 9.10 11.64
N LEU E 325 20.52 8.62 10.74
CA LEU E 325 19.09 8.59 11.00
C LEU E 325 18.76 7.37 11.87
N HIS E 326 17.49 7.25 12.23
CA HIS E 326 17.12 6.39 13.34
C HIS E 326 17.12 4.92 12.95
N GLY E 327 17.81 4.10 13.72
CA GLY E 327 17.82 2.68 13.46
C GLY E 327 18.96 2.18 12.62
N ALA E 328 19.86 3.06 12.20
CA ALA E 328 21.03 2.62 11.45
C ALA E 328 22.02 1.95 12.37
N THR E 329 22.77 0.99 11.84
CA THR E 329 23.79 0.30 12.61
C THR E 329 25.10 0.41 11.88
N LEU E 330 26.14 0.82 12.59
CA LEU E 330 27.49 0.82 12.05
C LEU E 330 28.33 -0.16 12.85
N GLN E 331 28.97 -1.09 12.15
CA GLN E 331 29.76 -2.13 12.80
C GLN E 331 31.16 -1.62 13.12
N GLU E 332 32.09 -2.52 13.38
CA GLU E 332 33.35 -2.13 13.98
C GLU E 332 34.29 -1.46 12.98
N HIS E 333 35.05 -0.48 13.48
CA HIS E 333 36.17 0.16 12.79
C HIS E 333 35.78 0.91 11.52
N THR E 334 34.56 1.41 11.43
CA THR E 334 34.12 2.11 10.24
C THR E 334 34.36 3.61 10.37
N CYS E 335 34.64 4.25 9.24
CA CYS E 335 34.87 5.69 9.19
C CYS E 335 33.81 6.32 8.32
N VAL E 336 33.05 7.27 8.89
CA VAL E 336 31.97 7.95 8.18
C VAL E 336 32.23 9.44 8.24
N LEU E 337 32.58 10.03 7.11
CA LEU E 337 32.92 11.44 7.04
C LEU E 337 32.04 12.12 6.01
N HIS E 338 31.41 13.23 6.40
CA HIS E 338 30.59 14.08 5.54
C HIS E 338 29.50 13.29 4.83
N SER E 339 28.71 12.55 5.59
CA SER E 339 27.75 11.68 4.95
C SER E 339 26.47 11.63 5.76
N ILE E 340 25.37 11.46 5.04
CA ILE E 340 24.05 11.27 5.63
C ILE E 340 23.70 9.81 5.51
N VAL E 341 23.49 9.15 6.64
CA VAL E 341 23.18 7.73 6.65
C VAL E 341 21.68 7.57 6.86
N GLY E 342 21.02 6.95 5.90
CA GLY E 342 19.58 6.78 5.99
C GLY E 342 19.20 5.78 7.06
N TRP E 343 17.91 5.78 7.38
CA TRP E 343 17.44 5.02 8.53
C TRP E 343 17.41 3.54 8.21
N GLY E 344 17.82 2.73 9.17
CA GLY E 344 17.85 1.30 8.98
C GLY E 344 19.02 0.79 8.19
N SER E 345 19.96 1.65 7.82
CA SER E 345 21.06 1.25 6.96
C SER E 345 22.15 0.59 7.78
N THR E 346 22.82 -0.38 7.17
CA THR E 346 23.85 -1.17 7.80
C THR E 346 25.17 -0.96 7.09
N VAL E 347 26.20 -0.59 7.83
CA VAL E 347 27.55 -0.42 7.30
C VAL E 347 28.41 -1.50 7.90
N GLY E 348 29.01 -2.35 7.06
CA GLY E 348 29.82 -3.44 7.54
C GLY E 348 31.13 -2.97 8.14
N ARG E 349 31.89 -3.92 8.67
CA ARG E 349 33.11 -3.56 9.37
C ARG E 349 34.22 -3.19 8.40
N TRP E 350 35.07 -2.27 8.84
CA TRP E 350 36.16 -1.66 8.07
C TRP E 350 35.66 -0.98 6.80
N ALA E 351 34.41 -0.59 6.75
CA ALA E 351 33.86 0.06 5.57
C ALA E 351 33.91 1.56 5.77
N ARG E 352 34.15 2.30 4.71
CA ARG E 352 34.34 3.73 4.81
C ARG E 352 33.35 4.43 3.91
N VAL E 353 32.60 5.37 4.47
CA VAL E 353 31.63 6.16 3.73
C VAL E 353 32.09 7.60 3.80
N GLU E 354 32.50 8.16 2.67
CA GLU E 354 33.10 9.48 2.66
C GLU E 354 32.35 10.39 1.70
N GLY E 355 32.39 11.69 1.99
CA GLY E 355 31.85 12.67 1.09
C GLY E 355 32.78 13.86 1.03
N THR E 356 32.43 14.83 0.20
CA THR E 356 33.26 16.02 0.06
C THR E 356 32.48 17.23 0.55
N PRO E 357 33.03 17.94 1.53
CA PRO E 357 32.36 19.11 2.09
C PRO E 357 32.57 20.32 1.20
N SER E 358 31.59 20.69 0.39
CA SER E 358 31.79 21.85 -0.46
C SER E 358 31.98 23.09 0.41
N ASP E 359 31.14 23.22 1.44
CA ASP E 359 31.18 24.31 2.40
C ASP E 359 31.00 25.71 1.83
N PRO E 360 31.56 26.72 2.52
CA PRO E 360 31.56 28.15 2.20
C PRO E 360 33.00 28.65 2.19
N ASN E 361 33.29 29.69 1.41
CA ASN E 361 34.65 30.20 1.35
C ASN E 361 35.14 30.78 2.68
N PRO E 362 36.40 30.46 3.04
CA PRO E 362 37.00 30.98 4.26
C PRO E 362 37.61 32.36 4.10
N ASN E 363 37.84 32.82 2.88
CA ASN E 363 38.35 34.18 2.69
C ASN E 363 37.25 35.20 2.50
N ASP E 364 36.04 34.76 2.19
CA ASP E 364 34.97 35.73 1.96
C ASP E 364 34.42 36.25 3.27
N PRO E 365 34.11 37.54 3.35
CA PRO E 365 33.62 38.08 4.63
C PRO E 365 32.21 37.63 4.99
N ARG E 366 31.29 37.61 4.04
CA ARG E 366 29.92 37.14 4.27
C ARG E 366 29.60 36.10 3.21
N ALA E 367 30.00 34.86 3.44
CA ALA E 367 29.77 33.78 2.50
C ALA E 367 28.64 32.91 3.02
N ARG E 368 27.69 32.59 2.15
CA ARG E 368 26.41 32.05 2.58
C ARG E 368 26.19 30.59 2.15
N MET E 369 27.20 29.92 1.60
CA MET E 369 27.20 28.50 1.28
C MET E 369 26.12 28.09 0.29
N ASP E 370 26.31 28.39 -0.99
CA ASP E 370 25.34 28.08 -2.04
C ASP E 370 25.12 26.57 -2.18
N SER E 371 24.05 26.23 -2.88
CA SER E 371 23.65 24.84 -3.11
C SER E 371 23.47 24.60 -4.59
N GLU E 372 23.98 23.48 -5.09
CA GLU E 372 24.04 23.25 -6.53
C GLU E 372 23.34 21.93 -6.82
N SER E 373 22.66 21.85 -7.97
CA SER E 373 21.74 20.74 -8.22
C SER E 373 22.40 19.63 -9.02
N LEU E 374 23.30 18.93 -8.34
CA LEU E 374 23.76 17.58 -8.67
C LEU E 374 24.62 17.47 -9.91
N PHE E 375 24.70 18.51 -10.73
CA PHE E 375 25.40 18.41 -12.01
C PHE E 375 25.86 19.81 -12.38
N LYS E 376 27.19 20.00 -12.40
CA LYS E 376 27.78 21.33 -12.56
C LYS E 376 27.48 21.87 -13.95
N ASP E 377 28.03 21.23 -14.98
CA ASP E 377 27.78 21.53 -16.37
C ASP E 377 27.69 20.24 -17.17
N GLY E 378 26.91 19.28 -16.66
CA GLY E 378 26.86 17.96 -17.27
C GLY E 378 27.83 16.98 -16.68
N LYS E 379 28.49 17.34 -15.58
CA LYS E 379 29.38 16.47 -14.84
C LYS E 379 28.87 16.37 -13.42
N LEU E 380 28.84 15.18 -12.86
CA LEU E 380 28.41 15.01 -11.48
C LEU E 380 29.46 15.58 -10.53
N LEU E 381 29.03 16.40 -9.63
CA LEU E 381 30.00 17.08 -8.81
C LEU E 381 30.12 16.40 -7.44
N PRO E 382 31.29 16.44 -6.80
CA PRO E 382 31.44 15.77 -5.50
C PRO E 382 30.73 16.52 -4.39
N ALA E 383 29.96 15.80 -3.60
CA ALA E 383 29.22 16.38 -2.49
C ALA E 383 28.96 15.29 -1.46
N ILE E 384 28.03 15.57 -0.55
CA ILE E 384 27.78 14.72 0.60
C ILE E 384 27.23 13.37 0.14
N THR E 385 27.78 12.30 0.68
CA THR E 385 27.32 10.95 0.38
C THR E 385 25.99 10.68 1.04
N ILE E 386 25.00 10.29 0.24
CA ILE E 386 23.68 9.98 0.74
C ILE E 386 23.51 8.47 0.69
N LEU E 387 23.12 7.87 1.80
CA LEU E 387 22.71 6.48 1.81
C LEU E 387 21.21 6.44 2.03
N GLY E 388 20.51 5.66 1.22
CA GLY E 388 19.07 5.59 1.34
C GLY E 388 18.66 4.75 2.52
N CYS E 389 17.34 4.65 2.70
CA CYS E 389 16.82 3.83 3.79
C CYS E 389 17.06 2.37 3.50
N ARG E 390 17.45 1.63 4.54
CA ARG E 390 17.71 0.18 4.49
C ARG E 390 18.74 -0.21 3.45
N VAL E 391 19.81 0.57 3.35
CA VAL E 391 20.92 0.29 2.43
C VAL E 391 21.97 -0.47 3.20
N ARG E 392 22.35 -1.64 2.70
CA ARG E 392 23.38 -2.45 3.32
C ARG E 392 24.70 -2.23 2.61
N ILE E 393 25.63 -1.58 3.29
CA ILE E 393 26.99 -1.44 2.79
C ILE E 393 27.77 -2.65 3.31
N PRO E 394 28.42 -3.43 2.45
CA PRO E 394 29.10 -4.63 2.92
C PRO E 394 30.41 -4.30 3.61
N ALA E 395 31.09 -5.35 4.04
CA ALA E 395 32.29 -5.18 4.84
C ALA E 395 33.48 -4.80 3.98
N GLU E 396 34.34 -3.94 4.51
CA GLU E 396 35.63 -3.56 3.95
C GLU E 396 35.50 -2.95 2.56
N VAL E 397 34.61 -1.98 2.43
CA VAL E 397 34.30 -1.43 1.12
C VAL E 397 34.14 0.07 1.25
N LEU E 398 34.40 0.77 0.16
CA LEU E 398 34.48 2.22 0.18
C LEU E 398 33.37 2.81 -0.67
N ILE E 399 32.63 3.75 -0.11
CA ILE E 399 31.63 4.51 -0.83
C ILE E 399 32.09 5.96 -0.80
N LEU E 400 32.24 6.56 -1.96
CA LEU E 400 32.85 7.88 -2.07
C LEU E 400 32.00 8.75 -2.98
N ASN E 401 31.51 9.87 -2.43
CA ASN E 401 30.78 10.92 -3.16
C ASN E 401 29.54 10.39 -3.87
N SER E 402 28.86 9.43 -3.26
CA SER E 402 27.81 8.69 -3.96
C SER E 402 26.43 8.96 -3.39
N ILE E 403 25.42 8.76 -4.23
CA ILE E 403 24.02 8.76 -3.82
C ILE E 403 23.49 7.37 -4.04
N VAL E 404 23.09 6.69 -2.97
CA VAL E 404 22.60 5.33 -3.06
C VAL E 404 21.10 5.33 -2.81
N LEU E 405 20.35 4.78 -3.76
CA LEU E 405 18.91 4.72 -3.65
C LEU E 405 18.52 3.69 -2.58
N PRO E 406 17.29 3.75 -2.05
CA PRO E 406 16.94 2.87 -0.94
C PRO E 406 16.82 1.40 -1.32
N HIS E 407 16.88 0.57 -0.27
CA HIS E 407 16.66 -0.87 -0.34
C HIS E 407 17.63 -1.57 -1.28
N LYS E 408 18.88 -1.12 -1.26
CA LYS E 408 19.89 -1.63 -2.17
C LYS E 408 21.08 -2.11 -1.37
N GLU E 409 21.50 -3.34 -1.61
CA GLU E 409 22.67 -3.91 -0.94
C GLU E 409 23.84 -3.94 -1.92
N LEU E 410 24.89 -3.20 -1.61
CA LEU E 410 26.03 -3.13 -2.50
C LEU E 410 26.96 -4.31 -2.23
N SER E 411 27.84 -4.56 -3.19
CA SER E 411 28.79 -5.64 -3.08
C SER E 411 30.21 -5.23 -3.42
N ARG E 412 30.40 -4.03 -3.95
CA ARG E 412 31.73 -3.56 -4.32
C ARG E 412 31.81 -2.07 -4.06
N SER E 413 33.00 -1.52 -4.23
CA SER E 413 33.23 -0.12 -3.93
C SER E 413 32.76 0.77 -5.06
N PHE E 414 32.18 1.90 -4.71
CA PHE E 414 31.65 2.82 -5.69
C PHE E 414 32.23 4.20 -5.45
N THR E 415 32.49 4.92 -6.53
CA THR E 415 33.18 6.19 -6.46
C THR E 415 32.55 7.13 -7.46
N ASN E 416 32.04 8.26 -6.96
CA ASN E 416 31.45 9.34 -7.77
C ASN E 416 30.28 8.85 -8.61
N GLN E 417 29.37 8.07 -8.02
CA GLN E 417 28.30 7.46 -8.79
C GLN E 417 26.97 7.59 -8.09
N ILE E 418 25.91 7.68 -8.87
CA ILE E 418 24.56 7.50 -8.35
C ILE E 418 24.19 6.05 -8.59
N ILE E 419 24.01 5.29 -7.52
CA ILE E 419 23.84 3.86 -7.61
C ILE E 419 22.36 3.55 -7.65
N LEU E 420 21.87 3.17 -8.82
CA LEU E 420 20.49 2.78 -9.00
C LEU E 420 20.35 1.27 -8.85
N MET F 1 8.37 -37.92 -18.73
CA MET F 1 7.84 -36.79 -17.98
C MET F 1 8.95 -35.85 -17.55
N LEU F 2 8.82 -34.57 -17.92
CA LEU F 2 9.79 -33.55 -17.52
C LEU F 2 9.07 -32.33 -16.98
N LYS F 3 9.73 -31.62 -16.08
CA LYS F 3 9.24 -30.33 -15.64
C LYS F 3 10.35 -29.30 -15.77
N ALA F 4 9.99 -28.05 -15.50
CA ALA F 4 10.91 -26.93 -15.66
C ALA F 4 10.86 -26.07 -14.43
N VAL F 5 12.03 -25.64 -13.97
CA VAL F 5 12.17 -24.76 -12.83
C VAL F 5 12.79 -23.46 -13.33
N ILE F 6 12.07 -22.36 -13.18
CA ILE F 6 12.53 -21.06 -13.60
C ILE F 6 12.90 -20.28 -12.36
N LEU F 7 14.19 -20.00 -12.19
CA LEU F 7 14.65 -19.26 -11.02
C LEU F 7 14.43 -17.77 -11.27
N ILE F 8 13.37 -17.24 -10.75
CA ILE F 8 13.21 -15.80 -10.74
C ILE F 8 13.88 -15.26 -9.49
N GLY F 9 14.37 -14.04 -9.54
CA GLY F 9 15.06 -13.47 -8.41
C GLY F 9 14.08 -12.98 -7.37
N GLY F 10 14.61 -12.22 -6.43
CA GLY F 10 13.77 -11.57 -5.47
C GLY F 10 13.73 -10.09 -5.75
N PRO F 11 13.33 -9.30 -4.75
CA PRO F 11 13.33 -7.85 -4.95
C PRO F 11 14.71 -7.25 -4.91
N GLN F 12 15.69 -7.94 -4.33
CA GLN F 12 17.03 -7.40 -4.29
C GLN F 12 17.78 -7.66 -5.57
N LYS F 13 17.47 -8.73 -6.28
CA LYS F 13 18.13 -8.97 -7.56
C LYS F 13 17.61 -8.05 -8.65
N GLY F 14 16.45 -7.45 -8.46
CA GLY F 14 15.90 -6.51 -9.40
C GLY F 14 16.28 -5.07 -9.15
N THR F 15 17.19 -4.80 -8.23
CA THR F 15 17.61 -3.43 -7.98
C THR F 15 18.56 -2.91 -9.03
N ARG F 16 19.23 -3.79 -9.77
CA ARG F 16 20.10 -3.35 -10.85
C ARG F 16 19.25 -2.80 -12.00
N PHE F 17 18.06 -3.38 -12.10
CA PHE F 17 17.03 -3.10 -13.10
C PHE F 17 15.96 -2.21 -12.48
N ARG F 18 16.36 -1.48 -11.44
CA ARG F 18 15.48 -0.66 -10.61
C ARG F 18 14.62 0.49 -11.16
N PRO F 19 15.13 1.29 -12.11
CA PRO F 19 14.24 2.39 -12.52
C PRO F 19 12.91 1.93 -13.12
N LEU F 20 12.95 0.96 -14.03
CA LEU F 20 11.73 0.42 -14.64
C LEU F 20 10.84 -0.43 -13.72
N SER F 21 11.54 -1.17 -12.86
CA SER F 21 11.04 -2.18 -11.92
C SER F 21 10.18 -1.73 -10.76
N PHE F 22 10.08 -0.44 -10.49
CA PHE F 22 9.25 -0.03 -9.37
C PHE F 22 7.80 -0.47 -9.58
N GLU F 23 7.28 -0.29 -10.79
CA GLU F 23 5.93 -0.73 -11.11
C GLU F 23 5.69 -2.25 -11.07
N VAL F 24 6.60 -3.03 -11.63
CA VAL F 24 6.45 -4.50 -11.66
C VAL F 24 7.77 -5.26 -11.53
N PRO F 25 7.72 -6.48 -10.97
CA PRO F 25 8.95 -7.26 -10.83
C PRO F 25 9.72 -7.30 -12.13
N LYS F 26 11.03 -7.53 -12.02
CA LYS F 26 11.86 -7.70 -13.20
C LYS F 26 11.46 -8.89 -14.09
N PRO F 27 11.05 -10.07 -13.58
CA PRO F 27 10.57 -11.10 -14.49
C PRO F 27 9.26 -10.77 -15.19
N LEU F 28 8.46 -9.85 -14.69
CA LEU F 28 7.23 -9.51 -15.38
C LEU F 28 7.37 -8.29 -16.26
N PHE F 29 8.59 -7.90 -16.60
CA PHE F 29 8.76 -6.78 -17.50
C PHE F 29 8.44 -7.23 -18.92
N PRO F 30 7.65 -6.49 -19.67
CA PRO F 30 7.27 -6.93 -21.01
C PRO F 30 8.39 -6.72 -22.02
N VAL F 31 9.07 -7.79 -22.37
CA VAL F 31 10.11 -7.78 -23.39
C VAL F 31 9.50 -8.33 -24.67
N ALA F 32 9.49 -7.50 -25.72
CA ALA F 32 8.84 -7.79 -27.01
C ALA F 32 7.37 -8.14 -26.83
N GLY F 33 6.69 -7.38 -25.99
CA GLY F 33 5.25 -7.49 -25.85
C GLY F 33 4.77 -8.37 -24.73
N VAL F 34 5.46 -9.46 -24.43
CA VAL F 34 5.01 -10.40 -23.42
C VAL F 34 6.02 -10.35 -22.27
N PRO F 35 5.61 -10.75 -21.06
CA PRO F 35 6.53 -10.76 -19.92
C PRO F 35 7.78 -11.62 -20.14
N MET F 36 8.80 -11.33 -19.34
CA MET F 36 10.11 -11.88 -19.59
C MET F 36 10.15 -13.38 -19.34
N ILE F 37 9.49 -13.85 -18.28
CA ILE F 37 9.44 -15.29 -18.02
C ILE F 37 8.43 -15.99 -18.91
N GLN F 38 7.57 -15.24 -19.61
CA GLN F 38 6.57 -15.86 -20.47
C GLN F 38 7.23 -16.51 -21.68
N HIS F 39 8.35 -15.96 -22.15
CA HIS F 39 9.12 -16.61 -23.21
C HIS F 39 9.65 -17.96 -22.75
N HIS F 40 10.12 -18.03 -21.51
CA HIS F 40 10.62 -19.27 -20.95
C HIS F 40 9.50 -20.28 -20.78
N ILE F 41 8.35 -19.82 -20.27
CA ILE F 41 7.20 -20.70 -20.06
C ILE F 41 6.66 -21.20 -21.38
N GLU F 42 6.63 -20.35 -22.41
CA GLU F 42 6.12 -20.74 -23.71
C GLU F 42 7.05 -21.72 -24.40
N ALA F 43 8.36 -21.50 -24.29
CA ALA F 43 9.30 -22.44 -24.89
C ALA F 43 9.36 -23.75 -24.13
N CYS F 44 9.02 -23.73 -22.84
CA CYS F 44 8.90 -25.00 -22.11
C CYS F 44 7.60 -25.71 -22.42
N ALA F 45 6.52 -24.96 -22.64
CA ALA F 45 5.25 -25.58 -22.99
C ALA F 45 5.25 -26.12 -24.41
N GLN F 46 6.12 -25.58 -25.27
CA GLN F 46 6.27 -26.14 -26.60
C GLN F 46 7.00 -27.48 -26.60
N VAL F 47 7.71 -27.80 -25.52
CA VAL F 47 8.39 -29.11 -25.40
C VAL F 47 7.33 -30.18 -25.14
N PRO F 48 7.40 -31.33 -25.82
CA PRO F 48 6.44 -32.41 -25.52
C PRO F 48 6.71 -33.05 -24.17
N GLY F 49 5.64 -33.30 -23.43
CA GLY F 49 5.75 -34.01 -22.17
C GLY F 49 6.09 -33.17 -20.98
N MET F 50 5.93 -31.85 -21.07
CA MET F 50 6.16 -30.97 -19.93
C MET F 50 4.96 -31.06 -19.01
N GLN F 51 5.18 -31.57 -17.81
CA GLN F 51 4.08 -31.78 -16.87
C GLN F 51 3.73 -30.50 -16.11
N GLU F 52 4.73 -29.75 -15.66
CA GLU F 52 4.50 -28.64 -14.75
C GLU F 52 5.64 -27.65 -14.93
N ILE F 53 5.40 -26.42 -14.49
CA ILE F 53 6.41 -25.38 -14.47
C ILE F 53 6.38 -24.75 -13.09
N LEU F 54 7.52 -24.76 -12.41
CA LEU F 54 7.64 -24.17 -11.09
C LEU F 54 8.54 -22.95 -11.15
N LEU F 55 8.14 -21.86 -10.51
CA LEU F 55 8.95 -20.66 -10.43
C LEU F 55 9.46 -20.54 -9.01
N ILE F 56 10.77 -20.52 -8.84
CA ILE F 56 11.36 -20.44 -7.51
C ILE F 56 11.98 -19.07 -7.34
N GLY F 57 11.45 -18.30 -6.41
CA GLY F 57 12.00 -17.00 -6.12
C GLY F 57 11.61 -16.60 -4.73
N PHE F 58 12.06 -15.42 -4.32
CA PHE F 58 11.67 -14.89 -3.01
C PHE F 58 10.95 -13.55 -3.14
N TYR F 59 10.27 -13.35 -4.25
CA TYR F 59 9.29 -12.28 -4.36
C TYR F 59 8.11 -12.59 -3.48
N GLN F 60 7.56 -11.58 -2.83
CA GLN F 60 6.28 -11.77 -2.17
C GLN F 60 5.18 -11.80 -3.21
N PRO F 61 4.13 -12.59 -3.01
CA PRO F 61 3.05 -12.64 -4.00
C PRO F 61 2.17 -11.42 -3.89
N ASP F 62 2.01 -10.72 -5.00
CA ASP F 62 1.07 -9.61 -5.09
C ASP F 62 0.15 -9.85 -6.27
N GLU F 63 -0.64 -8.86 -6.62
CA GLU F 63 -1.49 -9.00 -7.78
C GLU F 63 -0.80 -9.13 -9.15
N PRO F 64 0.33 -8.46 -9.44
CA PRO F 64 0.99 -8.75 -10.74
C PRO F 64 1.45 -10.18 -10.89
N LEU F 65 2.07 -10.76 -9.86
CA LEU F 65 2.61 -12.10 -9.95
C LEU F 65 1.50 -13.15 -10.06
N THR F 66 0.54 -13.15 -9.13
CA THR F 66 -0.50 -14.15 -9.18
C THR F 66 -1.47 -13.92 -10.34
N GLN F 67 -1.64 -12.68 -10.80
CA GLN F 67 -2.41 -12.45 -12.01
C GLN F 67 -1.71 -13.04 -13.22
N PHE F 68 -0.37 -12.95 -13.26
CA PHE F 68 0.38 -13.59 -14.33
C PHE F 68 0.25 -15.10 -14.28
N LEU F 69 0.26 -15.68 -13.08
CA LEU F 69 0.14 -17.13 -12.96
C LEU F 69 -1.23 -17.62 -13.40
N GLU F 70 -2.30 -16.91 -13.00
CA GLU F 70 -3.64 -17.27 -13.43
C GLU F 70 -3.83 -17.09 -14.93
N ALA F 71 -3.16 -16.11 -15.54
CA ALA F 71 -3.25 -15.99 -17.00
C ALA F 71 -2.47 -17.10 -17.71
N ALA F 72 -1.26 -17.40 -17.23
CA ALA F 72 -0.41 -18.33 -17.95
C ALA F 72 -0.88 -19.77 -17.83
N GLN F 73 -1.55 -20.11 -16.71
CA GLN F 73 -2.10 -21.45 -16.56
C GLN F 73 -3.14 -21.75 -17.62
N GLN F 74 -4.10 -20.84 -17.81
CA GLN F 74 -5.11 -21.05 -18.83
C GLN F 74 -4.60 -20.80 -20.23
N GLU F 75 -3.50 -20.06 -20.38
CA GLU F 75 -2.98 -19.86 -21.73
C GLU F 75 -2.24 -21.08 -22.24
N PHE F 76 -1.38 -21.69 -21.43
CA PHE F 76 -0.54 -22.75 -21.93
C PHE F 76 -1.03 -24.15 -21.60
N ASN F 77 -2.21 -24.26 -20.97
CA ASN F 77 -2.83 -25.53 -20.55
C ASN F 77 -1.88 -26.35 -19.69
N LEU F 78 -1.27 -25.69 -18.72
CA LEU F 78 -0.24 -26.28 -17.89
C LEU F 78 -0.33 -25.65 -16.51
N PRO F 79 -0.06 -26.41 -15.44
CA PRO F 79 -0.01 -25.80 -14.11
C PRO F 79 1.29 -25.05 -13.91
N VAL F 80 1.20 -23.76 -13.65
CA VAL F 80 2.34 -22.92 -13.35
C VAL F 80 2.25 -22.52 -11.89
N ARG F 81 3.18 -23.01 -11.08
CA ARG F 81 3.13 -22.82 -9.64
C ARG F 81 4.32 -21.99 -9.19
N TYR F 82 4.14 -21.25 -8.11
CA TYR F 82 5.17 -20.37 -7.57
C TYR F 82 5.54 -20.83 -6.18
N LEU F 83 6.77 -21.30 -6.02
CA LEU F 83 7.29 -21.70 -4.73
C LEU F 83 8.15 -20.57 -4.20
N GLN F 84 7.94 -20.17 -2.96
CA GLN F 84 8.62 -19.02 -2.40
C GLN F 84 9.59 -19.45 -1.32
N GLU F 85 10.86 -19.11 -1.50
CA GLU F 85 11.86 -19.37 -0.48
C GLU F 85 11.62 -18.47 0.73
N PHE F 86 11.99 -18.98 1.90
CA PHE F 86 11.84 -18.18 3.11
C PHE F 86 12.90 -17.09 3.21
N ALA F 87 14.07 -17.32 2.63
CA ALA F 87 15.18 -16.39 2.64
C ALA F 87 15.83 -16.45 1.27
N PRO F 88 16.70 -15.50 0.93
CA PRO F 88 17.50 -15.68 -0.28
C PRO F 88 18.50 -16.81 -0.13
N LEU F 89 18.26 -17.93 -0.80
CA LEU F 89 19.04 -19.14 -0.62
C LEU F 89 20.07 -19.36 -1.71
N GLY F 90 20.32 -18.38 -2.55
CA GLY F 90 21.27 -18.57 -3.63
C GLY F 90 20.63 -19.29 -4.79
N THR F 91 21.44 -19.53 -5.82
CA THR F 91 20.93 -20.11 -7.05
C THR F 91 20.58 -21.59 -6.87
N GLY F 92 21.33 -22.29 -6.04
CA GLY F 92 21.14 -23.72 -5.94
C GLY F 92 20.47 -24.15 -4.65
N GLY F 93 20.50 -23.27 -3.65
CA GLY F 93 19.81 -23.56 -2.40
C GLY F 93 18.30 -23.58 -2.55
N GLY F 94 17.77 -22.77 -3.47
CA GLY F 94 16.36 -22.85 -3.76
C GLY F 94 16.00 -24.11 -4.52
N LEU F 95 16.92 -24.64 -5.30
CA LEU F 95 16.66 -25.87 -6.03
C LEU F 95 16.73 -27.07 -5.10
N TYR F 96 17.63 -27.04 -4.13
CA TYR F 96 17.73 -28.16 -3.21
C TYR F 96 16.61 -28.12 -2.18
N HIS F 97 16.24 -26.93 -1.73
CA HIS F 97 15.29 -26.79 -0.62
C HIS F 97 13.89 -27.26 -1.00
N PHE F 98 13.50 -27.08 -2.25
CA PHE F 98 12.22 -27.55 -2.77
C PHE F 98 12.36 -28.85 -3.51
N ARG F 99 13.22 -29.77 -3.06
CA ARG F 99 13.49 -30.96 -3.86
C ARG F 99 12.30 -31.91 -3.90
N ASP F 100 11.45 -31.89 -2.89
CA ASP F 100 10.28 -32.75 -2.92
C ASP F 100 9.22 -32.23 -3.87
N GLN F 101 9.09 -30.91 -3.96
CA GLN F 101 8.15 -30.34 -4.92
C GLN F 101 8.65 -30.52 -6.34
N ILE F 102 9.97 -30.58 -6.52
CA ILE F 102 10.52 -30.79 -7.85
C ILE F 102 10.42 -32.25 -8.26
N LEU F 103 10.79 -33.17 -7.38
CA LEU F 103 10.76 -34.59 -7.71
C LEU F 103 9.38 -35.22 -7.56
N ALA F 104 8.33 -34.43 -7.31
CA ALA F 104 6.99 -34.98 -7.18
C ALA F 104 6.48 -35.43 -8.54
N GLY F 105 6.09 -36.70 -8.63
CA GLY F 105 5.74 -37.30 -9.89
C GLY F 105 6.86 -38.09 -10.54
N SER F 106 8.07 -38.04 -9.96
CA SER F 106 9.31 -38.66 -10.43
C SER F 106 9.59 -38.32 -11.89
N PRO F 107 10.00 -37.10 -12.21
CA PRO F 107 10.29 -36.76 -13.60
C PRO F 107 11.62 -37.36 -14.04
N GLU F 108 11.75 -37.53 -15.36
CA GLU F 108 12.97 -38.12 -15.90
C GLU F 108 14.11 -37.11 -15.94
N ALA F 109 13.80 -35.84 -16.19
CA ALA F 109 14.77 -34.77 -16.13
C ALA F 109 13.99 -33.49 -15.91
N PHE F 110 14.64 -32.48 -15.35
CA PHE F 110 13.98 -31.19 -15.23
C PHE F 110 14.92 -30.07 -15.65
N PHE F 111 14.38 -29.13 -16.40
CA PHE F 111 15.18 -27.99 -16.86
C PHE F 111 15.29 -26.96 -15.74
N VAL F 112 16.37 -26.19 -15.76
CA VAL F 112 16.58 -25.10 -14.82
C VAL F 112 16.98 -23.88 -15.63
N LEU F 113 16.22 -22.81 -15.51
CA LEU F 113 16.37 -21.65 -16.37
C LEU F 113 16.50 -20.41 -15.52
N ASN F 114 17.55 -19.63 -15.75
CA ASN F 114 17.62 -18.30 -15.15
C ASN F 114 16.54 -17.44 -15.75
N ALA F 115 15.99 -16.53 -14.96
CA ALA F 115 14.90 -15.71 -15.49
C ALA F 115 15.40 -14.53 -16.31
N ASP F 116 16.68 -14.18 -16.21
CA ASP F 116 17.13 -12.97 -16.88
C ASP F 116 17.60 -13.21 -18.30
N VAL F 117 17.75 -14.44 -18.73
CA VAL F 117 18.32 -14.68 -20.04
C VAL F 117 17.22 -14.63 -21.10
N CYS F 118 17.55 -14.00 -22.21
CA CYS F 118 16.77 -14.05 -23.45
C CYS F 118 17.54 -14.93 -24.41
N SER F 119 16.94 -16.03 -24.82
CA SER F 119 17.67 -16.99 -25.63
C SER F 119 16.73 -17.66 -26.61
N ASP F 120 17.31 -18.54 -27.42
CA ASP F 120 16.56 -19.35 -28.36
C ASP F 120 15.67 -20.35 -27.64
N PHE F 121 16.12 -20.83 -26.48
CA PHE F 121 15.62 -21.96 -25.72
C PHE F 121 15.46 -23.19 -26.59
N PRO F 122 16.54 -23.83 -26.99
CA PRO F 122 16.42 -25.08 -27.75
C PRO F 122 16.40 -26.25 -26.78
N LEU F 123 15.32 -26.35 -26.01
CA LEU F 123 15.23 -27.36 -24.96
C LEU F 123 15.08 -28.75 -25.55
N SER F 124 14.48 -28.85 -26.74
CA SER F 124 14.30 -30.15 -27.37
C SER F 124 15.63 -30.76 -27.78
N ALA F 125 16.55 -29.95 -28.33
CA ALA F 125 17.83 -30.49 -28.76
C ALA F 125 18.70 -30.91 -27.58
N MET F 126 18.64 -30.15 -26.49
CA MET F 126 19.28 -30.56 -25.24
C MET F 126 18.69 -31.86 -24.74
N LEU F 127 17.38 -32.03 -24.91
CA LEU F 127 16.74 -33.28 -24.49
C LEU F 127 17.18 -34.46 -25.35
N GLU F 128 17.39 -34.23 -26.65
CA GLU F 128 17.84 -35.34 -27.50
C GLU F 128 19.30 -35.71 -27.23
N ALA F 129 20.11 -34.76 -26.78
CA ALA F 129 21.45 -35.15 -26.34
C ALA F 129 21.41 -35.83 -24.97
N HIS F 130 20.52 -35.37 -24.09
CA HIS F 130 20.44 -35.93 -22.75
C HIS F 130 19.91 -37.35 -22.76
N ARG F 131 19.00 -37.66 -23.67
CA ARG F 131 18.55 -39.05 -23.80
C ARG F 131 19.63 -39.94 -24.36
N ARG F 132 20.60 -39.36 -25.07
CA ARG F 132 21.73 -40.15 -25.53
C ARG F 132 22.73 -40.41 -24.42
N GLN F 133 22.92 -39.44 -23.50
CA GLN F 133 23.98 -39.60 -22.52
C GLN F 133 23.48 -39.95 -21.11
N ARG F 134 22.32 -39.41 -20.70
CA ARG F 134 21.69 -39.66 -19.39
C ARG F 134 22.62 -39.30 -18.23
N HIS F 135 23.25 -38.14 -18.32
CA HIS F 135 24.24 -37.70 -17.36
C HIS F 135 23.69 -36.61 -16.43
N PRO F 136 24.29 -36.40 -15.25
CA PRO F 136 23.62 -35.55 -14.24
C PRO F 136 23.46 -34.08 -14.61
N PHE F 137 24.44 -33.46 -15.24
CA PHE F 137 24.35 -32.02 -15.52
C PHE F 137 24.62 -31.77 -16.99
N LEU F 138 23.72 -31.06 -17.65
CA LEU F 138 23.96 -30.61 -19.01
C LEU F 138 23.83 -29.09 -19.06
N LEU F 139 24.77 -28.43 -19.72
CA LEU F 139 24.87 -26.98 -19.69
C LEU F 139 24.77 -26.42 -21.09
N LEU F 140 23.85 -25.49 -21.32
CA LEU F 140 23.87 -24.77 -22.58
C LEU F 140 25.02 -23.79 -22.55
N GLY F 141 25.81 -23.77 -23.62
CA GLY F 141 26.94 -22.87 -23.70
C GLY F 141 26.97 -22.20 -25.05
N THR F 142 27.67 -21.08 -25.11
CA THR F 142 27.81 -20.39 -26.40
C THR F 142 29.16 -19.69 -26.46
N THR F 143 29.67 -19.55 -27.67
CA THR F 143 30.91 -18.83 -27.85
C THR F 143 30.72 -17.33 -27.74
N ALA F 144 31.71 -16.68 -27.14
CA ALA F 144 31.67 -15.26 -26.90
C ALA F 144 33.01 -14.65 -27.27
N ASN F 145 33.05 -13.32 -27.36
CA ASN F 145 34.28 -12.63 -27.69
C ASN F 145 35.26 -12.72 -26.53
N ARG F 146 36.54 -12.51 -26.85
CA ARG F 146 37.60 -12.79 -25.89
C ARG F 146 37.64 -11.76 -24.76
N THR F 147 37.22 -10.54 -25.02
CA THR F 147 37.18 -9.56 -23.96
C THR F 147 35.84 -9.56 -23.23
N GLN F 148 34.78 -10.04 -23.87
CA GLN F 148 33.48 -10.07 -23.23
C GLN F 148 33.28 -11.31 -22.38
N SER F 149 34.12 -12.33 -22.55
CA SER F 149 33.91 -13.59 -21.87
C SER F 149 34.27 -13.53 -20.40
N LEU F 150 35.00 -12.51 -19.97
CA LEU F 150 35.45 -12.46 -18.57
C LEU F 150 34.31 -12.14 -17.60
N ASN F 151 33.19 -11.61 -18.07
CA ASN F 151 32.09 -11.28 -17.17
C ASN F 151 31.14 -12.45 -16.96
N TYR F 152 31.17 -13.43 -17.85
CA TYR F 152 30.29 -14.58 -17.75
C TYR F 152 31.10 -15.76 -17.22
N GLY F 153 30.40 -16.84 -16.88
CA GLY F 153 31.07 -18.03 -16.40
C GLY F 153 31.70 -18.79 -17.55
N CYS F 154 33.01 -18.99 -17.52
CA CYS F 154 33.73 -19.63 -18.60
C CYS F 154 33.88 -21.13 -18.39
N ILE F 155 33.70 -21.87 -19.48
CA ILE F 155 33.71 -23.32 -19.52
C ILE F 155 34.82 -23.77 -20.45
N VAL F 156 35.81 -24.48 -19.91
CA VAL F 156 36.83 -25.12 -20.73
C VAL F 156 36.40 -26.56 -20.94
N GLU F 157 36.19 -26.93 -22.18
CA GLU F 157 35.65 -28.24 -22.51
C GLU F 157 36.63 -29.02 -23.37
N ASN F 158 36.46 -30.34 -23.35
CA ASN F 158 37.11 -31.21 -24.33
C ASN F 158 36.20 -31.31 -25.55
N PRO F 159 36.72 -31.08 -26.76
CA PRO F 159 35.83 -31.06 -27.93
C PRO F 159 35.36 -32.43 -28.36
N GLN F 160 36.03 -33.50 -27.96
CA GLN F 160 35.63 -34.81 -28.44
C GLN F 160 34.58 -35.45 -27.54
N THR F 161 34.65 -35.22 -26.23
CA THR F 161 33.77 -35.90 -25.29
C THR F 161 32.69 -35.00 -24.71
N HIS F 162 32.67 -33.71 -25.08
CA HIS F 162 31.61 -32.74 -24.73
C HIS F 162 31.45 -32.58 -23.23
N GLU F 163 32.57 -32.54 -22.51
CA GLU F 163 32.55 -32.58 -21.06
C GLU F 163 33.27 -31.35 -20.51
N VAL F 164 32.73 -30.78 -19.43
CA VAL F 164 33.37 -29.63 -18.81
C VAL F 164 34.67 -30.09 -18.16
N LEU F 165 35.79 -29.74 -18.79
CA LEU F 165 37.08 -30.00 -18.16
C LEU F 165 37.32 -29.06 -17.00
N HIS F 166 36.81 -27.84 -17.10
CA HIS F 166 37.07 -26.84 -16.07
C HIS F 166 36.01 -25.75 -16.15
N TYR F 167 35.67 -25.18 -14.99
CA TYR F 167 34.70 -24.11 -14.90
C TYR F 167 35.25 -23.02 -14.01
N VAL F 168 35.31 -21.80 -14.52
CA VAL F 168 35.68 -20.65 -13.68
C VAL F 168 34.58 -19.61 -13.80
N GLU F 169 34.17 -19.04 -12.67
CA GLU F 169 33.05 -18.13 -12.61
C GLU F 169 33.53 -16.69 -12.56
N LYS F 170 33.23 -15.94 -13.64
CA LYS F 170 33.59 -14.54 -13.80
C LYS F 170 35.08 -14.27 -13.57
N PRO F 171 35.96 -14.84 -14.38
CA PRO F 171 37.38 -14.81 -14.04
C PRO F 171 38.01 -13.46 -14.31
N SER F 172 39.11 -13.21 -13.60
CA SER F 172 39.87 -11.99 -13.79
C SER F 172 40.55 -11.96 -15.15
N THR F 173 41.05 -13.10 -15.61
CA THR F 173 41.78 -13.18 -16.85
C THR F 173 41.17 -14.26 -17.73
N PHE F 174 41.63 -14.31 -18.98
CA PHE F 174 41.01 -15.17 -19.99
C PHE F 174 41.20 -16.63 -19.67
N ILE F 175 40.10 -17.39 -19.74
CA ILE F 175 40.14 -18.81 -19.45
C ILE F 175 39.66 -19.59 -20.66
N SER F 176 38.48 -19.26 -21.16
CA SER F 176 37.93 -19.99 -22.29
C SER F 176 36.99 -19.10 -23.08
N ASP F 177 36.75 -19.50 -24.32
CA ASP F 177 35.93 -18.72 -25.24
C ASP F 177 34.45 -19.04 -25.07
N ILE F 178 34.10 -20.23 -24.63
CA ILE F 178 32.71 -20.60 -24.41
C ILE F 178 32.28 -20.09 -23.05
N ILE F 179 31.05 -19.58 -22.99
CA ILE F 179 30.48 -19.08 -21.75
C ILE F 179 29.24 -19.90 -21.44
N ASN F 180 28.90 -19.90 -20.16
CA ASN F 180 27.70 -20.54 -19.64
C ASN F 180 26.48 -19.70 -20.01
N CYS F 181 25.46 -20.33 -20.58
CA CYS F 181 24.27 -19.60 -20.98
C CYS F 181 23.32 -19.37 -19.83
N GLY F 182 23.38 -20.20 -18.81
CA GLY F 182 22.43 -20.11 -17.73
C GLY F 182 21.19 -20.96 -17.91
N ILE F 183 21.21 -21.88 -18.87
CA ILE F 183 20.15 -22.87 -19.04
C ILE F 183 20.77 -24.23 -18.82
N TYR F 184 20.23 -25.00 -17.88
CA TYR F 184 20.80 -26.30 -17.59
C TYR F 184 19.70 -27.35 -17.61
N LEU F 185 20.13 -28.59 -17.72
CA LEU F 185 19.26 -29.75 -17.70
C LEU F 185 19.76 -30.69 -16.61
N PHE F 186 18.88 -31.01 -15.67
CA PHE F 186 19.23 -31.73 -14.46
C PHE F 186 18.61 -33.11 -14.51
N SER F 187 19.40 -34.12 -14.21
CA SER F 187 18.89 -35.46 -13.98
C SER F 187 18.32 -35.49 -12.56
N PRO F 188 17.54 -36.52 -12.18
CA PRO F 188 17.11 -36.60 -10.79
C PRO F 188 18.23 -36.93 -9.83
N GLU F 189 19.34 -37.50 -10.32
CA GLU F 189 20.50 -37.73 -9.49
C GLU F 189 21.30 -36.45 -9.24
N ALA F 190 21.01 -35.37 -9.96
CA ALA F 190 21.72 -34.11 -9.81
C ALA F 190 21.46 -33.42 -8.48
N LEU F 191 20.47 -33.85 -7.71
CA LEU F 191 20.28 -33.32 -6.37
C LEU F 191 21.16 -34.03 -5.35
N LYS F 192 21.86 -35.09 -5.75
CA LYS F 192 22.83 -35.70 -4.84
C LYS F 192 24.12 -34.91 -4.63
N PRO F 193 24.69 -34.21 -5.63
CA PRO F 193 25.81 -33.31 -5.28
C PRO F 193 25.42 -32.14 -4.42
N LEU F 194 24.28 -31.49 -4.72
CA LEU F 194 23.82 -30.32 -3.98
C LEU F 194 23.68 -30.61 -2.50
N ARG F 195 23.10 -31.77 -2.17
CA ARG F 195 22.95 -32.23 -0.79
C ARG F 195 24.27 -32.27 -0.06
N ASP F 196 25.32 -32.76 -0.73
CA ASP F 196 26.65 -32.83 -0.13
C ASP F 196 27.17 -31.44 0.22
N VAL F 197 26.90 -30.47 -0.65
CA VAL F 197 27.33 -29.09 -0.41
C VAL F 197 26.64 -28.55 0.83
N PHE F 198 25.36 -28.90 1.00
CA PHE F 198 24.60 -28.50 2.18
C PHE F 198 25.24 -29.05 3.44
N GLN F 199 25.66 -30.33 3.39
CA GLN F 199 26.31 -30.92 4.56
C GLN F 199 27.63 -30.23 4.85
N ARG F 200 28.35 -29.86 3.79
CA ARG F 200 29.63 -29.18 3.99
C ARG F 200 29.44 -27.80 4.57
N ASN F 201 28.28 -27.19 4.35
CA ASN F 201 28.07 -25.87 4.90
C ASN F 201 27.69 -25.93 6.36
N GLN F 202 27.33 -27.10 6.88
CA GLN F 202 26.97 -27.15 8.29
C GLN F 202 28.14 -27.55 9.16
N GLN F 203 28.95 -28.49 8.69
CA GLN F 203 30.12 -28.91 9.42
C GLN F 203 31.25 -27.91 9.23
N GLY F 218 22.29 -21.99 5.13
CA GLY F 218 21.82 -23.00 4.21
C GLY F 218 21.66 -22.54 2.78
N THR F 219 22.59 -21.71 2.33
CA THR F 219 22.58 -21.19 0.97
C THR F 219 23.63 -21.91 0.13
N ILE F 220 23.24 -22.32 -1.07
CA ILE F 220 24.12 -22.99 -2.01
C ILE F 220 24.09 -22.19 -3.30
N ARG F 221 25.24 -21.70 -3.74
CA ARG F 221 25.36 -21.09 -5.05
C ARG F 221 25.67 -22.19 -6.05
N LEU F 222 24.90 -22.23 -7.15
CA LEU F 222 25.03 -23.35 -8.06
C LEU F 222 26.31 -23.27 -8.87
N GLU F 223 26.67 -22.09 -9.34
CA GLU F 223 27.84 -21.98 -10.19
C GLU F 223 29.14 -22.06 -9.40
N GLN F 224 29.23 -21.38 -8.27
CA GLN F 224 30.49 -21.27 -7.56
C GLN F 224 30.79 -22.48 -6.69
N ASP F 225 29.77 -23.22 -6.25
CA ASP F 225 29.97 -24.37 -5.38
C ASP F 225 29.84 -25.70 -6.12
N VAL F 226 28.75 -25.89 -6.86
CA VAL F 226 28.53 -27.17 -7.52
C VAL F 226 29.33 -27.28 -8.80
N PHE F 227 29.19 -26.30 -9.69
CA PHE F 227 29.79 -26.40 -11.02
C PHE F 227 31.30 -26.32 -10.99
N SER F 228 31.87 -25.61 -10.02
CA SER F 228 33.32 -25.47 -10.01
C SER F 228 34.00 -26.71 -9.46
N ALA F 229 33.48 -27.27 -8.37
CA ALA F 229 34.10 -28.47 -7.81
C ALA F 229 33.76 -29.71 -8.62
N LEU F 230 32.55 -29.82 -9.16
CA LEU F 230 32.16 -31.01 -9.87
C LEU F 230 32.80 -31.13 -11.25
N ALA F 231 33.40 -30.05 -11.76
CA ALA F 231 33.86 -30.03 -13.14
C ALA F 231 35.11 -30.88 -13.33
N GLY F 232 35.14 -31.62 -14.43
CA GLY F 232 36.27 -32.47 -14.76
C GLY F 232 36.19 -33.87 -14.22
N GLN F 233 35.18 -34.18 -13.41
CA GLN F 233 35.06 -35.49 -12.79
C GLN F 233 34.02 -36.37 -13.47
N GLY F 234 33.50 -35.94 -14.61
CA GLY F 234 32.51 -36.71 -15.33
C GLY F 234 31.08 -36.38 -15.00
N GLN F 235 30.83 -35.34 -14.19
CA GLN F 235 29.47 -35.02 -13.80
C GLN F 235 28.81 -34.07 -14.78
N ILE F 236 29.54 -33.08 -15.27
CA ILE F 236 28.97 -31.97 -16.03
C ILE F 236 29.37 -32.10 -17.49
N TYR F 237 28.41 -31.96 -18.38
CA TYR F 237 28.64 -32.02 -19.82
C TYR F 237 28.10 -30.76 -20.46
N VAL F 238 28.73 -30.34 -21.56
CA VAL F 238 28.37 -29.11 -22.24
C VAL F 238 27.51 -29.46 -23.44
N HIS F 239 26.73 -28.49 -23.89
CA HIS F 239 26.04 -28.57 -25.17
C HIS F 239 26.01 -27.17 -25.76
N LEU F 240 26.60 -27.01 -26.94
CA LEU F 240 26.83 -25.70 -27.53
C LEU F 240 25.70 -25.34 -28.49
N THR F 241 25.14 -24.16 -28.30
CA THR F 241 24.20 -23.62 -29.27
C THR F 241 24.82 -22.43 -29.99
N ASP F 242 24.35 -22.19 -31.20
CA ASP F 242 24.77 -21.03 -31.97
C ASP F 242 23.63 -20.03 -32.14
N GLY F 243 22.48 -20.29 -31.53
CA GLY F 243 21.37 -19.37 -31.60
C GLY F 243 21.61 -18.13 -30.75
N ILE F 244 20.63 -17.24 -30.80
CA ILE F 244 20.78 -15.93 -30.17
C ILE F 244 20.72 -16.07 -28.66
N TRP F 245 21.55 -15.30 -27.97
CA TRP F 245 21.60 -15.35 -26.52
C TRP F 245 22.02 -13.99 -26.00
N SER F 246 21.36 -13.55 -24.93
CA SER F 246 21.71 -12.32 -24.24
C SER F 246 21.14 -12.42 -22.85
N GLN F 247 21.68 -11.63 -21.93
CA GLN F 247 21.13 -11.61 -20.58
C GLN F 247 20.57 -10.23 -20.28
N ILE F 248 19.42 -10.20 -19.62
CA ILE F 248 18.75 -8.96 -19.28
C ILE F 248 19.10 -8.66 -17.83
N LYS F 249 20.20 -7.94 -17.63
CA LYS F 249 20.64 -7.61 -16.29
C LYS F 249 20.40 -6.15 -15.94
N SER F 250 20.19 -5.31 -16.92
CA SER F 250 20.02 -3.88 -16.70
C SER F 250 18.86 -3.42 -17.55
N ALA F 251 18.45 -2.16 -17.34
CA ALA F 251 17.27 -1.66 -18.03
C ALA F 251 17.52 -1.46 -19.52
N GLY F 252 18.73 -1.07 -19.89
CA GLY F 252 19.03 -0.89 -21.30
C GLY F 252 19.32 -2.17 -22.04
N SER F 253 19.46 -3.29 -21.34
CA SER F 253 19.65 -4.56 -22.01
C SER F 253 18.33 -5.17 -22.45
N ALA F 254 17.21 -4.69 -21.89
CA ALA F 254 15.91 -5.19 -22.30
C ALA F 254 15.57 -4.79 -23.72
N LEU F 255 16.09 -3.65 -24.18
CA LEU F 255 15.88 -3.23 -25.57
C LEU F 255 16.61 -4.14 -26.54
N TYR F 256 17.84 -4.51 -26.22
CA TYR F 256 18.60 -5.42 -27.07
C TYR F 256 17.98 -6.81 -27.08
N ALA F 257 17.52 -7.27 -25.93
CA ALA F 257 16.84 -8.56 -25.90
C ALA F 257 15.51 -8.51 -26.62
N SER F 258 14.82 -7.37 -26.60
CA SER F 258 13.59 -7.23 -27.35
C SER F 258 13.85 -7.24 -28.84
N ARG F 259 14.98 -6.67 -29.28
CA ARG F 259 15.36 -6.75 -30.68
C ARG F 259 15.65 -8.18 -31.10
N LEU F 260 16.35 -8.94 -30.24
CA LEU F 260 16.61 -10.34 -30.51
C LEU F 260 15.32 -11.15 -30.62
N TYR F 261 14.36 -10.89 -29.73
CA TYR F 261 13.10 -11.61 -29.77
C TYR F 261 12.26 -11.21 -30.98
N LEU F 262 12.31 -9.94 -31.38
CA LEU F 262 11.54 -9.53 -32.55
C LEU F 262 12.14 -10.09 -33.83
N SER F 263 13.44 -10.36 -33.85
CA SER F 263 13.97 -11.02 -35.03
C SER F 263 13.75 -12.53 -34.97
N ARG F 264 13.67 -13.10 -33.76
CA ARG F 264 13.29 -14.49 -33.61
C ARG F 264 11.83 -14.75 -33.96
N TYR F 265 10.98 -13.72 -33.84
CA TYR F 265 9.54 -13.89 -33.98
C TYR F 265 9.08 -14.33 -35.36
N GLN F 266 9.89 -14.16 -36.40
CA GLN F 266 9.46 -14.51 -37.74
C GLN F 266 9.26 -16.01 -37.91
N ASP F 267 10.15 -16.80 -37.31
CA ASP F 267 10.04 -18.25 -37.43
C ASP F 267 8.99 -18.84 -36.50
N THR F 268 8.67 -18.17 -35.40
CA THR F 268 7.74 -18.75 -34.43
C THR F 268 6.34 -18.13 -34.53
N HIS F 269 6.25 -16.81 -34.51
CA HIS F 269 4.95 -16.12 -34.52
C HIS F 269 4.91 -15.07 -35.62
N PRO F 270 4.57 -15.45 -36.85
CA PRO F 270 4.51 -14.46 -37.93
C PRO F 270 3.37 -13.48 -37.79
N GLU F 271 2.34 -13.80 -37.00
CA GLU F 271 1.22 -12.89 -36.83
C GLU F 271 1.49 -11.81 -35.80
N ARG F 272 2.54 -11.94 -34.99
CA ARG F 272 2.79 -10.95 -33.96
C ARG F 272 3.40 -9.69 -34.53
N LEU F 273 4.30 -9.82 -35.50
CA LEU F 273 4.89 -8.65 -36.15
C LEU F 273 3.87 -8.01 -37.07
N ALA F 274 3.82 -6.69 -37.05
CA ALA F 274 2.84 -5.97 -37.85
C ALA F 274 3.28 -5.90 -39.30
N LYS F 275 2.32 -6.10 -40.21
CA LYS F 275 2.57 -5.94 -41.62
C LYS F 275 2.66 -4.46 -41.97
N HIS F 276 2.97 -4.18 -43.24
CA HIS F 276 3.26 -2.80 -43.62
C HIS F 276 2.01 -1.93 -43.62
N THR F 277 0.87 -2.46 -44.08
CA THR F 277 -0.46 -1.86 -44.05
C THR F 277 -0.48 -0.47 -44.67
N PRO F 278 -0.46 -0.36 -46.01
CA PRO F 278 -0.37 0.96 -46.66
C PRO F 278 -1.55 1.88 -46.39
N GLY F 279 -2.69 1.36 -45.95
CA GLY F 279 -3.72 2.23 -45.41
C GLY F 279 -3.36 2.79 -44.04
N GLY F 280 -2.67 1.98 -43.23
CA GLY F 280 -2.32 2.36 -41.87
C GLY F 280 -0.96 2.99 -41.76
N PRO F 281 -0.36 2.94 -40.58
CA PRO F 281 0.92 3.62 -40.35
C PRO F 281 2.07 2.92 -41.05
N TRP F 282 2.99 3.72 -41.58
CA TRP F 282 4.16 3.18 -42.25
C TRP F 282 5.05 2.48 -41.24
N ILE F 283 5.55 1.31 -41.60
CA ILE F 283 6.29 0.46 -40.67
C ILE F 283 7.49 -0.11 -41.42
N ARG F 284 8.68 0.12 -40.87
CA ARG F 284 9.91 -0.44 -41.42
C ARG F 284 10.58 -1.29 -40.34
N GLY F 285 11.22 -2.38 -40.77
CA GLY F 285 11.80 -3.30 -39.81
C GLY F 285 10.74 -4.10 -39.08
N ASN F 286 11.17 -4.73 -37.99
CA ASN F 286 10.28 -5.55 -37.16
C ASN F 286 9.63 -4.68 -36.10
N VAL F 287 8.30 -4.65 -36.08
CA VAL F 287 7.53 -3.80 -35.17
C VAL F 287 6.41 -4.63 -34.58
N TYR F 288 6.35 -4.73 -33.27
CA TYR F 288 5.22 -5.33 -32.59
C TYR F 288 4.26 -4.24 -32.15
N ILE F 289 2.98 -4.40 -32.50
CA ILE F 289 1.93 -3.50 -32.05
C ILE F 289 0.84 -4.34 -31.39
N HIS F 290 0.48 -3.98 -30.17
CA HIS F 290 -0.61 -4.65 -29.49
C HIS F 290 -1.93 -4.30 -30.16
N PRO F 291 -2.91 -5.22 -30.13
CA PRO F 291 -4.22 -4.91 -30.74
C PRO F 291 -4.98 -3.77 -30.08
N THR F 292 -4.81 -3.57 -28.77
CA THR F 292 -5.54 -2.49 -28.10
C THR F 292 -4.93 -1.13 -28.42
N ALA F 293 -3.68 -1.10 -28.89
CA ALA F 293 -2.97 0.14 -29.10
C ALA F 293 -3.53 0.92 -30.28
N LYS F 294 -3.75 2.21 -30.07
CA LYS F 294 -4.24 3.09 -31.11
C LYS F 294 -3.07 3.85 -31.71
N VAL F 295 -2.74 3.55 -32.96
CA VAL F 295 -1.63 4.17 -33.67
C VAL F 295 -2.21 5.03 -34.77
N ALA F 296 -1.73 6.26 -34.88
CA ALA F 296 -2.17 7.13 -35.96
C ALA F 296 -1.50 6.70 -37.27
N PRO F 297 -2.21 6.80 -38.39
CA PRO F 297 -1.64 6.33 -39.67
C PRO F 297 -0.54 7.23 -40.21
N SER F 298 -0.39 8.45 -39.69
CA SER F 298 0.70 9.32 -40.11
C SER F 298 2.04 8.93 -39.49
N ALA F 299 2.02 8.14 -38.43
CA ALA F 299 3.23 7.80 -37.71
C ALA F 299 4.04 6.77 -38.48
N VAL F 300 5.36 6.82 -38.31
CA VAL F 300 6.25 5.80 -38.84
C VAL F 300 7.01 5.18 -37.69
N LEU F 301 7.11 3.86 -37.69
CA LEU F 301 7.75 3.13 -36.61
C LEU F 301 8.97 2.41 -37.18
N GLY F 302 10.15 2.79 -36.72
CA GLY F 302 11.37 2.18 -37.20
C GLY F 302 11.59 0.79 -36.65
N PRO F 303 12.77 0.26 -36.89
CA PRO F 303 13.04 -1.13 -36.50
C PRO F 303 13.10 -1.31 -34.99
N ASN F 304 12.72 -2.52 -34.57
CA ASN F 304 12.83 -3.01 -33.19
C ASN F 304 12.04 -2.16 -32.20
N VAL F 305 10.73 -2.07 -32.42
CA VAL F 305 9.84 -1.19 -31.67
C VAL F 305 8.67 -2.00 -31.14
N SER F 306 8.42 -1.93 -29.84
CA SER F 306 7.28 -2.61 -29.23
C SER F 306 6.31 -1.58 -28.66
N ILE F 307 5.02 -1.81 -28.88
CA ILE F 307 3.96 -0.93 -28.40
C ILE F 307 3.07 -1.73 -27.47
N GLY F 308 2.79 -1.18 -26.30
CA GLY F 308 1.98 -1.86 -25.32
C GLY F 308 0.50 -1.69 -25.56
N LYS F 309 -0.29 -2.21 -24.63
CA LYS F 309 -1.74 -2.16 -24.77
C LYS F 309 -2.26 -0.81 -24.28
N GLY F 310 -3.21 -0.26 -25.02
CA GLY F 310 -3.78 1.02 -24.63
C GLY F 310 -2.86 2.18 -24.84
N VAL F 311 -1.94 2.07 -25.77
CA VAL F 311 -0.98 3.13 -26.06
C VAL F 311 -1.51 3.98 -27.19
N THR F 312 -1.64 5.27 -26.97
CA THR F 312 -2.02 6.21 -28.01
C THR F 312 -0.76 6.85 -28.56
N VAL F 313 -0.50 6.67 -29.85
CA VAL F 313 0.65 7.25 -30.52
C VAL F 313 0.14 8.33 -31.44
N GLY F 314 0.70 9.52 -31.33
CA GLY F 314 0.16 10.67 -32.01
C GLY F 314 0.43 10.66 -33.51
N GLU F 315 0.09 11.79 -34.10
CA GLU F 315 -0.08 11.92 -35.53
C GLU F 315 1.18 12.54 -36.15
N GLY F 316 2.03 11.69 -36.72
CA GLY F 316 3.34 12.08 -37.22
C GLY F 316 4.54 11.59 -36.43
N VAL F 317 4.35 10.70 -35.47
CA VAL F 317 5.36 10.31 -34.50
C VAL F 317 6.35 9.33 -35.12
N ARG F 318 7.64 9.53 -34.84
CA ARG F 318 8.68 8.59 -35.20
C ARG F 318 9.14 7.84 -33.94
N LEU F 319 9.20 6.52 -34.02
CA LEU F 319 9.75 5.68 -32.95
C LEU F 319 10.73 4.71 -33.57
N ARG F 320 11.96 4.68 -33.06
CA ARG F 320 12.93 3.73 -33.55
C ARG F 320 13.73 3.15 -32.39
N GLU F 321 13.81 1.82 -32.34
CA GLU F 321 14.49 1.07 -31.28
C GLU F 321 13.98 1.45 -29.91
N SER F 322 12.68 1.51 -29.74
CA SER F 322 12.13 1.98 -28.49
C SER F 322 11.00 1.08 -28.03
N ILE F 323 10.87 0.92 -26.72
CA ILE F 323 9.79 0.17 -26.12
C ILE F 323 8.85 1.17 -25.47
N VAL F 324 7.58 1.14 -25.86
CA VAL F 324 6.57 2.02 -25.28
C VAL F 324 5.65 1.16 -24.45
N LEU F 325 5.74 1.28 -23.13
CA LEU F 325 4.99 0.41 -22.26
C LEU F 325 3.53 0.85 -22.19
N HIS F 326 2.72 0.07 -21.50
CA HIS F 326 1.28 0.13 -21.72
C HIS F 326 0.63 1.24 -20.92
N GLY F 327 -0.26 1.95 -21.58
CA GLY F 327 -0.85 3.14 -21.03
C GLY F 327 -0.15 4.42 -21.39
N ALA F 328 1.00 4.34 -22.06
CA ALA F 328 1.77 5.54 -22.38
C ALA F 328 1.14 6.30 -23.52
N THR F 329 1.46 7.58 -23.59
CA THR F 329 0.83 8.50 -24.53
C THR F 329 1.89 9.34 -25.20
N LEU F 330 1.98 9.26 -26.51
CA LEU F 330 2.90 10.08 -27.29
C LEU F 330 2.06 11.04 -28.12
N GLN F 331 2.21 12.34 -27.86
CA GLN F 331 1.55 13.34 -28.68
C GLN F 331 2.27 13.47 -30.01
N GLU F 332 1.73 14.32 -30.89
CA GLU F 332 2.15 14.33 -32.28
C GLU F 332 3.52 14.98 -32.45
N HIS F 333 4.14 14.69 -33.60
CA HIS F 333 5.38 15.29 -34.07
C HIS F 333 6.58 14.97 -33.18
N THR F 334 6.56 13.88 -32.43
CA THR F 334 7.64 13.53 -31.52
C THR F 334 8.55 12.50 -32.14
N CYS F 335 9.81 12.50 -31.70
CA CYS F 335 10.79 11.54 -32.15
C CYS F 335 11.37 10.84 -30.94
N VAL F 336 11.19 9.52 -30.87
CA VAL F 336 11.69 8.72 -29.75
C VAL F 336 12.65 7.68 -30.29
N LEU F 337 13.93 7.85 -30.00
CA LEU F 337 14.96 6.91 -30.39
C LEU F 337 15.59 6.33 -29.14
N HIS F 338 15.73 5.01 -29.11
CA HIS F 338 16.51 4.28 -28.09
C HIS F 338 16.05 4.60 -26.68
N SER F 339 14.76 4.43 -26.41
CA SER F 339 14.29 4.78 -25.09
C SER F 339 13.16 3.87 -24.66
N ILE F 340 12.95 3.80 -23.35
CA ILE F 340 11.92 2.97 -22.75
C ILE F 340 10.95 3.89 -22.06
N VAL F 341 9.74 3.99 -22.58
CA VAL F 341 8.74 4.91 -22.08
C VAL F 341 7.82 4.14 -21.14
N GLY F 342 7.85 4.49 -19.86
CA GLY F 342 7.22 3.70 -18.82
C GLY F 342 5.70 3.76 -18.85
N TRP F 343 5.12 3.12 -17.84
CA TRP F 343 3.68 2.93 -17.79
C TRP F 343 2.98 4.25 -17.55
N GLY F 344 2.10 4.64 -18.46
CA GLY F 344 1.36 5.87 -18.29
C GLY F 344 2.15 7.14 -18.49
N SER F 345 3.35 7.04 -19.06
CA SER F 345 4.15 8.23 -19.31
C SER F 345 3.59 9.00 -20.49
N THR F 346 3.69 10.33 -20.41
CA THR F 346 3.14 11.22 -21.42
C THR F 346 4.26 12.03 -22.03
N VAL F 347 4.29 12.11 -23.35
CA VAL F 347 5.31 12.86 -24.07
C VAL F 347 4.61 13.99 -24.82
N GLY F 348 4.98 15.23 -24.52
CA GLY F 348 4.37 16.36 -25.17
C GLY F 348 4.84 16.51 -26.59
N ARG F 349 4.16 17.39 -27.33
CA ARG F 349 4.38 17.54 -28.76
C ARG F 349 5.75 18.14 -29.07
N TRP F 350 6.33 17.69 -30.18
CA TRP F 350 7.65 18.08 -30.69
C TRP F 350 8.78 17.79 -29.69
N ALA F 351 8.59 16.85 -28.79
CA ALA F 351 9.60 16.52 -27.80
C ALA F 351 10.39 15.32 -28.27
N ARG F 352 11.71 15.44 -28.21
CA ARG F 352 12.61 14.37 -28.62
C ARG F 352 13.16 13.69 -27.39
N VAL F 353 13.07 12.37 -27.37
CA VAL F 353 13.59 11.53 -26.30
C VAL F 353 14.60 10.59 -26.95
N GLU F 354 15.87 10.83 -26.72
CA GLU F 354 16.91 10.11 -27.44
C GLU F 354 17.79 9.35 -26.47
N GLY F 355 18.42 8.29 -26.97
CA GLY F 355 19.42 7.58 -26.22
C GLY F 355 20.49 7.07 -27.16
N THR F 356 21.54 6.53 -26.59
CA THR F 356 22.57 5.95 -27.43
C THR F 356 22.57 4.44 -27.26
N PRO F 357 22.72 3.71 -28.37
CA PRO F 357 22.69 2.24 -28.37
C PRO F 357 23.83 1.61 -27.57
N SER F 358 23.49 0.68 -26.70
CA SER F 358 24.47 -0.03 -25.88
C SER F 358 23.87 -1.35 -25.43
N ASP F 359 24.41 -2.45 -25.94
CA ASP F 359 23.90 -3.77 -25.60
C ASP F 359 25.04 -4.71 -25.22
N PRO F 360 24.76 -5.67 -24.34
CA PRO F 360 25.70 -6.67 -23.85
C PRO F 360 26.48 -7.29 -25.00
N ASN F 361 25.78 -7.75 -26.02
CA ASN F 361 26.49 -8.18 -27.23
C ASN F 361 27.78 -8.91 -26.91
N PRO F 362 27.71 -10.08 -26.29
CA PRO F 362 28.96 -10.76 -25.90
C PRO F 362 29.91 -11.02 -27.07
N ASN F 363 29.40 -11.40 -28.23
CA ASN F 363 30.26 -11.64 -29.37
C ASN F 363 31.05 -10.41 -29.82
N ASP F 364 30.40 -9.24 -29.84
CA ASP F 364 31.04 -8.00 -30.27
C ASP F 364 32.09 -7.44 -29.31
N PRO F 365 33.19 -6.89 -29.88
CA PRO F 365 34.28 -6.28 -29.11
C PRO F 365 34.08 -4.82 -28.77
N ARG F 366 33.22 -4.10 -29.49
CA ARG F 366 33.10 -2.67 -29.24
C ARG F 366 32.25 -2.39 -28.02
N ALA F 367 31.38 -3.33 -27.65
CA ALA F 367 30.34 -3.06 -26.67
C ALA F 367 30.92 -2.98 -25.26
N ARG F 368 30.46 -1.98 -24.52
CA ARG F 368 30.90 -1.81 -23.14
C ARG F 368 30.29 -2.90 -22.28
N MET F 369 31.13 -3.54 -21.47
CA MET F 369 30.69 -4.71 -20.74
C MET F 369 30.08 -4.31 -19.40
N ASP F 370 29.47 -5.31 -18.73
CA ASP F 370 28.58 -5.07 -17.58
C ASP F 370 29.27 -4.32 -16.45
N SER F 371 28.64 -3.24 -16.03
CA SER F 371 29.07 -2.50 -14.86
C SER F 371 27.85 -1.97 -14.12
N GLU F 372 27.88 -2.10 -12.81
CA GLU F 372 26.89 -1.48 -11.96
C GLU F 372 27.09 0.01 -11.80
N SER F 373 28.17 0.54 -12.35
CA SER F 373 28.67 1.88 -12.08
C SER F 373 27.82 2.98 -12.68
N LEU F 374 27.59 2.93 -14.00
CA LEU F 374 26.85 3.86 -14.85
C LEU F 374 27.52 5.22 -15.03
N PHE F 375 28.60 5.52 -14.32
CA PHE F 375 29.30 6.81 -14.44
C PHE F 375 30.77 6.52 -14.60
N LYS F 376 31.42 7.10 -15.61
CA LYS F 376 32.82 6.77 -15.78
C LYS F 376 33.72 7.61 -14.88
N ASP F 377 33.77 8.91 -15.10
CA ASP F 377 34.45 9.81 -14.18
C ASP F 377 33.55 11.01 -13.98
N GLY F 378 32.58 10.86 -13.08
CA GLY F 378 31.65 11.94 -12.80
C GLY F 378 30.75 12.36 -13.93
N LYS F 379 30.64 11.57 -15.00
CA LYS F 379 29.73 11.89 -16.08
C LYS F 379 29.01 10.62 -16.52
N LEU F 380 27.75 10.77 -16.87
CA LEU F 380 26.91 9.63 -17.20
C LEU F 380 27.35 9.03 -18.52
N LEU F 381 27.46 7.70 -18.54
CA LEU F 381 27.84 7.04 -19.77
C LEU F 381 26.67 7.04 -20.75
N PRO F 382 26.95 7.13 -22.05
CA PRO F 382 25.87 7.13 -23.04
C PRO F 382 25.20 5.76 -23.12
N ALA F 383 23.91 5.73 -22.80
CA ALA F 383 23.18 4.48 -22.70
C ALA F 383 21.74 4.71 -23.11
N ILE F 384 20.89 3.76 -22.81
CA ILE F 384 19.48 3.85 -23.19
C ILE F 384 18.76 4.77 -22.22
N THR F 385 18.03 5.74 -22.77
CA THR F 385 17.19 6.62 -21.97
C THR F 385 16.03 5.84 -21.37
N ILE F 386 15.81 5.99 -20.07
CA ILE F 386 14.71 5.34 -19.39
C ILE F 386 13.77 6.41 -18.87
N LEU F 387 12.47 6.20 -19.06
CA LEU F 387 11.45 7.00 -18.42
C LEU F 387 10.65 6.10 -17.51
N GLY F 388 10.57 6.44 -16.23
CA GLY F 388 9.85 5.62 -15.28
C GLY F 388 8.35 5.78 -15.41
N CYS F 389 7.65 5.32 -14.38
CA CYS F 389 6.20 5.38 -14.38
C CYS F 389 5.69 6.81 -14.25
N ARG F 390 4.71 7.16 -15.09
CA ARG F 390 3.91 8.40 -14.99
C ARG F 390 4.76 9.65 -15.06
N VAL F 391 5.62 9.72 -16.08
CA VAL F 391 6.50 10.85 -16.30
C VAL F 391 5.88 11.75 -17.36
N ARG F 392 5.72 13.02 -17.04
CA ARG F 392 5.09 13.99 -17.94
C ARG F 392 6.16 14.85 -18.57
N ILE F 393 6.46 14.60 -19.84
CA ILE F 393 7.42 15.40 -20.60
C ILE F 393 6.67 16.55 -21.25
N PRO F 394 7.10 17.79 -21.10
CA PRO F 394 6.39 18.91 -21.72
C PRO F 394 6.72 19.03 -23.19
N ALA F 395 6.09 20.00 -23.83
CA ALA F 395 6.25 20.19 -25.26
C ALA F 395 7.56 20.88 -25.58
N GLU F 396 8.16 20.47 -26.71
CA GLU F 396 9.35 21.07 -27.31
C GLU F 396 10.54 21.03 -26.36
N VAL F 397 10.92 19.82 -25.98
CA VAL F 397 11.94 19.62 -24.94
C VAL F 397 12.69 18.33 -25.24
N LEU F 398 13.97 18.31 -24.90
CA LEU F 398 14.87 17.22 -25.26
C LEU F 398 15.28 16.45 -24.02
N ILE F 399 15.12 15.13 -24.05
CA ILE F 399 15.64 14.26 -23.00
C ILE F 399 16.66 13.33 -23.63
N LEU F 400 17.94 13.62 -23.43
CA LEU F 400 19.01 12.91 -24.13
C LEU F 400 19.87 12.18 -23.12
N ASN F 401 20.00 10.87 -23.29
CA ASN F 401 20.89 9.99 -22.52
C ASN F 401 20.59 10.00 -21.03
N SER F 402 19.33 10.18 -20.69
CA SER F 402 18.96 10.58 -19.34
C SER F 402 18.02 9.57 -18.71
N ILE F 403 18.04 9.47 -17.39
CA ILE F 403 17.21 8.52 -16.66
C ILE F 403 16.28 9.32 -15.75
N VAL F 404 14.98 9.12 -15.90
CA VAL F 404 13.99 9.86 -15.15
C VAL F 404 13.28 8.93 -14.18
N LEU F 405 13.31 9.29 -12.91
CA LEU F 405 12.67 8.50 -11.86
C LEU F 405 11.15 8.66 -11.93
N PRO F 406 10.37 7.74 -11.34
CA PRO F 406 8.92 7.76 -11.53
C PRO F 406 8.22 8.96 -10.92
N HIS F 407 7.07 9.29 -11.51
CA HIS F 407 6.14 10.32 -11.05
C HIS F 407 6.80 11.70 -11.01
N LYS F 408 7.63 11.98 -12.02
CA LYS F 408 8.38 13.22 -12.10
C LYS F 408 7.99 13.95 -13.36
N GLU F 409 7.52 15.18 -13.22
CA GLU F 409 7.23 16.05 -14.34
C GLU F 409 8.40 16.98 -14.59
N LEU F 410 8.78 17.12 -15.84
CA LEU F 410 9.93 17.94 -16.19
C LEU F 410 9.46 19.26 -16.78
N SER F 411 10.30 20.27 -16.68
CA SER F 411 9.97 21.60 -17.16
C SER F 411 10.87 22.07 -18.29
N ARG F 412 12.13 21.67 -18.31
CA ARG F 412 13.07 22.07 -19.34
C ARG F 412 13.85 20.84 -19.81
N SER F 413 14.67 21.06 -20.84
CA SER F 413 15.36 19.97 -21.51
C SER F 413 16.58 19.52 -20.73
N PHE F 414 16.63 18.22 -20.42
CA PHE F 414 17.72 17.64 -19.66
C PHE F 414 18.61 16.83 -20.59
N THR F 415 19.92 17.00 -20.44
CA THR F 415 20.90 16.28 -21.24
C THR F 415 21.89 15.60 -20.31
N ASN F 416 22.01 14.29 -20.45
CA ASN F 416 23.03 13.47 -19.77
C ASN F 416 22.95 13.54 -18.26
N GLN F 417 21.73 13.54 -17.71
CA GLN F 417 21.54 13.63 -16.28
C GLN F 417 20.64 12.52 -15.79
N ILE F 418 20.70 12.25 -14.49
CA ILE F 418 19.73 11.40 -13.82
C ILE F 418 18.82 12.32 -13.00
N ILE F 419 17.54 12.32 -13.30
CA ILE F 419 16.59 13.19 -12.64
C ILE F 419 15.99 12.42 -11.47
N LEU F 420 16.32 12.85 -10.26
CA LEU F 420 15.93 12.12 -9.06
C LEU F 420 14.65 12.66 -8.47
N MET G 1 -84.28 -27.60 -18.26
CA MET G 1 -83.68 -26.80 -17.21
C MET G 1 -82.60 -27.58 -16.47
N LYS G 2 -81.34 -27.31 -16.80
CA LYS G 2 -80.21 -28.08 -16.27
C LYS G 2 -79.24 -27.18 -15.54
N ALA G 3 -78.65 -27.71 -14.47
CA ALA G 3 -77.74 -26.95 -13.62
C ALA G 3 -76.44 -27.72 -13.44
N LEU G 4 -75.33 -26.98 -13.35
CA LEU G 4 -73.99 -27.55 -13.31
C LEU G 4 -73.31 -27.20 -12.00
N ILE G 5 -72.70 -28.20 -11.37
CA ILE G 5 -71.92 -28.02 -10.15
C ILE G 5 -70.52 -28.56 -10.40
N LEU G 6 -69.51 -27.73 -10.11
CA LEU G 6 -68.11 -28.14 -10.20
C LEU G 6 -67.73 -28.82 -8.89
N VAL G 7 -68.15 -30.06 -8.76
CA VAL G 7 -67.85 -30.86 -7.58
C VAL G 7 -66.43 -31.37 -7.70
N GLY G 8 -65.92 -31.97 -6.63
CA GLY G 8 -64.60 -32.55 -6.72
C GLY G 8 -63.54 -31.47 -6.73
N GLY G 9 -62.46 -31.76 -7.45
CA GLY G 9 -61.25 -30.97 -7.34
C GLY G 9 -60.45 -31.39 -6.11
N TYR G 10 -59.29 -30.79 -5.98
CA TYR G 10 -58.38 -31.24 -4.93
C TYR G 10 -58.78 -30.71 -3.56
N GLY G 11 -59.23 -29.46 -3.49
CA GLY G 11 -59.63 -28.87 -2.24
C GLY G 11 -58.47 -28.67 -1.29
N THR G 12 -57.40 -28.05 -1.78
CA THR G 12 -56.15 -27.99 -1.03
C THR G 12 -56.22 -27.02 0.14
N ARG G 13 -57.22 -26.14 0.20
CA ARG G 13 -57.25 -25.16 1.26
C ARG G 13 -57.88 -25.72 2.53
N LEU G 14 -58.83 -26.65 2.40
CA LEU G 14 -59.52 -27.24 3.55
C LEU G 14 -58.85 -28.53 4.02
N ARG G 15 -57.52 -28.63 3.85
CA ARG G 15 -56.76 -29.89 3.79
C ARG G 15 -56.97 -30.93 4.89
N PRO G 16 -56.90 -30.61 6.21
CA PRO G 16 -56.88 -31.71 7.20
C PRO G 16 -58.18 -32.48 7.29
N LEU G 17 -59.27 -31.92 6.78
CA LEU G 17 -60.50 -32.69 6.64
C LEU G 17 -60.65 -33.29 5.25
N THR G 18 -60.07 -32.66 4.22
CA THR G 18 -60.19 -33.22 2.89
C THR G 18 -59.22 -34.33 2.60
N LEU G 19 -58.32 -34.67 3.53
CA LEU G 19 -57.52 -35.88 3.34
C LEU G 19 -58.38 -37.14 3.45
N SER G 20 -59.46 -37.08 4.21
CA SER G 20 -60.27 -38.27 4.47
C SER G 20 -61.47 -38.38 3.53
N THR G 21 -62.26 -37.33 3.41
CA THR G 21 -63.44 -37.27 2.57
C THR G 21 -63.28 -36.12 1.59
N PRO G 22 -63.98 -36.15 0.45
CA PRO G 22 -63.91 -35.00 -0.47
C PRO G 22 -64.59 -33.77 0.10
N LYS G 23 -64.13 -32.60 -0.38
CA LYS G 23 -64.61 -31.31 0.12
C LYS G 23 -66.11 -31.06 -0.01
N PRO G 24 -66.82 -31.44 -1.09
CA PRO G 24 -68.28 -31.31 -1.05
C PRO G 24 -68.97 -32.21 -0.04
N LEU G 25 -68.35 -33.31 0.35
CA LEU G 25 -68.99 -34.28 1.23
C LEU G 25 -68.80 -33.97 2.70
N VAL G 26 -68.02 -32.95 3.06
CA VAL G 26 -67.84 -32.65 4.47
C VAL G 26 -69.09 -31.97 5.01
N ASP G 27 -69.38 -32.20 6.28
CA ASP G 27 -70.66 -31.83 6.86
C ASP G 27 -70.63 -30.38 7.30
N PHE G 28 -71.52 -29.58 6.73
CA PHE G 28 -71.71 -28.18 7.11
C PHE G 28 -73.10 -28.09 7.73
N CYS G 29 -73.13 -27.98 9.06
CA CYS G 29 -74.35 -27.95 9.86
C CYS G 29 -75.23 -29.16 9.58
N ASN G 30 -74.67 -30.33 9.88
CA ASN G 30 -75.28 -31.66 9.81
C ASN G 30 -75.63 -32.12 8.41
N LYS G 31 -75.17 -31.42 7.37
CA LYS G 31 -75.43 -31.83 6.00
C LYS G 31 -74.22 -31.47 5.15
N PRO G 32 -73.95 -32.24 4.10
CA PRO G 32 -72.91 -31.85 3.14
C PRO G 32 -73.30 -30.58 2.40
N ILE G 33 -72.28 -29.83 1.96
CA ILE G 33 -72.56 -28.54 1.34
C ILE G 33 -73.09 -28.72 -0.08
N LEU G 34 -72.59 -29.72 -0.80
CA LEU G 34 -73.18 -30.14 -2.07
C LEU G 34 -74.62 -30.56 -1.88
N LEU G 35 -74.94 -31.18 -0.75
CA LEU G 35 -76.32 -31.53 -0.47
C LEU G 35 -77.17 -30.27 -0.30
N HIS G 36 -76.63 -29.23 0.34
CA HIS G 36 -77.36 -27.96 0.46
C HIS G 36 -77.64 -27.34 -0.90
N GLN G 37 -76.63 -27.35 -1.77
CA GLN G 37 -76.80 -26.76 -3.10
C GLN G 37 -77.79 -27.55 -3.95
N VAL G 38 -77.81 -28.88 -3.81
CA VAL G 38 -78.78 -29.61 -4.60
C VAL G 38 -80.18 -29.58 -3.99
N GLU G 39 -80.32 -29.35 -2.67
CA GLU G 39 -81.64 -29.06 -2.13
C GLU G 39 -82.17 -27.76 -2.68
N ALA G 40 -81.30 -26.76 -2.85
CA ALA G 40 -81.73 -25.50 -3.44
C ALA G 40 -82.12 -25.65 -4.91
N LEU G 41 -81.33 -26.40 -5.68
CA LEU G 41 -81.65 -26.63 -7.09
C LEU G 41 -82.90 -27.49 -7.25
N ALA G 42 -83.12 -28.44 -6.34
CA ALA G 42 -84.33 -29.27 -6.39
C ALA G 42 -85.56 -28.46 -5.97
N ALA G 43 -85.38 -27.52 -5.04
CA ALA G 43 -86.50 -26.68 -4.63
C ALA G 43 -86.85 -25.68 -5.71
N ALA G 44 -85.87 -25.23 -6.51
CA ALA G 44 -86.19 -24.37 -7.64
C ALA G 44 -86.85 -25.15 -8.76
N GLY G 45 -86.52 -26.43 -8.90
CA GLY G 45 -87.12 -27.26 -9.92
C GLY G 45 -86.23 -27.43 -11.11
N VAL G 46 -85.48 -28.53 -11.14
CA VAL G 46 -84.51 -28.82 -12.18
C VAL G 46 -84.56 -30.31 -12.46
N ASP G 47 -84.75 -30.68 -13.73
CA ASP G 47 -84.86 -32.09 -14.08
C ASP G 47 -83.51 -32.79 -13.99
N HIS G 48 -82.45 -32.12 -14.46
CA HIS G 48 -81.17 -32.78 -14.63
C HIS G 48 -80.07 -31.91 -14.05
N VAL G 49 -79.30 -32.45 -13.12
CA VAL G 49 -78.13 -31.77 -12.58
C VAL G 49 -76.89 -32.54 -13.01
N ILE G 50 -76.03 -31.87 -13.76
CA ILE G 50 -74.75 -32.42 -14.19
C ILE G 50 -73.72 -32.10 -13.11
N LEU G 51 -72.88 -33.07 -12.76
CA LEU G 51 -71.94 -32.94 -11.66
C LEU G 51 -70.62 -33.61 -12.06
N ALA G 52 -69.52 -32.89 -11.89
CA ALA G 52 -68.22 -33.37 -12.32
C ALA G 52 -67.42 -33.85 -11.14
N VAL G 53 -66.84 -35.05 -11.28
CA VAL G 53 -66.09 -35.63 -10.18
C VAL G 53 -64.64 -35.93 -10.56
N SER G 54 -63.76 -35.01 -10.21
CA SER G 54 -62.33 -35.16 -10.47
C SER G 54 -61.55 -35.80 -9.34
N TYR G 55 -62.10 -35.80 -8.12
CA TYR G 55 -61.50 -36.42 -6.95
C TYR G 55 -61.88 -37.90 -6.88
N MET G 56 -61.83 -38.47 -5.65
CA MET G 56 -62.05 -39.90 -5.34
C MET G 56 -63.11 -40.64 -6.15
N SER G 57 -64.28 -40.03 -6.32
CA SER G 57 -65.30 -40.39 -7.31
C SER G 57 -66.00 -41.73 -7.06
N GLN G 58 -65.59 -42.49 -6.04
CA GLN G 58 -66.48 -43.52 -5.51
C GLN G 58 -67.48 -42.92 -4.54
N VAL G 59 -66.96 -42.37 -3.45
CA VAL G 59 -67.74 -42.03 -2.27
C VAL G 59 -68.38 -40.66 -2.39
N LEU G 60 -68.48 -40.21 -3.64
CA LEU G 60 -69.13 -38.97 -4.02
C LEU G 60 -70.27 -39.36 -4.95
N GLU G 61 -70.02 -40.41 -5.74
CA GLU G 61 -70.97 -40.98 -6.69
C GLU G 61 -72.03 -41.83 -5.99
N LYS G 62 -71.64 -42.62 -5.00
CA LYS G 62 -72.63 -43.46 -4.31
C LYS G 62 -73.60 -42.63 -3.48
N GLU G 63 -73.13 -41.51 -2.92
CA GLU G 63 -74.04 -40.64 -2.18
C GLU G 63 -74.98 -39.90 -3.13
N MET G 64 -74.54 -39.64 -4.35
CA MET G 64 -75.47 -39.04 -5.32
C MET G 64 -76.51 -40.05 -5.78
N LYS G 65 -76.09 -41.32 -5.94
CA LYS G 65 -77.02 -42.44 -6.18
C LYS G 65 -78.09 -42.50 -5.11
N ALA G 66 -77.67 -42.44 -3.84
CA ALA G 66 -78.62 -42.52 -2.74
C ALA G 66 -79.51 -41.28 -2.65
N GLN G 67 -78.98 -40.11 -2.99
CA GLN G 67 -79.77 -38.89 -2.83
C GLN G 67 -80.73 -38.65 -3.99
N GLU G 68 -80.52 -39.30 -5.13
CA GLU G 68 -81.46 -39.17 -6.25
C GLU G 68 -82.85 -39.71 -5.88
N GLN G 69 -82.90 -40.81 -5.13
CA GLN G 69 -84.19 -41.41 -4.79
C GLN G 69 -84.88 -40.63 -3.68
N ARG G 70 -84.14 -39.84 -2.90
CA ARG G 70 -84.77 -39.01 -1.89
C ARG G 70 -85.23 -37.69 -2.48
N LEU G 71 -84.48 -37.16 -3.46
CA LEU G 71 -84.93 -35.94 -4.13
C LEU G 71 -85.99 -36.25 -5.18
N GLY G 72 -85.83 -37.33 -5.93
CA GLY G 72 -86.69 -37.59 -7.06
C GLY G 72 -86.27 -36.86 -8.32
N ILE G 73 -85.06 -36.34 -8.36
CA ILE G 73 -84.54 -35.55 -9.47
C ILE G 73 -83.40 -36.33 -10.11
N ARG G 74 -83.41 -36.40 -11.44
CA ARG G 74 -82.37 -37.15 -12.14
C ARG G 74 -81.04 -36.41 -12.07
N ILE G 75 -79.99 -37.16 -11.78
CA ILE G 75 -78.64 -36.64 -11.57
C ILE G 75 -77.71 -37.31 -12.55
N SER G 76 -76.73 -36.57 -13.07
CA SER G 76 -75.68 -37.17 -13.89
C SER G 76 -74.32 -36.79 -13.36
N MET G 77 -73.37 -37.70 -13.51
CA MET G 77 -71.95 -37.40 -13.38
C MET G 77 -71.31 -37.33 -14.75
N SER G 78 -70.28 -36.50 -14.83
CA SER G 78 -69.27 -36.61 -15.87
C SER G 78 -67.95 -36.72 -15.13
N HIS G 79 -67.14 -37.73 -15.45
CA HIS G 79 -65.79 -37.51 -14.97
C HIS G 79 -64.73 -37.77 -16.03
N GLU G 80 -63.53 -37.45 -15.61
CA GLU G 80 -62.39 -37.21 -16.46
C GLU G 80 -61.23 -38.02 -15.90
N GLU G 81 -60.40 -38.55 -16.80
CA GLU G 81 -59.20 -39.27 -16.37
C GLU G 81 -58.08 -38.33 -15.95
N GLU G 82 -58.20 -37.04 -16.27
CA GLU G 82 -57.27 -36.00 -15.87
C GLU G 82 -58.06 -34.76 -15.46
N PRO G 83 -57.54 -33.94 -14.55
CA PRO G 83 -58.27 -32.73 -14.14
C PRO G 83 -58.34 -31.70 -15.26
N LEU G 84 -59.56 -31.42 -15.73
CA LEU G 84 -59.80 -30.44 -16.77
C LEU G 84 -59.87 -29.01 -16.25
N GLY G 85 -59.43 -28.77 -15.01
CA GLY G 85 -59.60 -27.46 -14.43
C GLY G 85 -61.07 -27.22 -14.09
N THR G 86 -61.41 -25.95 -13.93
CA THR G 86 -62.79 -25.60 -13.69
C THR G 86 -63.54 -25.14 -14.94
N ALA G 87 -62.82 -24.89 -16.04
CA ALA G 87 -63.50 -24.61 -17.31
C ALA G 87 -63.85 -25.88 -18.06
N GLY G 88 -62.87 -26.77 -18.23
CA GLY G 88 -63.01 -28.01 -18.95
C GLY G 88 -64.19 -28.95 -18.74
N PRO G 89 -64.81 -28.98 -17.54
CA PRO G 89 -66.08 -29.71 -17.42
C PRO G 89 -67.24 -29.15 -18.25
N LEU G 90 -67.20 -27.87 -18.63
CA LEU G 90 -68.22 -27.39 -19.57
C LEU G 90 -67.99 -27.99 -20.95
N ALA G 91 -66.74 -28.07 -21.38
CA ALA G 91 -66.44 -28.68 -22.67
C ALA G 91 -66.63 -30.18 -22.66
N LEU G 92 -66.50 -30.82 -21.49
CA LEU G 92 -66.75 -32.25 -21.42
C LEU G 92 -68.25 -32.54 -21.51
N ALA G 93 -69.06 -31.77 -20.78
CA ALA G 93 -70.51 -31.92 -20.79
C ALA G 93 -71.18 -30.98 -21.80
N ARG G 94 -70.49 -30.68 -22.90
CA ARG G 94 -71.00 -29.74 -23.90
C ARG G 94 -72.18 -30.33 -24.66
N ASP G 95 -72.15 -31.63 -24.94
CA ASP G 95 -73.22 -32.27 -25.70
C ASP G 95 -74.50 -32.36 -24.87
N LEU G 96 -74.39 -32.81 -23.62
CA LEU G 96 -75.54 -32.95 -22.75
C LEU G 96 -76.05 -31.59 -22.27
N LEU G 97 -75.28 -30.52 -22.47
CA LEU G 97 -75.79 -29.17 -22.32
C LEU G 97 -76.34 -28.62 -23.63
N SER G 98 -75.92 -29.17 -24.75
CA SER G 98 -76.20 -28.65 -26.08
C SER G 98 -77.48 -29.21 -26.68
N GLU G 99 -77.94 -30.37 -26.22
CA GLU G 99 -79.18 -30.93 -26.75
C GLU G 99 -80.42 -30.14 -26.35
N THR G 100 -80.36 -29.41 -25.25
CA THR G 100 -81.38 -28.43 -24.87
C THR G 100 -80.85 -27.02 -25.02
N ALA G 101 -81.66 -26.14 -25.62
CA ALA G 101 -81.30 -24.74 -25.78
C ALA G 101 -81.88 -23.93 -24.62
N ASP G 102 -81.39 -24.26 -23.43
CA ASP G 102 -81.75 -23.59 -22.19
C ASP G 102 -80.50 -22.98 -21.56
N PRO G 103 -80.64 -21.85 -20.88
CA PRO G 103 -79.53 -21.36 -20.06
C PRO G 103 -79.31 -22.27 -18.86
N PHE G 104 -78.05 -22.42 -18.47
CA PHE G 104 -77.71 -23.36 -17.41
C PHE G 104 -76.97 -22.67 -16.28
N PHE G 105 -77.25 -23.12 -15.07
CA PHE G 105 -76.59 -22.65 -13.86
C PHE G 105 -75.20 -23.24 -13.74
N VAL G 106 -74.30 -22.45 -13.14
CA VAL G 106 -72.93 -22.85 -12.85
C VAL G 106 -72.67 -22.48 -11.40
N LEU G 107 -72.31 -23.46 -10.58
CA LEU G 107 -72.10 -23.22 -9.16
C LEU G 107 -70.73 -23.75 -8.74
N ASN G 108 -70.11 -23.06 -7.79
CA ASN G 108 -68.95 -23.56 -7.08
C ASN G 108 -69.43 -24.28 -5.83
N SER G 109 -68.86 -25.46 -5.56
CA SER G 109 -69.40 -26.30 -4.50
C SER G 109 -69.04 -25.79 -3.10
N ASP G 110 -68.02 -24.94 -2.98
CA ASP G 110 -67.61 -24.45 -1.67
C ASP G 110 -68.41 -23.23 -1.24
N VAL G 111 -69.26 -22.70 -2.10
CA VAL G 111 -70.01 -21.48 -1.79
C VAL G 111 -71.30 -21.86 -1.07
N ILE G 112 -71.53 -21.24 0.09
CA ILE G 112 -72.80 -21.33 0.80
C ILE G 112 -73.37 -19.92 0.94
N CYS G 113 -74.65 -19.77 0.64
CA CYS G 113 -75.34 -18.49 0.63
C CYS G 113 -76.84 -18.75 0.56
N ASP G 114 -77.61 -17.69 0.73
CA ASP G 114 -79.01 -17.72 0.32
C ASP G 114 -79.08 -17.76 -1.20
N PHE G 115 -80.01 -18.55 -1.71
CA PHE G 115 -79.95 -18.86 -3.14
C PHE G 115 -81.01 -18.10 -3.92
N PRO G 116 -80.60 -17.15 -4.76
CA PRO G 116 -81.54 -16.27 -5.46
C PRO G 116 -81.99 -16.79 -6.81
N PHE G 117 -81.92 -18.12 -7.01
CA PHE G 117 -81.85 -18.78 -8.32
C PHE G 117 -82.88 -18.29 -9.35
N GLN G 118 -84.17 -18.30 -9.01
CA GLN G 118 -85.08 -18.00 -10.09
C GLN G 118 -85.39 -16.51 -10.20
N ALA G 119 -85.11 -15.74 -9.15
CA ALA G 119 -84.89 -14.31 -9.34
C ALA G 119 -83.71 -14.04 -10.26
N MET G 120 -82.69 -14.89 -10.22
CA MET G 120 -81.53 -14.71 -11.10
C MET G 120 -81.88 -15.05 -12.55
N VAL G 121 -82.72 -16.05 -12.78
CA VAL G 121 -83.07 -16.33 -14.19
C VAL G 121 -84.07 -15.29 -14.69
N GLN G 122 -84.85 -14.67 -13.78
CA GLN G 122 -85.67 -13.53 -14.20
C GLN G 122 -84.81 -12.33 -14.56
N PHE G 123 -83.73 -12.09 -13.80
CA PHE G 123 -82.75 -11.07 -14.12
C PHE G 123 -82.09 -11.34 -15.47
N HIS G 124 -81.77 -12.61 -15.74
CA HIS G 124 -81.16 -13.01 -17.00
C HIS G 124 -82.12 -12.84 -18.17
N ARG G 125 -83.41 -13.10 -17.95
CA ARG G 125 -84.40 -12.87 -19.00
C ARG G 125 -84.63 -11.40 -19.24
N HIS G 126 -84.48 -10.57 -18.20
CA HIS G 126 -84.67 -9.13 -18.39
C HIS G 126 -83.54 -8.53 -19.21
N HIS G 127 -82.28 -8.80 -18.85
CA HIS G 127 -81.21 -8.16 -19.62
C HIS G 127 -80.98 -8.84 -20.97
N GLY G 128 -81.22 -10.15 -21.05
CA GLY G 128 -81.33 -10.84 -22.32
C GLY G 128 -80.05 -11.35 -22.94
N GLN G 129 -78.90 -11.11 -22.32
CA GLN G 129 -77.63 -11.47 -22.93
C GLN G 129 -77.20 -12.86 -22.47
N GLU G 130 -75.94 -13.20 -22.70
CA GLU G 130 -75.44 -14.57 -22.60
C GLU G 130 -74.96 -14.94 -21.20
N GLY G 131 -74.28 -14.03 -20.50
CA GLY G 131 -73.68 -14.38 -19.23
C GLY G 131 -74.02 -13.50 -18.06
N SER G 132 -74.48 -14.11 -16.96
CA SER G 132 -74.73 -13.36 -15.73
C SER G 132 -73.89 -13.93 -14.59
N ILE G 133 -73.37 -13.02 -13.77
CA ILE G 133 -72.52 -13.33 -12.63
C ILE G 133 -73.30 -12.95 -11.37
N LEU G 134 -72.91 -13.55 -10.25
CA LEU G 134 -73.35 -13.10 -8.94
C LEU G 134 -72.23 -12.32 -8.29
N VAL G 135 -72.59 -11.22 -7.64
CA VAL G 135 -71.60 -10.33 -7.02
C VAL G 135 -72.06 -9.99 -5.60
N THR G 136 -71.11 -10.04 -4.66
CA THR G 136 -71.37 -9.70 -3.27
C THR G 136 -70.20 -8.86 -2.76
N LYS G 137 -70.49 -7.82 -2.00
CA LYS G 137 -69.42 -7.04 -1.39
C LYS G 137 -68.79 -7.81 -0.23
N VAL G 138 -67.46 -7.85 -0.24
CA VAL G 138 -66.66 -8.49 0.81
C VAL G 138 -65.51 -7.54 1.12
N GLU G 139 -65.20 -7.43 2.41
CA GLU G 139 -64.22 -6.45 2.89
C GLU G 139 -62.83 -6.67 2.31
N GLU G 140 -62.33 -7.91 2.38
CA GLU G 140 -61.02 -8.20 1.82
C GLU G 140 -61.16 -8.66 0.38
N PRO G 141 -60.64 -7.92 -0.60
CA PRO G 141 -60.82 -8.35 -1.99
C PRO G 141 -59.92 -9.51 -2.38
N SER G 142 -58.67 -9.58 -1.87
CA SER G 142 -57.64 -10.46 -2.44
C SER G 142 -57.95 -11.94 -2.35
N LYS G 143 -58.95 -12.34 -1.56
CA LYS G 143 -59.38 -13.72 -1.47
C LYS G 143 -60.02 -14.19 -2.79
N TYR G 144 -60.91 -13.37 -3.35
CA TYR G 144 -61.81 -13.78 -4.40
C TYR G 144 -61.92 -12.69 -5.46
N GLY G 145 -62.11 -13.09 -6.72
CA GLY G 145 -62.00 -12.15 -7.83
C GLY G 145 -63.07 -11.08 -7.84
N VAL G 146 -62.73 -9.93 -8.42
CA VAL G 146 -63.53 -8.71 -8.29
C VAL G 146 -63.97 -8.21 -9.66
N VAL G 147 -65.17 -7.62 -9.70
CA VAL G 147 -65.79 -7.15 -10.93
C VAL G 147 -66.11 -5.67 -10.80
N VAL G 148 -66.13 -4.98 -11.93
CA VAL G 148 -66.54 -3.58 -11.96
C VAL G 148 -68.02 -3.54 -12.32
N CYS G 149 -68.81 -2.79 -11.55
CA CYS G 149 -70.26 -2.84 -11.63
C CYS G 149 -70.82 -1.43 -11.84
N GLU G 150 -71.68 -1.27 -12.85
CA GLU G 150 -72.39 -0.02 -13.07
C GLU G 150 -73.84 -0.14 -12.58
N ALA G 151 -74.65 0.90 -12.83
CA ALA G 151 -75.82 1.12 -11.97
C ALA G 151 -77.04 0.29 -12.33
N ASP G 152 -77.69 0.58 -13.46
CA ASP G 152 -78.89 -0.17 -13.87
C ASP G 152 -78.64 -1.46 -14.60
N THR G 153 -77.90 -1.40 -15.71
CA THR G 153 -77.66 -2.60 -16.50
C THR G 153 -76.81 -3.59 -15.73
N GLY G 154 -75.82 -3.09 -15.01
CA GLY G 154 -74.89 -3.97 -14.34
C GLY G 154 -73.90 -4.61 -15.27
N ARG G 155 -73.67 -4.02 -16.44
CA ARG G 155 -72.68 -4.54 -17.36
C ARG G 155 -71.28 -4.30 -16.81
N ILE G 156 -70.47 -5.35 -16.83
CA ILE G 156 -69.14 -5.32 -16.26
C ILE G 156 -68.21 -4.66 -17.28
N HIS G 157 -67.71 -3.46 -16.94
CA HIS G 157 -66.72 -2.81 -17.80
C HIS G 157 -65.42 -3.60 -17.82
N ARG G 158 -64.93 -4.00 -16.65
CA ARG G 158 -63.61 -4.60 -16.55
C ARG G 158 -63.63 -5.73 -15.54
N PHE G 159 -62.97 -6.83 -15.89
CA PHE G 159 -62.86 -8.00 -15.03
C PHE G 159 -61.41 -8.22 -14.64
N VAL G 160 -61.22 -8.68 -13.40
CA VAL G 160 -59.94 -9.20 -12.94
C VAL G 160 -60.22 -10.27 -11.89
N GLU G 161 -59.63 -11.44 -12.06
CA GLU G 161 -59.92 -12.59 -11.21
C GLU G 161 -59.01 -12.71 -10.00
N LYS G 162 -57.90 -11.99 -9.96
CA LYS G 162 -57.05 -11.99 -8.78
C LYS G 162 -56.82 -10.55 -8.37
N PRO G 163 -57.44 -10.11 -7.28
CA PRO G 163 -57.48 -8.68 -6.99
C PRO G 163 -56.17 -8.16 -6.44
N GLN G 164 -56.01 -6.86 -6.65
CA GLN G 164 -54.95 -6.03 -6.11
C GLN G 164 -55.41 -5.55 -4.71
N VAL G 165 -54.56 -4.83 -4.01
CA VAL G 165 -54.95 -4.38 -2.67
C VAL G 165 -56.19 -3.48 -2.62
N PHE G 166 -56.32 -2.52 -3.54
CA PHE G 166 -57.47 -1.62 -3.52
C PHE G 166 -58.28 -1.46 -4.82
N VAL G 167 -58.21 -2.41 -5.74
CA VAL G 167 -58.92 -2.23 -7.01
C VAL G 167 -60.45 -2.10 -6.94
N SER G 168 -61.11 -2.95 -6.15
CA SER G 168 -62.57 -2.89 -6.02
C SER G 168 -63.05 -3.57 -4.75
N ASN G 169 -64.29 -3.28 -4.32
CA ASN G 169 -64.78 -3.95 -3.13
C ASN G 169 -65.73 -5.09 -3.45
N LYS G 170 -66.47 -4.98 -4.55
CA LYS G 170 -67.40 -6.02 -4.95
C LYS G 170 -66.65 -7.24 -5.46
N ILE G 171 -66.95 -8.40 -4.90
CA ILE G 171 -66.28 -9.66 -5.17
C ILE G 171 -67.24 -10.56 -5.95
N ASN G 172 -66.68 -11.33 -6.90
CA ASN G 172 -67.45 -12.37 -7.58
C ASN G 172 -67.97 -13.38 -6.56
N ALA G 173 -69.28 -13.54 -6.53
CA ALA G 173 -69.89 -14.50 -5.61
C ALA G 173 -69.84 -15.94 -6.14
N GLY G 174 -69.20 -16.17 -7.28
CA GLY G 174 -68.93 -17.51 -7.74
C GLY G 174 -70.13 -18.29 -8.20
N MET G 175 -71.18 -17.62 -8.65
CA MET G 175 -72.40 -18.29 -9.07
C MET G 175 -72.86 -17.65 -10.36
N TYR G 176 -72.92 -18.42 -11.43
CA TYR G 176 -73.10 -17.86 -12.77
C TYR G 176 -74.26 -18.53 -13.48
N ILE G 177 -74.79 -17.85 -14.48
CA ILE G 177 -75.68 -18.44 -15.48
C ILE G 177 -75.06 -18.24 -16.84
N LEU G 178 -74.84 -19.34 -17.56
CA LEU G 178 -74.22 -19.31 -18.88
C LEU G 178 -75.20 -19.87 -19.90
N SER G 179 -75.22 -19.25 -21.07
CA SER G 179 -76.06 -19.66 -22.18
C SER G 179 -75.41 -20.83 -22.92
N PRO G 180 -76.12 -21.50 -23.82
CA PRO G 180 -75.44 -22.48 -24.70
C PRO G 180 -74.44 -21.86 -25.67
N ALA G 181 -74.42 -20.54 -25.84
CA ALA G 181 -73.54 -19.92 -26.81
C ALA G 181 -72.10 -19.77 -26.32
N VAL G 182 -71.81 -20.08 -25.05
CA VAL G 182 -70.46 -19.82 -24.56
C VAL G 182 -69.58 -21.06 -24.68
N LEU G 183 -70.17 -22.25 -24.72
CA LEU G 183 -69.38 -23.47 -24.86
C LEU G 183 -68.78 -23.62 -26.23
N GLN G 184 -69.31 -22.91 -27.23
CA GLN G 184 -68.64 -22.88 -28.53
C GLN G 184 -67.33 -22.10 -28.46
N ARG G 185 -67.20 -21.20 -27.48
CA ARG G 185 -65.95 -20.47 -27.30
C ARG G 185 -64.93 -21.27 -26.50
N ILE G 186 -65.40 -22.07 -25.54
CA ILE G 186 -64.50 -22.85 -24.71
C ILE G 186 -63.88 -23.99 -25.53
N GLN G 187 -62.70 -24.40 -25.13
CA GLN G 187 -61.96 -25.45 -25.82
C GLN G 187 -61.90 -26.70 -24.95
N LEU G 188 -61.46 -27.79 -25.56
CA LEU G 188 -61.46 -29.08 -24.88
C LEU G 188 -60.34 -29.18 -23.84
N GLN G 189 -59.25 -28.44 -24.03
CA GLN G 189 -58.09 -28.54 -23.17
C GLN G 189 -58.38 -27.98 -21.79
N PRO G 190 -57.66 -28.45 -20.75
CA PRO G 190 -57.91 -27.96 -19.39
C PRO G 190 -57.59 -26.49 -19.21
N THR G 191 -58.64 -25.71 -18.98
CA THR G 191 -58.52 -24.29 -18.66
C THR G 191 -59.23 -23.99 -17.36
N SER G 192 -59.41 -22.71 -17.06
CA SER G 192 -60.07 -22.27 -15.86
C SER G 192 -61.05 -21.15 -16.22
N ILE G 193 -62.32 -21.33 -15.84
CA ILE G 193 -63.39 -20.46 -16.32
C ILE G 193 -63.27 -19.07 -15.71
N GLU G 194 -62.93 -18.99 -14.43
CA GLU G 194 -62.85 -17.75 -13.66
C GLU G 194 -61.83 -16.76 -14.22
N LYS G 195 -60.90 -17.19 -15.07
CA LYS G 195 -59.90 -16.30 -15.64
C LYS G 195 -59.90 -16.25 -17.17
N GLU G 196 -60.01 -17.39 -17.85
CA GLU G 196 -60.00 -17.37 -19.31
C GLU G 196 -61.24 -16.75 -19.91
N VAL G 197 -62.40 -17.40 -19.73
CA VAL G 197 -63.55 -16.97 -20.52
C VAL G 197 -64.17 -15.69 -19.97
N PHE G 198 -63.92 -15.37 -18.70
CA PHE G 198 -64.49 -14.16 -18.13
C PHE G 198 -63.75 -12.91 -18.60
N PRO G 199 -62.44 -12.96 -18.80
CA PRO G 199 -61.75 -11.78 -19.34
C PRO G 199 -62.17 -11.46 -20.76
N ILE G 200 -62.15 -12.47 -21.63
CA ILE G 200 -62.53 -12.28 -23.03
C ILE G 200 -64.01 -11.97 -23.14
N MET G 201 -64.81 -12.49 -22.21
CA MET G 201 -66.23 -12.21 -22.19
C MET G 201 -66.50 -10.80 -21.67
N ALA G 202 -65.60 -10.29 -20.82
CA ALA G 202 -65.68 -8.93 -20.34
C ALA G 202 -65.21 -7.93 -21.38
N LYS G 203 -64.42 -8.37 -22.35
CA LYS G 203 -64.09 -7.49 -23.47
C LYS G 203 -65.33 -7.11 -24.28
N GLU G 204 -66.28 -8.06 -24.44
CA GLU G 204 -67.46 -7.80 -25.26
C GLU G 204 -68.55 -7.06 -24.50
N GLY G 205 -68.56 -7.16 -23.17
CA GLY G 205 -69.61 -6.54 -22.40
C GLY G 205 -70.89 -7.35 -22.31
N GLN G 206 -70.81 -8.66 -22.52
CA GLN G 206 -71.98 -9.52 -22.40
C GLN G 206 -72.28 -9.92 -20.98
N LEU G 207 -71.37 -9.66 -20.04
CA LEU G 207 -71.56 -10.05 -18.66
C LEU G 207 -72.39 -9.03 -17.91
N TYR G 208 -73.30 -9.53 -17.06
CA TYR G 208 -74.11 -8.66 -16.21
C TYR G 208 -74.03 -9.16 -14.78
N ALA G 209 -74.39 -8.28 -13.84
CA ALA G 209 -74.08 -8.48 -12.42
C ALA G 209 -75.37 -8.52 -11.59
N MET G 210 -75.58 -9.65 -10.90
CA MET G 210 -76.71 -9.84 -10.00
C MET G 210 -76.22 -9.80 -8.56
N GLU G 211 -76.87 -8.98 -7.74
CA GLU G 211 -76.44 -8.87 -6.35
C GLU G 211 -77.03 -10.00 -5.51
N LEU G 212 -76.56 -10.09 -4.26
CA LEU G 212 -77.06 -11.06 -3.30
C LEU G 212 -77.59 -10.33 -2.09
N GLN G 213 -78.60 -10.92 -1.45
CA GLN G 213 -79.14 -10.35 -0.23
C GLN G 213 -78.22 -10.53 0.98
N GLY G 214 -77.78 -11.76 1.28
CA GLY G 214 -77.09 -11.93 2.54
C GLY G 214 -76.19 -13.13 2.67
N PHE G 215 -75.31 -13.04 3.67
CA PHE G 215 -74.37 -14.05 4.21
C PHE G 215 -73.72 -14.94 3.14
N TRP G 216 -73.16 -14.30 2.13
CA TRP G 216 -72.30 -15.02 1.20
C TRP G 216 -70.98 -15.38 1.89
N MET G 217 -70.59 -16.65 1.79
CA MET G 217 -69.32 -17.08 2.35
C MET G 217 -68.83 -18.34 1.66
N ASP G 218 -67.52 -18.41 1.44
CA ASP G 218 -66.86 -19.64 1.01
C ASP G 218 -66.51 -20.48 2.23
N ILE G 219 -66.46 -21.80 2.05
CA ILE G 219 -66.01 -22.67 3.12
C ILE G 219 -64.65 -23.28 2.82
N GLY G 220 -63.97 -22.80 1.78
CA GLY G 220 -62.74 -23.45 1.33
C GLY G 220 -61.60 -23.35 2.33
N GLN G 221 -61.51 -22.29 3.04
CA GLN G 221 -60.50 -22.22 4.07
C GLN G 221 -61.07 -22.69 5.39
N PRO G 222 -60.24 -23.24 6.30
CA PRO G 222 -60.80 -23.75 7.56
C PRO G 222 -61.28 -22.67 8.51
N LYS G 223 -60.73 -21.46 8.41
CA LYS G 223 -61.28 -20.34 9.18
C LYS G 223 -62.61 -19.90 8.58
N ASP G 224 -62.68 -19.86 7.25
CA ASP G 224 -63.88 -19.44 6.55
C ASP G 224 -65.04 -20.39 6.77
N PHE G 225 -64.73 -21.68 6.99
CA PHE G 225 -65.74 -22.64 7.45
C PHE G 225 -66.42 -22.16 8.72
N LEU G 226 -65.62 -21.70 9.69
CA LEU G 226 -66.18 -21.31 10.97
C LEU G 226 -67.01 -20.05 10.86
N THR G 227 -66.52 -19.04 10.13
CA THR G 227 -67.33 -17.80 10.08
C THR G 227 -68.57 -17.99 9.21
N GLY G 228 -68.48 -18.80 8.15
CA GLY G 228 -69.66 -19.07 7.36
C GLY G 228 -70.68 -19.91 8.10
N MET G 229 -70.22 -20.82 8.96
CA MET G 229 -71.14 -21.56 9.80
C MET G 229 -71.85 -20.65 10.79
N CYS G 230 -71.12 -19.67 11.34
CA CYS G 230 -71.73 -18.72 12.26
C CYS G 230 -72.80 -17.87 11.57
N LEU G 231 -72.50 -17.41 10.35
CA LEU G 231 -73.47 -16.65 9.56
C LEU G 231 -74.69 -17.49 9.20
N PHE G 232 -74.47 -18.77 8.84
CA PHE G 232 -75.58 -19.64 8.48
C PHE G 232 -76.45 -19.96 9.68
N LEU G 233 -75.85 -20.08 10.87
CA LEU G 233 -76.64 -20.32 12.07
C LEU G 233 -77.49 -19.09 12.40
N GLN G 234 -76.94 -17.88 12.21
CA GLN G 234 -77.73 -16.67 12.42
C GLN G 234 -78.91 -16.59 11.46
N SER G 235 -78.66 -16.85 10.17
CA SER G 235 -79.75 -16.76 9.19
C SER G 235 -80.74 -17.92 9.33
N LEU G 236 -80.29 -19.05 9.86
CA LEU G 236 -81.21 -20.13 10.16
C LEU G 236 -82.09 -19.80 11.35
N ARG G 237 -81.56 -19.05 12.33
CA ARG G 237 -82.40 -18.58 13.42
C ARG G 237 -83.41 -17.55 12.95
N GLN G 238 -83.02 -16.73 11.96
CA GLN G 238 -83.97 -15.88 11.25
C GLN G 238 -85.12 -16.69 10.66
N LYS G 239 -84.79 -17.66 9.81
CA LYS G 239 -85.84 -18.32 9.05
C LYS G 239 -86.55 -19.40 9.86
N GLN G 240 -85.80 -20.30 10.50
CA GLN G 240 -86.38 -21.43 11.22
C GLN G 240 -85.90 -21.45 12.66
N PRO G 241 -86.59 -20.75 13.56
CA PRO G 241 -86.24 -20.84 14.99
C PRO G 241 -86.62 -22.17 15.60
N GLU G 242 -87.46 -22.95 14.89
CA GLU G 242 -87.92 -24.25 15.35
C GLU G 242 -86.74 -25.19 15.49
N ARG G 243 -85.87 -25.15 14.49
CA ARG G 243 -84.89 -26.18 14.23
C ARG G 243 -83.73 -26.10 15.20
N LEU G 244 -83.43 -24.89 15.68
CA LEU G 244 -82.33 -24.70 16.61
C LEU G 244 -82.74 -25.18 18.00
N CYS G 245 -81.83 -25.85 18.68
CA CYS G 245 -82.15 -26.40 19.99
C CYS G 245 -82.13 -25.30 21.05
N SER G 246 -83.13 -25.33 21.91
CA SER G 246 -83.22 -24.46 23.07
C SER G 246 -83.15 -25.30 24.32
N GLY G 247 -82.34 -24.87 25.28
CA GLY G 247 -82.19 -25.58 26.52
C GLY G 247 -81.71 -24.64 27.61
N PRO G 248 -81.77 -25.10 28.86
CA PRO G 248 -81.24 -24.26 29.95
C PRO G 248 -79.73 -24.17 29.94
N GLY G 249 -79.03 -25.24 29.56
CA GLY G 249 -77.59 -25.18 29.42
C GLY G 249 -77.11 -24.67 28.08
N ILE G 250 -78.03 -24.30 27.19
CA ILE G 250 -77.71 -23.89 25.84
C ILE G 250 -77.89 -22.38 25.74
N VAL G 251 -76.85 -21.69 25.28
CA VAL G 251 -76.91 -20.24 25.11
C VAL G 251 -76.46 -19.90 23.70
N GLY G 252 -77.09 -18.90 23.11
CA GLY G 252 -76.79 -18.53 21.74
C GLY G 252 -77.58 -19.37 20.76
N ASN G 253 -77.03 -19.50 19.55
CA ASN G 253 -77.64 -20.24 18.45
C ASN G 253 -76.92 -21.58 18.30
N VAL G 254 -77.55 -22.67 18.72
CA VAL G 254 -76.95 -23.99 18.71
C VAL G 254 -77.82 -24.93 17.87
N LEU G 255 -77.18 -25.70 17.00
CA LEU G 255 -77.85 -26.71 16.17
C LEU G 255 -77.31 -28.08 16.56
N VAL G 256 -78.16 -28.91 17.17
CA VAL G 256 -77.78 -30.24 17.62
C VAL G 256 -78.57 -31.27 16.81
N ASP G 257 -77.88 -32.33 16.41
CA ASP G 257 -78.54 -33.46 15.77
C ASP G 257 -79.36 -34.24 16.81
N PRO G 258 -80.43 -34.92 16.36
CA PRO G 258 -81.17 -35.81 17.28
C PRO G 258 -80.35 -36.95 17.89
N SER G 259 -79.46 -37.58 17.13
CA SER G 259 -78.72 -38.70 17.68
C SER G 259 -77.58 -38.25 18.59
N ALA G 260 -77.23 -36.98 18.56
CA ALA G 260 -76.21 -36.45 19.45
C ALA G 260 -76.74 -36.38 20.87
N ARG G 261 -75.86 -36.64 21.83
CA ARG G 261 -76.20 -36.60 23.25
C ARG G 261 -75.41 -35.50 23.93
N ILE G 262 -76.09 -34.71 24.75
CA ILE G 262 -75.47 -33.63 25.51
C ILE G 262 -75.55 -34.01 26.99
N GLY G 263 -74.40 -34.15 27.63
CA GLY G 263 -74.39 -34.37 29.05
C GLY G 263 -74.84 -33.14 29.81
N GLN G 264 -75.40 -33.35 31.00
CA GLN G 264 -75.93 -32.22 31.75
C GLN G 264 -74.81 -31.46 32.43
N ASN G 265 -75.20 -30.39 33.15
CA ASN G 265 -74.30 -29.48 33.88
C ASN G 265 -73.22 -28.87 32.99
N CYS G 266 -73.53 -28.71 31.71
CA CYS G 266 -72.55 -28.22 30.76
C CYS G 266 -73.16 -27.05 29.99
N SER G 267 -72.29 -26.18 29.49
CA SER G 267 -72.70 -25.01 28.72
C SER G 267 -72.29 -25.20 27.28
N ILE G 268 -73.20 -24.88 26.36
CA ILE G 268 -72.90 -24.87 24.93
C ILE G 268 -72.94 -23.42 24.48
N GLY G 269 -71.82 -22.91 24.01
CA GLY G 269 -71.72 -21.53 23.62
C GLY G 269 -72.46 -21.25 22.32
N PRO G 270 -72.37 -20.00 21.87
CA PRO G 270 -73.07 -19.63 20.65
C PRO G 270 -72.39 -20.20 19.42
N ASN G 271 -73.20 -20.37 18.36
CA ASN G 271 -72.74 -20.72 17.01
C ASN G 271 -72.01 -22.05 16.97
N VAL G 272 -72.62 -23.07 17.56
CA VAL G 272 -72.07 -24.41 17.63
C VAL G 272 -73.01 -25.37 16.91
N SER G 273 -72.45 -26.19 16.02
CA SER G 273 -73.20 -27.23 15.33
C SER G 273 -72.64 -28.59 15.70
N LEU G 274 -73.49 -29.45 16.27
CA LEU G 274 -73.12 -30.79 16.69
C LEU G 274 -73.62 -31.80 15.66
N GLY G 275 -72.72 -32.68 15.22
CA GLY G 275 -73.05 -33.63 14.20
C GLY G 275 -73.86 -34.80 14.75
N PRO G 276 -74.23 -35.72 13.85
CA PRO G 276 -74.95 -36.92 14.28
C PRO G 276 -74.05 -37.94 14.94
N GLY G 277 -74.48 -38.43 16.09
CA GLY G 277 -73.78 -39.49 16.78
C GLY G 277 -72.69 -39.05 17.73
N VAL G 278 -72.55 -37.74 17.96
CA VAL G 278 -71.56 -37.29 18.92
C VAL G 278 -72.07 -37.54 20.33
N VAL G 279 -71.17 -37.55 21.30
CA VAL G 279 -71.55 -37.60 22.69
C VAL G 279 -70.67 -36.62 23.47
N VAL G 280 -71.33 -35.65 24.10
CA VAL G 280 -70.66 -34.61 24.87
C VAL G 280 -70.92 -34.92 26.34
N GLU G 281 -69.85 -35.07 27.11
CA GLU G 281 -70.01 -35.52 28.48
C GLU G 281 -70.37 -34.36 29.40
N ASP G 282 -70.30 -34.61 30.71
CA ASP G 282 -70.75 -33.67 31.73
C ASP G 282 -69.75 -32.54 31.87
N GLY G 283 -70.22 -31.30 31.85
CA GLY G 283 -69.34 -30.19 32.18
C GLY G 283 -68.36 -29.81 31.11
N VAL G 284 -68.78 -29.88 29.85
CA VAL G 284 -67.97 -29.49 28.71
C VAL G 284 -68.48 -28.16 28.21
N CYS G 285 -67.57 -27.22 27.97
CA CYS G 285 -67.92 -25.96 27.35
C CYS G 285 -67.34 -25.92 25.94
N ILE G 286 -68.18 -25.59 24.98
CA ILE G 286 -67.79 -25.55 23.58
C ILE G 286 -68.48 -24.37 22.91
N ARG G 287 -67.68 -23.50 22.30
CA ARG G 287 -68.17 -22.24 21.74
C ARG G 287 -67.60 -22.10 20.34
N ARG G 288 -68.46 -21.71 19.39
CA ARG G 288 -68.06 -21.39 18.00
C ARG G 288 -67.36 -22.56 17.30
N CYS G 289 -67.62 -23.79 17.72
CA CYS G 289 -66.96 -24.94 17.14
C CYS G 289 -67.93 -25.75 16.31
N THR G 290 -67.38 -26.54 15.41
CA THR G 290 -68.14 -27.46 14.58
C THR G 290 -67.65 -28.87 14.86
N VAL G 291 -68.51 -29.70 15.41
CA VAL G 291 -68.19 -31.09 15.72
C VAL G 291 -68.87 -31.97 14.69
N LEU G 292 -68.08 -32.72 13.94
CA LEU G 292 -68.60 -33.64 12.95
C LEU G 292 -69.03 -34.94 13.61
N ARG G 293 -69.34 -35.94 12.79
CA ARG G 293 -70.09 -37.09 13.27
C ARG G 293 -69.24 -38.03 14.11
N ASP G 294 -69.91 -38.74 15.04
CA ASP G 294 -69.40 -39.87 15.80
C ASP G 294 -68.20 -39.48 16.68
N ALA G 295 -68.11 -38.22 17.08
CA ALA G 295 -66.96 -37.72 17.80
C ALA G 295 -67.29 -37.62 19.29
N ARG G 296 -66.44 -38.20 20.13
CA ARG G 296 -66.66 -38.19 21.56
C ARG G 296 -65.77 -37.15 22.22
N ILE G 297 -66.36 -36.32 23.09
CA ILE G 297 -65.63 -35.28 23.80
C ILE G 297 -65.84 -35.51 25.29
N ARG G 298 -64.75 -35.74 26.01
CA ARG G 298 -64.86 -36.13 27.40
C ARG G 298 -65.11 -34.92 28.30
N SER G 299 -65.35 -35.22 29.57
CA SER G 299 -65.79 -34.24 30.57
C SER G 299 -64.72 -33.17 30.84
N HIS G 300 -65.19 -32.06 31.40
CA HIS G 300 -64.35 -31.01 31.99
C HIS G 300 -63.40 -30.36 30.99
N SER G 301 -63.83 -30.24 29.73
CA SER G 301 -62.97 -29.72 28.68
C SER G 301 -63.57 -28.48 28.06
N TRP G 302 -62.72 -27.66 27.46
CA TRP G 302 -63.10 -26.36 26.91
C TRP G 302 -62.60 -26.27 25.48
N LEU G 303 -63.52 -26.05 24.55
CA LEU G 303 -63.20 -25.97 23.13
C LEU G 303 -63.80 -24.69 22.58
N GLU G 304 -63.01 -23.91 21.86
CA GLU G 304 -63.52 -22.64 21.34
C GLU G 304 -62.93 -22.35 19.97
N SER G 305 -63.80 -22.23 18.97
CA SER G 305 -63.43 -22.01 17.58
C SER G 305 -62.49 -23.10 17.07
N CYS G 306 -63.07 -24.28 16.92
CA CYS G 306 -62.33 -25.47 16.53
C CYS G 306 -63.19 -26.30 15.59
N ILE G 307 -62.55 -27.19 14.83
CA ILE G 307 -63.26 -28.16 14.01
C ILE G 307 -62.81 -29.55 14.43
N VAL G 308 -63.76 -30.37 14.84
CA VAL G 308 -63.48 -31.72 15.31
C VAL G 308 -63.90 -32.70 14.23
N GLY G 309 -62.97 -33.56 13.82
CA GLY G 309 -63.22 -34.47 12.72
C GLY G 309 -64.06 -35.66 13.12
N TRP G 310 -64.22 -36.57 12.15
CA TRP G 310 -65.03 -37.75 12.36
C TRP G 310 -64.30 -38.76 13.24
N ARG G 311 -65.05 -39.34 14.19
CA ARG G 311 -64.57 -40.36 15.13
C ARG G 311 -63.39 -39.88 15.95
N CYS G 312 -63.50 -38.67 16.47
CA CYS G 312 -62.44 -38.07 17.26
C CYS G 312 -62.74 -38.21 18.75
N ARG G 313 -61.70 -38.45 19.53
CA ARG G 313 -61.81 -38.57 20.97
C ARG G 313 -60.99 -37.48 21.60
N VAL G 314 -61.64 -36.62 22.38
CA VAL G 314 -60.98 -35.54 23.11
C VAL G 314 -60.90 -35.95 24.56
N GLY G 315 -59.71 -35.89 25.14
CA GLY G 315 -59.52 -36.33 26.50
C GLY G 315 -60.13 -35.38 27.52
N GLN G 316 -59.99 -35.73 28.79
CA GLN G 316 -60.48 -34.87 29.83
C GLN G 316 -59.51 -33.73 30.08
N TRP G 317 -60.08 -32.56 30.41
CA TRP G 317 -59.33 -31.32 30.72
C TRP G 317 -58.46 -30.87 29.55
N VAL G 318 -58.96 -31.03 28.33
CA VAL G 318 -58.28 -30.57 27.13
C VAL G 318 -58.81 -29.20 26.75
N ARG G 319 -57.89 -28.27 26.50
CA ARG G 319 -58.23 -26.93 26.08
C ARG G 319 -57.80 -26.74 24.64
N MET G 320 -58.77 -26.58 23.74
CA MET G 320 -58.50 -26.37 22.32
C MET G 320 -59.07 -25.01 21.92
N GLU G 321 -58.25 -24.19 21.27
CA GLU G 321 -58.73 -22.88 20.86
C GLU G 321 -58.02 -22.49 19.58
N ASN G 322 -58.49 -21.42 18.97
CA ASN G 322 -57.91 -20.86 17.74
C ASN G 322 -57.79 -21.84 16.58
N VAL G 323 -58.90 -22.04 15.87
CA VAL G 323 -58.99 -22.92 14.69
C VAL G 323 -58.13 -24.18 14.66
N THR G 324 -58.16 -24.95 15.74
CA THR G 324 -57.39 -26.19 15.79
C THR G 324 -58.22 -27.22 15.05
N VAL G 325 -57.74 -27.67 13.90
CA VAL G 325 -58.52 -28.63 13.12
C VAL G 325 -58.04 -30.02 13.48
N LEU G 326 -58.97 -30.93 13.77
CA LEU G 326 -58.63 -32.33 14.00
C LEU G 326 -59.10 -33.14 12.82
N GLY G 327 -58.21 -33.96 12.26
CA GLY G 327 -58.56 -34.83 11.16
C GLY G 327 -59.44 -35.99 11.59
N GLU G 328 -59.64 -36.92 10.68
CA GLU G 328 -60.47 -38.08 10.98
C GLU G 328 -59.73 -39.05 11.87
N ASP G 329 -60.40 -39.49 12.93
CA ASP G 329 -59.92 -40.51 13.88
C ASP G 329 -58.64 -40.06 14.58
N VAL G 330 -58.72 -38.90 15.22
CA VAL G 330 -57.60 -38.35 15.97
C VAL G 330 -57.92 -38.44 17.46
N ILE G 331 -57.01 -39.04 18.21
CA ILE G 331 -57.18 -39.25 19.65
C ILE G 331 -56.31 -38.26 20.38
N VAL G 332 -56.92 -37.42 21.20
CA VAL G 332 -56.21 -36.39 21.96
C VAL G 332 -56.13 -36.84 23.41
N ASN G 333 -54.91 -36.90 23.95
CA ASN G 333 -54.70 -37.31 25.33
C ASN G 333 -55.22 -36.26 26.29
N ASP G 334 -55.32 -36.65 27.55
CA ASP G 334 -55.92 -35.78 28.56
C ASP G 334 -54.95 -34.70 28.99
N GLU G 335 -55.51 -33.58 29.47
CA GLU G 335 -54.80 -32.43 30.04
C GLU G 335 -53.84 -31.78 29.03
N LEU G 336 -54.31 -31.61 27.82
CA LEU G 336 -53.46 -31.07 26.76
C LEU G 336 -54.02 -29.73 26.28
N TYR G 337 -53.14 -28.83 25.87
CA TYR G 337 -53.52 -27.51 25.39
C TYR G 337 -53.14 -27.42 23.92
N LEU G 338 -54.13 -27.42 23.04
CA LEU G 338 -53.91 -27.27 21.61
C LEU G 338 -54.39 -25.89 21.18
N ASN G 339 -53.48 -25.15 20.54
CA ASN G 339 -53.74 -23.82 20.03
C ASN G 339 -53.26 -23.78 18.59
N GLY G 340 -54.18 -23.73 17.65
CA GLY G 340 -53.81 -23.54 16.26
C GLY G 340 -53.29 -24.77 15.53
N ALA G 341 -53.45 -25.96 16.09
CA ALA G 341 -52.86 -27.15 15.49
C ALA G 341 -53.82 -27.80 14.52
N SER G 342 -53.38 -27.99 13.28
CA SER G 342 -54.10 -28.82 12.33
C SER G 342 -53.46 -30.19 12.35
N VAL G 343 -54.24 -31.22 12.71
CA VAL G 343 -53.72 -32.55 12.96
C VAL G 343 -54.17 -33.46 11.82
N LEU G 344 -53.21 -34.15 11.22
CA LEU G 344 -53.48 -35.04 10.11
C LEU G 344 -54.20 -36.29 10.60
N PRO G 345 -54.95 -36.98 9.74
CA PRO G 345 -55.80 -38.09 10.21
C PRO G 345 -55.01 -39.28 10.75
N HIS G 346 -55.69 -40.00 11.66
CA HIS G 346 -55.19 -41.20 12.33
C HIS G 346 -53.90 -40.93 13.10
N LYS G 347 -53.90 -39.84 13.86
CA LYS G 347 -52.74 -39.41 14.64
C LYS G 347 -53.15 -39.27 16.10
N SER G 348 -52.20 -39.46 17.00
CA SER G 348 -52.43 -39.20 18.42
C SER G 348 -51.39 -38.20 18.92
N ILE G 349 -51.82 -37.31 19.81
CA ILE G 349 -50.99 -36.21 20.30
C ILE G 349 -50.63 -36.50 21.75
N GLY G 350 -49.33 -36.67 22.00
CA GLY G 350 -48.89 -36.90 23.36
C GLY G 350 -48.76 -35.65 24.19
N GLU G 351 -48.39 -34.54 23.56
CA GLU G 351 -47.97 -33.35 24.29
C GLU G 351 -48.58 -32.11 23.67
N SER G 352 -48.70 -31.08 24.50
CA SER G 352 -49.37 -29.85 24.10
C SER G 352 -48.57 -29.11 23.05
N VAL G 353 -49.27 -28.36 22.21
CA VAL G 353 -48.66 -27.47 21.26
C VAL G 353 -49.00 -26.03 21.65
N PRO G 354 -48.03 -25.19 21.89
CA PRO G 354 -48.35 -23.83 22.35
C PRO G 354 -48.64 -22.89 21.19
N GLU G 355 -48.07 -23.15 20.02
CA GLU G 355 -48.17 -22.29 18.86
C GLU G 355 -48.87 -23.03 17.72
N PRO G 356 -49.46 -22.32 16.76
CA PRO G 356 -50.09 -22.99 15.61
C PRO G 356 -49.06 -23.65 14.70
N ARG G 357 -49.17 -24.97 14.56
CA ARG G 357 -48.29 -25.73 13.67
C ARG G 357 -49.01 -26.99 13.26
N ILE G 358 -48.53 -27.59 12.17
CA ILE G 358 -49.17 -28.77 11.59
C ILE G 358 -48.52 -30.02 12.16
N ILE G 359 -49.34 -30.91 12.69
CA ILE G 359 -48.88 -32.13 13.33
C ILE G 359 -49.12 -33.28 12.38
N MET G 360 -48.06 -33.98 12.00
CA MET G 360 -48.17 -35.05 11.04
C MET G 360 -48.28 -36.40 11.71
N MET H 1 -44.84 -74.56 4.70
CA MET H 1 -44.51 -73.38 5.48
C MET H 1 -45.56 -72.31 5.29
N LYS H 2 -45.72 -71.43 6.30
CA LYS H 2 -46.70 -70.36 6.25
C LYS H 2 -46.10 -69.10 6.88
N ALA H 3 -46.54 -67.94 6.37
CA ALA H 3 -45.88 -66.68 6.70
C ALA H 3 -46.89 -65.55 6.72
N LEU H 4 -47.01 -64.87 7.86
CA LEU H 4 -47.85 -63.69 7.97
C LEU H 4 -46.99 -62.43 7.87
N ILE H 5 -47.30 -61.61 6.87
CA ILE H 5 -46.74 -60.27 6.77
C ILE H 5 -47.77 -59.34 7.38
N LEU H 6 -47.34 -58.47 8.28
CA LEU H 6 -48.24 -57.45 8.79
C LEU H 6 -48.33 -56.34 7.75
N VAL H 7 -49.52 -56.15 7.19
CA VAL H 7 -49.75 -55.14 6.16
C VAL H 7 -50.72 -54.10 6.74
N GLY H 8 -50.98 -53.08 5.94
CA GLY H 8 -51.94 -52.07 6.29
C GLY H 8 -51.49 -51.21 7.46
N GLY H 9 -52.46 -50.53 8.06
CA GLY H 9 -52.15 -49.70 9.20
C GLY H 9 -51.65 -48.34 8.78
N TYR H 10 -52.21 -47.31 9.42
CA TYR H 10 -51.86 -45.93 9.08
C TYR H 10 -50.44 -45.64 9.53
N GLY H 11 -49.56 -45.40 8.57
CA GLY H 11 -48.20 -45.03 8.89
C GLY H 11 -48.07 -43.53 9.05
N THR H 12 -48.10 -43.06 10.30
CA THR H 12 -48.01 -41.62 10.54
C THR H 12 -46.61 -41.11 10.26
N ARG H 13 -45.60 -41.93 10.55
CA ARG H 13 -44.29 -41.67 9.99
C ARG H 13 -44.33 -41.96 8.50
N LEU H 14 -43.50 -41.25 7.74
CA LEU H 14 -43.54 -41.19 6.27
C LEU H 14 -44.92 -40.77 5.79
N ARG H 15 -45.40 -39.64 6.31
CA ARG H 15 -46.79 -39.26 6.07
C ARG H 15 -47.14 -38.81 4.66
N PRO H 16 -46.37 -37.94 3.95
CA PRO H 16 -46.85 -37.52 2.62
C PRO H 16 -46.86 -38.63 1.59
N LEU H 17 -46.03 -39.65 1.76
CA LEU H 17 -46.08 -40.79 0.87
C LEU H 17 -47.13 -41.81 1.28
N THR H 18 -47.44 -41.90 2.57
CA THR H 18 -48.52 -42.76 3.03
C THR H 18 -49.90 -42.21 2.66
N LEU H 19 -50.00 -40.89 2.42
CA LEU H 19 -51.30 -40.32 2.08
C LEU H 19 -51.76 -40.69 0.68
N SER H 20 -50.84 -41.11 -0.19
CA SER H 20 -51.17 -41.43 -1.57
C SER H 20 -51.34 -42.93 -1.79
N THR H 21 -50.34 -43.72 -1.44
CA THR H 21 -50.40 -45.17 -1.47
C THR H 21 -50.08 -45.64 -0.06
N PRO H 22 -50.42 -46.86 0.31
CA PRO H 22 -49.99 -47.37 1.61
C PRO H 22 -48.49 -47.54 1.72
N LYS H 23 -48.04 -47.65 2.96
CA LYS H 23 -46.62 -47.82 3.27
C LYS H 23 -45.95 -49.06 2.67
N PRO H 24 -46.56 -50.26 2.58
CA PRO H 24 -45.86 -51.36 1.91
C PRO H 24 -45.76 -51.26 0.40
N LEU H 25 -46.37 -50.28 -0.24
CA LEU H 25 -46.31 -50.18 -1.69
C LEU H 25 -45.52 -48.96 -2.18
N VAL H 26 -44.83 -48.25 -1.30
CA VAL H 26 -43.95 -47.18 -1.74
C VAL H 26 -42.72 -47.78 -2.40
N ASP H 27 -42.30 -47.18 -3.50
CA ASP H 27 -41.25 -47.76 -4.33
C ASP H 27 -39.90 -47.58 -3.66
N PHE H 28 -39.35 -48.67 -3.13
CA PHE H 28 -38.01 -48.69 -2.55
C PHE H 28 -37.09 -49.38 -3.55
N CYS H 29 -36.25 -48.57 -4.22
CA CYS H 29 -35.36 -49.01 -5.30
C CYS H 29 -36.13 -49.70 -6.43
N ASN H 30 -37.03 -48.92 -7.03
CA ASN H 30 -37.85 -49.28 -8.20
C ASN H 30 -38.80 -50.44 -7.93
N LYS H 31 -39.04 -50.78 -6.67
CA LYS H 31 -39.84 -51.93 -6.31
C LYS H 31 -40.61 -51.62 -5.03
N PRO H 32 -41.81 -52.16 -4.88
CA PRO H 32 -42.52 -52.04 -3.61
C PRO H 32 -41.79 -52.79 -2.51
N ILE H 33 -41.85 -52.22 -1.30
CA ILE H 33 -41.10 -52.79 -0.18
C ILE H 33 -41.73 -54.11 0.27
N LEU H 34 -43.04 -54.26 0.08
CA LEU H 34 -43.67 -55.56 0.29
C LEU H 34 -43.23 -56.57 -0.75
N LEU H 35 -42.95 -56.13 -1.98
CA LEU H 35 -42.54 -57.04 -3.04
C LEU H 35 -41.16 -57.64 -2.79
N HIS H 36 -40.25 -56.87 -2.15
CA HIS H 36 -38.95 -57.41 -1.76
C HIS H 36 -39.11 -58.57 -0.78
N GLN H 37 -39.94 -58.38 0.24
CA GLN H 37 -40.14 -59.38 1.27
C GLN H 37 -40.83 -60.62 0.71
N VAL H 38 -41.83 -60.42 -0.15
CA VAL H 38 -42.55 -61.56 -0.70
C VAL H 38 -41.71 -62.29 -1.76
N GLU H 39 -40.82 -61.58 -2.46
CA GLU H 39 -39.91 -62.26 -3.39
C GLU H 39 -38.86 -63.08 -2.67
N ALA H 40 -38.34 -62.56 -1.56
CA ALA H 40 -37.40 -63.37 -0.76
C ALA H 40 -38.11 -64.54 -0.09
N LEU H 41 -39.40 -64.38 0.25
CA LEU H 41 -40.16 -65.51 0.75
C LEU H 41 -40.42 -66.53 -0.35
N ALA H 42 -40.56 -66.07 -1.59
CA ALA H 42 -40.68 -66.98 -2.73
C ALA H 42 -39.40 -67.77 -2.93
N ALA H 43 -38.26 -67.13 -2.71
CA ALA H 43 -36.99 -67.86 -2.72
C ALA H 43 -36.89 -68.79 -1.51
N ALA H 44 -37.58 -68.46 -0.40
CA ALA H 44 -37.58 -69.35 0.75
C ALA H 44 -38.48 -70.55 0.56
N GLY H 45 -39.43 -70.49 -0.36
CA GLY H 45 -40.23 -71.63 -0.72
C GLY H 45 -41.50 -71.85 0.08
N VAL H 46 -41.97 -70.85 0.82
CA VAL H 46 -43.26 -70.96 1.50
C VAL H 46 -44.37 -70.90 0.45
N ASP H 47 -45.33 -71.83 0.54
CA ASP H 47 -46.41 -71.83 -0.45
C ASP H 47 -47.56 -70.90 -0.07
N HIS H 48 -47.68 -70.51 1.19
CA HIS H 48 -48.86 -69.79 1.65
C HIS H 48 -48.44 -68.59 2.48
N VAL H 49 -48.66 -67.41 1.94
CA VAL H 49 -48.48 -66.17 2.68
C VAL H 49 -49.85 -65.56 2.94
N ILE H 50 -50.07 -65.13 4.17
CA ILE H 50 -51.31 -64.50 4.59
C ILE H 50 -51.04 -63.02 4.86
N LEU H 51 -51.95 -62.16 4.38
CA LEU H 51 -51.76 -60.72 4.43
C LEU H 51 -52.93 -60.10 5.17
N ALA H 52 -52.64 -59.40 6.26
CA ALA H 52 -53.66 -58.74 7.07
C ALA H 52 -53.64 -57.25 6.76
N VAL H 53 -54.71 -56.75 6.15
CA VAL H 53 -54.74 -55.40 5.60
C VAL H 53 -55.74 -54.55 6.38
N SER H 54 -55.35 -53.30 6.66
CA SER H 54 -56.17 -52.37 7.43
C SER H 54 -56.49 -51.09 6.68
N TYR H 55 -55.49 -50.45 6.11
CA TYR H 55 -55.63 -49.11 5.54
C TYR H 55 -55.45 -49.18 4.02
N MET H 56 -56.48 -48.72 3.31
CA MET H 56 -56.56 -48.77 1.84
C MET H 56 -56.34 -50.19 1.34
N SER H 57 -57.30 -51.05 1.69
CA SER H 57 -57.15 -52.48 1.47
C SER H 57 -57.19 -52.83 -0.01
N GLN H 58 -58.07 -52.17 -0.77
CA GLN H 58 -58.33 -52.59 -2.16
C GLN H 58 -57.14 -52.29 -3.06
N VAL H 59 -56.57 -51.09 -2.93
CA VAL H 59 -55.46 -50.66 -3.78
C VAL H 59 -54.18 -51.43 -3.48
N LEU H 60 -54.19 -52.14 -2.35
CA LEU H 60 -53.06 -52.96 -1.93
C LEU H 60 -53.25 -54.43 -2.30
N GLU H 61 -54.48 -54.93 -2.22
CA GLU H 61 -54.73 -56.33 -2.54
C GLU H 61 -54.83 -56.57 -4.04
N LYS H 62 -55.28 -55.57 -4.82
CA LYS H 62 -55.27 -55.74 -6.27
C LYS H 62 -53.86 -55.75 -6.82
N GLU H 63 -53.05 -54.77 -6.41
CA GLU H 63 -51.69 -54.61 -6.94
C GLU H 63 -50.77 -55.74 -6.44
N MET H 64 -51.11 -56.36 -5.31
CA MET H 64 -50.38 -57.55 -4.87
C MET H 64 -50.86 -58.80 -5.60
N LYS H 65 -52.17 -58.96 -5.73
CA LYS H 65 -52.78 -60.15 -6.28
C LYS H 65 -52.53 -60.31 -7.78
N ALA H 66 -52.33 -59.20 -8.49
CA ALA H 66 -52.01 -59.30 -9.91
C ALA H 66 -50.62 -59.90 -10.13
N GLN H 67 -49.66 -59.54 -9.28
CA GLN H 67 -48.31 -60.08 -9.37
C GLN H 67 -48.11 -61.31 -8.50
N GLU H 68 -49.17 -61.78 -7.84
CA GLU H 68 -49.11 -63.04 -7.09
C GLU H 68 -48.68 -64.23 -7.96
N GLN H 69 -49.12 -64.25 -9.23
CA GLN H 69 -48.89 -65.41 -10.09
C GLN H 69 -47.42 -65.58 -10.44
N ARG H 70 -46.70 -64.47 -10.65
CA ARG H 70 -45.29 -64.55 -11.00
C ARG H 70 -44.45 -65.05 -9.82
N LEU H 71 -44.91 -64.82 -8.60
CA LEU H 71 -44.20 -65.33 -7.44
C LEU H 71 -44.38 -66.84 -7.28
N GLY H 72 -45.47 -67.40 -7.81
CA GLY H 72 -45.75 -68.81 -7.66
C GLY H 72 -46.27 -69.20 -6.29
N ILE H 73 -46.80 -68.23 -5.55
CA ILE H 73 -47.23 -68.42 -4.16
C ILE H 73 -48.74 -68.18 -4.10
N ARG H 74 -49.39 -68.80 -3.13
CA ARG H 74 -50.79 -68.50 -2.84
C ARG H 74 -50.88 -67.41 -1.79
N ILE H 75 -51.60 -66.34 -2.11
CA ILE H 75 -51.75 -65.18 -1.24
C ILE H 75 -53.21 -65.05 -0.86
N SER H 76 -53.47 -65.00 0.45
CA SER H 76 -54.81 -64.76 0.96
C SER H 76 -54.82 -63.47 1.76
N MET H 77 -55.93 -62.75 1.70
CA MET H 77 -56.09 -61.43 2.32
C MET H 77 -56.95 -61.54 3.56
N SER H 78 -56.52 -60.87 4.63
CA SER H 78 -57.18 -60.98 5.93
C SER H 78 -57.73 -59.62 6.34
N HIS H 79 -59.02 -59.43 6.13
CA HIS H 79 -59.69 -58.15 6.38
C HIS H 79 -60.27 -58.12 7.78
N GLU H 80 -60.22 -56.95 8.39
CA GLU H 80 -60.89 -56.70 9.65
C GLU H 80 -61.62 -55.36 9.57
N GLU H 81 -62.50 -55.12 10.54
CA GLU H 81 -63.45 -54.02 10.46
C GLU H 81 -62.84 -52.70 10.87
N GLU H 82 -62.35 -52.59 12.10
CA GLU H 82 -61.48 -51.53 12.55
C GLU H 82 -60.16 -52.17 12.95
N PRO H 83 -59.04 -51.45 12.83
CA PRO H 83 -57.73 -52.07 13.10
C PRO H 83 -57.58 -52.54 14.54
N LEU H 84 -56.98 -53.72 14.69
CA LEU H 84 -56.80 -54.34 15.98
C LEU H 84 -55.37 -54.23 16.48
N GLY H 85 -54.62 -53.28 15.97
CA GLY H 85 -53.21 -53.25 16.30
C GLY H 85 -52.48 -54.35 15.54
N THR H 86 -51.45 -54.89 16.20
CA THR H 86 -50.60 -55.89 15.57
C THR H 86 -50.90 -57.31 16.00
N ALA H 87 -51.50 -57.51 17.18
CA ALA H 87 -51.74 -58.87 17.66
C ALA H 87 -53.09 -59.42 17.19
N GLY H 88 -54.08 -58.54 17.03
CA GLY H 88 -55.36 -58.94 16.48
C GLY H 88 -55.34 -59.58 15.10
N PRO H 89 -54.51 -59.09 14.17
CA PRO H 89 -54.29 -59.85 12.92
C PRO H 89 -53.81 -61.28 13.11
N LEU H 90 -52.96 -61.53 14.11
CA LEU H 90 -52.54 -62.91 14.39
C LEU H 90 -53.71 -63.73 14.89
N ALA H 91 -54.57 -63.13 15.72
CA ALA H 91 -55.69 -63.85 16.31
C ALA H 91 -56.78 -64.13 15.28
N LEU H 92 -56.98 -63.21 14.34
CA LEU H 92 -58.04 -63.39 13.34
C LEU H 92 -57.72 -64.53 12.38
N ALA H 93 -56.50 -64.53 11.82
CA ALA H 93 -56.07 -65.53 10.86
C ALA H 93 -55.50 -66.77 11.52
N ARG H 94 -55.96 -67.10 12.73
CA ARG H 94 -55.33 -68.13 13.54
C ARG H 94 -55.55 -69.53 12.98
N ASP H 95 -56.79 -69.88 12.61
CA ASP H 95 -56.93 -71.22 12.03
C ASP H 95 -56.71 -71.25 10.53
N LEU H 96 -56.20 -70.17 9.93
CA LEU H 96 -55.42 -70.34 8.71
C LEU H 96 -54.04 -70.89 9.02
N LEU H 97 -53.55 -70.67 10.25
CA LEU H 97 -52.24 -71.19 10.65
C LEU H 97 -52.35 -72.47 11.47
N SER H 98 -53.54 -72.83 11.94
CA SER H 98 -53.66 -73.97 12.85
C SER H 98 -53.72 -75.30 12.11
N GLU H 99 -54.15 -75.30 10.84
CA GLU H 99 -54.36 -76.55 10.12
C GLU H 99 -53.06 -77.29 9.85
N THR H 100 -51.95 -76.57 9.73
CA THR H 100 -50.64 -77.18 9.59
C THR H 100 -49.83 -76.88 10.84
N ALA H 101 -49.28 -77.91 11.46
CA ALA H 101 -48.57 -77.77 12.73
C ALA H 101 -47.09 -77.49 12.47
N ASP H 102 -46.83 -76.26 12.03
CA ASP H 102 -45.48 -75.78 11.79
C ASP H 102 -45.32 -74.39 12.38
N PRO H 103 -44.09 -73.98 12.69
CA PRO H 103 -43.86 -72.58 13.03
C PRO H 103 -44.07 -71.68 11.82
N PHE H 104 -44.62 -70.50 12.06
CA PHE H 104 -44.93 -69.59 10.98
C PHE H 104 -44.11 -68.31 11.11
N PHE H 105 -43.71 -67.78 9.95
CA PHE H 105 -42.98 -66.52 9.89
C PHE H 105 -43.93 -65.36 10.19
N VAL H 106 -43.40 -64.31 10.80
CA VAL H 106 -44.13 -63.07 11.02
C VAL H 106 -43.20 -61.91 10.70
N LEU H 107 -43.61 -61.07 9.76
CA LEU H 107 -42.80 -59.94 9.33
C LEU H 107 -43.54 -58.63 9.51
N ASN H 108 -42.75 -57.56 9.58
CA ASN H 108 -43.27 -56.21 9.45
C ASN H 108 -43.12 -55.78 8.00
N SER H 109 -44.01 -54.89 7.57
CA SER H 109 -43.96 -54.40 6.19
C SER H 109 -42.75 -53.51 5.96
N ASP H 110 -42.42 -52.68 6.95
CA ASP H 110 -41.42 -51.63 6.76
C ASP H 110 -40.00 -52.11 7.00
N VAL H 111 -39.79 -53.38 7.34
CA VAL H 111 -38.43 -53.86 7.57
C VAL H 111 -37.82 -54.30 6.25
N ILE H 112 -36.67 -53.72 5.89
CA ILE H 112 -35.84 -54.17 4.80
C ILE H 112 -34.47 -54.54 5.37
N CYS H 113 -33.93 -55.67 4.90
CA CYS H 113 -32.67 -56.26 5.36
C CYS H 113 -32.40 -57.49 4.50
N ASP H 114 -31.20 -58.04 4.67
CA ASP H 114 -30.93 -59.39 4.20
C ASP H 114 -31.77 -60.38 4.98
N PHE H 115 -32.45 -61.27 4.27
CA PHE H 115 -33.39 -62.17 4.91
C PHE H 115 -32.73 -63.51 5.17
N PRO H 116 -32.50 -63.88 6.43
CA PRO H 116 -31.77 -65.10 6.76
C PRO H 116 -32.65 -66.32 6.94
N PHE H 117 -33.86 -66.30 6.36
CA PHE H 117 -34.99 -67.14 6.79
C PHE H 117 -34.69 -68.64 6.85
N GLN H 118 -33.80 -69.13 5.99
CA GLN H 118 -33.39 -70.53 6.08
C GLN H 118 -32.55 -70.76 7.34
N ALA H 119 -31.54 -69.91 7.56
CA ALA H 119 -30.77 -69.97 8.79
C ALA H 119 -31.62 -69.64 10.01
N MET H 120 -32.63 -68.78 9.83
CA MET H 120 -33.53 -68.42 10.91
C MET H 120 -34.38 -69.62 11.35
N VAL H 121 -34.93 -70.38 10.40
CA VAL H 121 -35.73 -71.52 10.81
C VAL H 121 -34.83 -72.68 11.26
N GLN H 122 -33.57 -72.72 10.81
CA GLN H 122 -32.64 -73.70 11.36
C GLN H 122 -32.34 -73.42 12.83
N PHE H 123 -32.10 -72.14 13.16
CA PHE H 123 -31.94 -71.73 14.54
C PHE H 123 -33.20 -71.99 15.35
N HIS H 124 -34.37 -71.81 14.74
CA HIS H 124 -35.62 -72.08 15.43
C HIS H 124 -35.81 -73.57 15.70
N ARG H 125 -35.36 -74.43 14.80
CA ARG H 125 -35.45 -75.86 15.06
C ARG H 125 -34.47 -76.31 16.14
N HIS H 126 -33.31 -75.67 16.22
CA HIS H 126 -32.38 -76.01 17.29
C HIS H 126 -32.87 -75.50 18.64
N HIS H 127 -33.52 -74.34 18.68
CA HIS H 127 -33.83 -73.70 19.95
C HIS H 127 -34.96 -74.40 20.71
N GLY H 128 -35.86 -75.06 20.00
CA GLY H 128 -36.87 -75.91 20.61
C GLY H 128 -38.04 -75.23 21.28
N GLN H 129 -38.03 -73.91 21.45
CA GLN H 129 -39.08 -73.27 22.22
C GLN H 129 -40.19 -72.72 21.32
N GLU H 130 -41.06 -71.90 21.91
CA GLU H 130 -42.23 -71.38 21.20
C GLU H 130 -41.86 -70.26 20.25
N GLY H 131 -41.06 -69.30 20.70
CA GLY H 131 -40.80 -68.12 19.89
C GLY H 131 -39.34 -67.77 19.72
N SER H 132 -38.94 -67.52 18.47
CA SER H 132 -37.58 -67.08 18.18
C SER H 132 -37.65 -65.83 17.33
N ILE H 133 -37.14 -64.72 17.85
CA ILE H 133 -37.19 -63.43 17.18
C ILE H 133 -35.79 -63.05 16.74
N LEU H 134 -35.74 -62.04 15.88
CA LEU H 134 -34.48 -61.55 15.37
C LEU H 134 -34.09 -60.26 16.06
N VAL H 135 -32.78 -60.07 16.20
CA VAL H 135 -32.22 -58.93 16.92
C VAL H 135 -31.03 -58.43 16.11
N THR H 136 -30.91 -57.12 15.98
CA THR H 136 -29.73 -56.60 15.30
C THR H 136 -29.10 -55.47 16.10
N LYS H 137 -27.87 -55.14 15.70
CA LYS H 137 -27.02 -54.20 16.41
C LYS H 137 -27.32 -52.82 15.86
N VAL H 138 -27.36 -51.79 16.73
CA VAL H 138 -27.79 -50.47 16.33
C VAL H 138 -26.87 -49.41 16.94
N GLU H 139 -26.94 -48.20 16.37
CA GLU H 139 -26.21 -47.07 16.94
C GLU H 139 -27.13 -46.18 17.77
N GLU H 140 -28.43 -46.35 17.64
CA GLU H 140 -29.40 -45.57 18.42
C GLU H 140 -30.63 -46.40 18.74
N PRO H 141 -30.80 -46.86 19.98
CA PRO H 141 -31.81 -47.90 20.29
C PRO H 141 -33.14 -47.42 20.84
N SER H 142 -33.32 -46.13 21.13
CA SER H 142 -34.57 -45.63 21.69
C SER H 142 -35.72 -45.64 20.69
N LYS H 143 -35.40 -45.82 19.41
CA LYS H 143 -36.40 -45.85 18.34
C LYS H 143 -37.26 -47.11 18.46
N TYR H 144 -36.63 -48.24 18.75
CA TYR H 144 -37.16 -49.58 18.59
C TYR H 144 -37.21 -50.32 19.92
N GLY H 145 -37.76 -51.53 19.89
CA GLY H 145 -37.85 -52.36 21.08
C GLY H 145 -36.52 -53.01 21.41
N VAL H 146 -36.14 -52.94 22.69
CA VAL H 146 -34.81 -53.39 23.12
C VAL H 146 -34.93 -54.68 23.89
N VAL H 147 -34.16 -55.68 23.47
CA VAL H 147 -34.02 -56.95 24.14
C VAL H 147 -32.66 -56.97 24.82
N VAL H 148 -32.54 -57.74 25.90
CA VAL H 148 -31.23 -58.12 26.43
C VAL H 148 -31.19 -59.62 26.63
N CYS H 149 -30.19 -60.26 26.03
CA CYS H 149 -30.13 -61.72 25.99
C CYS H 149 -28.73 -62.19 26.35
N GLU H 150 -28.64 -63.48 26.66
CA GLU H 150 -27.38 -64.10 27.02
C GLU H 150 -26.58 -64.44 25.76
N ALA H 151 -25.30 -64.76 25.98
CA ALA H 151 -24.38 -64.97 24.87
C ALA H 151 -24.65 -66.29 24.17
N ASP H 152 -24.81 -67.37 24.93
CA ASP H 152 -24.93 -68.70 24.34
C ASP H 152 -26.39 -69.13 24.19
N THR H 153 -27.25 -68.79 25.15
CA THR H 153 -28.66 -69.12 25.03
C THR H 153 -29.36 -68.18 24.07
N GLY H 154 -29.21 -66.88 24.26
CA GLY H 154 -30.00 -65.92 23.54
C GLY H 154 -31.38 -65.68 24.13
N ARG H 155 -31.63 -66.20 25.33
CA ARG H 155 -32.92 -66.00 25.98
C ARG H 155 -33.05 -64.56 26.43
N ILE H 156 -34.14 -63.92 26.03
CA ILE H 156 -34.35 -62.51 26.34
C ILE H 156 -34.78 -62.40 27.81
N HIS H 157 -33.91 -61.82 28.63
CA HIS H 157 -34.29 -61.56 30.01
C HIS H 157 -35.28 -60.42 30.10
N ARG H 158 -35.01 -59.33 29.39
CA ARG H 158 -35.88 -58.15 29.43
C ARG H 158 -36.15 -57.67 28.02
N PHE H 159 -37.44 -57.48 27.73
CA PHE H 159 -37.98 -56.93 26.50
C PHE H 159 -38.67 -55.63 26.86
N VAL H 160 -38.27 -54.52 26.23
CA VAL H 160 -39.02 -53.28 26.38
C VAL H 160 -39.46 -52.82 25.00
N GLU H 161 -40.64 -52.19 24.97
CA GLU H 161 -41.17 -51.63 23.73
C GLU H 161 -40.41 -50.36 23.35
N LYS H 162 -40.28 -49.43 24.28
CA LYS H 162 -39.58 -48.17 24.04
C LYS H 162 -38.73 -47.90 25.28
N PRO H 163 -37.43 -47.77 25.13
CA PRO H 163 -36.60 -47.33 26.26
C PRO H 163 -36.44 -45.83 26.32
N GLN H 164 -36.32 -45.33 27.54
CA GLN H 164 -35.82 -43.97 27.76
C GLN H 164 -34.31 -43.98 28.02
N VAL H 165 -33.87 -44.75 29.01
CA VAL H 165 -32.46 -44.75 29.41
C VAL H 165 -31.88 -46.16 29.47
N PHE H 166 -32.40 -47.08 28.67
CA PHE H 166 -31.84 -48.41 28.57
C PHE H 166 -30.86 -48.57 27.42
N VAL H 167 -29.75 -47.84 27.42
CA VAL H 167 -29.03 -47.49 26.20
C VAL H 167 -28.31 -48.63 25.47
N SER H 168 -28.53 -49.89 25.90
CA SER H 168 -27.91 -51.06 25.28
C SER H 168 -28.24 -51.19 23.80
N ASN H 169 -27.34 -51.84 23.05
CA ASN H 169 -27.29 -51.70 21.60
C ASN H 169 -28.20 -52.67 20.85
N LYS H 170 -28.65 -53.73 21.49
CA LYS H 170 -29.45 -54.72 20.78
C LYS H 170 -30.87 -54.20 20.61
N ILE H 171 -31.42 -54.33 19.40
CA ILE H 171 -32.80 -53.94 19.17
C ILE H 171 -33.54 -55.08 18.49
N ASN H 172 -34.86 -55.04 18.62
CA ASN H 172 -35.75 -55.96 17.95
C ASN H 172 -35.68 -55.72 16.45
N ALA H 173 -35.28 -56.76 15.71
CA ALA H 173 -35.14 -56.62 14.26
C ALA H 173 -36.45 -56.81 13.51
N GLY H 174 -37.57 -56.89 14.22
CA GLY H 174 -38.89 -56.90 13.60
C GLY H 174 -39.19 -58.11 12.76
N MET H 175 -38.74 -59.29 13.20
CA MET H 175 -38.75 -60.48 12.37
C MET H 175 -38.89 -61.67 13.29
N TYR H 176 -40.10 -62.24 13.35
CA TYR H 176 -40.44 -63.22 14.38
C TYR H 176 -40.76 -64.56 13.74
N ILE H 177 -40.50 -65.65 14.47
CA ILE H 177 -41.02 -66.96 14.16
C ILE H 177 -41.76 -67.46 15.38
N LEU H 178 -43.04 -67.79 15.19
CA LEU H 178 -43.86 -68.24 16.31
C LEU H 178 -44.34 -69.67 16.07
N SER H 179 -44.39 -70.45 17.15
CA SER H 179 -44.98 -71.78 17.13
C SER H 179 -46.50 -71.67 17.15
N PRO H 180 -47.22 -72.75 16.85
CA PRO H 180 -48.68 -72.72 17.03
C PRO H 180 -49.14 -72.60 18.48
N ALA H 181 -48.27 -72.82 19.46
CA ALA H 181 -48.70 -72.85 20.86
C ALA H 181 -48.91 -71.45 21.45
N VAL H 182 -48.23 -70.43 20.92
CA VAL H 182 -48.45 -69.07 21.43
C VAL H 182 -49.75 -68.49 20.93
N LEU H 183 -50.33 -69.07 19.89
CA LEU H 183 -51.50 -68.47 19.28
C LEU H 183 -52.77 -68.83 20.04
N GLN H 184 -52.66 -69.78 20.97
CA GLN H 184 -53.68 -69.96 22.00
C GLN H 184 -53.63 -68.83 23.02
N ARG H 185 -52.41 -68.37 23.36
CA ARG H 185 -52.23 -67.33 24.37
C ARG H 185 -52.80 -65.98 23.92
N ILE H 186 -52.82 -65.75 22.61
CA ILE H 186 -53.27 -64.47 22.09
C ILE H 186 -54.77 -64.30 22.28
N GLN H 187 -55.22 -63.05 22.16
CA GLN H 187 -56.50 -62.59 22.66
C GLN H 187 -57.15 -61.81 21.51
N LEU H 188 -58.48 -61.91 21.40
CA LEU H 188 -59.13 -61.45 20.17
C LEU H 188 -59.23 -59.93 20.11
N GLN H 189 -59.21 -59.25 21.27
CA GLN H 189 -59.41 -57.81 21.32
C GLN H 189 -58.20 -57.07 20.74
N PRO H 190 -58.40 -55.83 20.26
CA PRO H 190 -57.29 -55.01 19.73
C PRO H 190 -56.18 -54.76 20.75
N THR H 191 -54.96 -55.08 20.33
CA THR H 191 -53.77 -54.94 21.16
C THR H 191 -52.53 -55.01 20.28
N SER H 192 -51.37 -55.06 20.94
CA SER H 192 -50.10 -55.23 20.26
C SER H 192 -49.40 -56.46 20.81
N ILE H 193 -48.81 -57.26 19.92
CA ILE H 193 -48.05 -58.42 20.38
C ILE H 193 -46.74 -57.97 20.99
N GLU H 194 -46.16 -56.91 20.46
CA GLU H 194 -44.75 -56.61 20.70
C GLU H 194 -44.52 -55.94 22.04
N LYS H 195 -45.48 -55.22 22.57
CA LYS H 195 -45.34 -54.61 23.89
C LYS H 195 -46.03 -55.40 24.98
N GLU H 196 -46.84 -56.40 24.62
CA GLU H 196 -47.59 -57.17 25.61
C GLU H 196 -47.22 -58.64 25.67
N VAL H 197 -47.31 -59.38 24.56
CA VAL H 197 -47.18 -60.82 24.65
C VAL H 197 -45.74 -61.29 24.57
N PHE H 198 -44.81 -60.44 24.14
CA PHE H 198 -43.39 -60.75 24.21
C PHE H 198 -42.87 -60.53 25.62
N PRO H 199 -43.42 -59.57 26.38
CA PRO H 199 -42.88 -59.31 27.72
C PRO H 199 -43.24 -60.38 28.74
N ILE H 200 -44.43 -60.98 28.64
CA ILE H 200 -44.74 -62.14 29.48
C ILE H 200 -43.91 -63.34 29.02
N MET H 201 -43.71 -63.46 27.70
CA MET H 201 -42.87 -64.51 27.12
C MET H 201 -41.45 -64.47 27.68
N ALA H 202 -40.89 -63.27 27.84
CA ALA H 202 -39.54 -63.14 28.35
C ALA H 202 -39.43 -63.46 29.83
N LYS H 203 -40.55 -63.45 30.58
CA LYS H 203 -40.50 -63.85 31.97
C LYS H 203 -40.28 -65.35 32.11
N GLU H 204 -40.86 -66.13 31.18
CA GLU H 204 -40.59 -67.56 31.15
C GLU H 204 -39.22 -67.84 30.55
N GLY H 205 -38.74 -66.94 29.71
CA GLY H 205 -37.50 -67.16 28.98
C GLY H 205 -37.66 -67.97 27.72
N GLN H 206 -38.89 -68.20 27.27
CA GLN H 206 -39.11 -69.01 26.06
C GLN H 206 -38.71 -68.26 24.80
N LEU H 207 -38.67 -66.94 24.85
CA LEU H 207 -38.32 -66.16 23.67
C LEU H 207 -36.82 -66.17 23.47
N TYR H 208 -36.39 -66.40 22.24
CA TYR H 208 -34.96 -66.47 21.93
C TYR H 208 -34.62 -65.48 20.83
N ALA H 209 -33.33 -65.31 20.58
CA ALA H 209 -32.84 -64.18 19.80
C ALA H 209 -31.76 -64.62 18.83
N MET H 210 -31.85 -64.12 17.59
CA MET H 210 -30.89 -64.47 16.54
C MET H 210 -30.37 -63.20 15.85
N GLU H 211 -29.08 -63.14 15.58
CA GLU H 211 -28.44 -61.94 15.05
C GLU H 211 -28.52 -61.87 13.53
N LEU H 212 -28.88 -60.69 13.01
CA LEU H 212 -28.87 -60.46 11.57
C LEU H 212 -27.44 -60.32 11.08
N GLN H 213 -27.28 -60.46 9.76
CA GLN H 213 -25.93 -60.38 9.22
C GLN H 213 -25.55 -58.95 8.84
N GLY H 214 -26.46 -58.18 8.25
CA GLY H 214 -26.09 -56.86 7.79
C GLY H 214 -27.27 -55.98 7.44
N PHE H 215 -27.03 -54.67 7.52
CA PHE H 215 -27.77 -53.58 6.86
C PHE H 215 -29.28 -53.61 7.10
N TRP H 216 -29.67 -54.00 8.32
CA TRP H 216 -31.04 -53.84 8.76
C TRP H 216 -31.41 -52.36 8.82
N MET H 217 -32.57 -52.03 8.26
CA MET H 217 -33.08 -50.68 8.30
C MET H 217 -34.59 -50.71 8.24
N ASP H 218 -35.23 -49.93 9.10
CA ASP H 218 -36.68 -49.81 9.15
C ASP H 218 -37.07 -48.52 8.44
N ILE H 219 -37.83 -48.64 7.35
CA ILE H 219 -38.01 -47.53 6.43
C ILE H 219 -39.29 -46.76 6.73
N GLY H 220 -39.81 -46.91 7.96
CA GLY H 220 -40.99 -46.18 8.34
C GLY H 220 -40.79 -44.68 8.43
N GLN H 221 -39.61 -44.25 8.73
CA GLN H 221 -39.36 -42.82 8.74
C GLN H 221 -38.84 -42.36 7.38
N PRO H 222 -39.03 -41.09 7.01
CA PRO H 222 -38.51 -40.66 5.70
C PRO H 222 -37.00 -40.51 5.65
N LYS H 223 -36.39 -39.97 6.70
CA LYS H 223 -34.94 -39.96 6.80
C LYS H 223 -34.38 -41.37 6.84
N ASP H 224 -35.10 -42.28 7.48
CA ASP H 224 -34.71 -43.69 7.48
C ASP H 224 -34.91 -44.32 6.12
N PHE H 225 -35.92 -43.90 5.36
CA PHE H 225 -36.10 -44.35 3.98
C PHE H 225 -34.89 -43.96 3.14
N LEU H 226 -34.42 -42.72 3.28
CA LEU H 226 -33.29 -42.26 2.51
C LEU H 226 -32.00 -42.97 2.90
N THR H 227 -31.73 -43.10 4.21
CA THR H 227 -30.51 -43.80 4.59
C THR H 227 -30.63 -45.31 4.39
N GLY H 228 -31.84 -45.86 4.30
CA GLY H 228 -31.98 -47.26 3.98
C GLY H 228 -31.74 -47.54 2.52
N MET H 229 -32.16 -46.62 1.63
CA MET H 229 -31.77 -46.73 0.23
C MET H 229 -30.26 -46.57 0.07
N CYS H 230 -29.68 -45.61 0.79
CA CYS H 230 -28.24 -45.38 0.80
C CYS H 230 -27.47 -46.58 1.32
N LEU H 231 -28.08 -47.37 2.21
CA LEU H 231 -27.48 -48.57 2.77
C LEU H 231 -27.70 -49.79 1.89
N PHE H 232 -28.87 -49.88 1.27
CA PHE H 232 -29.23 -51.05 0.48
C PHE H 232 -28.50 -51.08 -0.84
N LEU H 233 -28.21 -49.91 -1.42
CA LEU H 233 -27.57 -49.90 -2.73
C LEU H 233 -26.12 -50.37 -2.65
N GLN H 234 -25.47 -50.19 -1.51
CA GLN H 234 -24.11 -50.71 -1.33
C GLN H 234 -24.09 -52.23 -1.33
N SER H 235 -25.00 -52.84 -0.57
CA SER H 235 -25.07 -54.30 -0.53
C SER H 235 -25.57 -54.86 -1.86
N LEU H 236 -26.39 -54.10 -2.59
CA LEU H 236 -26.78 -54.53 -3.93
C LEU H 236 -25.60 -54.46 -4.89
N ARG H 237 -24.72 -53.47 -4.70
CA ARG H 237 -23.49 -53.40 -5.51
C ARG H 237 -22.58 -54.58 -5.22
N GLN H 238 -22.50 -54.99 -3.95
CA GLN H 238 -21.65 -56.12 -3.61
C GLN H 238 -22.24 -57.44 -4.11
N LYS H 239 -23.57 -57.60 -4.05
CA LYS H 239 -24.17 -58.84 -4.52
C LYS H 239 -24.22 -58.88 -6.05
N GLN H 240 -24.88 -57.89 -6.67
CA GLN H 240 -25.03 -57.84 -8.12
C GLN H 240 -24.43 -56.54 -8.65
N PRO H 241 -23.15 -56.56 -9.05
CA PRO H 241 -22.57 -55.36 -9.65
C PRO H 241 -23.05 -55.09 -11.07
N GLU H 242 -23.74 -56.03 -11.71
CA GLU H 242 -24.21 -55.81 -13.07
C GLU H 242 -25.42 -54.90 -13.11
N ARG H 243 -26.30 -55.01 -12.12
CA ARG H 243 -27.59 -54.32 -12.15
C ARG H 243 -27.47 -52.80 -12.02
N LEU H 244 -26.36 -52.30 -11.51
CA LEU H 244 -26.19 -50.89 -11.24
C LEU H 244 -25.70 -50.16 -12.47
N CYS H 245 -26.28 -49.00 -12.72
CA CYS H 245 -25.91 -48.22 -13.89
C CYS H 245 -24.60 -47.48 -13.65
N SER H 246 -23.69 -47.59 -14.59
CA SER H 246 -22.42 -46.88 -14.57
C SER H 246 -22.29 -46.07 -15.84
N GLY H 247 -21.36 -45.12 -15.85
CA GLY H 247 -21.18 -44.27 -16.99
C GLY H 247 -20.08 -43.24 -16.78
N PRO H 248 -19.98 -42.29 -17.71
CA PRO H 248 -18.93 -41.26 -17.58
C PRO H 248 -19.32 -40.15 -16.61
N GLY H 249 -20.59 -39.77 -16.54
CA GLY H 249 -21.01 -38.73 -15.65
C GLY H 249 -21.76 -39.27 -14.45
N ILE H 250 -21.50 -40.52 -14.10
CA ILE H 250 -22.14 -41.17 -12.97
C ILE H 250 -21.06 -41.57 -11.98
N VAL H 251 -21.18 -41.11 -10.76
CA VAL H 251 -20.35 -41.56 -9.66
C VAL H 251 -21.22 -42.35 -8.71
N GLY H 252 -20.61 -43.13 -7.84
CA GLY H 252 -21.35 -43.83 -6.81
C GLY H 252 -22.25 -44.94 -7.32
N ASN H 253 -23.16 -45.36 -6.46
CA ASN H 253 -24.02 -46.52 -6.68
C ASN H 253 -25.37 -46.03 -7.16
N VAL H 254 -25.59 -46.05 -8.47
CA VAL H 254 -26.79 -45.49 -9.07
C VAL H 254 -27.58 -46.62 -9.72
N LEU H 255 -28.86 -46.72 -9.38
CA LEU H 255 -29.77 -47.70 -9.97
C LEU H 255 -30.80 -46.97 -10.80
N VAL H 256 -30.77 -47.16 -12.12
CA VAL H 256 -31.67 -46.50 -13.04
C VAL H 256 -32.55 -47.56 -13.69
N ASP H 257 -33.87 -47.34 -13.65
CA ASP H 257 -34.79 -48.18 -14.39
C ASP H 257 -34.59 -47.98 -15.89
N PRO H 258 -34.75 -49.04 -16.69
CA PRO H 258 -34.53 -48.89 -18.15
C PRO H 258 -35.51 -47.97 -18.84
N SER H 259 -36.74 -47.84 -18.34
CA SER H 259 -37.70 -46.91 -18.92
C SER H 259 -37.44 -45.46 -18.52
N ALA H 260 -36.56 -45.22 -17.56
CA ALA H 260 -36.20 -43.85 -17.21
C ALA H 260 -35.24 -43.28 -18.23
N ARG H 261 -35.44 -42.03 -18.59
CA ARG H 261 -34.59 -41.32 -19.54
C ARG H 261 -33.80 -40.26 -18.80
N ILE H 262 -32.50 -40.20 -19.07
CA ILE H 262 -31.59 -39.29 -18.37
C ILE H 262 -30.97 -38.37 -19.42
N GLY H 263 -31.07 -37.06 -19.18
CA GLY H 263 -30.47 -36.10 -20.08
C GLY H 263 -28.95 -36.12 -20.01
N GLN H 264 -28.33 -35.45 -20.97
CA GLN H 264 -26.88 -35.51 -21.12
C GLN H 264 -26.20 -34.33 -20.43
N ASN H 265 -24.94 -34.56 -20.03
CA ASN H 265 -24.14 -33.63 -19.22
C ASN H 265 -24.83 -33.30 -17.90
N CYS H 266 -25.36 -34.32 -17.24
CA CYS H 266 -25.85 -34.21 -15.88
C CYS H 266 -25.10 -35.22 -15.03
N SER H 267 -24.87 -34.88 -13.76
CA SER H 267 -24.00 -35.67 -12.90
C SER H 267 -24.80 -36.29 -11.76
N ILE H 268 -25.26 -37.52 -11.97
CA ILE H 268 -25.98 -38.26 -10.95
C ILE H 268 -24.99 -38.72 -9.89
N GLY H 269 -25.18 -38.29 -8.66
CA GLY H 269 -24.24 -38.56 -7.62
C GLY H 269 -24.48 -39.90 -6.98
N PRO H 270 -23.77 -40.15 -5.89
CA PRO H 270 -23.82 -41.47 -5.25
C PRO H 270 -25.14 -41.74 -4.56
N ASN H 271 -25.52 -43.02 -4.55
CA ASN H 271 -26.69 -43.56 -3.85
C ASN H 271 -27.99 -42.93 -4.32
N VAL H 272 -28.24 -43.00 -5.62
CA VAL H 272 -29.42 -42.41 -6.25
C VAL H 272 -30.18 -43.49 -6.98
N SER H 273 -31.46 -43.63 -6.67
CA SER H 273 -32.32 -44.60 -7.33
C SER H 273 -33.39 -43.87 -8.11
N LEU H 274 -33.47 -44.14 -9.41
CA LEU H 274 -34.42 -43.48 -10.30
C LEU H 274 -35.50 -44.48 -10.70
N GLY H 275 -36.75 -44.07 -10.59
CA GLY H 275 -37.86 -44.97 -10.82
C GLY H 275 -38.14 -45.18 -12.30
N PRO H 276 -39.22 -45.90 -12.57
CA PRO H 276 -39.57 -46.20 -13.97
C PRO H 276 -40.27 -45.03 -14.64
N GLY H 277 -39.77 -44.65 -15.81
CA GLY H 277 -40.44 -43.62 -16.58
C GLY H 277 -40.18 -42.20 -16.14
N VAL H 278 -39.12 -41.95 -15.38
CA VAL H 278 -38.79 -40.58 -15.02
C VAL H 278 -38.10 -39.93 -16.20
N VAL H 279 -38.20 -38.61 -16.28
CA VAL H 279 -37.51 -37.83 -17.29
C VAL H 279 -36.63 -36.84 -16.55
N VAL H 280 -35.34 -37.12 -16.51
CA VAL H 280 -34.37 -36.18 -15.94
C VAL H 280 -33.81 -35.36 -17.08
N GLU H 281 -33.90 -34.04 -16.97
CA GLU H 281 -33.47 -33.21 -18.06
C GLU H 281 -31.97 -32.95 -17.92
N ASP H 282 -31.43 -32.13 -18.81
CA ASP H 282 -29.98 -32.01 -18.89
C ASP H 282 -29.46 -31.00 -17.88
N GLY H 283 -28.38 -31.37 -17.18
CA GLY H 283 -27.73 -30.47 -16.26
C GLY H 283 -28.14 -30.57 -14.82
N VAL H 284 -28.65 -31.72 -14.39
CA VAL H 284 -29.23 -31.89 -13.07
C VAL H 284 -28.29 -32.75 -12.23
N CYS H 285 -27.95 -32.28 -11.05
CA CYS H 285 -27.06 -33.01 -10.14
C CYS H 285 -27.89 -33.57 -9.00
N ILE H 286 -28.07 -34.88 -8.98
CA ILE H 286 -28.89 -35.57 -8.00
C ILE H 286 -27.97 -36.43 -7.15
N ARG H 287 -27.96 -36.21 -5.84
CA ARG H 287 -27.10 -36.95 -4.92
C ARG H 287 -27.94 -37.47 -3.77
N ARG H 288 -27.78 -38.76 -3.43
CA ARG H 288 -28.38 -39.40 -2.26
C ARG H 288 -29.90 -39.30 -2.23
N CYS H 289 -30.53 -39.32 -3.39
CA CYS H 289 -31.96 -39.08 -3.49
C CYS H 289 -32.68 -40.27 -4.12
N THR H 290 -34.00 -40.30 -3.93
CA THR H 290 -34.86 -41.35 -4.46
C THR H 290 -35.96 -40.71 -5.29
N VAL H 291 -36.05 -41.07 -6.56
CA VAL H 291 -37.03 -40.51 -7.47
C VAL H 291 -37.99 -41.61 -7.88
N LEU H 292 -39.28 -41.42 -7.60
CA LEU H 292 -40.27 -42.43 -7.94
C LEU H 292 -40.78 -42.20 -9.36
N ARG H 293 -41.80 -42.97 -9.76
CA ARG H 293 -42.16 -43.07 -11.17
C ARG H 293 -42.82 -41.80 -11.67
N ASP H 294 -42.70 -41.58 -12.99
CA ASP H 294 -43.39 -40.53 -13.75
C ASP H 294 -42.98 -39.13 -13.32
N ALA H 295 -41.87 -39.00 -12.61
CA ALA H 295 -41.44 -37.72 -12.06
C ALA H 295 -40.51 -37.03 -13.04
N ARG H 296 -40.85 -35.81 -13.42
CA ARG H 296 -40.13 -35.08 -14.45
C ARG H 296 -39.33 -33.97 -13.81
N ILE H 297 -38.01 -34.06 -13.88
CA ILE H 297 -37.12 -33.08 -13.29
C ILE H 297 -36.58 -32.23 -14.42
N ARG H 298 -36.88 -30.93 -14.40
CA ARG H 298 -36.42 -30.06 -15.46
C ARG H 298 -34.96 -29.68 -15.23
N SER H 299 -34.42 -28.86 -16.11
CA SER H 299 -32.98 -28.67 -16.22
C SER H 299 -32.40 -27.88 -15.06
N HIS H 300 -31.09 -28.05 -14.88
CA HIS H 300 -30.24 -27.20 -14.02
C HIS H 300 -30.60 -27.27 -12.53
N SER H 301 -31.10 -28.40 -12.07
CA SER H 301 -31.54 -28.51 -10.70
C SER H 301 -30.41 -28.98 -9.77
N TRP H 302 -30.79 -29.33 -8.55
CA TRP H 302 -29.90 -29.89 -7.54
C TRP H 302 -30.79 -30.53 -6.49
N LEU H 303 -30.61 -31.82 -6.24
CA LEU H 303 -31.59 -32.57 -5.48
C LEU H 303 -30.93 -33.45 -4.43
N GLU H 304 -30.05 -32.88 -3.62
CA GLU H 304 -29.35 -33.66 -2.62
C GLU H 304 -30.30 -34.14 -1.53
N SER H 305 -30.35 -35.46 -1.33
CA SER H 305 -30.94 -36.10 -0.16
C SER H 305 -32.43 -35.81 -0.01
N CYS H 306 -33.17 -36.03 -1.08
CA CYS H 306 -34.60 -35.75 -1.08
C CYS H 306 -35.37 -36.94 -1.62
N ILE H 307 -36.69 -36.90 -1.48
CA ILE H 307 -37.58 -37.92 -2.01
C ILE H 307 -38.66 -37.20 -2.79
N VAL H 308 -38.75 -37.48 -4.08
CA VAL H 308 -39.83 -36.92 -4.88
C VAL H 308 -40.88 -38.00 -5.05
N GLY H 309 -42.11 -37.58 -5.32
CA GLY H 309 -43.23 -38.49 -5.37
C GLY H 309 -43.61 -38.87 -6.79
N TRP H 310 -44.76 -39.51 -6.90
CA TRP H 310 -45.25 -39.94 -8.20
C TRP H 310 -45.79 -38.75 -8.97
N ARG H 311 -45.58 -38.79 -10.30
CA ARG H 311 -46.06 -37.84 -11.31
C ARG H 311 -45.85 -36.37 -10.92
N CYS H 312 -44.74 -36.08 -10.26
CA CYS H 312 -44.48 -34.73 -9.77
C CYS H 312 -43.45 -34.06 -10.66
N ARG H 313 -43.66 -32.77 -10.93
CA ARG H 313 -42.77 -32.00 -11.78
C ARG H 313 -41.95 -31.06 -10.93
N VAL H 314 -40.66 -30.97 -11.23
CA VAL H 314 -39.74 -30.10 -10.52
C VAL H 314 -39.19 -29.11 -11.52
N GLY H 315 -39.37 -27.82 -11.24
CA GLY H 315 -38.98 -26.78 -12.16
C GLY H 315 -37.47 -26.62 -12.25
N GLN H 316 -37.08 -25.61 -13.02
CA GLN H 316 -35.68 -25.44 -13.33
C GLN H 316 -34.99 -24.55 -12.31
N TRP H 317 -33.69 -24.81 -12.10
CA TRP H 317 -32.86 -24.15 -11.10
C TRP H 317 -33.41 -24.28 -9.69
N VAL H 318 -33.93 -25.45 -9.36
CA VAL H 318 -34.51 -25.72 -8.04
C VAL H 318 -33.46 -26.43 -7.21
N ARG H 319 -33.27 -25.96 -5.99
CA ARG H 319 -32.36 -26.60 -5.04
C ARG H 319 -33.17 -27.15 -3.88
N MET H 320 -33.08 -28.46 -3.67
CA MET H 320 -33.68 -29.13 -2.53
C MET H 320 -32.60 -29.83 -1.74
N GLU H 321 -32.82 -29.96 -0.43
CA GLU H 321 -31.90 -30.65 0.45
C GLU H 321 -32.60 -30.99 1.75
N ASN H 322 -31.87 -31.55 2.70
CA ASN H 322 -32.42 -31.91 4.01
C ASN H 322 -33.73 -32.69 3.96
N VAL H 323 -33.65 -33.91 3.45
CA VAL H 323 -34.79 -34.84 3.35
C VAL H 323 -36.18 -34.26 3.05
N THR H 324 -36.26 -33.39 2.04
CA THR H 324 -37.53 -32.81 1.65
C THR H 324 -38.34 -33.89 0.93
N VAL H 325 -39.56 -34.15 1.40
CA VAL H 325 -40.35 -35.18 0.77
C VAL H 325 -41.41 -34.50 -0.09
N LEU H 326 -41.46 -34.81 -1.37
CA LEU H 326 -42.53 -34.33 -2.23
C LEU H 326 -43.59 -35.42 -2.37
N GLY H 327 -44.84 -35.02 -2.26
CA GLY H 327 -45.94 -35.95 -2.40
C GLY H 327 -46.31 -36.17 -3.85
N GLU H 328 -47.54 -36.65 -4.04
CA GLU H 328 -48.06 -36.90 -5.38
C GLU H 328 -48.35 -35.58 -6.08
N ASP H 329 -47.98 -35.52 -7.37
CA ASP H 329 -48.36 -34.45 -8.30
C ASP H 329 -47.88 -33.07 -7.81
N VAL H 330 -46.73 -33.03 -7.16
CA VAL H 330 -46.19 -31.77 -6.67
C VAL H 330 -45.57 -31.02 -7.84
N ILE H 331 -45.95 -29.77 -8.01
CA ILE H 331 -45.37 -28.90 -9.02
C ILE H 331 -44.54 -27.86 -8.30
N VAL H 332 -43.28 -27.74 -8.68
CA VAL H 332 -42.38 -26.76 -8.10
C VAL H 332 -41.96 -25.79 -9.20
N ASN H 333 -42.04 -24.49 -8.92
CA ASN H 333 -41.79 -23.48 -9.93
C ASN H 333 -40.29 -23.31 -10.16
N ASP H 334 -39.94 -22.31 -10.94
CA ASP H 334 -38.55 -22.11 -11.31
C ASP H 334 -37.84 -21.29 -10.24
N GLU H 335 -36.57 -21.63 -10.02
CA GLU H 335 -35.65 -20.89 -9.13
C GLU H 335 -36.16 -20.83 -7.69
N LEU H 336 -36.68 -21.94 -7.20
CA LEU H 336 -37.15 -22.04 -5.83
C LEU H 336 -36.19 -22.90 -5.03
N TYR H 337 -36.07 -22.61 -3.75
CA TYR H 337 -35.20 -23.35 -2.86
C TYR H 337 -36.04 -23.95 -1.75
N LEU H 338 -36.16 -25.27 -1.74
CA LEU H 338 -36.87 -25.95 -0.67
C LEU H 338 -35.86 -26.58 0.28
N ASN H 339 -36.18 -26.59 1.56
CA ASN H 339 -35.21 -26.99 2.58
C ASN H 339 -35.99 -27.60 3.74
N GLY H 340 -36.14 -28.90 3.72
CA GLY H 340 -36.78 -29.59 4.82
C GLY H 340 -38.28 -29.64 4.75
N ALA H 341 -38.86 -29.43 3.60
CA ALA H 341 -40.29 -29.20 3.47
C ALA H 341 -40.97 -30.45 2.95
N SER H 342 -41.63 -31.18 3.83
CA SER H 342 -42.49 -32.27 3.40
C SER H 342 -43.79 -31.69 2.87
N VAL H 343 -44.13 -32.03 1.64
CA VAL H 343 -45.22 -31.38 0.91
C VAL H 343 -46.36 -32.36 0.71
N LEU H 344 -47.56 -31.93 1.02
CA LEU H 344 -48.75 -32.74 0.83
C LEU H 344 -49.07 -32.86 -0.66
N PRO H 345 -49.82 -33.89 -1.07
CA PRO H 345 -50.08 -34.08 -2.50
C PRO H 345 -50.96 -33.00 -3.11
N HIS H 346 -50.84 -32.88 -4.44
CA HIS H 346 -51.64 -31.99 -5.30
C HIS H 346 -51.50 -30.52 -4.94
N LYS H 347 -50.32 -30.08 -4.52
CA LYS H 347 -50.11 -28.70 -4.13
C LYS H 347 -48.93 -28.13 -4.90
N SER H 348 -49.16 -27.06 -5.64
CA SER H 348 -48.07 -26.35 -6.28
C SER H 348 -47.39 -25.42 -5.29
N ILE H 349 -46.09 -25.22 -5.48
CA ILE H 349 -45.28 -24.43 -4.57
C ILE H 349 -44.74 -23.23 -5.33
N GLY H 350 -44.99 -22.03 -4.79
CA GLY H 350 -44.57 -20.82 -5.45
C GLY H 350 -43.51 -20.02 -4.73
N GLU H 351 -43.23 -20.36 -3.47
CA GLU H 351 -42.27 -19.61 -2.66
C GLU H 351 -41.19 -20.54 -2.13
N SER H 352 -40.06 -19.95 -1.77
CA SER H 352 -39.00 -20.71 -1.12
C SER H 352 -39.46 -21.18 0.25
N VAL H 353 -38.93 -22.32 0.69
CA VAL H 353 -39.18 -22.82 2.04
C VAL H 353 -37.85 -23.01 2.74
N PRO H 354 -37.26 -21.96 3.31
CA PRO H 354 -35.91 -22.13 3.87
C PRO H 354 -35.88 -22.86 5.21
N GLU H 355 -36.85 -22.65 6.08
CA GLU H 355 -36.81 -23.54 7.24
C GLU H 355 -37.80 -24.69 7.08
N PRO H 356 -37.49 -25.86 7.69
CA PRO H 356 -38.32 -27.05 7.47
C PRO H 356 -39.70 -26.99 8.07
N ARG H 357 -40.73 -26.90 7.23
CA ARG H 357 -42.09 -26.91 7.75
C ARG H 357 -43.01 -27.62 6.76
N ILE H 358 -44.01 -28.28 7.33
CA ILE H 358 -44.96 -29.06 6.55
C ILE H 358 -45.85 -28.13 5.75
N ILE H 359 -45.94 -28.34 4.44
CA ILE H 359 -46.74 -27.52 3.57
C ILE H 359 -48.03 -28.24 3.25
N MET H 360 -49.13 -27.51 3.29
CA MET H 360 -50.43 -28.10 3.42
C MET H 360 -51.26 -27.99 2.15
N MET I 1 -29.86 -21.12 76.76
CA MET I 1 -29.78 -21.25 75.30
C MET I 1 -30.69 -20.24 74.61
N LYS I 2 -30.16 -19.57 73.60
CA LYS I 2 -30.90 -18.56 72.84
C LYS I 2 -30.79 -18.88 71.35
N ALA I 3 -31.66 -18.24 70.57
CA ALA I 3 -31.72 -18.51 69.14
C ALA I 3 -32.16 -17.26 68.39
N LEU I 4 -31.38 -16.88 67.39
CA LEU I 4 -31.64 -15.69 66.58
C LEU I 4 -32.03 -16.12 65.17
N ILE I 5 -33.20 -15.68 64.73
CA ILE I 5 -33.71 -15.96 63.39
C ILE I 5 -33.66 -14.66 62.61
N LEU I 6 -33.02 -14.70 61.44
CA LEU I 6 -32.96 -13.52 60.58
C LEU I 6 -34.18 -13.50 59.67
N VAL I 7 -34.97 -12.43 59.72
CA VAL I 7 -36.12 -12.37 58.83
C VAL I 7 -35.82 -11.42 57.68
N GLY I 8 -35.69 -10.12 57.97
CA GLY I 8 -35.45 -9.02 57.02
C GLY I 8 -36.34 -9.09 55.80
N GLY I 9 -35.80 -8.60 54.68
CA GLY I 9 -36.22 -8.96 53.32
C GLY I 9 -37.69 -8.91 52.95
N TYR I 10 -38.26 -7.71 52.85
CA TYR I 10 -39.66 -7.61 52.46
C TYR I 10 -39.86 -8.04 51.02
N GLY I 11 -38.89 -7.76 50.15
CA GLY I 11 -39.07 -8.00 48.73
C GLY I 11 -38.02 -8.90 48.13
N THR I 12 -37.66 -9.99 48.81
CA THR I 12 -36.53 -10.78 48.36
C THR I 12 -36.89 -11.60 47.11
N ARG I 13 -37.75 -12.60 47.24
CA ARG I 13 -38.16 -13.34 46.06
C ARG I 13 -39.62 -13.75 46.01
N LEU I 14 -40.31 -13.87 47.12
CA LEU I 14 -41.69 -14.35 47.12
C LEU I 14 -42.68 -13.22 46.84
N ARG I 15 -42.49 -12.48 45.76
CA ARG I 15 -42.98 -11.10 45.68
C ARG I 15 -44.50 -10.93 45.67
N PRO I 16 -45.31 -11.65 44.88
CA PRO I 16 -46.76 -11.38 44.92
C PRO I 16 -47.40 -11.84 46.20
N LEU I 17 -46.77 -12.79 46.88
CA LEU I 17 -47.23 -13.17 48.21
C LEU I 17 -46.76 -12.17 49.26
N THR I 18 -45.53 -11.67 49.15
CA THR I 18 -45.04 -10.78 50.20
C THR I 18 -45.64 -9.39 50.08
N LEU I 19 -46.29 -9.06 48.96
CA LEU I 19 -46.98 -7.78 48.85
C LEU I 19 -48.15 -7.66 49.84
N SER I 20 -48.64 -8.79 50.36
CA SER I 20 -49.81 -8.79 51.22
C SER I 20 -49.45 -9.09 52.67
N THR I 21 -48.47 -9.96 52.89
CA THR I 21 -48.21 -10.59 54.17
C THR I 21 -46.73 -10.89 54.23
N PRO I 22 -46.07 -10.65 55.37
CA PRO I 22 -44.62 -10.87 55.46
C PRO I 22 -44.21 -12.32 55.22
N LYS I 23 -42.97 -12.48 54.78
CA LYS I 23 -42.44 -13.77 54.32
C LYS I 23 -42.51 -14.92 55.32
N PRO I 24 -42.17 -14.78 56.61
CA PRO I 24 -42.30 -15.95 57.50
C PRO I 24 -43.73 -16.33 57.83
N LEU I 25 -44.71 -15.51 57.49
CA LEU I 25 -46.09 -15.77 57.87
C LEU I 25 -46.85 -16.56 56.82
N VAL I 26 -46.33 -16.67 55.59
CA VAL I 26 -47.06 -17.39 54.55
C VAL I 26 -47.00 -18.89 54.85
N ASP I 27 -47.99 -19.60 54.35
CA ASP I 27 -48.20 -20.98 54.77
C ASP I 27 -47.41 -21.94 53.89
N PHE I 28 -46.75 -22.89 54.53
CA PHE I 28 -46.01 -23.94 53.85
C PHE I 28 -46.50 -25.26 54.44
N CYS I 29 -47.32 -25.97 53.68
CA CYS I 29 -48.02 -27.19 54.11
C CYS I 29 -48.82 -26.93 55.38
N ASN I 30 -49.70 -25.93 55.29
CA ASN I 30 -50.69 -25.53 56.29
C ASN I 30 -50.07 -25.04 57.59
N LYS I 31 -48.83 -24.57 57.55
CA LYS I 31 -48.16 -23.97 58.69
C LYS I 31 -47.27 -22.85 58.19
N PRO I 32 -47.11 -21.79 58.99
CA PRO I 32 -46.18 -20.72 58.60
C PRO I 32 -44.74 -21.20 58.63
N ILE I 33 -43.90 -20.51 57.87
CA ILE I 33 -42.49 -20.89 57.76
C ILE I 33 -41.77 -20.64 59.07
N LEU I 34 -42.10 -19.55 59.75
CA LEU I 34 -41.53 -19.27 61.06
C LEU I 34 -42.01 -20.28 62.08
N LEU I 35 -43.21 -20.81 61.91
CA LEU I 35 -43.78 -21.66 62.94
C LEU I 35 -43.17 -23.07 62.89
N HIS I 36 -42.77 -23.52 61.70
CA HIS I 36 -41.95 -24.73 61.58
C HIS I 36 -40.64 -24.59 62.36
N GLN I 37 -39.99 -23.44 62.21
CA GLN I 37 -38.69 -23.24 62.85
C GLN I 37 -38.84 -23.09 64.36
N VAL I 38 -39.83 -22.33 64.84
CA VAL I 38 -39.95 -22.19 66.28
C VAL I 38 -40.51 -23.45 66.94
N GLU I 39 -41.27 -24.27 66.21
CA GLU I 39 -41.65 -25.57 66.75
C GLU I 39 -40.44 -26.49 66.85
N ALA I 40 -39.55 -26.46 65.86
CA ALA I 40 -38.32 -27.22 65.96
C ALA I 40 -37.38 -26.67 67.04
N LEU I 41 -37.47 -25.37 67.32
CA LEU I 41 -36.68 -24.81 68.41
C LEU I 41 -37.27 -25.16 69.77
N ALA I 42 -38.59 -25.35 69.85
CA ALA I 42 -39.17 -25.88 71.08
C ALA I 42 -38.76 -27.33 71.30
N ALA I 43 -38.70 -28.10 70.20
CA ALA I 43 -38.18 -29.46 70.30
C ALA I 43 -36.69 -29.47 70.63
N ALA I 44 -35.97 -28.41 70.25
CA ALA I 44 -34.58 -28.26 70.66
C ALA I 44 -34.46 -27.94 72.14
N GLY I 45 -35.51 -27.42 72.74
CA GLY I 45 -35.45 -27.00 74.12
C GLY I 45 -34.75 -25.67 74.31
N VAL I 46 -34.78 -24.80 73.31
CA VAL I 46 -34.24 -23.45 73.47
C VAL I 46 -35.14 -22.69 74.45
N ASP I 47 -34.56 -21.67 75.06
CA ASP I 47 -35.21 -21.04 76.20
C ASP I 47 -35.88 -19.73 75.83
N HIS I 48 -35.43 -19.09 74.74
CA HIS I 48 -35.94 -17.80 74.29
C HIS I 48 -35.52 -17.60 72.85
N VAL I 49 -36.45 -17.19 71.99
CA VAL I 49 -36.13 -16.91 70.60
C VAL I 49 -36.29 -15.42 70.34
N ILE I 50 -35.52 -14.93 69.37
CA ILE I 50 -35.52 -13.53 68.99
C ILE I 50 -35.41 -13.44 67.48
N LEU I 51 -36.36 -12.75 66.86
CA LEU I 51 -36.35 -12.56 65.41
C LEU I 51 -35.97 -11.11 65.11
N ALA I 52 -35.03 -10.93 64.20
CA ALA I 52 -34.58 -9.61 63.82
C ALA I 52 -35.16 -9.28 62.46
N VAL I 53 -36.20 -8.45 62.45
CA VAL I 53 -36.86 -8.03 61.21
C VAL I 53 -36.76 -6.51 61.11
N SER I 54 -36.35 -6.02 59.95
CA SER I 54 -36.05 -4.61 59.78
C SER I 54 -37.30 -3.74 59.59
N TYR I 55 -38.49 -4.32 59.61
CA TYR I 55 -39.73 -3.56 59.49
C TYR I 55 -40.67 -4.01 60.60
N MET I 56 -41.35 -3.07 61.24
CA MET I 56 -42.31 -3.41 62.28
C MET I 56 -43.69 -3.57 61.65
N SER I 57 -44.11 -4.82 61.45
CA SER I 57 -45.41 -5.15 60.92
C SER I 57 -46.33 -5.53 62.07
N GLN I 58 -47.50 -4.89 62.11
CA GLN I 58 -48.34 -4.93 63.30
C GLN I 58 -48.99 -6.31 63.48
N VAL I 59 -49.31 -6.96 62.36
CA VAL I 59 -50.00 -8.24 62.38
C VAL I 59 -49.10 -9.34 62.94
N LEU I 60 -47.83 -9.33 62.55
CA LEU I 60 -46.91 -10.32 63.10
C LEU I 60 -46.59 -10.03 64.56
N GLU I 61 -46.65 -8.76 64.95
CA GLU I 61 -46.50 -8.42 66.37
C GLU I 61 -47.67 -8.94 67.20
N LYS I 62 -48.86 -8.99 66.62
CA LYS I 62 -49.94 -9.72 67.27
C LYS I 62 -49.66 -11.22 67.29
N GLU I 63 -49.17 -11.75 66.17
CA GLU I 63 -49.02 -13.19 65.96
C GLU I 63 -48.02 -13.83 66.92
N MET I 64 -46.88 -13.17 67.18
CA MET I 64 -45.83 -13.83 67.93
C MET I 64 -46.21 -14.01 69.40
N LYS I 65 -46.79 -12.98 70.01
CA LYS I 65 -47.28 -13.10 71.38
C LYS I 65 -48.55 -13.93 71.45
N ALA I 66 -49.30 -14.07 70.35
CA ALA I 66 -50.39 -15.05 70.34
C ALA I 66 -49.83 -16.47 70.31
N GLN I 67 -48.67 -16.66 69.67
CA GLN I 67 -48.13 -17.99 69.48
C GLN I 67 -47.37 -18.48 70.71
N GLU I 68 -46.76 -17.56 71.45
CA GLU I 68 -45.73 -17.94 72.43
C GLU I 68 -46.28 -18.68 73.64
N GLN I 69 -47.58 -18.62 73.91
CA GLN I 69 -48.15 -19.35 75.03
C GLN I 69 -48.59 -20.76 74.65
N ARG I 70 -48.90 -21.01 73.37
CA ARG I 70 -48.97 -22.39 72.90
C ARG I 70 -47.58 -23.00 72.83
N LEU I 71 -46.61 -22.20 72.39
CA LEU I 71 -45.23 -22.68 72.30
C LEU I 71 -44.64 -22.89 73.68
N GLY I 72 -44.96 -22.01 74.62
CA GLY I 72 -44.40 -22.05 75.96
C GLY I 72 -43.13 -21.27 76.14
N ILE I 73 -42.61 -20.65 75.09
CA ILE I 73 -41.33 -19.97 75.11
C ILE I 73 -41.52 -18.54 74.65
N ARG I 74 -40.96 -17.59 75.41
CA ARG I 74 -41.08 -16.18 75.09
C ARG I 74 -40.38 -15.84 73.78
N ILE I 75 -40.95 -14.88 73.06
CA ILE I 75 -40.47 -14.46 71.74
C ILE I 75 -40.20 -12.96 71.79
N SER I 76 -39.01 -12.56 71.37
CA SER I 76 -38.68 -11.15 71.27
C SER I 76 -38.23 -10.81 69.86
N MET I 77 -38.24 -9.53 69.54
CA MET I 77 -37.84 -9.08 68.22
C MET I 77 -36.89 -7.90 68.36
N SER I 78 -36.09 -7.68 67.32
CA SER I 78 -35.11 -6.61 67.33
C SER I 78 -35.15 -5.87 65.99
N HIS I 79 -35.32 -4.56 66.05
CA HIS I 79 -35.53 -3.74 64.87
C HIS I 79 -34.35 -2.83 64.63
N GLU I 80 -33.80 -2.87 63.43
CA GLU I 80 -32.73 -1.95 63.05
C GLU I 80 -33.30 -0.86 62.14
N GLU I 81 -32.65 0.30 62.16
CA GLU I 81 -33.18 1.47 61.46
C GLU I 81 -32.93 1.37 59.96
N GLU I 82 -31.67 1.20 59.56
CA GLU I 82 -31.36 0.87 58.18
C GLU I 82 -30.73 -0.53 58.14
N PRO I 83 -30.97 -1.31 57.09
CA PRO I 83 -30.59 -2.73 57.08
C PRO I 83 -29.08 -2.93 57.14
N LEU I 84 -28.61 -3.55 58.23
CA LEU I 84 -27.20 -3.72 58.50
C LEU I 84 -26.64 -5.02 57.98
N GLY I 85 -27.21 -5.55 56.89
CA GLY I 85 -26.73 -6.83 56.42
C GLY I 85 -27.22 -7.94 57.34
N THR I 86 -26.64 -9.11 57.15
CA THR I 86 -27.09 -10.27 57.90
C THR I 86 -26.26 -10.52 59.16
N ALA I 87 -25.21 -9.73 59.39
CA ALA I 87 -24.40 -9.83 60.59
C ALA I 87 -24.82 -8.82 61.65
N GLY I 88 -25.27 -7.64 61.22
CA GLY I 88 -25.71 -6.61 62.14
C GLY I 88 -26.81 -6.97 63.10
N PRO I 89 -27.78 -7.81 62.71
CA PRO I 89 -28.67 -8.43 63.70
C PRO I 89 -27.97 -9.15 64.83
N LEU I 90 -26.84 -9.82 64.57
CA LEU I 90 -26.14 -10.49 65.64
C LEU I 90 -25.39 -9.49 66.51
N ALA I 91 -24.90 -8.41 65.91
CA ALA I 91 -24.15 -7.42 66.66
C ALA I 91 -25.05 -6.55 67.52
N LEU I 92 -26.23 -6.20 67.00
CA LEU I 92 -27.18 -5.40 67.75
C LEU I 92 -27.77 -6.17 68.92
N ALA I 93 -27.98 -7.48 68.76
CA ALA I 93 -28.50 -8.33 69.82
C ALA I 93 -27.39 -9.03 70.61
N ARG I 94 -26.22 -8.40 70.73
CA ARG I 94 -25.06 -9.05 71.34
C ARG I 94 -25.27 -9.27 72.84
N ASP I 95 -25.96 -8.35 73.50
CA ASP I 95 -26.07 -8.39 74.96
C ASP I 95 -26.88 -9.59 75.44
N LEU I 96 -27.96 -9.92 74.73
CA LEU I 96 -28.82 -11.03 75.13
C LEU I 96 -28.11 -12.37 74.94
N LEU I 97 -27.20 -12.45 73.99
CA LEU I 97 -26.44 -13.67 73.79
C LEU I 97 -25.18 -13.72 74.65
N SER I 98 -24.67 -12.56 75.07
CA SER I 98 -23.44 -12.53 75.86
C SER I 98 -23.70 -12.61 77.36
N GLU I 99 -24.95 -12.39 77.79
CA GLU I 99 -25.26 -12.49 79.21
C GLU I 99 -25.14 -13.92 79.73
N THR I 100 -25.30 -14.92 78.87
CA THR I 100 -25.12 -16.32 79.25
C THR I 100 -24.03 -16.93 78.40
N ALA I 101 -23.17 -17.75 79.01
CA ALA I 101 -22.03 -18.33 78.31
C ALA I 101 -22.38 -19.71 77.74
N ASP I 102 -23.37 -19.71 76.86
CA ASP I 102 -23.81 -20.88 76.10
C ASP I 102 -23.83 -20.58 74.61
N PRO I 103 -23.66 -21.61 73.78
CA PRO I 103 -23.81 -21.41 72.34
C PRO I 103 -25.25 -21.08 71.98
N PHE I 104 -25.41 -20.23 70.98
CA PHE I 104 -26.73 -19.80 70.53
C PHE I 104 -26.92 -20.20 69.07
N PHE I 105 -28.17 -20.49 68.73
CA PHE I 105 -28.55 -20.87 67.38
C PHE I 105 -28.70 -19.64 66.50
N VAL I 106 -28.32 -19.77 65.23
CA VAL I 106 -28.57 -18.75 64.21
C VAL I 106 -29.26 -19.44 63.04
N LEU I 107 -30.40 -18.91 62.64
CA LEU I 107 -31.17 -19.48 61.55
C LEU I 107 -31.53 -18.44 60.49
N ASN I 108 -31.70 -18.92 59.27
CA ASN I 108 -32.32 -18.17 58.20
C ASN I 108 -33.80 -18.53 58.14
N SER I 109 -34.63 -17.57 57.72
CA SER I 109 -36.07 -17.79 57.76
C SER I 109 -36.54 -18.65 56.60
N ASP I 110 -35.83 -18.63 55.48
CA ASP I 110 -36.30 -19.31 54.29
C ASP I 110 -35.94 -20.79 54.27
N VAL I 111 -34.96 -21.20 55.06
CA VAL I 111 -34.52 -22.59 55.03
C VAL I 111 -35.54 -23.47 55.74
N ILE I 112 -35.98 -24.53 55.07
CA ILE I 112 -36.81 -25.55 55.69
C ILE I 112 -36.22 -26.91 55.36
N CYS I 113 -36.08 -27.75 56.39
CA CYS I 113 -35.56 -29.10 56.28
C CYS I 113 -35.98 -29.85 57.53
N ASP I 114 -35.55 -31.09 57.64
CA ASP I 114 -35.62 -31.77 58.93
C ASP I 114 -34.51 -31.22 59.81
N PHE I 115 -34.88 -30.71 60.97
CA PHE I 115 -33.92 -29.99 61.80
C PHE I 115 -33.35 -30.92 62.86
N PRO I 116 -32.09 -31.31 62.75
CA PRO I 116 -31.50 -32.27 63.71
C PRO I 116 -30.84 -31.58 64.89
N PHE I 117 -31.65 -30.87 65.68
CA PHE I 117 -31.12 -29.86 66.59
C PHE I 117 -30.39 -30.45 67.79
N GLN I 118 -30.79 -31.64 68.27
CA GLN I 118 -30.07 -32.28 69.36
C GLN I 118 -28.74 -32.85 68.88
N ALA I 119 -28.75 -33.49 67.70
CA ALA I 119 -27.53 -34.00 67.11
C ALA I 119 -26.58 -32.85 66.75
N MET I 120 -27.15 -31.75 66.25
CA MET I 120 -26.38 -30.54 65.97
C MET I 120 -25.74 -29.98 67.23
N VAL I 121 -26.51 -29.92 68.33
CA VAL I 121 -26.00 -29.22 69.50
C VAL I 121 -24.94 -30.05 70.22
N GLN I 122 -25.11 -31.36 70.20
CA GLN I 122 -24.13 -32.26 70.79
C GLN I 122 -22.87 -32.14 69.96
N PHE I 123 -23.01 -32.30 68.64
CA PHE I 123 -21.87 -32.16 67.73
C PHE I 123 -21.06 -30.92 68.08
N HIS I 124 -21.76 -29.80 68.35
CA HIS I 124 -21.06 -28.59 68.75
C HIS I 124 -20.39 -28.73 70.11
N ARG I 125 -21.04 -29.45 71.03
CA ARG I 125 -20.42 -29.68 72.33
C ARG I 125 -19.22 -30.61 72.24
N HIS I 126 -19.25 -31.57 71.32
CA HIS I 126 -18.13 -32.50 71.19
C HIS I 126 -16.91 -31.83 70.56
N HIS I 127 -17.11 -31.11 69.46
CA HIS I 127 -15.93 -30.56 68.78
C HIS I 127 -15.35 -29.34 69.50
N GLY I 128 -16.19 -28.54 70.15
CA GLY I 128 -15.72 -27.53 71.08
C GLY I 128 -15.07 -26.30 70.50
N GLN I 129 -15.33 -25.95 69.25
CA GLN I 129 -14.74 -24.76 68.69
C GLN I 129 -15.75 -23.62 68.64
N GLU I 130 -15.32 -22.50 68.06
CA GLU I 130 -16.04 -21.25 68.18
C GLU I 130 -17.26 -21.15 67.29
N GLY I 131 -17.40 -22.04 66.30
CA GLY I 131 -18.57 -22.00 65.44
C GLY I 131 -18.80 -23.27 64.65
N SER I 132 -20.03 -23.77 64.65
CA SER I 132 -20.37 -25.00 63.94
C SER I 132 -21.45 -24.73 62.91
N ILE I 133 -21.17 -25.10 61.68
CA ILE I 133 -22.09 -24.90 60.57
C ILE I 133 -22.69 -26.26 60.22
N LEU I 134 -23.85 -26.22 59.56
CA LEU I 134 -24.42 -27.41 58.97
C LEU I 134 -24.42 -27.31 57.46
N VAL I 135 -23.84 -28.29 56.79
CA VAL I 135 -23.72 -28.31 55.34
C VAL I 135 -24.58 -29.43 54.78
N THR I 136 -24.76 -29.39 53.45
CA THR I 136 -25.43 -30.48 52.74
C THR I 136 -24.95 -30.49 51.30
N LYS I 137 -25.01 -31.67 50.68
CA LYS I 137 -24.59 -31.79 49.29
C LYS I 137 -25.75 -31.46 48.36
N VAL I 138 -25.51 -30.57 47.41
CA VAL I 138 -26.50 -30.19 46.42
C VAL I 138 -25.84 -30.31 45.06
N GLU I 139 -26.67 -30.39 44.01
CA GLU I 139 -26.15 -30.63 42.68
C GLU I 139 -25.53 -29.37 42.09
N GLU I 140 -26.10 -28.21 42.36
CA GLU I 140 -25.62 -26.96 41.80
C GLU I 140 -25.16 -26.04 42.93
N PRO I 141 -23.86 -25.87 43.14
CA PRO I 141 -23.38 -25.07 44.27
C PRO I 141 -23.33 -23.57 44.04
N SER I 142 -23.73 -23.08 42.87
CA SER I 142 -23.45 -21.70 42.48
C SER I 142 -24.27 -20.69 43.30
N LYS I 143 -25.50 -21.05 43.64
CA LYS I 143 -26.36 -20.14 44.37
C LYS I 143 -25.96 -19.98 45.83
N TYR I 144 -25.15 -20.90 46.36
CA TYR I 144 -24.94 -21.00 47.79
C TYR I 144 -23.46 -20.93 48.13
N GLY I 145 -23.18 -20.70 49.42
CA GLY I 145 -21.81 -20.68 49.89
C GLY I 145 -21.34 -22.10 50.11
N VAL I 146 -20.14 -22.40 49.63
CA VAL I 146 -19.68 -23.77 49.46
C VAL I 146 -18.42 -23.98 50.30
N VAL I 147 -18.43 -25.00 51.14
CA VAL I 147 -17.36 -25.24 52.10
C VAL I 147 -16.58 -26.48 51.66
N VAL I 148 -15.30 -26.53 52.05
CA VAL I 148 -14.47 -27.71 51.85
C VAL I 148 -14.34 -28.43 53.19
N CYS I 149 -14.71 -29.70 53.21
CA CYS I 149 -14.74 -30.48 54.44
C CYS I 149 -13.52 -31.39 54.52
N GLU I 150 -12.88 -31.42 55.67
CA GLU I 150 -11.76 -32.32 55.90
C GLU I 150 -12.35 -33.71 56.16
N ALA I 151 -11.57 -34.77 56.01
CA ALA I 151 -12.12 -36.10 56.22
C ALA I 151 -12.12 -36.56 57.67
N ASP I 152 -13.34 -36.65 58.22
CA ASP I 152 -13.70 -37.11 59.57
C ASP I 152 -13.41 -36.13 60.72
N THR I 153 -12.88 -34.95 60.39
CA THR I 153 -12.61 -33.93 61.39
C THR I 153 -13.54 -32.75 61.22
N GLY I 154 -14.47 -32.89 60.29
CA GLY I 154 -15.45 -31.87 60.00
C GLY I 154 -14.90 -30.46 59.98
N ARG I 155 -13.59 -30.29 60.14
CA ARG I 155 -13.01 -28.95 60.09
C ARG I 155 -13.06 -28.40 58.68
N ILE I 156 -13.40 -27.12 58.56
CA ILE I 156 -13.54 -26.47 57.27
C ILE I 156 -12.21 -25.80 56.94
N HIS I 157 -11.62 -26.20 55.80
CA HIS I 157 -10.44 -25.50 55.33
C HIS I 157 -10.79 -24.16 54.70
N ARG I 158 -11.84 -24.14 53.88
CA ARG I 158 -12.13 -22.96 53.08
C ARG I 158 -13.64 -22.75 53.01
N PHE I 159 -14.04 -21.49 53.15
CA PHE I 159 -15.43 -21.08 53.03
C PHE I 159 -15.48 -19.94 52.03
N VAL I 160 -16.13 -20.15 50.90
CA VAL I 160 -16.32 -19.10 49.90
C VAL I 160 -17.80 -18.82 49.82
N GLU I 161 -18.17 -17.55 49.77
CA GLU I 161 -19.58 -17.17 49.68
C GLU I 161 -20.20 -17.67 48.39
N LYS I 162 -19.43 -17.56 47.31
CA LYS I 162 -19.86 -17.98 45.98
C LYS I 162 -18.79 -18.88 45.38
N PRO I 163 -19.17 -19.62 44.33
CA PRO I 163 -18.26 -20.56 43.67
C PRO I 163 -17.53 -19.91 42.51
N GLN I 164 -17.93 -20.27 41.28
CA GLN I 164 -17.38 -19.81 39.99
C GLN I 164 -16.02 -20.43 39.69
N VAL I 165 -15.68 -21.46 40.45
CA VAL I 165 -14.44 -22.18 40.23
C VAL I 165 -14.64 -23.61 40.72
N PHE I 166 -15.84 -23.89 41.21
CA PHE I 166 -16.18 -25.22 41.75
C PHE I 166 -15.14 -25.68 42.77
N VAL I 167 -15.17 -25.03 43.94
CA VAL I 167 -14.28 -25.47 45.00
C VAL I 167 -14.75 -26.80 45.59
N SER I 168 -16.06 -26.97 45.80
CA SER I 168 -16.57 -28.23 46.32
C SER I 168 -18.03 -28.40 45.92
N ASN I 169 -18.58 -29.54 46.30
CA ASN I 169 -19.96 -29.90 45.99
C ASN I 169 -20.91 -29.61 47.13
N LYS I 170 -20.41 -29.50 48.35
CA LYS I 170 -21.23 -29.29 49.53
C LYS I 170 -21.42 -27.81 49.80
N ILE I 171 -22.64 -27.44 50.17
CA ILE I 171 -22.98 -26.04 50.37
C ILE I 171 -23.44 -25.83 51.80
N ASN I 172 -23.27 -24.58 52.26
CA ASN I 172 -23.83 -24.15 53.54
C ASN I 172 -25.34 -24.20 53.46
N ALA I 173 -25.96 -24.68 54.54
CA ALA I 173 -27.37 -25.01 54.51
C ALA I 173 -28.20 -24.10 55.42
N GLY I 174 -27.63 -22.98 55.85
CA GLY I 174 -28.40 -22.03 56.64
C GLY I 174 -28.71 -22.48 58.04
N MET I 175 -27.70 -22.91 58.79
CA MET I 175 -27.90 -23.46 60.12
C MET I 175 -26.58 -23.28 60.87
N TYR I 176 -26.54 -22.30 61.77
CA TYR I 176 -25.30 -21.99 62.49
C TYR I 176 -25.52 -22.18 63.98
N ILE I 177 -24.47 -22.62 64.67
CA ILE I 177 -24.38 -22.54 66.12
C ILE I 177 -23.11 -21.75 66.43
N LEU I 178 -23.24 -20.68 67.19
CA LEU I 178 -22.07 -19.86 67.47
C LEU I 178 -21.84 -19.76 68.97
N SER I 179 -20.57 -19.70 69.33
CA SER I 179 -20.14 -19.60 70.71
C SER I 179 -20.34 -18.18 71.20
N PRO I 180 -20.27 -17.96 72.52
CA PRO I 180 -20.20 -16.58 73.02
C PRO I 180 -18.95 -15.83 72.58
N ALA I 181 -17.81 -16.53 72.43
CA ALA I 181 -16.52 -15.88 72.18
C ALA I 181 -16.52 -15.14 70.84
N VAL I 182 -17.11 -15.74 69.81
CA VAL I 182 -17.15 -15.10 68.49
C VAL I 182 -18.11 -13.91 68.45
N LEU I 183 -18.80 -13.62 69.56
CA LEU I 183 -19.51 -12.36 69.70
C LEU I 183 -18.57 -11.16 69.59
N GLN I 184 -17.32 -11.27 70.08
CA GLN I 184 -16.50 -10.06 70.05
C GLN I 184 -15.82 -9.83 68.71
N ARG I 185 -15.95 -10.74 67.75
CA ARG I 185 -15.43 -10.49 66.42
C ARG I 185 -16.33 -9.55 65.64
N ILE I 186 -17.64 -9.65 65.85
CA ILE I 186 -18.60 -8.85 65.11
C ILE I 186 -18.60 -7.41 65.62
N GLN I 187 -19.11 -6.51 64.78
CA GLN I 187 -19.15 -5.08 65.08
C GLN I 187 -20.54 -4.53 64.77
N LEU I 188 -20.94 -3.52 65.56
CA LEU I 188 -22.28 -2.94 65.49
C LEU I 188 -22.54 -2.27 64.14
N GLN I 189 -21.49 -1.76 63.52
CA GLN I 189 -21.43 -1.32 62.14
C GLN I 189 -21.95 -2.39 61.15
N PRO I 190 -22.57 -1.95 60.05
CA PRO I 190 -23.20 -2.92 59.12
C PRO I 190 -22.18 -3.79 58.38
N THR I 191 -22.44 -5.10 58.39
CA THR I 191 -21.64 -6.08 57.67
C THR I 191 -22.47 -7.32 57.42
N SER I 192 -21.89 -8.30 56.72
CA SER I 192 -22.59 -9.53 56.37
C SER I 192 -21.80 -10.72 56.91
N ILE I 193 -22.51 -11.64 57.58
CA ILE I 193 -21.82 -12.68 58.35
C ILE I 193 -21.21 -13.72 57.43
N GLU I 194 -22.01 -14.31 56.54
CA GLU I 194 -21.48 -15.38 55.70
C GLU I 194 -20.54 -14.88 54.63
N LYS I 195 -20.51 -13.57 54.38
CA LYS I 195 -19.52 -13.03 53.46
C LYS I 195 -18.20 -12.74 54.16
N GLU I 196 -18.25 -12.27 55.40
CA GLU I 196 -17.06 -11.74 56.05
C GLU I 196 -16.55 -12.61 57.19
N VAL I 197 -17.37 -12.94 58.19
CA VAL I 197 -16.78 -13.46 59.42
C VAL I 197 -16.51 -14.95 59.36
N PHE I 198 -17.09 -15.66 58.40
CA PHE I 198 -16.84 -17.09 58.28
C PHE I 198 -15.51 -17.38 57.62
N PRO I 199 -15.05 -16.54 56.68
CA PRO I 199 -13.78 -16.83 55.99
C PRO I 199 -12.57 -16.72 56.90
N ILE I 200 -12.50 -15.66 57.72
CA ILE I 200 -11.37 -15.51 58.60
C ILE I 200 -11.48 -16.46 59.79
N MET I 201 -12.69 -16.93 60.09
CA MET I 201 -12.82 -17.98 61.10
C MET I 201 -12.35 -19.31 60.55
N ALA I 202 -12.60 -19.56 59.26
CA ALA I 202 -12.17 -20.81 58.64
C ALA I 202 -10.67 -20.83 58.39
N LYS I 203 -10.04 -19.67 58.25
CA LYS I 203 -8.58 -19.61 58.11
C LYS I 203 -7.89 -20.10 59.38
N GLU I 204 -8.41 -19.74 60.55
CA GLU I 204 -7.91 -20.26 61.81
C GLU I 204 -8.22 -21.74 61.96
N GLY I 205 -9.49 -22.12 61.78
CA GLY I 205 -9.91 -23.48 61.95
C GLY I 205 -11.03 -23.65 62.96
N GLN I 206 -11.64 -22.54 63.35
CA GLN I 206 -12.73 -22.63 64.32
C GLN I 206 -14.06 -22.99 63.68
N LEU I 207 -14.15 -22.95 62.36
CA LEU I 207 -15.37 -23.35 61.65
C LEU I 207 -15.39 -24.88 61.48
N TYR I 208 -16.52 -25.49 61.84
CA TYR I 208 -16.70 -26.92 61.72
C TYR I 208 -18.00 -27.21 60.98
N ALA I 209 -18.04 -28.37 60.32
CA ALA I 209 -19.15 -28.72 59.44
C ALA I 209 -19.76 -30.04 59.84
N MET I 210 -21.06 -30.15 59.65
CA MET I 210 -21.83 -31.37 59.87
C MET I 210 -22.79 -31.51 58.72
N GLU I 211 -22.89 -32.71 58.13
CA GLU I 211 -23.76 -32.86 56.98
C GLU I 211 -25.16 -33.29 57.40
N LEU I 212 -26.16 -32.61 56.84
CA LEU I 212 -27.55 -32.91 57.12
C LEU I 212 -27.86 -34.31 56.63
N GLN I 213 -29.07 -34.78 56.88
CA GLN I 213 -29.47 -36.10 56.43
C GLN I 213 -30.39 -36.07 55.22
N GLY I 214 -31.43 -35.26 55.24
CA GLY I 214 -32.41 -35.32 54.17
C GLY I 214 -33.09 -34.00 53.85
N PHE I 215 -33.42 -33.84 52.55
CA PHE I 215 -34.35 -32.87 51.96
C PHE I 215 -34.16 -31.42 52.43
N TRP I 216 -32.93 -30.93 52.37
CA TRP I 216 -32.71 -29.50 52.47
C TRP I 216 -33.25 -28.80 51.23
N MET I 217 -34.01 -27.72 51.44
CA MET I 217 -34.47 -26.91 50.32
C MET I 217 -34.77 -25.50 50.78
N ASP I 218 -34.36 -24.53 49.98
CA ASP I 218 -34.74 -23.13 50.13
C ASP I 218 -36.14 -22.93 49.58
N ILE I 219 -36.98 -22.16 50.30
CA ILE I 219 -38.26 -21.78 49.74
C ILE I 219 -38.34 -20.27 49.61
N GLY I 220 -37.18 -19.64 49.40
CA GLY I 220 -37.18 -18.22 49.10
C GLY I 220 -37.81 -17.91 47.76
N GLN I 221 -37.43 -18.63 46.73
CA GLN I 221 -37.97 -18.44 45.41
C GLN I 221 -39.33 -19.15 45.31
N PRO I 222 -40.26 -18.64 44.49
CA PRO I 222 -41.55 -19.35 44.35
C PRO I 222 -41.42 -20.66 43.59
N LYS I 223 -40.58 -20.68 42.56
CA LYS I 223 -40.29 -21.92 41.86
C LYS I 223 -39.60 -22.91 42.79
N ASP I 224 -38.74 -22.42 43.68
CA ASP I 224 -38.13 -23.28 44.69
C ASP I 224 -39.13 -23.64 45.79
N PHE I 225 -40.11 -22.77 46.05
CA PHE I 225 -41.16 -23.05 47.03
C PHE I 225 -41.96 -24.27 46.62
N LEU I 226 -42.30 -24.39 45.34
CA LEU I 226 -43.13 -25.52 44.92
C LEU I 226 -42.39 -26.85 45.03
N THR I 227 -41.12 -26.90 44.63
CA THR I 227 -40.42 -28.17 44.74
C THR I 227 -40.04 -28.48 46.18
N GLY I 228 -39.84 -27.46 47.02
CA GLY I 228 -39.66 -27.72 48.43
C GLY I 228 -40.90 -28.27 49.09
N MET I 229 -42.07 -27.81 48.65
CA MET I 229 -43.33 -28.37 49.13
C MET I 229 -43.48 -29.82 48.71
N CYS I 230 -43.18 -30.11 47.45
CA CYS I 230 -43.31 -31.48 46.94
C CYS I 230 -42.30 -32.43 47.59
N LEU I 231 -41.16 -31.92 48.05
CA LEU I 231 -40.17 -32.75 48.72
C LEU I 231 -40.55 -33.00 50.19
N PHE I 232 -41.02 -31.94 50.86
CA PHE I 232 -41.48 -32.07 52.24
C PHE I 232 -42.66 -33.02 52.36
N LEU I 233 -43.52 -33.06 51.34
CA LEU I 233 -44.66 -33.97 51.38
C LEU I 233 -44.23 -35.43 51.38
N GLN I 234 -43.18 -35.77 50.61
CA GLN I 234 -42.70 -37.14 50.57
C GLN I 234 -42.02 -37.53 51.88
N SER I 235 -41.19 -36.63 52.43
CA SER I 235 -40.54 -36.98 53.70
C SER I 235 -41.56 -37.02 54.85
N LEU I 236 -42.59 -36.19 54.78
CA LEU I 236 -43.65 -36.24 55.78
C LEU I 236 -44.50 -37.50 55.61
N ARG I 237 -44.63 -38.01 54.38
CA ARG I 237 -45.30 -39.28 54.16
C ARG I 237 -44.53 -40.42 54.82
N GLN I 238 -43.21 -40.37 54.74
CA GLN I 238 -42.40 -41.36 55.44
C GLN I 238 -42.56 -41.24 56.96
N LYS I 239 -42.59 -40.00 57.48
CA LYS I 239 -42.71 -39.85 58.92
C LYS I 239 -44.15 -40.08 59.40
N GLN I 240 -45.11 -39.37 58.82
CA GLN I 240 -46.51 -39.45 59.23
C GLN I 240 -47.37 -39.80 58.03
N PRO I 241 -47.49 -41.10 57.71
CA PRO I 241 -48.34 -41.49 56.58
C PRO I 241 -49.82 -41.31 56.86
N GLU I 242 -50.24 -41.37 58.12
CA GLU I 242 -51.64 -41.21 58.44
C GLU I 242 -52.08 -39.75 58.47
N ARG I 243 -51.13 -38.82 58.54
CA ARG I 243 -51.48 -37.42 58.42
C ARG I 243 -51.85 -37.04 57.00
N LEU I 244 -51.19 -37.65 56.01
CA LEU I 244 -51.45 -37.34 54.61
C LEU I 244 -52.80 -37.91 54.20
N CYS I 245 -53.54 -37.15 53.40
CA CYS I 245 -54.92 -37.49 53.13
C CYS I 245 -54.99 -38.57 52.05
N SER I 246 -55.81 -39.57 52.29
CA SER I 246 -55.98 -40.71 51.38
C SER I 246 -57.44 -40.82 50.99
N GLY I 247 -57.70 -41.07 49.72
CA GLY I 247 -59.05 -41.19 49.21
C GLY I 247 -59.07 -41.69 47.78
N PRO I 248 -60.24 -42.10 47.30
CA PRO I 248 -60.33 -42.64 45.94
C PRO I 248 -60.15 -41.59 44.85
N GLY I 249 -60.61 -40.37 45.08
CA GLY I 249 -60.40 -39.26 44.17
C GLY I 249 -59.10 -38.51 44.39
N ILE I 250 -58.17 -39.09 45.12
CA ILE I 250 -56.95 -38.41 45.56
C ILE I 250 -55.76 -39.27 45.15
N VAL I 251 -54.85 -38.68 44.39
CA VAL I 251 -53.72 -39.38 43.79
C VAL I 251 -52.44 -38.79 44.36
N GLY I 252 -51.56 -39.65 44.87
CA GLY I 252 -50.27 -39.21 45.33
C GLY I 252 -50.32 -38.61 46.72
N ASN I 253 -49.23 -37.94 47.08
CA ASN I 253 -49.05 -37.36 48.41
C ASN I 253 -49.82 -36.06 48.50
N VAL I 254 -50.98 -36.08 49.15
CA VAL I 254 -51.83 -34.90 49.26
C VAL I 254 -52.06 -34.59 50.73
N LEU I 255 -51.89 -33.31 51.10
CA LEU I 255 -52.11 -32.84 52.45
C LEU I 255 -53.32 -31.90 52.45
N VAL I 256 -54.42 -32.34 53.06
CA VAL I 256 -55.65 -31.58 53.08
C VAL I 256 -55.95 -31.19 54.52
N ASP I 257 -56.22 -29.91 54.74
CA ASP I 257 -56.59 -29.40 56.06
C ASP I 257 -58.04 -29.86 56.27
N PRO I 258 -58.38 -30.25 57.50
CA PRO I 258 -59.74 -30.77 57.74
C PRO I 258 -60.85 -29.77 57.50
N SER I 259 -60.57 -28.47 57.54
CA SER I 259 -61.61 -27.50 57.23
C SER I 259 -61.84 -27.35 55.73
N ALA I 260 -60.92 -27.84 54.91
CA ALA I 260 -61.06 -27.71 53.46
C ALA I 260 -62.10 -28.67 52.93
N ARG I 261 -62.79 -28.25 51.86
CA ARG I 261 -63.88 -29.01 51.29
C ARG I 261 -63.59 -29.28 49.81
N ILE I 262 -63.61 -30.56 49.45
CA ILE I 262 -63.29 -31.02 48.10
C ILE I 262 -64.56 -31.59 47.47
N GLY I 263 -64.90 -31.11 46.28
CA GLY I 263 -66.14 -31.52 45.64
C GLY I 263 -66.08 -32.91 45.03
N GLN I 264 -67.22 -33.31 44.45
CA GLN I 264 -67.33 -34.65 43.89
C GLN I 264 -66.77 -34.68 42.47
N ASN I 265 -66.31 -35.89 42.07
CA ASN I 265 -65.86 -36.20 40.72
C ASN I 265 -64.67 -35.35 40.30
N CYS I 266 -63.65 -35.30 41.14
CA CYS I 266 -62.49 -34.50 40.83
C CYS I 266 -61.24 -35.20 41.35
N SER I 267 -60.13 -35.02 40.64
CA SER I 267 -58.91 -35.75 40.88
C SER I 267 -57.82 -34.78 41.34
N ILE I 268 -57.42 -34.90 42.60
CA ILE I 268 -56.33 -34.11 43.13
C ILE I 268 -55.03 -34.85 42.86
N GLY I 269 -54.15 -34.22 42.09
CA GLY I 269 -52.92 -34.86 41.69
C GLY I 269 -51.89 -34.89 42.79
N PRO I 270 -50.70 -35.35 42.44
CA PRO I 270 -49.66 -35.53 43.45
C PRO I 270 -49.10 -34.20 43.93
N ASN I 271 -48.66 -34.20 45.19
CA ASN I 271 -47.91 -33.11 45.83
C ASN I 271 -48.76 -31.83 45.91
N VAL I 272 -49.97 -31.96 46.45
CA VAL I 272 -50.90 -30.84 46.55
C VAL I 272 -51.24 -30.62 48.01
N SER I 273 -51.03 -29.41 48.49
CA SER I 273 -51.37 -29.02 49.86
C SER I 273 -52.49 -27.98 49.82
N LEU I 274 -53.60 -28.28 50.47
CA LEU I 274 -54.76 -27.40 50.52
C LEU I 274 -54.80 -26.67 51.85
N GLY I 275 -55.09 -25.37 51.80
CA GLY I 275 -55.16 -24.58 52.99
C GLY I 275 -56.46 -24.79 53.74
N PRO I 276 -56.56 -24.22 54.94
CA PRO I 276 -57.84 -24.25 55.66
C PRO I 276 -58.87 -23.36 55.00
N GLY I 277 -60.08 -23.88 54.88
CA GLY I 277 -61.18 -23.09 54.38
C GLY I 277 -61.28 -22.95 52.88
N VAL I 278 -60.48 -23.69 52.12
CA VAL I 278 -60.59 -23.63 50.67
C VAL I 278 -61.81 -24.44 50.23
N VAL I 279 -62.36 -24.07 49.08
CA VAL I 279 -63.52 -24.74 48.51
C VAL I 279 -63.15 -25.20 47.12
N VAL I 280 -63.14 -26.52 46.92
CA VAL I 280 -62.82 -27.12 45.62
C VAL I 280 -64.10 -27.70 45.05
N GLU I 281 -64.45 -27.27 43.84
CA GLU I 281 -65.73 -27.61 43.24
C GLU I 281 -65.58 -28.88 42.40
N ASP I 282 -66.58 -29.17 41.56
CA ASP I 282 -66.68 -30.43 40.85
C ASP I 282 -65.75 -30.45 39.65
N GLY I 283 -64.96 -31.52 39.52
CA GLY I 283 -64.16 -31.66 38.33
C GLY I 283 -62.90 -30.83 38.28
N VAL I 284 -62.43 -30.35 39.41
CA VAL I 284 -61.19 -29.59 39.46
C VAL I 284 -60.02 -30.54 39.55
N CYS I 285 -59.06 -30.41 38.65
CA CYS I 285 -57.84 -31.20 38.68
C CYS I 285 -56.70 -30.29 39.11
N ILE I 286 -56.08 -30.62 40.23
CA ILE I 286 -54.99 -29.83 40.80
C ILE I 286 -53.80 -30.74 41.00
N ARG I 287 -52.69 -30.43 40.33
CA ARG I 287 -51.46 -31.22 40.44
C ARG I 287 -50.33 -30.29 40.85
N ARG I 288 -49.51 -30.72 41.82
CA ARG I 288 -48.26 -30.04 42.21
C ARG I 288 -48.47 -28.58 42.64
N CYS I 289 -49.65 -28.23 43.11
CA CYS I 289 -49.96 -26.86 43.46
C CYS I 289 -50.13 -26.71 44.97
N THR I 290 -50.10 -25.46 45.42
CA THR I 290 -50.31 -25.10 46.81
C THR I 290 -51.43 -24.08 46.88
N VAL I 291 -52.48 -24.39 47.62
CA VAL I 291 -53.65 -23.52 47.73
C VAL I 291 -53.70 -22.95 49.13
N LEU I 292 -53.48 -21.65 49.25
CA LEU I 292 -53.52 -20.99 50.55
C LEU I 292 -54.97 -20.75 50.97
N ARG I 293 -55.15 -20.20 52.17
CA ARG I 293 -56.42 -20.31 52.88
C ARG I 293 -57.50 -19.42 52.30
N ASP I 294 -58.76 -19.86 52.48
CA ASP I 294 -59.98 -19.19 52.03
C ASP I 294 -60.03 -18.94 50.52
N ALA I 295 -59.32 -19.76 49.75
CA ALA I 295 -59.27 -19.60 48.30
C ALA I 295 -60.24 -20.58 47.65
N ARG I 296 -61.19 -20.08 46.88
CA ARG I 296 -62.19 -20.92 46.23
C ARG I 296 -61.82 -21.14 44.77
N ILE I 297 -61.84 -22.40 44.35
CA ILE I 297 -61.54 -22.80 42.98
C ILE I 297 -62.79 -23.39 42.37
N ARG I 298 -63.35 -22.72 41.36
CA ARG I 298 -64.60 -23.15 40.77
C ARG I 298 -64.41 -24.39 39.90
N SER I 299 -65.52 -24.89 39.40
CA SER I 299 -65.62 -26.21 38.83
C SER I 299 -64.96 -26.29 37.46
N HIS I 300 -64.60 -27.51 37.07
CA HIS I 300 -64.09 -27.87 35.75
C HIS I 300 -62.80 -27.15 35.35
N SER I 301 -61.94 -26.83 36.30
CA SER I 301 -60.72 -26.11 35.97
C SER I 301 -59.49 -26.96 36.29
N TRP I 302 -58.38 -26.62 35.65
CA TRP I 302 -57.16 -27.41 35.71
C TRP I 302 -56.00 -26.53 36.14
N LEU I 303 -55.34 -26.90 37.23
CA LEU I 303 -54.23 -26.13 37.78
C LEU I 303 -53.06 -27.06 38.01
N GLU I 304 -51.87 -26.65 37.61
CA GLU I 304 -50.73 -27.55 37.66
C GLU I 304 -49.44 -26.75 37.83
N SER I 305 -48.75 -26.98 38.95
CA SER I 305 -47.58 -26.21 39.41
C SER I 305 -47.92 -24.72 39.51
N CYS I 306 -48.76 -24.41 40.49
CA CYS I 306 -49.26 -23.06 40.70
C CYS I 306 -49.30 -22.76 42.19
N ILE I 307 -49.32 -21.47 42.53
CA ILE I 307 -49.56 -21.02 43.89
C ILE I 307 -50.79 -20.14 43.89
N VAL I 308 -51.74 -20.43 44.76
CA VAL I 308 -52.98 -19.69 44.85
C VAL I 308 -52.99 -18.92 46.16
N GLY I 309 -53.05 -17.59 46.07
CA GLY I 309 -52.97 -16.75 47.26
C GLY I 309 -54.25 -16.78 48.08
N TRP I 310 -54.21 -16.04 49.19
CA TRP I 310 -55.33 -16.03 50.13
C TRP I 310 -56.52 -15.31 49.53
N ARG I 311 -57.72 -15.85 49.81
CA ARG I 311 -59.01 -15.28 49.41
C ARG I 311 -59.11 -15.11 47.89
N CYS I 312 -58.70 -16.13 47.15
CA CYS I 312 -58.74 -16.09 45.69
C CYS I 312 -59.95 -16.84 45.16
N ARG I 313 -60.58 -16.28 44.12
CA ARG I 313 -61.68 -16.93 43.44
C ARG I 313 -61.27 -17.16 42.00
N VAL I 314 -61.19 -18.42 41.61
CA VAL I 314 -60.74 -18.82 40.29
C VAL I 314 -61.95 -19.28 39.49
N GLY I 315 -62.06 -18.82 38.26
CA GLY I 315 -63.22 -19.13 37.44
C GLY I 315 -63.22 -20.56 36.92
N GLN I 316 -64.27 -20.88 36.18
CA GLN I 316 -64.42 -22.20 35.59
C GLN I 316 -63.63 -22.32 34.30
N TRP I 317 -63.23 -23.55 34.00
CA TRP I 317 -62.52 -23.94 32.77
C TRP I 317 -61.24 -23.15 32.58
N VAL I 318 -60.51 -22.93 33.66
CA VAL I 318 -59.31 -22.12 33.59
C VAL I 318 -58.15 -23.10 33.57
N ARG I 319 -57.09 -22.74 32.86
CA ARG I 319 -55.91 -23.58 32.77
C ARG I 319 -54.72 -22.76 33.23
N MET I 320 -54.12 -23.16 34.34
CA MET I 320 -52.97 -22.47 34.89
C MET I 320 -51.80 -23.43 34.98
N GLU I 321 -50.65 -23.00 34.47
CA GLU I 321 -49.46 -23.84 34.50
C GLU I 321 -48.21 -22.99 34.58
N ASN I 322 -47.05 -23.64 34.49
CA ASN I 322 -45.76 -22.97 34.52
C ASN I 322 -45.59 -21.98 35.67
N VAL I 323 -45.58 -22.52 36.90
CA VAL I 323 -45.42 -21.74 38.14
C VAL I 323 -46.03 -20.34 38.19
N THR I 324 -47.34 -20.27 38.07
CA THR I 324 -48.04 -18.99 38.13
C THR I 324 -48.36 -18.69 39.60
N VAL I 325 -48.31 -17.42 39.99
CA VAL I 325 -48.59 -17.07 41.37
C VAL I 325 -49.70 -16.03 41.39
N LEU I 326 -50.74 -16.27 42.18
CA LEU I 326 -51.75 -15.26 42.43
C LEU I 326 -51.50 -14.62 43.79
N GLY I 327 -51.68 -13.29 43.86
CA GLY I 327 -51.63 -12.59 45.13
C GLY I 327 -52.92 -12.74 45.90
N GLU I 328 -53.05 -11.96 46.97
CA GLU I 328 -54.28 -12.04 47.74
C GLU I 328 -55.42 -11.31 47.03
N ASP I 329 -56.63 -11.81 47.25
CA ASP I 329 -57.89 -11.22 46.75
C ASP I 329 -57.89 -11.04 45.24
N VAL I 330 -57.42 -12.06 44.54
CA VAL I 330 -57.35 -12.07 43.08
C VAL I 330 -58.50 -12.90 42.54
N ILE I 331 -59.28 -12.30 41.63
CA ILE I 331 -60.41 -12.97 41.00
C ILE I 331 -60.09 -13.17 39.53
N VAL I 332 -60.17 -14.42 39.07
CA VAL I 332 -59.86 -14.80 37.70
C VAL I 332 -61.16 -15.16 37.01
N ASN I 333 -61.44 -14.51 35.88
CA ASN I 333 -62.64 -14.78 35.12
C ASN I 333 -62.60 -16.18 34.51
N ASP I 334 -63.77 -16.68 34.13
CA ASP I 334 -63.84 -18.02 33.61
C ASP I 334 -63.29 -18.09 32.19
N GLU I 335 -62.86 -19.30 31.81
CA GLU I 335 -62.34 -19.63 30.48
C GLU I 335 -61.13 -18.77 30.11
N LEU I 336 -60.14 -18.76 31.00
CA LEU I 336 -58.90 -18.04 30.76
C LEU I 336 -57.73 -19.02 30.82
N TYR I 337 -56.58 -18.57 30.37
CA TYR I 337 -55.38 -19.39 30.35
C TYR I 337 -54.22 -18.57 30.93
N LEU I 338 -53.66 -19.05 32.04
CA LEU I 338 -52.58 -18.34 32.71
C LEU I 338 -51.35 -19.23 32.72
N ASN I 339 -50.32 -18.79 32.01
CA ASN I 339 -49.07 -19.52 31.86
C ASN I 339 -47.96 -18.59 32.29
N GLY I 340 -47.36 -18.87 33.44
CA GLY I 340 -46.25 -18.07 33.92
C GLY I 340 -46.62 -16.71 34.47
N ALA I 341 -47.90 -16.47 34.72
CA ALA I 341 -48.35 -15.13 35.10
C ALA I 341 -48.24 -14.93 36.60
N SER I 342 -47.38 -14.02 37.01
CA SER I 342 -47.32 -13.57 38.38
C SER I 342 -48.25 -12.37 38.53
N VAL I 343 -49.18 -12.44 39.48
CA VAL I 343 -50.28 -11.50 39.58
C VAL I 343 -50.17 -10.77 40.92
N LEU I 344 -50.27 -9.45 40.87
CA LEU I 344 -50.23 -8.61 42.06
C LEU I 344 -51.55 -8.71 42.82
N PRO I 345 -51.55 -8.38 44.12
CA PRO I 345 -52.79 -8.53 44.90
C PRO I 345 -53.87 -7.53 44.52
N HIS I 346 -55.11 -7.93 44.82
CA HIS I 346 -56.33 -7.15 44.58
C HIS I 346 -56.49 -6.75 43.12
N LYS I 347 -56.27 -7.71 42.23
CA LYS I 347 -56.33 -7.46 40.80
C LYS I 347 -57.21 -8.51 40.15
N SER I 348 -58.14 -8.07 39.31
CA SER I 348 -58.99 -9.00 38.56
C SER I 348 -58.52 -9.10 37.12
N ILE I 349 -58.55 -10.32 36.60
CA ILE I 349 -57.95 -10.64 35.30
C ILE I 349 -59.05 -11.09 34.35
N GLY I 350 -59.14 -10.42 33.20
CA GLY I 350 -60.13 -10.75 32.18
C GLY I 350 -59.54 -11.08 30.83
N GLU I 351 -58.26 -11.46 30.81
CA GLU I 351 -57.56 -11.83 29.58
C GLU I 351 -56.65 -13.01 29.87
N SER I 352 -56.44 -13.85 28.87
CA SER I 352 -55.55 -14.97 29.03
C SER I 352 -54.12 -14.54 28.79
N VAL I 353 -53.20 -15.05 29.61
CA VAL I 353 -51.79 -14.69 29.52
C VAL I 353 -51.08 -15.78 28.74
N PRO I 354 -50.61 -15.52 27.53
CA PRO I 354 -49.97 -16.59 26.76
C PRO I 354 -48.57 -16.92 27.24
N GLU I 355 -47.83 -15.95 27.76
CA GLU I 355 -46.43 -16.10 28.08
C GLU I 355 -46.18 -15.62 29.51
N PRO I 356 -45.11 -16.07 30.15
CA PRO I 356 -44.80 -15.59 31.50
C PRO I 356 -44.47 -14.11 31.55
N ARG I 357 -45.23 -13.38 32.37
CA ARG I 357 -45.05 -11.95 32.58
C ARG I 357 -45.79 -11.57 33.85
N ILE I 358 -45.48 -10.39 34.36
CA ILE I 358 -46.05 -9.90 35.61
C ILE I 358 -47.23 -9.00 35.29
N ILE I 359 -48.37 -9.25 35.93
CA ILE I 359 -49.57 -8.46 35.76
C ILE I 359 -49.75 -7.61 37.00
N MET I 360 -49.87 -6.30 36.82
CA MET I 360 -50.16 -5.41 37.92
C MET I 360 -51.64 -5.05 37.95
N MET J 1 -69.43 28.15 41.76
CA MET J 1 -68.30 28.18 42.68
C MET J 1 -68.20 26.88 43.47
N LYS J 2 -68.37 25.76 42.77
CA LYS J 2 -68.10 24.44 43.32
C LYS J 2 -67.34 23.64 42.27
N ALA J 3 -66.51 22.71 42.74
CA ALA J 3 -65.65 21.94 41.84
C ALA J 3 -65.50 20.52 42.36
N LEU J 4 -65.85 19.55 41.53
CA LEU J 4 -65.69 18.14 41.84
C LEU J 4 -64.45 17.62 41.13
N ILE J 5 -63.52 17.07 41.89
CA ILE J 5 -62.33 16.44 41.34
C ILE J 5 -62.48 14.95 41.55
N LEU J 6 -62.78 14.22 40.46
CA LEU J 6 -62.78 12.77 40.51
C LEU J 6 -61.35 12.30 40.70
N VAL J 7 -61.07 11.60 41.79
CA VAL J 7 -59.80 10.92 41.98
C VAL J 7 -60.08 9.52 42.51
N GLY J 8 -60.18 8.56 41.59
CA GLY J 8 -60.55 7.21 41.99
C GLY J 8 -59.38 6.40 42.50
N GLY J 9 -58.18 6.63 41.97
CA GLY J 9 -57.10 5.75 42.29
C GLY J 9 -57.28 4.42 41.59
N TYR J 10 -56.67 3.38 42.18
CA TYR J 10 -56.50 2.02 41.66
C TYR J 10 -56.19 1.95 40.17
N GLY J 11 -55.30 2.84 39.72
CA GLY J 11 -54.96 2.90 38.32
C GLY J 11 -53.86 1.89 38.03
N THR J 12 -54.08 1.06 37.01
CA THR J 12 -53.02 0.19 36.54
C THR J 12 -51.88 0.99 35.93
N ARG J 13 -52.20 2.16 35.39
CA ARG J 13 -51.18 3.09 34.95
C ARG J 13 -50.42 3.63 36.15
N LEU J 14 -49.13 3.92 35.92
CA LEU J 14 -48.19 4.48 36.92
C LEU J 14 -48.03 3.57 38.14
N ARG J 15 -48.19 2.27 37.95
CA ARG J 15 -48.33 1.32 39.04
C ARG J 15 -47.13 1.10 39.98
N PRO J 16 -45.86 1.11 39.56
CA PRO J 16 -44.80 0.96 40.55
C PRO J 16 -44.67 2.12 41.51
N LEU J 17 -45.07 3.32 41.10
CA LEU J 17 -45.05 4.45 42.03
C LEU J 17 -46.26 4.43 42.95
N THR J 18 -47.44 4.12 42.42
CA THR J 18 -48.67 4.22 43.20
C THR J 18 -48.88 3.08 44.19
N LEU J 19 -47.89 2.21 44.40
CA LEU J 19 -48.02 1.23 45.46
C LEU J 19 -47.87 1.86 46.83
N SER J 20 -46.86 2.72 47.00
CA SER J 20 -46.62 3.31 48.31
C SER J 20 -47.61 4.43 48.60
N THR J 21 -47.66 5.44 47.74
CA THR J 21 -48.50 6.61 47.91
C THR J 21 -49.59 6.60 46.85
N PRO J 22 -50.72 7.26 47.12
CA PRO J 22 -51.77 7.35 46.09
C PRO J 22 -51.33 8.13 44.86
N LYS J 23 -52.11 7.94 43.78
CA LYS J 23 -51.81 8.58 42.50
C LYS J 23 -51.75 10.11 42.52
N PRO J 24 -52.66 10.86 43.15
CA PRO J 24 -52.50 12.32 43.10
C PRO J 24 -51.43 12.87 44.02
N LEU J 25 -50.88 12.05 44.93
CA LEU J 25 -49.87 12.54 45.85
C LEU J 25 -48.45 12.40 45.32
N VAL J 26 -48.28 11.96 44.08
CA VAL J 26 -46.94 11.80 43.53
C VAL J 26 -46.47 13.16 43.01
N ASP J 27 -45.19 13.44 43.17
CA ASP J 27 -44.65 14.77 42.90
C ASP J 27 -44.47 14.99 41.41
N PHE J 28 -45.23 15.93 40.86
CA PHE J 28 -45.08 16.37 39.48
C PHE J 28 -44.52 17.77 39.49
N CYS J 29 -43.24 17.90 39.15
CA CYS J 29 -42.44 19.12 39.34
C CYS J 29 -42.55 19.65 40.77
N ASN J 30 -42.08 18.80 41.68
CA ASN J 30 -41.89 19.09 43.10
C ASN J 30 -43.17 19.37 43.85
N LYS J 31 -44.32 18.97 43.31
CA LYS J 31 -45.56 19.22 44.04
C LYS J 31 -46.56 18.19 43.57
N PRO J 32 -47.50 17.77 44.42
CA PRO J 32 -48.43 16.69 44.05
C PRO J 32 -49.36 17.07 42.89
N ILE J 33 -49.94 16.04 42.29
CA ILE J 33 -50.74 16.25 41.08
C ILE J 33 -52.04 16.96 41.40
N LEU J 34 -52.60 16.67 42.57
CA LEU J 34 -53.84 17.31 42.98
C LEU J 34 -53.59 18.70 43.58
N LEU J 35 -52.32 19.05 43.82
CA LEU J 35 -52.01 20.35 44.39
C LEU J 35 -52.04 21.44 43.33
N HIS J 36 -51.56 21.14 42.11
CA HIS J 36 -51.68 22.09 41.00
C HIS J 36 -53.13 22.42 40.71
N GLN J 37 -53.99 21.40 40.73
CA GLN J 37 -55.40 21.60 40.43
C GLN J 37 -56.10 22.38 41.55
N VAL J 38 -55.77 22.12 42.81
CA VAL J 38 -56.47 22.82 43.87
C VAL J 38 -55.95 24.26 44.05
N GLU J 39 -54.67 24.53 43.78
CA GLU J 39 -54.25 25.94 43.83
C GLU J 39 -54.75 26.71 42.60
N ALA J 40 -54.90 26.04 41.45
CA ALA J 40 -55.51 26.71 40.32
C ALA J 40 -57.00 26.96 40.56
N LEU J 41 -57.63 26.08 41.33
CA LEU J 41 -59.02 26.31 41.71
C LEU J 41 -59.14 27.41 42.75
N ALA J 42 -58.14 27.55 43.62
CA ALA J 42 -58.10 28.69 44.53
C ALA J 42 -57.89 30.00 43.78
N ALA J 43 -57.11 29.97 42.71
CA ALA J 43 -57.03 31.12 41.82
C ALA J 43 -58.31 31.31 41.00
N ALA J 44 -59.12 30.26 40.85
CA ALA J 44 -60.38 30.41 40.13
C ALA J 44 -61.42 31.14 40.97
N GLY J 45 -61.53 30.77 42.25
CA GLY J 45 -62.46 31.42 43.15
C GLY J 45 -63.49 30.52 43.78
N VAL J 46 -63.36 29.20 43.66
CA VAL J 46 -64.32 28.29 44.25
C VAL J 46 -64.11 28.19 45.75
N ASP J 47 -65.18 28.42 46.52
CA ASP J 47 -65.14 28.36 47.97
C ASP J 47 -65.09 26.95 48.53
N HIS J 48 -65.49 25.94 47.77
CA HIS J 48 -65.59 24.58 48.27
C HIS J 48 -65.29 23.61 47.14
N VAL J 49 -64.15 22.92 47.24
CA VAL J 49 -63.82 21.87 46.30
C VAL J 49 -64.06 20.51 46.98
N ILE J 50 -64.86 19.69 46.32
CA ILE J 50 -65.15 18.33 46.74
C ILE J 50 -64.34 17.37 45.90
N LEU J 51 -63.86 16.30 46.53
CA LEU J 51 -63.15 15.25 45.79
C LEU J 51 -63.61 13.88 46.27
N ALA J 52 -63.75 12.95 45.33
CA ALA J 52 -64.34 11.64 45.59
C ALA J 52 -63.30 10.56 45.36
N VAL J 53 -63.02 9.78 46.40
CA VAL J 53 -62.07 8.68 46.32
C VAL J 53 -62.80 7.37 46.59
N SER J 54 -62.10 6.27 46.32
CA SER J 54 -62.61 4.94 46.60
C SER J 54 -61.71 4.18 47.58
N TYR J 55 -60.83 4.88 48.28
CA TYR J 55 -59.90 4.28 49.22
C TYR J 55 -59.70 5.25 50.37
N MET J 56 -59.90 4.76 51.61
CA MET J 56 -60.09 5.64 52.76
C MET J 56 -58.84 6.48 53.03
N SER J 57 -57.70 5.83 53.28
CA SER J 57 -56.35 6.39 53.14
C SER J 57 -56.11 7.61 54.04
N GLN J 58 -55.93 7.29 55.32
CA GLN J 58 -55.60 8.26 56.38
C GLN J 58 -54.49 9.24 56.02
N VAL J 59 -53.53 8.83 55.19
CA VAL J 59 -52.43 9.71 54.79
C VAL J 59 -52.95 10.89 53.97
N LEU J 60 -53.76 10.62 52.95
CA LEU J 60 -54.31 11.68 52.12
C LEU J 60 -55.34 12.51 52.88
N GLU J 61 -56.06 11.87 53.82
CA GLU J 61 -56.90 12.57 54.80
C GLU J 61 -56.14 13.69 55.52
N LYS J 62 -55.06 13.34 56.22
CA LYS J 62 -54.38 14.34 57.04
C LYS J 62 -53.62 15.34 56.16
N GLU J 63 -53.19 14.93 54.97
CA GLU J 63 -52.53 15.85 54.05
C GLU J 63 -53.50 16.90 53.53
N MET J 64 -54.72 16.47 53.18
CA MET J 64 -55.74 17.40 52.71
C MET J 64 -56.18 18.36 53.80
N LYS J 65 -56.31 17.88 55.04
CA LYS J 65 -56.61 18.76 56.18
C LYS J 65 -55.55 19.85 56.34
N ALA J 66 -54.27 19.42 56.37
CA ALA J 66 -53.17 20.34 56.65
C ALA J 66 -52.98 21.36 55.53
N GLN J 67 -53.14 20.94 54.28
CA GLN J 67 -53.06 21.90 53.18
C GLN J 67 -54.33 22.73 53.01
N GLU J 68 -55.46 22.23 53.53
CA GLU J 68 -56.69 23.02 53.55
C GLU J 68 -56.54 24.24 54.43
N GLN J 69 -55.83 24.08 55.56
CA GLN J 69 -55.58 25.21 56.45
C GLN J 69 -54.79 26.31 55.74
N ARG J 70 -53.83 25.92 54.90
CA ARG J 70 -53.00 26.90 54.20
C ARG J 70 -53.73 27.55 53.03
N LEU J 71 -54.55 26.78 52.30
CA LEU J 71 -55.13 27.30 51.07
C LEU J 71 -56.19 28.36 51.34
N GLY J 72 -56.73 28.39 52.55
CA GLY J 72 -57.78 29.32 52.91
C GLY J 72 -59.13 28.97 52.37
N ILE J 73 -59.28 27.80 51.75
CA ILE J 73 -60.56 27.36 51.22
C ILE J 73 -60.88 25.95 51.70
N ARG J 74 -62.12 25.84 52.18
CA ARG J 74 -62.68 24.61 52.70
C ARG J 74 -62.81 23.56 51.61
N ILE J 75 -62.06 22.49 51.81
CA ILE J 75 -62.03 21.32 50.94
C ILE J 75 -62.71 20.16 51.64
N SER J 76 -63.56 19.42 50.91
CA SER J 76 -64.21 18.24 51.48
C SER J 76 -64.06 17.04 50.56
N MET J 77 -64.32 15.87 51.13
CA MET J 77 -63.95 14.60 50.52
C MET J 77 -65.05 13.57 50.78
N SER J 78 -65.37 12.79 49.75
CA SER J 78 -66.40 11.76 49.83
C SER J 78 -65.85 10.43 49.34
N HIS J 79 -66.42 9.34 49.84
CA HIS J 79 -65.94 7.99 49.57
C HIS J 79 -67.03 7.16 48.90
N GLU J 80 -66.66 6.44 47.85
CA GLU J 80 -67.55 5.49 47.19
C GLU J 80 -67.16 4.07 47.60
N GLU J 81 -68.17 3.25 47.82
CA GLU J 81 -67.96 1.89 48.32
C GLU J 81 -67.59 0.92 47.20
N GLU J 82 -68.04 1.18 46.00
CA GLU J 82 -67.69 0.52 44.76
C GLU J 82 -67.03 1.53 43.83
N PRO J 83 -66.25 1.08 42.85
CA PRO J 83 -66.00 1.93 41.68
C PRO J 83 -67.30 2.29 41.00
N LEU J 84 -67.64 3.58 41.03
CA LEU J 84 -68.86 4.09 40.42
C LEU J 84 -68.63 4.59 38.99
N GLY J 85 -67.51 4.24 38.38
CA GLY J 85 -67.20 4.75 37.05
C GLY J 85 -66.87 6.23 37.11
N THR J 86 -66.91 6.87 35.95
CA THR J 86 -66.73 8.31 35.92
C THR J 86 -68.03 9.09 36.05
N ALA J 87 -69.18 8.41 36.09
CA ALA J 87 -70.47 9.07 36.22
C ALA J 87 -70.96 9.09 37.66
N GLY J 88 -71.06 7.91 38.27
CA GLY J 88 -71.51 7.73 39.63
C GLY J 88 -71.03 8.65 40.76
N PRO J 89 -69.77 9.11 40.76
CA PRO J 89 -69.38 10.09 41.80
C PRO J 89 -70.13 11.41 41.71
N LEU J 90 -70.56 11.83 40.52
CA LEU J 90 -71.42 13.00 40.43
C LEU J 90 -72.81 12.71 40.95
N ALA J 91 -73.27 11.47 40.86
CA ALA J 91 -74.61 11.14 41.34
C ALA J 91 -74.66 11.06 42.86
N LEU J 92 -73.69 10.39 43.48
CA LEU J 92 -73.75 10.23 44.94
C LEU J 92 -73.40 11.50 45.69
N ALA J 93 -72.84 12.50 45.01
CA ALA J 93 -72.50 13.78 45.62
C ALA J 93 -73.35 14.92 45.09
N ARG J 94 -74.49 14.62 44.46
CA ARG J 94 -75.32 15.64 43.84
C ARG J 94 -75.98 16.53 44.89
N ASP J 95 -76.35 15.97 46.03
CA ASP J 95 -77.09 16.70 47.05
C ASP J 95 -76.23 17.76 47.73
N LEU J 96 -74.90 17.65 47.63
CA LEU J 96 -74.04 18.72 48.13
C LEU J 96 -73.89 19.82 47.09
N LEU J 97 -73.87 19.45 45.82
CA LEU J 97 -73.72 20.44 44.75
C LEU J 97 -75.03 21.16 44.45
N SER J 98 -76.16 20.64 44.91
CA SER J 98 -77.44 21.23 44.56
C SER J 98 -77.78 22.48 45.36
N GLU J 99 -77.02 22.79 46.42
CA GLU J 99 -77.07 24.12 47.03
C GLU J 99 -76.81 25.26 46.07
N THR J 100 -75.59 25.35 45.56
CA THR J 100 -75.23 26.43 44.68
C THR J 100 -75.89 26.17 43.33
N ALA J 101 -76.98 26.89 43.06
CA ALA J 101 -77.71 26.77 41.79
C ALA J 101 -76.91 27.48 40.70
N ASP J 102 -75.80 26.83 40.33
CA ASP J 102 -74.71 27.38 39.57
C ASP J 102 -74.01 26.21 38.90
N PRO J 103 -73.34 26.44 37.78
CA PRO J 103 -72.57 25.35 37.17
C PRO J 103 -71.28 25.09 37.93
N PHE J 104 -70.93 23.81 38.02
CA PHE J 104 -69.79 23.36 38.80
C PHE J 104 -68.76 22.70 37.90
N PHE J 105 -67.51 22.75 38.35
CA PHE J 105 -66.37 22.17 37.62
C PHE J 105 -66.28 20.67 37.83
N VAL J 106 -65.87 19.95 36.79
CA VAL J 106 -65.52 18.55 36.88
C VAL J 106 -64.14 18.38 36.26
N LEU J 107 -63.19 17.89 37.05
CA LEU J 107 -61.82 17.69 36.62
C LEU J 107 -61.44 16.23 36.82
N ASN J 108 -60.78 15.65 35.83
CA ASN J 108 -60.09 14.40 36.10
C ASN J 108 -58.86 14.66 36.94
N SER J 109 -58.43 13.63 37.67
CA SER J 109 -57.26 13.76 38.53
C SER J 109 -55.97 13.80 37.72
N ASP J 110 -55.96 13.22 36.54
CA ASP J 110 -54.72 12.98 35.82
C ASP J 110 -54.40 14.03 34.76
N VAL J 111 -55.36 14.87 34.38
CA VAL J 111 -55.07 15.95 33.45
C VAL J 111 -54.31 17.05 34.16
N ILE J 112 -53.18 17.46 33.59
CA ILE J 112 -52.49 18.65 34.06
C ILE J 112 -52.09 19.49 32.85
N CYS J 113 -52.32 20.80 32.97
CA CYS J 113 -52.11 21.81 31.94
C CYS J 113 -52.31 23.15 32.61
N ASP J 114 -52.14 24.22 31.85
CA ASP J 114 -52.55 25.51 32.37
C ASP J 114 -54.07 25.58 32.29
N PHE J 115 -54.72 25.73 33.43
CA PHE J 115 -56.16 25.56 33.50
C PHE J 115 -56.84 26.90 33.26
N PRO J 116 -57.58 27.07 32.16
CA PRO J 116 -58.24 28.36 31.89
C PRO J 116 -59.61 28.43 32.58
N PHE J 117 -59.58 28.54 33.90
CA PHE J 117 -60.80 28.41 34.70
C PHE J 117 -61.71 29.62 34.53
N GLN J 118 -61.16 30.84 34.67
CA GLN J 118 -61.96 32.05 34.53
C GLN J 118 -62.47 32.21 33.10
N ALA J 119 -61.62 31.85 32.12
CA ALA J 119 -62.05 31.84 30.73
C ALA J 119 -63.19 30.85 30.50
N MET J 120 -63.15 29.70 31.17
CA MET J 120 -64.19 28.71 30.95
C MET J 120 -65.51 29.09 31.62
N VAL J 121 -65.45 29.73 32.80
CA VAL J 121 -66.67 30.24 33.42
C VAL J 121 -67.29 31.34 32.56
N GLN J 122 -66.45 32.22 31.99
CA GLN J 122 -66.95 33.27 31.12
C GLN J 122 -67.61 32.70 29.87
N PHE J 123 -66.95 31.73 29.22
CA PHE J 123 -67.52 31.11 28.03
C PHE J 123 -68.79 30.33 28.35
N HIS J 124 -68.83 29.64 29.50
CA HIS J 124 -70.00 28.84 29.83
C HIS J 124 -71.21 29.70 30.12
N ARG J 125 -71.01 30.84 30.80
CA ARG J 125 -72.14 31.75 30.98
C ARG J 125 -72.53 32.40 29.66
N HIS J 126 -71.54 32.64 28.78
CA HIS J 126 -71.83 33.31 27.51
C HIS J 126 -72.66 32.44 26.58
N HIS J 127 -72.39 31.14 26.53
CA HIS J 127 -73.15 30.29 25.62
C HIS J 127 -74.49 29.84 26.20
N GLY J 128 -74.59 29.70 27.52
CA GLY J 128 -75.86 29.56 28.19
C GLY J 128 -76.45 28.17 28.29
N GLN J 129 -75.92 27.19 27.56
CA GLN J 129 -76.52 25.86 27.57
C GLN J 129 -75.99 25.05 28.75
N GLU J 130 -76.39 23.78 28.82
CA GLU J 130 -76.28 23.02 30.08
C GLU J 130 -74.88 22.48 30.33
N GLY J 131 -74.22 21.93 29.32
CA GLY J 131 -72.92 21.34 29.54
C GLY J 131 -71.81 21.89 28.66
N SER J 132 -70.64 22.14 29.23
CA SER J 132 -69.51 22.59 28.45
C SER J 132 -68.30 21.70 28.71
N ILE J 133 -67.53 21.50 27.65
CA ILE J 133 -66.39 20.59 27.60
C ILE J 133 -65.22 21.36 27.02
N LEU J 134 -64.05 21.23 27.63
CA LEU J 134 -62.82 21.74 27.05
C LEU J 134 -62.25 20.72 26.08
N VAL J 135 -61.71 21.19 24.96
CA VAL J 135 -61.09 20.31 23.98
C VAL J 135 -59.67 20.79 23.70
N THR J 136 -58.84 19.84 23.28
CA THR J 136 -57.52 20.14 22.74
C THR J 136 -57.35 19.28 21.50
N LYS J 137 -56.18 19.35 20.88
CA LYS J 137 -55.90 18.51 19.72
C LYS J 137 -54.43 18.10 19.72
N VAL J 138 -54.19 16.79 19.57
CA VAL J 138 -52.89 16.20 19.84
C VAL J 138 -52.47 15.29 18.68
N GLU J 139 -51.34 14.60 18.90
CA GLU J 139 -50.78 13.55 18.05
C GLU J 139 -51.78 12.53 17.53
N GLU J 140 -52.37 11.76 18.44
CA GLU J 140 -53.08 10.54 18.07
C GLU J 140 -54.40 10.47 18.81
N PRO J 141 -55.53 10.30 18.11
CA PRO J 141 -56.84 10.50 18.73
C PRO J 141 -57.52 9.25 19.26
N SER J 142 -57.01 8.04 18.98
CA SER J 142 -57.61 6.82 19.51
C SER J 142 -57.40 6.67 21.01
N LYS J 143 -56.51 7.48 21.58
CA LYS J 143 -56.15 7.40 22.98
C LYS J 143 -57.28 7.91 23.86
N TYR J 144 -58.00 8.94 23.41
CA TYR J 144 -58.93 9.68 24.23
C TYR J 144 -60.23 9.95 23.46
N GLY J 145 -61.19 10.58 24.16
CA GLY J 145 -62.51 10.80 23.59
C GLY J 145 -62.50 11.93 22.56
N VAL J 146 -63.21 11.70 21.45
CA VAL J 146 -63.09 12.54 20.27
C VAL J 146 -64.42 13.22 19.98
N VAL J 147 -64.35 14.53 19.72
CA VAL J 147 -65.50 15.37 19.43
C VAL J 147 -65.45 15.78 17.96
N VAL J 148 -66.58 16.30 17.47
CA VAL J 148 -66.60 17.22 16.35
C VAL J 148 -67.45 18.42 16.76
N CYS J 149 -67.03 19.61 16.36
CA CYS J 149 -67.74 20.81 16.77
C CYS J 149 -67.61 21.89 15.70
N GLU J 150 -68.29 23.01 15.93
CA GLU J 150 -68.45 24.11 15.00
C GLU J 150 -67.53 25.26 15.40
N ALA J 151 -67.55 26.31 14.59
CA ALA J 151 -66.52 27.36 14.67
C ALA J 151 -66.80 28.38 15.77
N ASP J 152 -67.88 29.15 15.63
CA ASP J 152 -68.05 30.33 16.48
C ASP J 152 -68.93 30.06 17.68
N THR J 153 -70.02 29.31 17.52
CA THR J 153 -70.78 28.86 18.67
C THR J 153 -70.01 27.79 19.44
N GLY J 154 -69.47 26.80 18.72
CA GLY J 154 -68.77 25.71 19.36
C GLY J 154 -69.66 24.57 19.78
N ARG J 155 -70.80 24.40 19.14
CA ARG J 155 -71.72 23.33 19.48
C ARG J 155 -71.17 21.99 19.00
N ILE J 156 -71.23 20.99 19.87
CA ILE J 156 -70.69 19.67 19.57
C ILE J 156 -71.75 18.86 18.84
N HIS J 157 -71.47 18.53 17.58
CA HIS J 157 -72.41 17.71 16.81
C HIS J 157 -72.36 16.25 17.21
N ARG J 158 -71.17 15.74 17.56
CA ARG J 158 -71.04 14.31 17.82
C ARG J 158 -69.84 14.08 18.72
N PHE J 159 -69.96 13.04 19.54
CA PHE J 159 -69.00 12.65 20.58
C PHE J 159 -68.81 11.15 20.51
N VAL J 160 -67.60 10.70 20.83
CA VAL J 160 -67.34 9.26 20.91
C VAL J 160 -66.22 9.01 21.92
N GLU J 161 -66.21 7.80 22.49
CA GLU J 161 -65.17 7.43 23.46
C GLU J 161 -63.86 7.10 22.76
N LYS J 162 -63.90 6.28 21.73
CA LYS J 162 -62.73 5.99 20.92
C LYS J 162 -63.15 5.98 19.45
N PRO J 163 -62.51 6.78 18.59
CA PRO J 163 -63.05 7.02 17.25
C PRO J 163 -62.94 5.86 16.27
N GLN J 164 -61.76 5.21 16.21
CA GLN J 164 -61.39 4.09 15.33
C GLN J 164 -61.45 4.39 13.84
N VAL J 165 -61.75 5.63 13.43
CA VAL J 165 -61.98 5.95 12.03
C VAL J 165 -61.24 7.24 11.67
N PHE J 166 -60.65 7.88 12.68
CA PHE J 166 -60.05 9.23 12.59
C PHE J 166 -61.07 10.23 12.05
N VAL J 167 -62.12 10.44 12.85
CA VAL J 167 -63.18 11.34 12.42
C VAL J 167 -62.79 12.80 12.62
N SER J 168 -61.88 13.08 13.55
CA SER J 168 -61.43 14.44 13.81
C SER J 168 -60.11 14.38 14.58
N ASN J 169 -59.34 15.46 14.44
CA ASN J 169 -58.09 15.60 15.19
C ASN J 169 -58.34 16.00 16.64
N LYS J 170 -59.57 16.37 17.00
CA LYS J 170 -59.84 16.94 18.31
C LYS J 170 -60.08 15.84 19.36
N ILE J 171 -59.78 16.20 20.61
CA ILE J 171 -59.80 15.32 21.77
C ILE J 171 -60.42 16.09 22.93
N ASN J 172 -61.27 15.40 23.69
CA ASN J 172 -61.78 15.93 24.94
C ASN J 172 -60.63 16.18 25.92
N ALA J 173 -60.48 17.42 26.35
CA ALA J 173 -59.36 17.83 27.19
C ALA J 173 -59.54 17.47 28.65
N GLY J 174 -60.71 16.94 29.04
CA GLY J 174 -60.88 16.46 30.38
C GLY J 174 -61.33 17.48 31.39
N MET J 175 -61.79 18.65 30.96
CA MET J 175 -62.34 19.68 31.84
C MET J 175 -63.80 19.87 31.47
N TYR J 176 -64.68 19.79 32.44
CA TYR J 176 -66.09 19.98 32.16
C TYR J 176 -66.69 20.98 33.13
N ILE J 177 -67.79 21.61 32.70
CA ILE J 177 -68.58 22.48 33.54
C ILE J 177 -70.05 22.11 33.32
N LEU J 178 -70.70 21.68 34.39
CA LEU J 178 -72.09 21.25 34.29
C LEU J 178 -73.04 22.02 35.16
N SER J 179 -74.26 22.18 34.65
CA SER J 179 -75.32 22.89 35.34
C SER J 179 -75.97 21.98 36.37
N PRO J 180 -76.82 22.53 37.26
CA PRO J 180 -77.56 21.63 38.17
C PRO J 180 -78.57 20.72 37.50
N ALA J 181 -78.95 20.97 36.25
CA ALA J 181 -79.95 20.15 35.59
C ALA J 181 -79.36 18.95 34.85
N VAL J 182 -78.05 18.78 34.85
CA VAL J 182 -77.49 17.57 34.25
C VAL J 182 -77.61 16.41 35.22
N LEU J 183 -77.61 16.68 36.52
CA LEU J 183 -77.67 15.62 37.50
C LEU J 183 -79.08 15.08 37.69
N GLN J 184 -80.07 15.70 37.05
CA GLN J 184 -81.39 15.11 36.92
C GLN J 184 -81.35 13.92 35.98
N ARG J 185 -80.46 13.98 34.99
CA ARG J 185 -80.39 12.95 33.96
C ARG J 185 -79.76 11.67 34.48
N ILE J 186 -78.77 11.76 35.33
CA ILE J 186 -78.02 10.59 35.77
C ILE J 186 -78.79 9.88 36.88
N GLN J 187 -78.75 8.55 36.87
CA GLN J 187 -79.27 7.74 37.96
C GLN J 187 -78.18 7.50 38.99
N LEU J 188 -78.53 6.81 40.07
CA LEU J 188 -77.56 6.55 41.13
C LEU J 188 -76.62 5.40 40.81
N GLN J 189 -76.97 4.56 39.84
CA GLN J 189 -76.19 3.37 39.56
C GLN J 189 -74.91 3.72 38.79
N PRO J 190 -73.86 2.92 38.92
CA PRO J 190 -72.58 3.24 38.27
C PRO J 190 -72.59 3.08 36.75
N THR J 191 -72.26 4.16 36.04
CA THR J 191 -71.84 4.15 34.64
C THR J 191 -70.61 5.07 34.52
N SER J 192 -70.26 5.41 33.27
CA SER J 192 -69.20 6.37 32.99
C SER J 192 -69.79 7.61 32.33
N ILE J 193 -69.32 8.80 32.73
CA ILE J 193 -70.03 10.04 32.37
C ILE J 193 -69.81 10.41 30.91
N GLU J 194 -68.61 10.13 30.37
CA GLU J 194 -68.29 10.48 28.99
C GLU J 194 -69.22 9.72 28.04
N LYS J 195 -69.13 8.40 28.11
CA LYS J 195 -69.65 7.49 27.10
C LYS J 195 -71.17 7.52 27.04
N GLU J 196 -71.81 7.54 28.21
CA GLU J 196 -73.27 7.56 28.27
C GLU J 196 -73.83 8.98 28.27
N VAL J 197 -73.31 9.87 29.12
CA VAL J 197 -73.98 11.15 29.31
C VAL J 197 -73.75 12.07 28.12
N PHE J 198 -72.51 12.15 27.61
CA PHE J 198 -72.21 13.14 26.60
C PHE J 198 -72.81 12.80 25.24
N PRO J 199 -73.09 11.52 24.93
CA PRO J 199 -73.70 11.19 23.63
C PRO J 199 -75.14 11.66 23.46
N ILE J 200 -76.00 11.41 24.44
CA ILE J 200 -77.38 11.88 24.37
C ILE J 200 -77.43 13.40 24.48
N MET J 201 -76.50 13.98 25.26
CA MET J 201 -76.35 15.42 25.31
C MET J 201 -75.90 16.00 23.96
N ALA J 202 -75.10 15.24 23.21
CA ALA J 202 -74.65 15.69 21.90
C ALA J 202 -75.75 15.55 20.87
N LYS J 203 -76.66 14.61 21.09
CA LYS J 203 -77.90 14.60 20.32
C LYS J 203 -78.71 15.86 20.59
N GLU J 204 -78.81 16.26 21.85
CA GLU J 204 -79.52 17.49 22.17
C GLU J 204 -78.71 18.75 21.85
N GLY J 205 -77.40 18.64 21.71
CA GLY J 205 -76.58 19.77 21.33
C GLY J 205 -76.33 20.79 22.42
N GLN J 206 -76.56 20.43 23.69
CA GLN J 206 -76.36 21.39 24.77
C GLN J 206 -74.90 21.54 25.16
N LEU J 207 -74.09 20.53 24.86
CA LEU J 207 -72.67 20.57 25.20
C LEU J 207 -71.96 21.51 24.23
N TYR J 208 -70.94 22.21 24.73
CA TYR J 208 -70.22 23.13 23.86
C TYR J 208 -68.73 23.01 24.14
N ALA J 209 -67.93 23.06 23.09
CA ALA J 209 -66.51 22.81 23.18
C ALA J 209 -65.73 24.12 23.25
N MET J 210 -64.77 24.18 24.17
CA MET J 210 -63.95 25.37 24.34
C MET J 210 -62.50 25.06 23.96
N GLU J 211 -61.91 26.00 23.24
CA GLU J 211 -60.53 25.95 22.81
C GLU J 211 -59.59 25.89 24.02
N LEU J 212 -58.48 25.17 23.89
CA LEU J 212 -57.43 25.25 24.90
C LEU J 212 -56.08 25.50 24.24
N GLN J 213 -55.35 26.47 24.79
CA GLN J 213 -54.25 27.13 24.10
C GLN J 213 -52.92 26.41 24.22
N GLY J 214 -52.62 25.79 25.37
CA GLY J 214 -51.29 25.24 25.52
C GLY J 214 -51.07 24.01 26.39
N PHE J 215 -50.15 23.17 25.89
CA PHE J 215 -49.41 22.10 26.61
C PHE J 215 -50.29 21.21 27.49
N TRP J 216 -51.42 20.78 26.94
CA TRP J 216 -52.22 19.74 27.60
C TRP J 216 -51.48 18.41 27.57
N MET J 217 -51.44 17.74 28.73
CA MET J 217 -50.93 16.38 28.79
C MET J 217 -51.61 15.65 29.93
N ASP J 218 -51.83 14.36 29.73
CA ASP J 218 -52.53 13.50 30.67
C ASP J 218 -51.52 12.56 31.30
N ILE J 219 -51.17 12.81 32.56
CA ILE J 219 -50.12 11.99 33.15
C ILE J 219 -50.74 10.75 33.80
N GLY J 220 -51.12 9.78 32.97
CA GLY J 220 -51.52 8.49 33.49
C GLY J 220 -50.40 7.49 33.36
N GLN J 221 -49.91 7.32 32.14
CA GLN J 221 -48.82 6.41 31.85
C GLN J 221 -47.51 7.03 32.28
N PRO J 222 -46.47 6.23 32.49
CA PRO J 222 -45.16 6.82 32.82
C PRO J 222 -44.50 7.59 31.69
N LYS J 223 -44.72 7.20 30.43
CA LYS J 223 -44.14 7.94 29.32
C LYS J 223 -44.78 9.32 29.28
N ASP J 224 -46.09 9.34 29.50
CA ASP J 224 -46.85 10.58 29.52
C ASP J 224 -46.52 11.41 30.75
N PHE J 225 -46.11 10.76 31.85
CA PHE J 225 -45.58 11.48 33.00
C PHE J 225 -44.30 12.23 32.61
N LEU J 226 -43.39 11.56 31.92
CA LEU J 226 -42.13 12.21 31.57
C LEU J 226 -42.30 13.29 30.52
N THR J 227 -43.11 13.04 29.49
CA THR J 227 -43.29 14.07 28.48
C THR J 227 -44.19 15.21 28.96
N GLY J 228 -45.07 14.95 29.95
CA GLY J 228 -45.82 16.04 30.53
C GLY J 228 -44.98 16.90 31.44
N MET J 229 -44.04 16.30 32.15
CA MET J 229 -43.06 17.07 32.91
C MET J 229 -42.21 17.93 31.98
N CYS J 230 -41.74 17.34 30.88
CA CYS J 230 -40.93 18.07 29.91
C CYS J 230 -41.72 19.19 29.25
N LEU J 231 -43.01 18.99 29.01
CA LEU J 231 -43.83 20.05 28.42
C LEU J 231 -44.18 21.14 29.42
N PHE J 232 -44.37 20.78 30.69
CA PHE J 232 -44.68 21.77 31.72
C PHE J 232 -43.48 22.66 32.01
N LEU J 233 -42.26 22.11 31.91
CA LEU J 233 -41.08 22.93 32.20
C LEU J 233 -40.85 24.02 31.17
N GLN J 234 -41.29 23.81 29.93
CA GLN J 234 -41.11 24.84 28.90
C GLN J 234 -42.05 26.01 29.14
N SER J 235 -43.31 25.72 29.46
CA SER J 235 -44.24 26.78 29.83
C SER J 235 -43.82 27.45 31.13
N LEU J 236 -43.17 26.71 32.04
CA LEU J 236 -42.61 27.35 33.22
C LEU J 236 -41.47 28.27 32.88
N ARG J 237 -40.70 27.96 31.83
CA ARG J 237 -39.63 28.87 31.42
C ARG J 237 -40.21 30.13 30.79
N GLN J 238 -41.27 29.98 30.01
CA GLN J 238 -41.86 31.15 29.34
C GLN J 238 -42.61 32.04 30.32
N LYS J 239 -43.38 31.44 31.22
CA LYS J 239 -44.11 32.22 32.23
C LYS J 239 -43.16 32.79 33.28
N GLN J 240 -42.45 31.93 34.01
CA GLN J 240 -41.62 32.34 35.15
C GLN J 240 -40.19 31.81 34.97
N PRO J 241 -39.35 32.52 34.20
CA PRO J 241 -38.01 32.00 33.94
C PRO J 241 -37.09 32.01 35.15
N GLU J 242 -37.38 32.83 36.15
CA GLU J 242 -36.62 32.95 37.37
C GLU J 242 -36.81 31.78 38.34
N ARG J 243 -37.84 30.96 38.13
CA ARG J 243 -38.03 29.79 38.98
C ARG J 243 -37.04 28.68 38.65
N LEU J 244 -36.73 28.48 37.37
CA LEU J 244 -35.87 27.38 36.95
C LEU J 244 -34.42 27.66 37.28
N CYS J 245 -33.64 26.59 37.40
CA CYS J 245 -32.26 26.67 37.86
C CYS J 245 -31.31 26.81 36.68
N SER J 246 -30.45 27.83 36.73
CA SER J 246 -29.39 28.01 35.77
C SER J 246 -28.04 27.96 36.47
N GLY J 247 -27.07 27.30 35.84
CA GLY J 247 -25.74 27.18 36.37
C GLY J 247 -24.76 26.81 35.27
N PRO J 248 -23.50 26.53 35.64
CA PRO J 248 -22.52 26.12 34.62
C PRO J 248 -22.79 24.75 34.03
N GLY J 249 -22.96 23.74 34.88
CA GLY J 249 -23.16 22.39 34.38
C GLY J 249 -24.55 22.14 33.86
N ILE J 250 -25.51 22.95 34.27
CA ILE J 250 -26.91 22.76 33.89
C ILE J 250 -27.10 23.15 32.43
N VAL J 251 -27.67 22.25 31.66
CA VAL J 251 -28.00 22.47 30.26
C VAL J 251 -29.51 22.53 30.12
N GLY J 252 -30.01 23.56 29.45
CA GLY J 252 -31.44 23.68 29.27
C GLY J 252 -32.15 24.08 30.55
N ASN J 253 -33.45 23.81 30.56
CA ASN J 253 -34.32 24.26 31.65
C ASN J 253 -34.49 23.14 32.68
N VAL J 254 -33.94 23.36 33.87
CA VAL J 254 -33.96 22.41 34.97
C VAL J 254 -34.58 23.07 36.19
N LEU J 255 -35.56 22.40 36.79
CA LEU J 255 -36.19 22.87 38.01
C LEU J 255 -35.63 22.08 39.19
N VAL J 256 -34.93 22.75 40.10
CA VAL J 256 -34.29 22.10 41.23
C VAL J 256 -34.85 22.70 42.52
N ASP J 257 -35.22 21.84 43.46
CA ASP J 257 -35.64 22.29 44.78
C ASP J 257 -34.44 22.79 45.58
N PRO J 258 -34.63 23.76 46.47
CA PRO J 258 -33.50 24.26 47.29
C PRO J 258 -32.86 23.22 48.22
N SER J 259 -33.58 22.18 48.60
CA SER J 259 -32.97 21.16 49.46
C SER J 259 -32.09 20.20 48.68
N ALA J 260 -32.19 20.21 47.36
CA ALA J 260 -31.43 19.27 46.53
C ALA J 260 -30.05 19.83 46.25
N ARG J 261 -29.01 19.12 46.67
CA ARG J 261 -27.64 19.50 46.35
C ARG J 261 -27.15 18.68 45.17
N ILE J 262 -26.35 19.31 44.33
CA ILE J 262 -25.78 18.69 43.14
C ILE J 262 -24.28 18.87 43.20
N GLY J 263 -23.54 17.77 43.10
CA GLY J 263 -22.09 17.84 43.16
C GLY J 263 -21.49 18.48 41.92
N GLN J 264 -20.16 18.61 41.93
CA GLN J 264 -19.51 19.29 40.82
C GLN J 264 -19.13 18.31 39.72
N ASN J 265 -18.78 18.88 38.56
CA ASN J 265 -18.40 18.17 37.35
C ASN J 265 -19.47 17.17 36.91
N CYS J 266 -20.67 17.69 36.68
CA CYS J 266 -21.76 16.85 36.20
C CYS J 266 -22.74 17.70 35.42
N SER J 267 -23.35 17.11 34.41
CA SER J 267 -24.13 17.83 33.40
C SER J 267 -25.60 17.45 33.48
N ILE J 268 -26.35 18.17 34.30
CA ILE J 268 -27.79 17.97 34.36
C ILE J 268 -28.42 18.51 33.08
N GLY J 269 -28.95 17.60 32.26
CA GLY J 269 -29.39 17.95 30.93
C GLY J 269 -30.75 18.59 30.89
N PRO J 270 -31.34 18.66 29.71
CA PRO J 270 -32.60 19.40 29.57
C PRO J 270 -33.79 18.65 30.12
N ASN J 271 -34.77 19.41 30.59
CA ASN J 271 -36.08 18.93 31.07
C ASN J 271 -35.94 17.98 32.25
N VAL J 272 -35.21 18.40 33.27
CA VAL J 272 -34.97 17.62 34.46
C VAL J 272 -35.59 18.32 35.66
N SER J 273 -36.26 17.56 36.53
CA SER J 273 -36.73 18.07 37.80
C SER J 273 -36.18 17.21 38.92
N LEU J 274 -35.49 17.83 39.86
CA LEU J 274 -34.95 17.15 41.04
C LEU J 274 -35.77 17.52 42.25
N GLY J 275 -36.16 16.53 43.03
CA GLY J 275 -37.09 16.74 44.11
C GLY J 275 -36.42 17.36 45.32
N PRO J 276 -37.22 17.55 46.37
CA PRO J 276 -36.67 18.07 47.63
C PRO J 276 -35.83 17.03 48.34
N GLY J 277 -34.59 17.39 48.66
CA GLY J 277 -33.75 16.59 49.51
C GLY J 277 -32.93 15.52 48.83
N VAL J 278 -32.76 15.59 47.51
CA VAL J 278 -31.98 14.58 46.82
C VAL J 278 -30.49 14.91 46.99
N VAL J 279 -29.66 13.89 46.80
CA VAL J 279 -28.22 14.03 46.81
C VAL J 279 -27.73 13.49 45.48
N VAL J 280 -27.10 14.35 44.68
CA VAL J 280 -26.55 13.96 43.40
C VAL J 280 -25.04 14.09 43.50
N GLU J 281 -24.34 12.97 43.38
CA GLU J 281 -22.90 12.97 43.58
C GLU J 281 -22.19 13.51 42.34
N ASP J 282 -20.87 13.48 42.36
CA ASP J 282 -20.09 14.11 41.31
C ASP J 282 -19.99 13.21 40.08
N GLY J 283 -20.32 13.74 38.92
CA GLY J 283 -20.19 13.00 37.69
C GLY J 283 -21.45 12.40 37.14
N VAL J 284 -22.63 12.83 37.58
CA VAL J 284 -23.90 12.26 37.18
C VAL J 284 -24.50 13.10 36.06
N CYS J 285 -24.65 12.52 34.88
CA CYS J 285 -25.36 13.17 33.80
C CYS J 285 -26.81 12.70 33.80
N ILE J 286 -27.74 13.64 33.82
CA ILE J 286 -29.17 13.34 33.95
C ILE J 286 -29.91 14.18 32.94
N ARG J 287 -30.62 13.52 32.02
CA ARG J 287 -31.39 14.19 30.99
C ARG J 287 -32.82 13.67 30.97
N ARG J 288 -33.78 14.59 30.77
CA ARG J 288 -35.21 14.28 30.59
C ARG J 288 -35.80 13.42 31.70
N CYS J 289 -35.35 13.66 32.93
CA CYS J 289 -35.61 12.75 34.03
C CYS J 289 -36.23 13.46 35.22
N THR J 290 -37.05 12.73 35.96
CA THR J 290 -37.68 13.20 37.18
C THR J 290 -37.16 12.37 38.35
N VAL J 291 -36.53 13.04 39.31
CA VAL J 291 -36.06 12.39 40.54
C VAL J 291 -36.94 12.88 41.67
N LEU J 292 -37.63 11.97 42.35
CA LEU J 292 -38.50 12.34 43.45
C LEU J 292 -37.65 12.55 44.70
N ARG J 293 -38.31 12.70 45.86
CA ARG J 293 -37.63 13.16 47.05
C ARG J 293 -36.73 12.09 47.66
N ASP J 294 -35.71 12.55 48.39
CA ASP J 294 -34.78 11.74 49.19
C ASP J 294 -33.97 10.73 48.39
N ALA J 295 -33.90 10.85 47.07
CA ALA J 295 -33.22 9.85 46.27
C ALA J 295 -31.77 10.25 46.05
N ARG J 296 -30.85 9.38 46.45
CA ARG J 296 -29.43 9.61 46.25
C ARG J 296 -28.97 8.90 44.99
N ILE J 297 -28.33 9.65 44.10
CA ILE J 297 -27.73 9.09 42.89
C ILE J 297 -26.23 9.23 43.02
N ARG J 298 -25.52 8.11 42.93
CA ARG J 298 -24.08 8.12 43.18
C ARG J 298 -23.31 8.42 41.91
N SER J 299 -21.99 8.42 42.05
CA SER J 299 -21.09 9.07 41.11
C SER J 299 -20.99 8.32 39.79
N HIS J 300 -20.60 9.06 38.76
CA HIS J 300 -20.27 8.57 37.42
C HIS J 300 -21.44 7.88 36.72
N SER J 301 -22.66 8.23 37.05
CA SER J 301 -23.81 7.54 36.51
C SER J 301 -24.38 8.31 35.33
N TRP J 302 -25.33 7.70 34.64
CA TRP J 302 -25.97 8.30 33.47
C TRP J 302 -27.44 7.93 33.51
N LEU J 303 -28.32 8.91 33.39
CA LEU J 303 -29.75 8.65 33.53
C LEU J 303 -30.50 9.48 32.51
N GLU J 304 -31.03 8.84 31.48
CA GLU J 304 -31.90 9.53 30.53
C GLU J 304 -33.29 8.94 30.63
N SER J 305 -34.27 9.81 30.87
CA SER J 305 -35.69 9.50 30.77
C SER J 305 -36.10 8.37 31.70
N CYS J 306 -36.04 8.62 32.99
CA CYS J 306 -36.45 7.62 33.97
C CYS J 306 -36.96 8.31 35.23
N ILE J 307 -38.02 7.78 35.81
CA ILE J 307 -38.51 8.26 37.08
C ILE J 307 -37.85 7.47 38.19
N VAL J 308 -37.20 8.16 39.12
CA VAL J 308 -36.51 7.54 40.23
C VAL J 308 -37.27 7.87 41.50
N GLY J 309 -37.74 6.85 42.21
CA GLY J 309 -38.70 7.03 43.27
C GLY J 309 -38.12 7.61 44.55
N TRP J 310 -38.90 7.49 45.61
CA TRP J 310 -38.50 8.03 46.90
C TRP J 310 -37.47 7.13 47.57
N ARG J 311 -36.44 7.77 48.15
CA ARG J 311 -35.41 7.14 48.97
C ARG J 311 -34.60 6.10 48.22
N CYS J 312 -34.47 6.24 46.91
CA CYS J 312 -33.69 5.26 46.17
C CYS J 312 -32.21 5.51 46.33
N ARG J 313 -31.45 4.47 46.04
CA ARG J 313 -29.99 4.53 45.99
C ARG J 313 -29.58 3.96 44.66
N VAL J 314 -29.02 4.80 43.79
CA VAL J 314 -28.55 4.36 42.50
C VAL J 314 -27.04 4.26 42.58
N GLY J 315 -26.51 3.08 42.30
CA GLY J 315 -25.09 2.84 42.44
C GLY J 315 -24.29 3.53 41.35
N GLN J 316 -22.98 3.32 41.42
CA GLN J 316 -22.08 4.01 40.52
C GLN J 316 -22.03 3.33 39.16
N TRP J 317 -21.87 4.14 38.11
CA TRP J 317 -21.86 3.73 36.71
C TRP J 317 -23.15 2.99 36.31
N VAL J 318 -24.26 3.39 36.87
CA VAL J 318 -25.54 2.82 36.50
C VAL J 318 -26.11 3.64 35.35
N ARG J 319 -26.44 2.98 34.25
CA ARG J 319 -27.05 3.62 33.11
C ARG J 319 -28.50 3.19 33.01
N MET J 320 -29.41 4.15 33.04
CA MET J 320 -30.84 3.88 32.96
C MET J 320 -31.42 4.65 31.79
N GLU J 321 -32.27 3.99 31.01
CA GLU J 321 -32.89 4.64 29.86
C GLU J 321 -34.29 4.08 29.60
N ASN J 322 -34.98 4.68 28.64
CA ASN J 322 -36.32 4.26 28.25
C ASN J 322 -37.34 4.11 29.38
N VAL J 323 -37.78 5.24 29.92
CA VAL J 323 -38.78 5.33 30.98
C VAL J 323 -38.81 4.22 32.04
N THR J 324 -37.66 3.89 32.61
CA THR J 324 -37.60 2.88 33.65
C THR J 324 -38.10 3.52 34.94
N VAL J 325 -39.11 2.95 35.57
CA VAL J 325 -39.61 3.56 36.79
C VAL J 325 -39.07 2.76 37.96
N LEU J 326 -38.43 3.44 38.90
CA LEU J 326 -37.99 2.80 40.12
C LEU J 326 -39.00 3.10 41.22
N GLY J 327 -39.39 2.07 41.95
CA GLY J 327 -40.35 2.25 43.03
C GLY J 327 -39.72 2.89 44.24
N GLU J 328 -40.47 2.86 45.34
CA GLU J 328 -39.98 3.42 46.58
C GLU J 328 -38.92 2.52 47.19
N ASP J 329 -37.79 3.12 47.62
CA ASP J 329 -36.70 2.44 48.33
C ASP J 329 -36.06 1.35 47.48
N VAL J 330 -35.60 1.72 46.29
CA VAL J 330 -34.95 0.79 45.38
C VAL J 330 -33.45 0.99 45.47
N ILE J 331 -32.71 -0.09 45.72
CA ILE J 331 -31.26 -0.06 45.77
C ILE J 331 -30.73 -0.71 44.50
N VAL J 332 -29.96 0.03 43.73
CA VAL J 332 -29.37 -0.47 42.49
C VAL J 332 -27.87 -0.62 42.71
N ASN J 333 -27.35 -1.81 42.44
CA ASN J 333 -25.93 -2.08 42.66
C ASN J 333 -25.08 -1.36 41.63
N ASP J 334 -23.77 -1.47 41.80
CA ASP J 334 -22.85 -0.75 40.94
C ASP J 334 -22.83 -1.34 39.54
N GLU J 335 -22.44 -0.49 38.58
CA GLU J 335 -22.16 -0.78 37.16
C GLU J 335 -23.20 -1.69 36.50
N LEU J 336 -24.47 -1.50 36.83
CA LEU J 336 -25.55 -2.22 36.18
C LEU J 336 -26.12 -1.38 35.05
N TYR J 337 -27.16 -1.91 34.42
CA TYR J 337 -27.75 -1.26 33.26
C TYR J 337 -29.22 -1.61 33.22
N LEU J 338 -30.08 -0.59 33.14
CA LEU J 338 -31.51 -0.75 33.20
C LEU J 338 -32.16 -0.05 32.02
N ASN J 339 -32.84 -0.82 31.18
CA ASN J 339 -33.52 -0.28 30.02
C ASN J 339 -34.96 -0.76 30.04
N GLY J 340 -35.88 0.16 30.30
CA GLY J 340 -37.29 -0.15 30.16
C GLY J 340 -37.95 -0.77 31.37
N ALA J 341 -37.20 -1.03 32.43
CA ALA J 341 -37.64 -1.92 33.50
C ALA J 341 -38.35 -1.15 34.60
N SER J 342 -39.65 -1.40 34.76
CA SER J 342 -40.32 -0.98 35.98
C SER J 342 -39.88 -1.87 37.13
N VAL J 343 -39.53 -1.27 38.26
CA VAL J 343 -39.04 -2.01 39.42
C VAL J 343 -40.00 -1.79 40.57
N LEU J 344 -40.46 -2.88 41.17
CA LEU J 344 -41.34 -2.82 42.32
C LEU J 344 -40.58 -2.28 43.53
N PRO J 345 -41.29 -1.75 44.53
CA PRO J 345 -40.59 -1.20 45.71
C PRO J 345 -39.85 -2.24 46.53
N HIS J 346 -38.83 -1.75 47.24
CA HIS J 346 -38.02 -2.53 48.19
C HIS J 346 -37.32 -3.71 47.52
N LYS J 347 -36.72 -3.47 46.36
CA LYS J 347 -36.02 -4.51 45.63
C LYS J 347 -34.59 -4.10 45.36
N SER J 348 -33.64 -4.94 45.74
CA SER J 348 -32.24 -4.73 45.45
C SER J 348 -31.88 -5.44 44.16
N ILE J 349 -31.35 -4.67 43.21
CA ILE J 349 -31.04 -5.18 41.89
C ILE J 349 -29.56 -5.37 41.60
N GLY J 350 -29.23 -6.57 41.14
CA GLY J 350 -27.87 -6.92 40.77
C GLY J 350 -27.89 -7.68 39.46
N GLU J 351 -28.96 -7.48 38.68
CA GLU J 351 -29.13 -8.15 37.41
C GLU J 351 -29.51 -7.21 36.27
N SER J 352 -28.54 -6.93 35.42
CA SER J 352 -28.69 -6.07 34.25
C SER J 352 -29.97 -6.43 33.53
N VAL J 353 -30.72 -5.43 33.09
CA VAL J 353 -32.01 -5.67 32.48
C VAL J 353 -31.97 -5.12 31.06
N PRO J 354 -31.43 -5.85 30.09
CA PRO J 354 -31.34 -5.29 28.74
C PRO J 354 -32.64 -5.34 27.97
N GLU J 355 -33.59 -6.04 28.43
CA GLU J 355 -34.89 -6.02 27.79
C GLU J 355 -35.90 -5.29 28.65
N PRO J 356 -36.85 -4.58 28.06
CA PRO J 356 -37.83 -3.87 28.89
C PRO J 356 -38.84 -4.78 29.55
N ARG J 357 -38.49 -5.39 30.67
CA ARG J 357 -39.39 -6.24 31.41
C ARG J 357 -39.59 -5.71 32.82
N ILE J 358 -40.75 -5.99 33.39
CA ILE J 358 -41.05 -5.61 34.77
C ILE J 358 -40.24 -6.48 35.71
N ILE J 359 -39.50 -5.85 36.61
CA ILE J 359 -38.76 -6.54 37.65
C ILE J 359 -39.57 -6.47 38.94
N MET J 360 -39.55 -7.53 39.74
CA MET J 360 -40.30 -7.55 40.98
C MET J 360 -40.32 -6.19 41.66
N MET K 1 71.34 40.64 23.13
CA MET K 1 70.52 40.41 21.94
C MET K 1 70.83 39.07 21.30
N LYS K 2 69.79 38.23 21.15
CA LYS K 2 69.92 36.93 20.50
C LYS K 2 68.80 36.76 19.50
N ALA K 3 68.89 35.69 18.71
CA ALA K 3 67.95 35.46 17.61
C ALA K 3 67.90 33.99 17.27
N LEU K 4 66.71 33.49 17.00
CA LEU K 4 66.49 32.09 16.66
C LEU K 4 65.92 32.01 15.24
N ILE K 5 66.38 31.03 14.47
CA ILE K 5 65.92 30.81 13.10
C ILE K 5 65.39 29.38 13.03
N LEU K 6 64.14 29.24 12.56
CA LEU K 6 63.39 28.00 12.66
C LEU K 6 63.47 27.22 11.35
N VAL K 7 64.36 26.22 11.30
CA VAL K 7 64.56 25.42 10.10
C VAL K 7 64.10 23.99 10.39
N GLY K 8 63.67 23.28 9.35
CA GLY K 8 63.38 21.87 9.47
C GLY K 8 62.15 21.51 8.67
N GLY K 9 61.79 20.23 8.75
CA GLY K 9 60.58 19.71 8.15
C GLY K 9 60.81 18.74 7.02
N TYR K 10 61.90 18.89 6.27
CA TYR K 10 62.46 17.90 5.34
C TYR K 10 61.61 17.64 4.09
N GLY K 11 60.43 18.25 4.01
CA GLY K 11 59.50 17.96 2.92
C GLY K 11 58.44 19.03 2.82
N THR K 12 57.47 18.78 1.92
CA THR K 12 56.27 19.54 1.58
C THR K 12 56.59 20.86 0.86
N ARG K 13 57.86 21.19 0.79
CA ARG K 13 58.41 22.41 0.25
C ARG K 13 58.88 22.14 -1.18
N LEU K 14 59.77 23.00 -1.69
CA LEU K 14 60.23 22.91 -3.06
C LEU K 14 61.04 21.65 -3.27
N ARG K 15 60.33 20.53 -3.39
CA ARG K 15 60.94 19.21 -3.24
C ARG K 15 62.03 18.85 -4.26
N PRO K 16 61.91 19.10 -5.58
CA PRO K 16 63.01 18.68 -6.47
C PRO K 16 64.29 19.47 -6.25
N LEU K 17 64.19 20.67 -5.69
CA LEU K 17 65.38 21.39 -5.28
C LEU K 17 65.87 20.94 -3.91
N THR K 18 64.95 20.62 -3.01
CA THR K 18 65.30 20.20 -1.65
C THR K 18 65.93 18.81 -1.60
N LEU K 19 65.85 18.02 -2.67
CA LEU K 19 66.42 16.68 -2.63
C LEU K 19 67.95 16.67 -2.65
N SER K 20 68.58 17.72 -3.15
CA SER K 20 70.03 17.72 -3.30
C SER K 20 70.73 18.75 -2.41
N THR K 21 70.01 19.75 -1.95
CA THR K 21 70.51 20.82 -1.10
C THR K 21 69.39 21.11 -0.12
N PRO K 22 69.71 21.47 1.13
CA PRO K 22 68.64 21.81 2.08
C PRO K 22 67.88 23.06 1.69
N LYS K 23 66.69 23.18 2.29
CA LYS K 23 65.81 24.33 2.03
C LYS K 23 66.40 25.70 2.35
N PRO K 24 67.09 25.96 3.46
CA PRO K 24 67.60 27.32 3.68
C PRO K 24 68.78 27.69 2.82
N LEU K 25 69.33 26.74 2.08
CA LEU K 25 70.53 27.00 1.28
C LEU K 25 70.27 27.27 -0.20
N VAL K 26 69.12 26.87 -0.70
CA VAL K 26 68.84 27.08 -2.11
C VAL K 26 68.83 28.59 -2.38
N ASP K 27 69.34 28.97 -3.55
CA ASP K 27 69.54 30.37 -3.85
C ASP K 27 68.22 31.06 -4.17
N PHE K 28 68.16 32.35 -3.84
CA PHE K 28 66.98 33.18 -4.06
C PHE K 28 67.50 34.59 -4.37
N CYS K 29 67.51 34.94 -5.66
CA CYS K 29 68.15 36.14 -6.19
C CYS K 29 69.62 36.22 -5.76
N ASN K 30 70.35 35.19 -6.18
CA ASN K 30 71.80 35.03 -6.03
C ASN K 30 72.25 34.97 -4.57
N LYS K 31 71.36 34.62 -3.66
CA LYS K 31 71.69 34.51 -2.24
C LYS K 31 70.82 33.41 -1.64
N PRO K 32 71.35 32.65 -0.68
CA PRO K 32 70.51 31.66 0.01
C PRO K 32 69.41 32.32 0.82
N ILE K 33 68.39 31.53 1.15
CA ILE K 33 67.22 32.05 1.84
C ILE K 33 67.57 32.34 3.30
N LEU K 34 68.40 31.51 3.92
CA LEU K 34 68.87 31.78 5.27
C LEU K 34 69.79 32.99 5.29
N LEU K 35 70.55 33.18 4.20
CA LEU K 35 71.59 34.20 4.20
C LEU K 35 71.00 35.61 4.12
N HIS K 36 69.85 35.74 3.45
CA HIS K 36 69.07 36.98 3.48
C HIS K 36 68.68 37.35 4.91
N GLN K 37 68.17 36.37 5.65
CA GLN K 37 67.70 36.62 7.00
C GLN K 37 68.85 36.93 7.95
N VAL K 38 69.98 36.22 7.83
CA VAL K 38 71.05 36.52 8.78
C VAL K 38 71.78 37.81 8.38
N GLU K 39 71.76 38.19 7.09
CA GLU K 39 72.29 39.49 6.73
C GLU K 39 71.40 40.61 7.27
N ALA K 40 70.09 40.41 7.24
CA ALA K 40 69.17 41.36 7.87
C ALA K 40 69.34 41.38 9.38
N LEU K 41 69.68 40.25 9.98
CA LEU K 41 69.93 40.22 11.41
C LEU K 41 71.23 40.95 11.76
N ALA K 42 72.24 40.85 10.89
CA ALA K 42 73.43 41.66 11.02
C ALA K 42 73.10 43.15 10.92
N ALA K 43 72.17 43.50 10.03
CA ALA K 43 71.69 44.87 9.97
C ALA K 43 70.96 45.26 11.26
N ALA K 44 70.29 44.31 11.91
CA ALA K 44 69.60 44.61 13.16
C ALA K 44 70.58 44.78 14.32
N GLY K 45 71.73 44.11 14.27
CA GLY K 45 72.74 44.26 15.29
C GLY K 45 72.76 43.19 16.37
N VAL K 46 72.16 42.04 16.13
CA VAL K 46 72.18 40.96 17.12
C VAL K 46 73.58 40.34 17.17
N ASP K 47 74.08 40.08 18.38
CA ASP K 47 75.40 39.45 18.52
C ASP K 47 75.39 37.98 18.18
N HIS K 48 74.28 37.27 18.40
CA HIS K 48 74.37 35.83 18.31
C HIS K 48 73.08 35.26 17.78
N VAL K 49 73.20 34.42 16.75
CA VAL K 49 72.07 33.78 16.12
C VAL K 49 72.24 32.27 16.27
N ILE K 50 71.20 31.61 16.75
CA ILE K 50 71.13 30.16 16.81
C ILE K 50 70.06 29.72 15.81
N LEU K 51 70.30 28.61 15.14
CA LEU K 51 69.33 28.03 14.23
C LEU K 51 69.07 26.58 14.62
N ALA K 52 67.79 26.22 14.70
CA ALA K 52 67.44 24.84 15.01
C ALA K 52 67.25 24.08 13.72
N VAL K 53 68.01 22.98 13.56
CA VAL K 53 67.95 22.15 12.36
C VAL K 53 67.53 20.75 12.77
N SER K 54 66.60 20.16 12.02
CA SER K 54 66.06 18.87 12.39
C SER K 54 66.87 17.70 11.85
N TYR K 55 67.81 17.93 10.92
CA TYR K 55 68.73 16.89 10.49
C TYR K 55 70.06 17.52 10.13
N MET K 56 71.14 16.93 10.62
CA MET K 56 72.47 17.52 10.43
C MET K 56 72.97 17.31 9.02
N SER K 57 73.61 18.34 8.47
CA SER K 57 74.11 18.33 7.10
C SER K 57 75.56 18.78 7.08
N GLN K 58 76.34 18.15 6.19
CA GLN K 58 77.75 18.51 6.07
C GLN K 58 77.91 19.86 5.36
N VAL K 59 77.25 20.01 4.21
CA VAL K 59 77.46 21.20 3.37
C VAL K 59 76.80 22.43 3.99
N LEU K 60 75.76 22.24 4.82
CA LEU K 60 75.15 23.38 5.50
C LEU K 60 76.09 23.94 6.55
N GLU K 61 76.72 23.05 7.35
CA GLU K 61 77.67 23.49 8.36
C GLU K 61 78.91 24.13 7.73
N LYS K 62 79.44 23.48 6.66
CA LYS K 62 80.42 24.07 5.75
C LYS K 62 80.12 25.52 5.38
N GLU K 63 78.94 25.72 4.79
CA GLU K 63 78.58 27.02 4.25
C GLU K 63 78.37 28.04 5.36
N MET K 64 77.82 27.62 6.49
CA MET K 64 77.46 28.60 7.51
C MET K 64 78.69 29.03 8.30
N LYS K 65 79.69 28.16 8.49
CA LYS K 65 80.92 28.61 9.14
C LYS K 65 81.76 29.49 8.23
N ALA K 66 81.89 29.07 6.94
CA ALA K 66 82.63 29.87 5.98
C ALA K 66 81.97 31.23 5.73
N GLN K 67 80.65 31.31 5.85
CA GLN K 67 80.00 32.61 5.88
C GLN K 67 80.16 33.28 7.23
N GLU K 68 80.33 32.50 8.29
CA GLU K 68 80.15 33.03 9.63
C GLU K 68 81.34 33.84 10.10
N GLN K 69 82.54 33.63 9.54
CA GLN K 69 83.47 34.71 9.91
C GLN K 69 83.53 35.84 8.88
N ARG K 70 83.00 35.64 7.67
CA ARG K 70 82.81 36.77 6.77
C ARG K 70 81.80 37.76 7.33
N LEU K 71 80.75 37.23 7.96
CA LEU K 71 79.81 38.07 8.69
C LEU K 71 80.45 38.66 9.93
N GLY K 72 81.40 37.96 10.54
CA GLY K 72 82.00 38.40 11.79
C GLY K 72 81.13 38.19 13.00
N ILE K 73 80.08 37.36 12.89
CA ILE K 73 79.16 37.09 13.98
C ILE K 73 79.03 35.57 14.09
N ARG K 74 79.25 35.05 15.29
CA ARG K 74 79.13 33.62 15.49
C ARG K 74 77.66 33.21 15.46
N ILE K 75 77.40 32.11 14.76
CA ILE K 75 76.07 31.55 14.65
C ILE K 75 76.14 30.07 14.97
N SER K 76 75.38 29.64 15.96
CA SER K 76 75.39 28.26 16.43
C SER K 76 74.11 27.57 15.97
N MET K 77 74.14 26.25 15.94
CA MET K 77 72.95 25.52 15.54
C MET K 77 72.70 24.36 16.49
N SER K 78 71.42 24.07 16.68
CA SER K 78 70.96 23.04 17.61
C SER K 78 70.26 21.95 16.83
N HIS K 79 70.67 20.71 17.06
CA HIS K 79 70.08 19.55 16.41
C HIS K 79 69.06 18.92 17.34
N GLU K 80 67.86 18.73 16.84
CA GLU K 80 66.85 17.93 17.52
C GLU K 80 66.87 16.52 16.93
N GLU K 81 66.72 15.54 17.81
CA GLU K 81 66.78 14.15 17.37
C GLU K 81 65.41 13.54 17.10
N GLU K 82 64.35 14.17 17.56
CA GLU K 82 63.01 13.96 17.06
C GLU K 82 62.47 15.31 16.59
N PRO K 83 61.62 15.35 15.56
CA PRO K 83 61.02 16.64 15.21
C PRO K 83 60.04 17.05 16.28
N LEU K 84 60.45 17.99 17.15
CA LEU K 84 59.62 18.37 18.27
C LEU K 84 58.70 19.52 17.94
N GLY K 85 58.28 19.62 16.68
CA GLY K 85 57.43 20.68 16.24
C GLY K 85 58.22 21.97 16.12
N THR K 86 57.47 23.06 16.10
CA THR K 86 58.05 24.38 16.03
C THR K 86 58.27 25.00 17.41
N ALA K 87 57.68 24.40 18.44
CA ALA K 87 57.85 24.90 19.80
C ALA K 87 59.08 24.34 20.49
N GLY K 88 59.34 23.04 20.29
CA GLY K 88 60.52 22.35 20.79
C GLY K 88 61.88 23.01 20.62
N PRO K 89 62.14 23.66 19.47
CA PRO K 89 63.33 24.52 19.37
C PRO K 89 63.42 25.63 20.42
N LEU K 90 62.31 26.12 20.93
CA LEU K 90 62.38 27.15 21.98
C LEU K 90 62.82 26.54 23.30
N ALA K 91 62.24 25.41 23.68
CA ALA K 91 62.56 24.80 24.97
C ALA K 91 63.94 24.15 24.97
N LEU K 92 64.38 23.63 23.82
CA LEU K 92 65.71 23.02 23.77
C LEU K 92 66.80 24.07 23.84
N ALA K 93 66.57 25.24 23.26
CA ALA K 93 67.52 26.33 23.32
C ALA K 93 67.24 27.30 24.46
N ARG K 94 66.65 26.81 25.56
CA ARG K 94 66.13 27.71 26.60
C ARG K 94 67.24 28.40 27.36
N ASP K 95 68.19 27.62 27.90
CA ASP K 95 69.21 28.19 28.78
C ASP K 95 70.22 29.01 28.00
N LEU K 96 70.47 28.63 26.75
CA LEU K 96 71.38 29.37 25.88
C LEU K 96 70.84 30.76 25.58
N LEU K 97 69.52 30.90 25.51
CA LEU K 97 68.87 32.19 25.36
C LEU K 97 68.49 32.82 26.69
N SER K 98 68.59 32.08 27.79
CA SER K 98 68.00 32.45 29.05
C SER K 98 69.04 32.79 30.12
N GLU K 99 70.33 32.61 29.81
CA GLU K 99 71.38 33.04 30.73
C GLU K 99 71.42 34.55 30.89
N THR K 100 70.98 35.31 29.89
CA THR K 100 70.78 36.74 30.00
C THR K 100 69.33 37.05 29.68
N ALA K 101 68.85 38.18 30.18
CA ALA K 101 67.45 38.57 30.05
C ALA K 101 67.33 39.67 29.01
N ASP K 102 67.25 39.27 27.75
CA ASP K 102 67.15 40.18 26.62
C ASP K 102 66.26 39.54 25.57
N PRO K 103 65.26 40.27 25.06
CA PRO K 103 64.28 39.67 24.15
C PRO K 103 64.89 39.31 22.81
N PHE K 104 64.39 38.21 22.23
CA PHE K 104 65.04 37.61 21.09
C PHE K 104 64.07 37.46 19.92
N PHE K 105 64.62 37.53 18.71
CA PHE K 105 63.85 37.28 17.51
C PHE K 105 63.72 35.78 17.25
N VAL K 106 62.55 35.39 16.75
CA VAL K 106 62.30 34.07 16.19
C VAL K 106 61.79 34.29 14.77
N LEU K 107 62.48 33.70 13.81
CA LEU K 107 62.20 33.92 12.40
C LEU K 107 61.93 32.57 11.77
N ASN K 108 60.89 32.49 10.94
CA ASN K 108 60.71 31.26 10.17
C ASN K 108 61.71 31.22 9.04
N SER K 109 61.96 30.02 8.53
CA SER K 109 62.96 29.87 7.48
C SER K 109 62.45 30.35 6.13
N ASP K 110 61.14 30.27 5.90
CA ASP K 110 60.62 30.51 4.57
C ASP K 110 60.17 31.95 4.34
N VAL K 111 60.03 32.76 5.38
CA VAL K 111 59.48 34.10 5.23
C VAL K 111 60.55 35.03 4.68
N ILE K 112 60.20 35.78 3.64
CA ILE K 112 61.07 36.80 3.07
C ILE K 112 60.24 38.03 2.77
N CYS K 113 60.71 39.17 3.25
CA CYS K 113 60.00 40.44 3.19
C CYS K 113 61.01 41.55 3.45
N ASP K 114 60.52 42.78 3.52
CA ASP K 114 61.35 43.84 4.06
C ASP K 114 61.52 43.61 5.55
N PHE K 115 62.74 43.68 6.03
CA PHE K 115 63.01 43.28 7.40
C PHE K 115 63.03 44.50 8.30
N PRO K 116 62.01 44.67 9.16
CA PRO K 116 61.81 45.93 9.89
C PRO K 116 62.47 45.99 11.26
N PHE K 117 63.46 45.10 11.49
CA PHE K 117 63.85 44.66 12.84
C PHE K 117 64.26 45.80 13.77
N GLN K 118 64.93 46.83 13.24
CA GLN K 118 65.37 47.94 14.09
C GLN K 118 64.18 48.77 14.58
N ALA K 119 63.15 48.93 13.75
CA ALA K 119 61.93 49.60 14.22
C ALA K 119 61.14 48.70 15.15
N MET K 120 61.15 47.39 14.88
CA MET K 120 60.35 46.45 15.64
C MET K 120 60.89 46.25 17.04
N VAL K 121 62.20 46.39 17.23
CA VAL K 121 62.74 46.24 18.57
C VAL K 121 62.39 47.45 19.45
N GLN K 122 62.26 48.64 18.86
CA GLN K 122 61.80 49.81 19.59
C GLN K 122 60.30 49.76 19.85
N PHE K 123 59.54 49.15 18.93
CA PHE K 123 58.14 48.86 19.21
C PHE K 123 58.00 47.88 20.38
N HIS K 124 58.86 46.86 20.42
CA HIS K 124 58.82 45.87 21.49
C HIS K 124 59.18 46.49 22.83
N ARG K 125 60.18 47.38 22.84
CA ARG K 125 60.54 48.07 24.07
C ARG K 125 59.46 49.05 24.51
N HIS K 126 58.78 49.70 23.56
CA HIS K 126 57.79 50.71 23.92
C HIS K 126 56.52 50.08 24.47
N HIS K 127 56.00 49.04 23.83
CA HIS K 127 54.75 48.45 24.33
C HIS K 127 54.96 47.69 25.63
N GLY K 128 56.19 47.20 25.86
CA GLY K 128 56.59 46.71 27.17
C GLY K 128 56.06 45.35 27.58
N GLN K 129 55.18 44.74 26.80
CA GLN K 129 54.62 43.46 27.19
C GLN K 129 55.50 42.33 26.65
N GLU K 130 55.00 41.11 26.69
CA GLU K 130 55.85 39.94 26.59
C GLU K 130 56.22 39.61 25.15
N GLY K 131 55.23 39.29 24.33
CA GLY K 131 55.46 38.79 22.98
C GLY K 131 54.95 39.76 21.92
N SER K 132 55.81 40.04 20.93
CA SER K 132 55.42 40.86 19.79
C SER K 132 55.41 40.01 18.53
N ILE K 133 54.45 40.29 17.66
CA ILE K 133 54.21 39.52 16.44
C ILE K 133 54.05 40.51 15.30
N LEU K 134 54.79 40.30 14.21
CA LEU K 134 54.52 41.05 12.99
C LEU K 134 53.33 40.46 12.27
N VAL K 135 52.47 41.32 11.74
CA VAL K 135 51.27 40.92 11.01
C VAL K 135 51.22 41.70 9.70
N THR K 136 50.54 41.13 8.70
CA THR K 136 50.43 41.74 7.38
C THR K 136 49.07 41.43 6.79
N LYS K 137 48.51 42.40 6.05
CA LYS K 137 47.22 42.25 5.38
C LYS K 137 47.43 41.48 4.07
N VAL K 138 46.74 40.34 3.93
CA VAL K 138 46.88 39.48 2.77
C VAL K 138 45.48 39.27 2.18
N GLU K 139 45.43 38.75 0.95
CA GLU K 139 44.17 38.56 0.24
C GLU K 139 43.53 37.21 0.55
N GLU K 140 44.32 36.14 0.66
CA GLU K 140 43.84 34.80 0.94
C GLU K 140 44.34 34.35 2.31
N PRO K 141 43.61 34.62 3.38
CA PRO K 141 44.13 34.34 4.72
C PRO K 141 43.79 32.98 5.28
N SER K 142 43.22 32.07 4.50
CA SER K 142 42.90 30.75 5.04
C SER K 142 44.14 29.89 5.22
N LYS K 143 45.17 30.13 4.38
CA LYS K 143 46.36 29.28 4.44
C LYS K 143 47.22 29.62 5.65
N TYR K 144 47.27 30.87 6.04
CA TYR K 144 48.13 31.32 7.12
C TYR K 144 47.33 31.50 8.40
N GLY K 145 48.05 31.68 9.51
CA GLY K 145 47.38 31.94 10.78
C GLY K 145 46.92 33.37 10.88
N VAL K 146 45.73 33.57 11.42
CA VAL K 146 45.00 34.83 11.33
C VAL K 146 44.82 35.43 12.72
N VAL K 147 45.16 36.72 12.84
CA VAL K 147 45.01 37.45 14.09
C VAL K 147 44.03 38.59 13.86
N VAL K 148 43.23 38.91 14.89
CA VAL K 148 42.56 40.20 14.95
C VAL K 148 43.38 41.09 15.87
N CYS K 149 43.19 42.41 15.76
CA CYS K 149 44.05 43.33 16.51
C CYS K 149 43.21 44.44 17.11
N GLU K 150 43.92 45.42 17.66
CA GLU K 150 43.31 46.63 18.21
C GLU K 150 43.47 47.78 17.22
N ALA K 151 42.95 48.94 17.59
CA ALA K 151 43.04 50.11 16.73
C ALA K 151 44.39 50.81 16.90
N ASP K 152 44.66 51.31 18.10
CA ASP K 152 45.83 52.15 18.31
C ASP K 152 46.95 51.45 19.07
N THR K 153 46.60 50.64 20.07
CA THR K 153 47.64 50.04 20.90
C THR K 153 48.24 48.82 20.22
N GLY K 154 47.47 48.13 19.38
CA GLY K 154 47.96 46.96 18.71
C GLY K 154 47.93 45.69 19.54
N ARG K 155 47.12 45.65 20.60
CA ARG K 155 46.97 44.43 21.37
C ARG K 155 46.18 43.40 20.58
N ILE K 156 46.67 42.17 20.54
CA ILE K 156 46.02 41.10 19.79
C ILE K 156 44.86 40.58 20.62
N HIS K 157 43.64 40.81 20.15
CA HIS K 157 42.46 40.38 20.89
C HIS K 157 42.22 38.88 20.72
N ARG K 158 42.59 38.32 19.57
CA ARG K 158 42.36 36.91 19.31
C ARG K 158 43.32 36.44 18.21
N PHE K 159 43.83 35.23 18.39
CA PHE K 159 44.72 34.56 17.46
C PHE K 159 44.13 33.21 17.16
N VAL K 160 43.96 32.89 15.87
CA VAL K 160 43.53 31.57 15.44
C VAL K 160 44.58 31.05 14.47
N GLU K 161 45.00 29.81 14.66
CA GLU K 161 46.07 29.29 13.81
C GLU K 161 45.56 28.85 12.45
N LYS K 162 44.32 28.38 12.37
CA LYS K 162 43.70 28.10 11.08
C LYS K 162 42.27 28.61 11.10
N PRO K 163 41.95 29.65 10.33
CA PRO K 163 40.66 30.31 10.50
C PRO K 163 39.44 29.50 10.06
N GLN K 164 39.34 29.23 8.75
CA GLN K 164 38.22 28.56 8.08
C GLN K 164 36.84 29.21 8.27
N VAL K 165 36.77 30.40 8.87
CA VAL K 165 35.50 31.09 9.08
C VAL K 165 35.58 32.57 8.76
N PHE K 166 36.74 33.08 8.32
CA PHE K 166 37.03 34.51 8.14
C PHE K 166 36.77 35.31 9.41
N VAL K 167 37.67 35.15 10.38
CA VAL K 167 37.62 36.05 11.51
C VAL K 167 38.39 37.35 11.27
N SER K 168 39.36 37.36 10.36
CA SER K 168 40.07 38.60 10.04
C SER K 168 40.69 38.50 8.66
N ASN K 169 41.35 39.60 8.28
CA ASN K 169 42.08 39.72 7.03
C ASN K 169 43.58 39.63 7.25
N LYS K 170 44.07 40.12 8.39
CA LYS K 170 45.51 40.16 8.64
C LYS K 170 46.01 38.80 9.09
N ILE K 171 47.21 38.44 8.65
CA ILE K 171 47.81 37.17 9.00
C ILE K 171 49.09 37.42 9.79
N ASN K 172 49.54 36.36 10.44
CA ASN K 172 50.87 36.27 11.00
C ASN K 172 51.91 36.47 9.90
N ALA K 173 52.70 37.54 10.02
CA ALA K 173 53.79 37.71 9.08
C ALA K 173 54.91 36.71 9.32
N GLY K 174 55.02 36.19 10.54
CA GLY K 174 55.97 35.16 10.86
C GLY K 174 57.22 35.60 11.58
N MET K 175 57.26 36.83 12.09
CA MET K 175 58.42 37.37 12.77
C MET K 175 58.05 37.67 14.22
N TYR K 176 58.64 36.93 15.15
CA TYR K 176 58.29 37.00 16.56
C TYR K 176 59.42 37.63 17.35
N ILE K 177 59.07 38.43 18.34
CA ILE K 177 60.00 38.80 19.41
C ILE K 177 59.44 38.22 20.69
N LEU K 178 60.24 37.39 21.35
CA LEU K 178 59.80 36.68 22.54
C LEU K 178 60.65 37.10 23.73
N SER K 179 59.96 37.31 24.86
CA SER K 179 60.56 37.62 26.13
C SER K 179 61.11 36.34 26.76
N PRO K 180 62.02 36.45 27.75
CA PRO K 180 62.49 35.24 28.43
C PRO K 180 61.43 34.53 29.26
N ALA K 181 60.36 35.24 29.66
CA ALA K 181 59.30 34.60 30.45
C ALA K 181 58.47 33.62 29.64
N VAL K 182 58.51 33.70 28.31
CA VAL K 182 57.77 32.73 27.50
C VAL K 182 58.52 31.41 27.40
N LEU K 183 59.80 31.39 27.75
CA LEU K 183 60.60 30.17 27.62
C LEU K 183 60.19 29.14 28.65
N GLN K 184 59.82 29.57 29.85
CA GLN K 184 59.41 28.65 30.89
C GLN K 184 57.98 28.13 30.70
N ARG K 185 57.22 28.72 29.79
CA ARG K 185 55.84 28.29 29.58
C ARG K 185 55.79 26.94 28.86
N ILE K 186 56.71 26.71 27.93
CA ILE K 186 56.62 25.58 27.01
C ILE K 186 57.50 24.45 27.52
N GLN K 187 56.96 23.23 27.47
CA GLN K 187 57.64 22.04 27.94
C GLN K 187 58.39 21.36 26.80
N LEU K 188 59.31 20.46 27.17
CA LEU K 188 60.21 19.84 26.20
C LEU K 188 59.49 18.85 25.29
N GLN K 189 58.32 18.37 25.71
CA GLN K 189 57.51 17.50 24.87
C GLN K 189 57.03 18.25 23.63
N PRO K 190 56.89 17.57 22.48
CA PRO K 190 56.66 18.26 21.20
C PRO K 190 55.32 18.97 21.12
N THR K 191 55.38 20.29 20.95
CA THR K 191 54.22 21.15 20.78
C THR K 191 54.39 22.03 19.56
N SER K 192 53.36 22.83 19.29
CA SER K 192 53.35 23.80 18.20
C SER K 192 53.17 25.18 18.81
N ILE K 193 54.18 26.05 18.62
CA ILE K 193 54.13 27.36 19.27
C ILE K 193 53.11 28.27 18.60
N GLU K 194 52.96 28.18 17.26
CA GLU K 194 52.00 29.03 16.55
C GLU K 194 50.57 28.71 16.94
N LYS K 195 50.29 27.47 17.31
CA LYS K 195 48.95 27.06 17.70
C LYS K 195 48.69 27.17 19.19
N GLU K 196 49.65 26.78 20.04
CA GLU K 196 49.35 26.63 21.45
C GLU K 196 49.54 27.91 22.25
N VAL K 197 50.76 28.43 22.32
CA VAL K 197 51.05 29.45 23.33
C VAL K 197 50.56 30.83 22.91
N PHE K 198 50.40 31.09 21.61
CA PHE K 198 49.94 32.39 21.17
C PHE K 198 48.46 32.52 21.45
N PRO K 199 47.69 31.42 21.42
CA PRO K 199 46.26 31.54 21.76
C PRO K 199 46.01 31.84 23.23
N ILE K 200 46.70 31.19 24.16
CA ILE K 200 46.53 31.51 25.57
C ILE K 200 47.14 32.87 25.89
N MET K 201 48.23 33.21 25.21
CA MET K 201 48.81 34.53 25.37
C MET K 201 47.90 35.62 24.83
N ALA K 202 47.06 35.30 23.84
CA ALA K 202 46.13 36.28 23.30
C ALA K 202 45.03 36.61 24.29
N LYS K 203 44.45 35.59 24.93
CA LYS K 203 43.45 35.86 25.95
C LYS K 203 44.05 36.35 27.25
N GLU K 204 45.38 36.23 27.43
CA GLU K 204 46.03 37.02 28.47
C GLU K 204 46.24 38.47 28.01
N GLY K 205 46.58 38.67 26.75
CA GLY K 205 46.83 40.01 26.24
C GLY K 205 48.27 40.44 26.28
N GLN K 206 49.20 39.51 26.48
CA GLN K 206 50.62 39.86 26.38
C GLN K 206 51.04 40.04 24.92
N LEU K 207 50.31 39.41 23.99
CA LEU K 207 50.67 39.46 22.58
C LEU K 207 50.32 40.81 21.98
N TYR K 208 51.24 41.34 21.17
CA TYR K 208 51.02 42.59 20.47
C TYR K 208 51.36 42.42 19.00
N ALA K 209 50.82 43.30 18.17
CA ALA K 209 50.91 43.18 16.73
C ALA K 209 51.55 44.42 16.12
N MET K 210 52.22 44.22 14.98
CA MET K 210 52.82 45.35 14.27
C MET K 210 52.67 45.15 12.77
N GLU K 211 52.27 46.20 12.06
CA GLU K 211 52.00 46.07 10.64
C GLU K 211 53.27 46.19 9.81
N LEU K 212 53.53 45.17 8.99
CA LEU K 212 54.63 45.20 8.03
C LEU K 212 54.26 46.11 6.86
N GLN K 213 55.28 46.75 6.28
CA GLN K 213 54.99 47.76 5.27
C GLN K 213 54.75 47.17 3.89
N GLY K 214 55.62 46.28 3.40
CA GLY K 214 55.55 45.92 2.00
C GLY K 214 55.99 44.51 1.68
N PHE K 215 55.38 43.97 0.61
CA PHE K 215 55.88 42.89 -0.27
C PHE K 215 56.28 41.60 0.47
N TRP K 216 55.61 41.30 1.58
CA TRP K 216 55.78 40.02 2.25
C TRP K 216 55.30 38.87 1.36
N MET K 217 56.07 37.78 1.36
CA MET K 217 55.68 36.58 0.62
C MET K 217 56.33 35.35 1.26
N ASP K 218 55.57 34.27 1.35
CA ASP K 218 56.07 32.98 1.82
C ASP K 218 56.64 32.19 0.65
N ILE K 219 57.86 31.66 0.82
CA ILE K 219 58.54 30.93 -0.24
C ILE K 219 58.57 29.43 0.04
N GLY K 220 57.56 28.92 0.74
CA GLY K 220 57.54 27.48 0.99
C GLY K 220 57.06 26.71 -0.23
N GLN K 221 56.01 27.19 -0.86
CA GLN K 221 55.47 26.59 -2.07
C GLN K 221 56.49 26.68 -3.21
N PRO K 222 56.56 25.69 -4.10
CA PRO K 222 57.40 25.87 -5.28
C PRO K 222 56.80 26.83 -6.28
N LYS K 223 55.48 27.03 -6.23
CA LYS K 223 54.84 28.01 -7.10
C LYS K 223 55.06 29.42 -6.57
N ASP K 224 54.99 29.59 -5.25
CA ASP K 224 55.15 30.91 -4.65
C ASP K 224 56.59 31.41 -4.68
N PHE K 225 57.54 30.53 -4.96
CA PHE K 225 58.93 30.92 -5.19
C PHE K 225 59.04 31.96 -6.29
N LEU K 226 58.34 31.73 -7.40
CA LEU K 226 58.51 32.58 -8.57
C LEU K 226 57.86 33.94 -8.36
N THR K 227 56.67 33.99 -7.77
CA THR K 227 56.05 35.29 -7.55
C THR K 227 56.68 36.03 -6.38
N GLY K 228 57.26 35.31 -5.41
CA GLY K 228 58.04 36.00 -4.39
C GLY K 228 59.30 36.61 -4.95
N MET K 229 59.97 35.92 -5.86
CA MET K 229 61.12 36.49 -6.54
C MET K 229 60.72 37.67 -7.41
N CYS K 230 59.56 37.56 -8.07
CA CYS K 230 59.01 38.64 -8.87
C CYS K 230 58.72 39.89 -8.05
N LEU K 231 58.19 39.71 -6.84
CA LEU K 231 57.88 40.84 -5.98
C LEU K 231 59.16 41.45 -5.40
N PHE K 232 60.11 40.60 -5.02
CA PHE K 232 61.37 41.07 -4.45
C PHE K 232 62.19 41.83 -5.47
N LEU K 233 62.12 41.45 -6.74
CA LEU K 233 62.83 42.18 -7.80
C LEU K 233 62.31 43.60 -7.93
N GLN K 234 60.98 43.78 -7.85
CA GLN K 234 60.39 45.12 -7.93
C GLN K 234 60.75 45.95 -6.71
N SER K 235 60.73 45.33 -5.52
CA SER K 235 61.06 46.09 -4.32
C SER K 235 62.53 46.48 -4.28
N LEU K 236 63.41 45.60 -4.75
CA LEU K 236 64.82 45.96 -4.84
C LEU K 236 65.09 46.97 -5.93
N ARG K 237 64.29 46.97 -7.00
CA ARG K 237 64.41 48.02 -8.00
C ARG K 237 64.03 49.37 -7.43
N GLN K 238 63.00 49.39 -6.57
CA GLN K 238 62.63 50.64 -5.91
C GLN K 238 63.71 51.10 -4.94
N LYS K 239 64.33 50.17 -4.21
CA LYS K 239 65.37 50.57 -3.27
C LYS K 239 66.71 50.82 -3.96
N GLN K 240 67.25 49.83 -4.65
CA GLN K 240 68.55 49.94 -5.32
C GLN K 240 68.37 49.65 -6.80
N PRO K 241 68.03 50.65 -7.62
CA PRO K 241 67.81 50.40 -9.05
C PRO K 241 69.08 50.14 -9.83
N GLU K 242 70.24 50.49 -9.28
CA GLU K 242 71.50 50.29 -10.00
C GLU K 242 71.85 48.81 -10.12
N ARG K 243 71.51 48.03 -9.09
CA ARG K 243 71.93 46.63 -9.01
C ARG K 243 71.32 45.77 -10.12
N LEU K 244 70.10 46.11 -10.54
CA LEU K 244 69.49 45.44 -11.67
C LEU K 244 70.15 45.90 -12.95
N CYS K 245 70.50 44.96 -13.83
CA CYS K 245 71.13 45.34 -15.08
C CYS K 245 70.13 45.92 -16.06
N SER K 246 70.62 46.88 -16.84
CA SER K 246 69.86 47.47 -17.94
C SER K 246 70.63 47.25 -19.22
N GLY K 247 69.96 46.71 -20.24
CA GLY K 247 70.60 46.45 -21.50
C GLY K 247 69.64 46.63 -22.66
N PRO K 248 70.18 46.64 -23.88
CA PRO K 248 69.29 46.77 -25.04
C PRO K 248 68.48 45.53 -25.32
N GLY K 249 68.97 44.35 -24.94
CA GLY K 249 68.28 43.10 -25.21
C GLY K 249 67.51 42.51 -24.05
N ILE K 250 67.51 43.16 -22.89
CA ILE K 250 66.79 42.67 -21.72
C ILE K 250 65.74 43.70 -21.32
N VAL K 251 64.55 43.21 -20.96
CA VAL K 251 63.42 44.05 -20.61
C VAL K 251 62.93 43.66 -19.22
N GLY K 252 62.24 44.58 -18.56
CA GLY K 252 61.74 44.34 -17.24
C GLY K 252 62.82 44.30 -16.19
N ASN K 253 62.45 43.83 -15.01
CA ASN K 253 63.38 43.71 -13.89
C ASN K 253 64.24 42.46 -14.09
N VAL K 254 65.48 42.64 -14.53
CA VAL K 254 66.41 41.52 -14.68
C VAL K 254 67.56 41.73 -13.71
N LEU K 255 67.92 40.66 -13.00
CA LEU K 255 69.02 40.68 -12.04
C LEU K 255 70.03 39.63 -12.47
N VAL K 256 71.13 40.06 -13.07
CA VAL K 256 72.12 39.15 -13.63
C VAL K 256 73.35 39.13 -12.73
N ASP K 257 73.85 37.94 -12.46
CA ASP K 257 75.09 37.78 -11.73
C ASP K 257 76.27 38.23 -12.61
N PRO K 258 77.34 38.74 -12.01
CA PRO K 258 78.54 39.04 -12.81
C PRO K 258 79.18 37.84 -13.48
N SER K 259 79.04 36.64 -12.92
CA SER K 259 79.67 35.48 -13.54
C SER K 259 78.85 34.91 -14.69
N ALA K 260 77.60 35.35 -14.84
CA ALA K 260 76.75 34.85 -15.90
C ALA K 260 77.10 35.51 -17.24
N ARG K 261 77.08 34.71 -18.31
CA ARG K 261 77.37 35.18 -19.65
C ARG K 261 76.17 34.92 -20.53
N ILE K 262 75.71 35.95 -21.24
CA ILE K 262 74.51 35.88 -22.06
C ILE K 262 74.89 36.15 -23.52
N GLY K 263 74.26 35.41 -24.42
CA GLY K 263 74.46 35.63 -25.84
C GLY K 263 73.73 36.89 -26.32
N GLN K 264 73.69 37.04 -27.65
CA GLN K 264 73.11 38.23 -28.23
C GLN K 264 71.83 37.91 -28.99
N ASN K 265 71.06 38.98 -29.26
CA ASN K 265 69.65 39.05 -29.65
C ASN K 265 68.75 38.00 -28.99
N CYS K 266 68.96 37.76 -27.70
CA CYS K 266 68.06 36.95 -26.90
C CYS K 266 67.29 37.85 -25.94
N SER K 267 66.00 37.60 -25.82
CA SER K 267 65.09 38.53 -25.14
C SER K 267 64.74 38.00 -23.76
N ILE K 268 65.41 38.51 -22.75
CA ILE K 268 65.13 38.16 -21.37
C ILE K 268 63.95 39.00 -20.89
N GLY K 269 62.86 38.33 -20.51
CA GLY K 269 61.65 39.02 -20.12
C GLY K 269 61.72 39.57 -18.71
N PRO K 270 60.59 40.01 -18.17
CA PRO K 270 60.57 40.59 -16.83
C PRO K 270 60.71 39.54 -15.73
N ASN K 271 61.25 39.99 -14.60
CA ASN K 271 61.37 39.20 -13.36
C ASN K 271 62.20 37.94 -13.55
N VAL K 272 63.38 38.10 -14.13
CA VAL K 272 64.31 37.01 -14.36
C VAL K 272 65.58 37.25 -13.58
N SER K 273 65.98 36.27 -12.77
CA SER K 273 67.24 36.30 -12.05
C SER K 273 68.11 35.17 -12.55
N LEU K 274 69.34 35.50 -12.93
CA LEU K 274 70.30 34.52 -13.40
C LEU K 274 71.37 34.30 -12.34
N GLY K 275 71.69 33.04 -12.06
CA GLY K 275 72.67 32.71 -11.05
C GLY K 275 74.09 32.89 -11.55
N PRO K 276 75.05 32.59 -10.68
CA PRO K 276 76.46 32.71 -11.07
C PRO K 276 76.92 31.51 -11.88
N GLY K 277 77.59 31.78 -13.00
CA GLY K 277 78.13 30.72 -13.80
C GLY K 277 77.21 30.13 -14.83
N VAL K 278 76.03 30.71 -15.02
CA VAL K 278 75.14 30.21 -16.05
C VAL K 278 75.65 30.66 -17.42
N VAL K 279 75.27 29.91 -18.45
CA VAL K 279 75.62 30.23 -19.82
C VAL K 279 74.35 30.13 -20.64
N VAL K 280 73.88 31.26 -21.15
CA VAL K 280 72.76 31.31 -22.08
C VAL K 280 73.30 31.58 -23.48
N GLU K 281 72.82 30.81 -24.45
CA GLU K 281 73.26 30.94 -25.83
C GLU K 281 72.47 32.05 -26.52
N ASP K 282 72.54 32.11 -27.84
CA ASP K 282 71.78 33.10 -28.57
C ASP K 282 70.33 32.65 -28.72
N GLY K 283 69.43 33.62 -28.75
CA GLY K 283 68.05 33.35 -29.12
C GLY K 283 67.21 32.64 -28.09
N VAL K 284 67.58 32.69 -26.81
CA VAL K 284 66.75 32.18 -25.72
C VAL K 284 65.90 33.30 -25.14
N CYS K 285 64.59 33.11 -25.16
CA CYS K 285 63.68 34.01 -24.50
C CYS K 285 63.28 33.42 -23.16
N ILE K 286 63.50 34.18 -22.09
CA ILE K 286 63.28 33.73 -20.72
C ILE K 286 62.42 34.77 -20.02
N ARG K 287 61.24 34.38 -19.58
CA ARG K 287 60.33 35.27 -18.87
C ARG K 287 59.97 34.64 -17.53
N ARG K 288 60.06 35.42 -16.45
CA ARG K 288 59.62 35.04 -15.10
C ARG K 288 60.29 33.77 -14.56
N CYS K 289 61.43 33.38 -15.11
CA CYS K 289 62.14 32.19 -14.65
C CYS K 289 63.30 32.60 -13.76
N THR K 290 63.58 31.79 -12.75
CA THR K 290 64.84 31.87 -12.04
C THR K 290 65.75 30.77 -12.57
N VAL K 291 67.03 31.08 -12.69
CA VAL K 291 68.03 30.13 -13.15
C VAL K 291 69.10 30.06 -12.08
N LEU K 292 69.26 28.89 -11.48
CA LEU K 292 70.26 28.70 -10.45
C LEU K 292 71.64 28.55 -11.07
N ARG K 293 72.66 28.39 -10.23
CA ARG K 293 74.05 28.44 -10.64
C ARG K 293 74.41 27.25 -11.52
N ASP K 294 75.49 27.43 -12.29
CA ASP K 294 76.18 26.39 -13.07
C ASP K 294 75.34 25.76 -14.17
N ALA K 295 74.18 26.32 -14.50
CA ALA K 295 73.24 25.71 -15.44
C ALA K 295 73.39 26.35 -16.81
N ARG K 296 73.46 25.53 -17.84
CA ARG K 296 73.61 26.02 -19.21
C ARG K 296 72.36 25.70 -20.01
N ILE K 297 71.83 26.71 -20.69
CA ILE K 297 70.66 26.58 -21.56
C ILE K 297 71.12 26.71 -23.00
N ARG K 298 70.63 25.83 -23.87
CA ARG K 298 71.05 25.89 -25.25
C ARG K 298 70.23 26.91 -26.03
N SER K 299 70.58 27.07 -27.30
CA SER K 299 70.06 28.14 -28.11
C SER K 299 68.61 27.88 -28.53
N HIS K 300 67.93 28.96 -28.91
CA HIS K 300 66.63 28.96 -29.56
C HIS K 300 65.53 28.35 -28.70
N SER K 301 65.60 28.51 -27.38
CA SER K 301 64.64 27.90 -26.47
C SER K 301 63.80 28.96 -25.78
N TRP K 302 62.58 28.60 -25.42
CA TRP K 302 61.67 29.50 -24.72
C TRP K 302 61.39 28.95 -23.33
N LEU K 303 61.42 29.83 -22.33
CA LEU K 303 61.22 29.40 -20.95
C LEU K 303 60.39 30.45 -20.24
N GLU K 304 59.18 30.07 -19.81
CA GLU K 304 58.32 30.96 -19.04
C GLU K 304 58.04 30.34 -17.69
N SER K 305 58.34 31.09 -16.62
CA SER K 305 57.96 30.77 -15.25
C SER K 305 58.49 29.41 -14.81
N CYS K 306 59.78 29.21 -14.97
CA CYS K 306 60.41 27.93 -14.75
C CYS K 306 61.50 28.06 -13.69
N ILE K 307 61.82 26.96 -13.04
CA ILE K 307 62.92 26.92 -12.10
C ILE K 307 63.92 25.90 -12.61
N VAL K 308 65.10 26.37 -13.00
CA VAL K 308 66.16 25.51 -13.49
C VAL K 308 67.11 25.21 -12.34
N GLY K 309 67.40 23.94 -12.12
CA GLY K 309 68.28 23.54 -11.05
C GLY K 309 69.74 23.82 -11.35
N TRP K 310 70.59 23.44 -10.40
CA TRP K 310 72.02 23.59 -10.58
C TRP K 310 72.55 22.54 -11.54
N ARG K 311 73.63 22.91 -12.25
CA ARG K 311 74.32 22.14 -13.32
C ARG K 311 73.35 21.45 -14.28
N CYS K 312 72.34 22.19 -14.70
CA CYS K 312 71.23 21.64 -15.48
C CYS K 312 71.41 22.00 -16.95
N ARG K 313 71.61 21.00 -17.80
CA ARG K 313 71.72 21.23 -19.22
C ARG K 313 70.36 21.12 -19.89
N VAL K 314 70.00 22.14 -20.66
CA VAL K 314 68.73 22.19 -21.37
C VAL K 314 69.03 22.17 -22.86
N GLY K 315 68.30 21.35 -23.61
CA GLY K 315 68.55 21.19 -25.02
C GLY K 315 68.12 22.37 -25.87
N GLN K 316 68.34 22.23 -27.17
CA GLN K 316 67.90 23.26 -28.11
C GLN K 316 66.41 23.17 -28.35
N TRP K 317 65.80 24.33 -28.63
CA TRP K 317 64.40 24.45 -29.06
C TRP K 317 63.44 23.86 -28.04
N VAL K 318 63.72 24.09 -26.76
CA VAL K 318 62.95 23.52 -25.67
C VAL K 318 61.99 24.57 -25.14
N ARG K 319 60.72 24.21 -25.02
CA ARG K 319 59.70 25.08 -24.45
C ARG K 319 59.31 24.53 -23.09
N MET K 320 59.29 25.40 -22.08
CA MET K 320 58.94 25.01 -20.73
C MET K 320 58.05 26.08 -20.13
N GLU K 321 56.95 25.67 -19.51
CA GLU K 321 56.04 26.65 -18.92
C GLU K 321 55.27 25.99 -17.78
N ASN K 322 54.52 26.80 -17.05
CA ASN K 322 53.69 26.33 -15.94
C ASN K 322 54.49 25.72 -14.79
N VAL K 323 55.21 26.57 -14.07
CA VAL K 323 56.03 26.21 -12.91
C VAL K 323 56.73 24.85 -12.95
N THR K 324 57.44 24.58 -14.04
CA THR K 324 58.16 23.33 -14.18
C THR K 324 59.48 23.45 -13.43
N VAL K 325 59.70 22.59 -12.45
CA VAL K 325 60.94 22.67 -11.69
C VAL K 325 61.92 21.63 -12.21
N LEU K 326 63.11 22.07 -12.56
CA LEU K 326 64.22 21.17 -12.88
C LEU K 326 65.10 21.04 -11.65
N GLY K 327 65.69 19.86 -11.48
CA GLY K 327 66.47 19.56 -10.30
C GLY K 327 67.96 19.53 -10.55
N GLU K 328 68.66 18.92 -9.59
CA GLU K 328 70.07 18.55 -9.69
C GLU K 328 70.33 17.70 -10.92
N ASP K 329 71.12 18.24 -11.87
CA ASP K 329 71.74 17.49 -12.98
C ASP K 329 70.68 16.85 -13.88
N VAL K 330 69.89 17.69 -14.55
CA VAL K 330 68.88 17.24 -15.51
C VAL K 330 69.34 17.63 -16.91
N ILE K 331 69.26 16.68 -17.84
CA ILE K 331 69.66 16.88 -19.23
C ILE K 331 68.42 16.69 -20.09
N VAL K 332 67.79 17.79 -20.48
CA VAL K 332 66.59 17.74 -21.31
C VAL K 332 67.01 17.65 -22.77
N ASN K 333 66.39 16.74 -23.50
CA ASN K 333 66.73 16.54 -24.91
C ASN K 333 66.15 17.68 -25.75
N ASP K 334 66.62 17.74 -27.00
CA ASP K 334 66.23 18.82 -27.88
C ASP K 334 64.80 18.66 -28.35
N GLU K 335 64.14 19.81 -28.60
CA GLU K 335 62.79 19.91 -29.15
C GLU K 335 61.76 19.20 -28.26
N LEU K 336 61.73 19.58 -26.99
CA LEU K 336 60.79 19.01 -26.04
C LEU K 336 59.99 20.12 -25.38
N TYR K 337 58.73 19.85 -25.10
CA TYR K 337 57.83 20.81 -24.48
C TYR K 337 57.38 20.26 -23.13
N LEU K 338 57.70 20.98 -22.06
CA LEU K 338 57.38 20.55 -20.71
C LEU K 338 56.39 21.55 -20.11
N ASN K 339 55.19 21.06 -19.85
CA ASN K 339 54.12 21.84 -19.23
C ASN K 339 53.92 21.27 -17.84
N GLY K 340 54.47 21.94 -16.83
CA GLY K 340 54.13 21.57 -15.47
C GLY K 340 54.87 20.38 -14.90
N ALA K 341 56.06 20.08 -15.41
CA ALA K 341 56.78 18.88 -15.02
C ALA K 341 57.86 19.22 -14.00
N SER K 342 57.68 18.73 -12.78
CA SER K 342 58.75 18.79 -11.78
C SER K 342 59.57 17.51 -11.88
N VAL K 343 60.88 17.66 -11.98
CA VAL K 343 61.77 16.58 -12.40
C VAL K 343 62.63 16.15 -11.23
N LEU K 344 62.64 14.84 -10.97
CA LEU K 344 63.52 14.25 -9.97
C LEU K 344 64.97 14.38 -10.40
N PRO K 345 65.91 14.51 -9.45
CA PRO K 345 67.29 14.81 -9.82
C PRO K 345 67.98 13.66 -10.52
N HIS K 346 69.03 14.02 -11.27
CA HIS K 346 69.92 13.10 -11.98
C HIS K 346 69.15 12.24 -12.98
N LYS K 347 68.26 12.88 -13.73
CA LYS K 347 67.37 12.19 -14.65
C LYS K 347 67.32 12.97 -15.96
N SER K 348 67.42 12.25 -17.07
CA SER K 348 67.31 12.85 -18.39
C SER K 348 65.97 12.50 -19.01
N ILE K 349 65.41 13.44 -19.76
CA ILE K 349 64.03 13.39 -20.22
C ILE K 349 64.01 13.22 -21.73
N GLY K 350 63.24 12.23 -22.20
CA GLY K 350 63.14 11.98 -23.62
C GLY K 350 61.77 12.20 -24.21
N GLU K 351 60.75 12.36 -23.37
CA GLU K 351 59.38 12.52 -23.83
C GLU K 351 58.81 13.86 -23.36
N SER K 352 58.25 14.61 -24.30
CA SER K 352 57.59 15.86 -23.97
C SER K 352 56.27 15.58 -23.26
N VAL K 353 56.03 16.28 -22.16
CA VAL K 353 54.88 16.00 -21.30
C VAL K 353 53.77 17.00 -21.61
N PRO K 354 52.60 16.55 -22.03
CA PRO K 354 51.50 17.50 -22.24
C PRO K 354 50.90 18.02 -20.95
N GLU K 355 50.68 17.15 -19.96
CA GLU K 355 49.97 17.52 -18.75
C GLU K 355 50.93 17.56 -17.57
N PRO K 356 50.66 18.38 -16.57
CA PRO K 356 51.58 18.49 -15.41
C PRO K 356 51.54 17.23 -14.55
N ARG K 357 52.70 16.61 -14.39
CA ARG K 357 52.84 15.47 -13.50
C ARG K 357 54.29 15.38 -13.07
N ILE K 358 54.53 14.73 -11.92
CA ILE K 358 55.89 14.57 -11.43
C ILE K 358 56.58 13.50 -12.26
N ILE K 359 57.68 13.87 -12.89
CA ILE K 359 58.53 12.93 -13.59
C ILE K 359 59.58 12.45 -12.61
N MET K 360 59.59 11.16 -12.31
CA MET K 360 60.60 10.63 -11.44
C MET K 360 61.85 10.33 -12.25
N MET L 1 43.28 7.81 -77.90
CA MET L 1 44.11 8.21 -76.78
C MET L 1 43.66 9.55 -76.22
N LYS L 2 42.60 9.51 -75.41
CA LYS L 2 42.08 10.67 -74.71
C LYS L 2 42.00 10.32 -73.23
N ALA L 3 42.25 11.29 -72.36
CA ALA L 3 42.41 10.99 -70.94
C ALA L 3 41.49 11.88 -70.11
N LEU L 4 40.60 11.26 -69.32
CA LEU L 4 39.64 11.99 -68.53
C LEU L 4 40.10 12.13 -67.08
N ILE L 5 39.99 13.34 -66.55
CA ILE L 5 40.35 13.64 -65.16
C ILE L 5 39.09 14.19 -64.48
N LEU L 6 38.89 13.80 -63.22
CA LEU L 6 37.82 14.36 -62.41
C LEU L 6 38.39 15.48 -61.56
N VAL L 7 38.05 16.72 -61.90
CA VAL L 7 38.63 17.91 -61.30
C VAL L 7 37.51 18.79 -60.79
N GLY L 8 37.65 19.27 -59.56
CA GLY L 8 36.70 20.20 -59.01
C GLY L 8 35.71 19.54 -58.07
N GLY L 9 34.64 20.25 -57.82
CA GLY L 9 33.72 19.85 -56.79
C GLY L 9 34.26 20.25 -55.43
N TYR L 10 33.53 19.83 -54.40
CA TYR L 10 33.84 20.21 -53.04
C TYR L 10 34.58 19.06 -52.37
N GLY L 11 35.74 19.38 -51.79
CA GLY L 11 36.48 18.42 -51.01
C GLY L 11 36.38 18.74 -49.53
N THR L 12 35.65 17.90 -48.78
CA THR L 12 35.51 18.10 -47.35
C THR L 12 36.83 17.91 -46.62
N ARG L 13 37.69 17.05 -47.13
CA ARG L 13 39.04 16.92 -46.61
C ARG L 13 39.91 18.03 -47.19
N LEU L 14 41.08 18.22 -46.57
CA LEU L 14 42.06 19.27 -46.87
C LEU L 14 41.48 20.68 -46.67
N ARG L 15 40.44 20.79 -45.85
CA ARG L 15 39.45 21.87 -46.00
C ARG L 15 39.94 23.30 -45.80
N PRO L 16 40.78 23.66 -44.80
CA PRO L 16 41.20 25.07 -44.71
C PRO L 16 42.11 25.52 -45.84
N LEU L 17 42.71 24.60 -46.58
CA LEU L 17 43.37 24.99 -47.83
C LEU L 17 42.40 25.00 -49.00
N THR L 18 41.33 24.20 -48.95
CA THR L 18 40.38 24.22 -50.05
C THR L 18 39.39 25.36 -49.95
N LEU L 19 39.37 26.11 -48.85
CA LEU L 19 38.56 27.32 -48.81
C LEU L 19 39.09 28.38 -49.77
N SER L 20 40.41 28.46 -49.92
CA SER L 20 40.98 29.55 -50.70
C SER L 20 41.21 29.15 -52.15
N THR L 21 41.59 27.90 -52.39
CA THR L 21 42.07 27.42 -53.68
C THR L 21 41.43 26.07 -53.92
N PRO L 22 41.08 25.74 -55.16
CA PRO L 22 40.56 24.40 -55.45
C PRO L 22 41.56 23.30 -55.14
N LYS L 23 41.02 22.13 -54.81
CA LYS L 23 41.85 20.97 -54.47
C LYS L 23 42.84 20.53 -55.55
N PRO L 24 42.56 20.59 -56.87
CA PRO L 24 43.63 20.34 -57.83
C PRO L 24 44.73 21.37 -57.84
N LEU L 25 44.47 22.58 -57.36
CA LEU L 25 45.41 23.67 -57.56
C LEU L 25 46.41 23.83 -56.43
N VAL L 26 46.17 23.18 -55.28
CA VAL L 26 47.07 23.33 -54.14
C VAL L 26 48.38 22.63 -54.45
N ASP L 27 49.48 23.20 -53.96
CA ASP L 27 50.79 22.78 -54.38
C ASP L 27 51.27 21.61 -53.53
N PHE L 28 51.78 20.59 -54.22
CA PHE L 28 52.34 19.40 -53.59
C PHE L 28 53.82 19.38 -53.98
N CYS L 29 54.69 19.85 -53.09
CA CYS L 29 56.12 19.87 -53.40
C CYS L 29 56.47 20.85 -54.52
N ASN L 30 56.05 22.11 -54.38
CA ASN L 30 56.32 23.17 -55.35
C ASN L 30 55.61 22.96 -56.68
N LYS L 31 54.46 22.29 -56.67
CA LYS L 31 53.84 21.91 -57.93
C LYS L 31 52.39 21.54 -57.62
N PRO L 32 51.42 21.99 -58.42
CA PRO L 32 50.04 21.56 -58.20
C PRO L 32 49.86 20.09 -58.54
N ILE L 33 48.75 19.53 -58.05
CA ILE L 33 48.61 18.09 -58.11
C ILE L 33 48.10 17.62 -59.49
N LEU L 34 47.43 18.49 -60.24
CA LEU L 34 47.10 18.14 -61.61
C LEU L 34 48.34 18.22 -62.50
N LEU L 35 49.37 18.96 -62.07
CA LEU L 35 50.56 19.14 -62.89
C LEU L 35 51.39 17.88 -62.95
N HIS L 36 51.48 17.13 -61.85
CA HIS L 36 52.15 15.83 -61.86
C HIS L 36 51.42 14.85 -62.77
N GLN L 37 50.10 14.89 -62.75
CA GLN L 37 49.32 13.99 -63.58
C GLN L 37 49.45 14.35 -65.05
N VAL L 38 49.52 15.63 -65.39
CA VAL L 38 49.63 15.96 -66.81
C VAL L 38 51.08 15.82 -67.30
N GLU L 39 52.07 15.94 -66.40
CA GLU L 39 53.41 15.39 -66.63
C GLU L 39 53.39 13.95 -67.11
N ALA L 40 52.85 13.05 -66.29
CA ALA L 40 52.90 11.65 -66.66
C ALA L 40 52.00 11.34 -67.85
N LEU L 41 50.94 12.12 -68.03
CA LEU L 41 50.09 11.97 -69.21
C LEU L 41 50.80 12.46 -70.48
N ALA L 42 51.61 13.51 -70.39
CA ALA L 42 52.40 13.93 -71.54
C ALA L 42 53.50 12.93 -71.84
N ALA L 43 53.98 12.22 -70.82
CA ALA L 43 54.84 11.06 -71.08
C ALA L 43 54.07 9.95 -71.78
N ALA L 44 52.78 9.79 -71.44
CA ALA L 44 51.95 8.79 -72.11
C ALA L 44 51.63 9.16 -73.54
N GLY L 45 51.70 10.45 -73.88
CA GLY L 45 51.46 10.90 -75.23
C GLY L 45 50.03 11.17 -75.60
N VAL L 46 49.15 11.36 -74.61
CA VAL L 46 47.77 11.71 -74.91
C VAL L 46 47.71 13.17 -75.35
N ASP L 47 47.05 13.42 -76.48
CA ASP L 47 46.93 14.77 -77.03
C ASP L 47 45.70 15.50 -76.52
N HIS L 48 44.77 14.80 -75.88
CA HIS L 48 43.49 15.38 -75.47
C HIS L 48 43.14 14.89 -74.08
N VAL L 49 43.27 15.76 -73.09
CA VAL L 49 42.76 15.46 -71.76
C VAL L 49 41.44 16.21 -71.58
N ILE L 50 40.44 15.49 -71.08
CA ILE L 50 39.11 15.98 -70.88
C ILE L 50 38.80 15.82 -69.41
N LEU L 51 38.57 16.93 -68.74
CA LEU L 51 38.36 16.88 -67.30
C LEU L 51 37.14 17.66 -66.90
N ALA L 52 36.62 17.29 -65.75
CA ALA L 52 35.43 17.95 -65.23
C ALA L 52 35.79 19.29 -64.60
N VAL L 53 34.78 20.14 -64.48
CA VAL L 53 34.97 21.49 -63.96
C VAL L 53 33.74 21.85 -63.14
N SER L 54 33.98 22.26 -61.89
CA SER L 54 32.93 22.68 -60.97
C SER L 54 33.58 23.46 -59.82
N TYR L 55 32.76 24.07 -58.97
CA TYR L 55 33.26 24.79 -57.78
C TYR L 55 34.25 25.96 -57.94
N MET L 56 33.75 27.13 -58.37
CA MET L 56 34.56 28.34 -58.53
C MET L 56 35.76 28.13 -59.45
N SER L 57 35.47 27.52 -60.59
CA SER L 57 36.46 27.18 -61.60
C SER L 57 37.24 28.30 -62.31
N GLN L 58 36.62 29.44 -62.61
CA GLN L 58 37.38 30.40 -63.43
C GLN L 58 38.85 30.42 -63.04
N VAL L 59 39.12 30.34 -61.73
CA VAL L 59 40.48 30.41 -61.24
C VAL L 59 41.28 29.14 -61.48
N LEU L 60 40.63 28.05 -61.89
CA LEU L 60 41.36 26.87 -62.34
C LEU L 60 41.45 26.82 -63.85
N GLU L 61 40.44 27.37 -64.54
CA GLU L 61 40.49 27.52 -65.99
C GLU L 61 41.68 28.36 -66.43
N LYS L 62 41.90 29.49 -65.74
CA LYS L 62 42.99 30.40 -66.09
C LYS L 62 44.36 29.73 -66.00
N GLU L 63 44.60 29.01 -64.89
CA GLU L 63 45.89 28.37 -64.70
C GLU L 63 46.09 27.20 -65.65
N MET L 64 45.04 26.43 -65.97
CA MET L 64 45.25 25.32 -66.89
C MET L 64 45.42 25.80 -68.34
N LYS L 65 44.80 26.93 -68.69
CA LYS L 65 45.09 27.56 -69.98
C LYS L 65 46.54 28.05 -70.03
N ALA L 66 47.07 28.49 -68.90
CA ALA L 66 48.48 28.86 -68.85
C ALA L 66 49.39 27.64 -69.01
N GLN L 67 49.05 26.52 -68.37
CA GLN L 67 49.96 25.36 -68.40
C GLN L 67 49.88 24.53 -69.67
N GLU L 68 48.79 24.59 -70.45
CA GLU L 68 48.74 23.77 -71.65
C GLU L 68 49.70 24.27 -72.73
N GLN L 69 50.04 25.56 -72.71
CA GLN L 69 50.97 26.08 -73.69
C GLN L 69 52.39 25.59 -73.40
N ARG L 70 52.75 25.52 -72.11
CA ARG L 70 54.05 24.97 -71.75
C ARG L 70 54.09 23.46 -71.94
N LEU L 71 52.94 22.81 -71.81
CA LEU L 71 52.85 21.37 -71.98
C LEU L 71 52.70 20.96 -73.46
N GLY L 72 52.42 21.93 -74.33
CA GLY L 72 52.28 21.64 -75.74
C GLY L 72 51.16 20.66 -76.07
N ILE L 73 50.17 20.52 -75.19
CA ILE L 73 49.05 19.62 -75.39
C ILE L 73 47.77 20.44 -75.36
N ARG L 74 46.81 20.07 -76.20
CA ARG L 74 45.51 20.74 -76.25
C ARG L 74 44.54 20.17 -75.19
N ILE L 75 44.35 20.91 -74.12
CA ILE L 75 43.48 20.57 -73.01
C ILE L 75 42.11 21.16 -73.30
N SER L 76 41.06 20.34 -73.25
CA SER L 76 39.69 20.83 -73.36
C SER L 76 38.91 20.26 -72.19
N MET L 77 38.53 21.14 -71.26
CA MET L 77 37.78 20.69 -70.09
C MET L 77 36.29 20.81 -70.36
N SER L 78 35.55 19.84 -69.84
CA SER L 78 34.09 19.87 -69.90
C SER L 78 33.56 20.44 -68.59
N HIS L 79 32.58 21.32 -68.70
CA HIS L 79 32.11 22.14 -67.59
C HIS L 79 30.70 21.72 -67.23
N GLU L 80 30.47 21.40 -65.95
CA GLU L 80 29.14 21.03 -65.48
C GLU L 80 28.56 22.16 -64.63
N GLU L 81 27.28 22.47 -64.87
CA GLU L 81 26.59 23.48 -64.09
C GLU L 81 26.24 22.97 -62.71
N GLU L 82 25.61 21.90 -62.65
CA GLU L 82 25.36 21.26 -61.39
C GLU L 82 26.43 20.21 -61.12
N PRO L 83 26.75 19.91 -59.87
CA PRO L 83 27.70 18.83 -59.58
C PRO L 83 27.10 17.49 -59.97
N LEU L 84 27.73 16.83 -60.94
CA LEU L 84 27.20 15.60 -61.49
C LEU L 84 27.79 14.36 -60.85
N GLY L 85 28.34 14.48 -59.64
CA GLY L 85 28.96 13.35 -58.98
C GLY L 85 30.26 12.96 -59.67
N THR L 86 30.59 11.68 -59.57
CA THR L 86 31.77 11.16 -60.25
C THR L 86 31.44 10.48 -61.57
N ALA L 87 30.19 10.06 -61.75
CA ALA L 87 29.76 9.41 -63.00
C ALA L 87 29.43 10.44 -64.06
N GLY L 88 28.51 11.35 -63.76
CA GLY L 88 28.03 12.39 -64.66
C GLY L 88 29.02 13.23 -65.45
N PRO L 89 30.23 13.48 -64.94
CA PRO L 89 31.27 14.04 -65.83
C PRO L 89 31.61 13.18 -67.04
N LEU L 90 31.50 11.85 -66.94
CA LEU L 90 31.65 11.02 -68.13
C LEU L 90 30.50 11.22 -69.10
N ALA L 91 29.28 11.35 -68.57
CA ALA L 91 28.11 11.48 -69.44
C ALA L 91 28.03 12.86 -70.07
N LEU L 92 28.61 13.88 -69.45
CA LEU L 92 28.66 15.19 -70.08
C LEU L 92 29.74 15.23 -71.16
N ALA L 93 30.85 14.54 -70.93
CA ALA L 93 31.92 14.43 -71.91
C ALA L 93 31.75 13.24 -72.84
N ARG L 94 30.51 12.78 -73.04
CA ARG L 94 30.25 11.51 -73.70
C ARG L 94 30.55 11.54 -75.18
N ASP L 95 30.15 12.60 -75.89
CA ASP L 95 30.29 12.62 -77.34
C ASP L 95 31.73 12.93 -77.75
N LEU L 96 32.43 13.72 -76.93
CA LEU L 96 33.84 14.01 -77.17
C LEU L 96 34.72 12.79 -76.97
N LEU L 97 34.29 11.83 -76.15
CA LEU L 97 34.98 10.57 -75.98
C LEU L 97 34.43 9.47 -76.88
N SER L 98 33.24 9.70 -77.45
CA SER L 98 32.60 8.69 -78.29
C SER L 98 33.15 8.69 -79.71
N GLU L 99 33.69 9.82 -80.17
CA GLU L 99 34.17 9.88 -81.54
C GLU L 99 35.51 9.19 -81.74
N THR L 100 36.19 8.78 -80.68
CA THR L 100 37.27 7.81 -80.76
C THR L 100 36.83 6.51 -80.08
N ALA L 101 37.11 5.39 -80.75
CA ALA L 101 36.71 4.07 -80.25
C ALA L 101 37.93 3.34 -79.68
N ASP L 102 38.47 3.91 -78.61
CA ASP L 102 39.64 3.37 -77.94
C ASP L 102 39.47 3.59 -76.44
N PRO L 103 40.05 2.72 -75.60
CA PRO L 103 39.86 2.87 -74.16
C PRO L 103 40.57 4.11 -73.62
N PHE L 104 39.91 4.77 -72.66
CA PHE L 104 40.35 6.05 -72.16
C PHE L 104 40.73 5.95 -70.69
N PHE L 105 41.59 6.88 -70.28
CA PHE L 105 42.02 6.98 -68.88
C PHE L 105 40.99 7.74 -68.07
N VAL L 106 40.75 7.25 -66.85
CA VAL L 106 39.91 7.91 -65.87
C VAL L 106 40.72 8.02 -64.59
N LEU L 107 41.04 9.25 -64.20
CA LEU L 107 41.90 9.48 -63.06
C LEU L 107 41.13 10.23 -61.98
N ASN L 108 41.85 10.53 -60.91
CA ASN L 108 41.35 11.40 -59.86
C ASN L 108 42.36 12.50 -59.61
N SER L 109 41.86 13.66 -59.18
CA SER L 109 42.73 14.80 -58.94
C SER L 109 43.61 14.60 -57.72
N ASP L 110 43.10 13.90 -56.71
CA ASP L 110 43.80 13.85 -55.43
C ASP L 110 44.93 12.81 -55.42
N VAL L 111 44.92 11.85 -56.31
CA VAL L 111 45.90 10.77 -56.29
C VAL L 111 47.24 11.27 -56.83
N ILE L 112 48.32 10.96 -56.10
CA ILE L 112 49.66 11.07 -56.67
C ILE L 112 50.43 9.80 -56.32
N CYS L 113 51.20 9.32 -57.30
CA CYS L 113 52.00 8.10 -57.25
C CYS L 113 52.82 8.04 -58.53
N ASP L 114 53.52 6.93 -58.71
CA ASP L 114 54.00 6.55 -60.03
C ASP L 114 52.80 6.27 -60.94
N PHE L 115 52.98 6.53 -62.23
CA PHE L 115 51.91 6.29 -63.20
C PHE L 115 52.45 5.45 -64.35
N PRO L 116 52.25 4.13 -64.34
CA PRO L 116 52.69 3.25 -65.44
C PRO L 116 51.67 3.18 -66.58
N PHE L 117 51.65 4.25 -67.37
CA PHE L 117 50.56 4.47 -68.34
C PHE L 117 50.66 3.51 -69.53
N GLN L 118 51.84 3.46 -70.16
CA GLN L 118 52.05 2.54 -71.27
C GLN L 118 51.96 1.09 -70.81
N ALA L 119 52.43 0.83 -69.58
CA ALA L 119 52.31 -0.51 -69.01
C ALA L 119 50.85 -0.90 -68.82
N MET L 120 50.00 0.04 -68.37
CA MET L 120 48.58 -0.30 -68.33
C MET L 120 47.94 -0.43 -69.70
N VAL L 121 48.39 0.33 -70.72
CA VAL L 121 47.65 0.18 -71.98
C VAL L 121 48.03 -1.13 -72.68
N GLN L 122 49.29 -1.58 -72.54
CA GLN L 122 49.62 -2.91 -73.05
C GLN L 122 49.01 -4.03 -72.21
N PHE L 123 48.90 -3.82 -70.88
CA PHE L 123 48.19 -4.76 -70.03
C PHE L 123 46.72 -4.86 -70.42
N HIS L 124 46.11 -3.72 -70.73
CA HIS L 124 44.69 -3.69 -71.10
C HIS L 124 44.48 -4.36 -72.46
N ARG L 125 45.43 -4.21 -73.37
CA ARG L 125 45.32 -4.90 -74.64
C ARG L 125 45.55 -6.40 -74.49
N HIS L 126 46.40 -6.80 -73.54
CA HIS L 126 46.65 -8.22 -73.32
C HIS L 126 45.42 -8.91 -72.74
N HIS L 127 44.77 -8.30 -71.74
CA HIS L 127 43.74 -9.06 -71.03
C HIS L 127 42.42 -9.09 -71.80
N GLY L 128 42.06 -8.00 -72.47
CA GLY L 128 41.02 -8.03 -73.49
C GLY L 128 39.61 -7.72 -73.06
N GLN L 129 39.38 -7.31 -71.81
CA GLN L 129 38.04 -6.94 -71.38
C GLN L 129 37.86 -5.42 -71.53
N GLU L 130 36.69 -4.92 -71.11
CA GLU L 130 36.40 -3.52 -71.32
C GLU L 130 37.05 -2.62 -70.27
N GLY L 131 37.26 -3.11 -69.07
CA GLY L 131 37.72 -2.28 -67.96
C GLY L 131 38.95 -2.84 -67.30
N SER L 132 39.86 -1.96 -66.91
CA SER L 132 41.00 -2.35 -66.10
C SER L 132 41.14 -1.37 -64.94
N ILE L 133 41.38 -1.92 -63.76
CA ILE L 133 41.52 -1.11 -62.56
C ILE L 133 42.93 -1.28 -62.01
N LEU L 134 43.40 -0.25 -61.32
CA LEU L 134 44.65 -0.30 -60.59
C LEU L 134 44.36 -0.52 -59.12
N VAL L 135 45.19 -1.34 -58.47
CA VAL L 135 44.99 -1.77 -57.10
C VAL L 135 46.30 -1.62 -56.32
N THR L 136 46.18 -1.45 -55.00
CA THR L 136 47.35 -1.28 -54.15
C THR L 136 46.99 -1.83 -52.77
N LYS L 137 47.97 -2.39 -52.06
CA LYS L 137 47.77 -2.77 -50.67
C LYS L 137 48.03 -1.59 -49.75
N VAL L 138 47.30 -1.53 -48.64
CA VAL L 138 47.42 -0.48 -47.64
C VAL L 138 46.97 -1.07 -46.31
N GLU L 139 47.54 -0.56 -45.21
CA GLU L 139 47.21 -1.07 -43.89
C GLU L 139 45.83 -0.61 -43.45
N GLU L 140 45.32 0.48 -44.02
CA GLU L 140 44.01 1.04 -43.73
C GLU L 140 43.09 0.88 -44.94
N PRO L 141 42.29 -0.18 -45.01
CA PRO L 141 41.40 -0.37 -46.17
C PRO L 141 39.97 0.12 -45.99
N SER L 142 39.61 0.68 -44.84
CA SER L 142 38.21 1.04 -44.62
C SER L 142 37.82 2.31 -45.36
N LYS L 143 38.69 3.33 -45.34
CA LYS L 143 38.35 4.60 -45.98
C LYS L 143 38.40 4.51 -47.49
N TYR L 144 39.12 3.55 -48.04
CA TYR L 144 39.18 3.40 -49.48
C TYR L 144 38.24 2.29 -49.93
N GLY L 145 37.90 2.32 -51.22
CA GLY L 145 37.04 1.29 -51.77
C GLY L 145 37.80 0.01 -52.04
N VAL L 146 37.16 -1.13 -51.75
CA VAL L 146 37.85 -2.41 -51.70
C VAL L 146 37.45 -3.28 -52.89
N VAL L 147 38.46 -3.63 -53.67
CA VAL L 147 38.39 -4.57 -54.76
C VAL L 147 38.84 -5.93 -54.25
N VAL L 148 38.06 -6.97 -54.55
CA VAL L 148 38.47 -8.35 -54.34
C VAL L 148 38.59 -8.97 -55.71
N CYS L 149 39.82 -9.06 -56.20
CA CYS L 149 40.08 -9.52 -57.56
C CYS L 149 40.75 -10.88 -57.50
N GLU L 150 40.75 -11.56 -58.64
CA GLU L 150 41.36 -12.87 -58.66
C GLU L 150 42.86 -12.67 -58.85
N ALA L 151 43.63 -13.75 -58.66
CA ALA L 151 45.09 -13.63 -58.68
C ALA L 151 45.61 -13.40 -60.09
N ASP L 152 45.27 -14.28 -61.02
CA ASP L 152 45.78 -14.17 -62.38
C ASP L 152 44.74 -13.67 -63.36
N THR L 153 43.46 -13.93 -63.13
CA THR L 153 42.41 -13.42 -63.99
C THR L 153 41.95 -12.02 -63.60
N GLY L 154 42.46 -11.48 -62.48
CA GLY L 154 42.25 -10.09 -62.06
C GLY L 154 40.83 -9.57 -61.91
N ARG L 155 39.85 -10.45 -62.05
CA ARG L 155 38.47 -10.03 -62.19
C ARG L 155 37.89 -9.69 -60.83
N ILE L 156 37.26 -8.53 -60.74
CA ILE L 156 36.64 -8.17 -59.47
C ILE L 156 35.32 -8.91 -59.40
N HIS L 157 35.38 -10.15 -58.94
CA HIS L 157 34.18 -10.94 -58.73
C HIS L 157 33.44 -10.47 -57.49
N ARG L 158 34.17 -9.88 -56.54
CA ARG L 158 33.62 -9.41 -55.28
C ARG L 158 34.11 -7.98 -55.08
N PHE L 159 33.24 -7.01 -55.32
CA PHE L 159 33.56 -5.62 -55.05
C PHE L 159 32.77 -5.14 -53.84
N VAL L 160 33.36 -4.24 -53.05
CA VAL L 160 32.63 -3.57 -51.99
C VAL L 160 33.15 -2.14 -51.87
N GLU L 161 32.23 -1.18 -51.88
CA GLU L 161 32.58 0.24 -51.89
C GLU L 161 32.31 0.84 -50.51
N LYS L 162 33.34 1.49 -49.95
CA LYS L 162 33.42 1.99 -48.58
C LYS L 162 33.04 0.90 -47.58
N PRO L 163 33.86 -0.15 -47.45
CA PRO L 163 33.38 -1.41 -46.85
C PRO L 163 33.02 -1.40 -45.37
N GLN L 164 34.00 -1.07 -44.51
CA GLN L 164 33.98 -1.37 -43.07
C GLN L 164 33.62 -2.83 -42.80
N VAL L 165 34.19 -3.73 -43.60
CA VAL L 165 33.93 -5.16 -43.50
C VAL L 165 35.22 -5.95 -43.24
N PHE L 166 36.36 -5.41 -43.68
CA PHE L 166 37.63 -6.10 -43.89
C PHE L 166 37.47 -7.25 -44.89
N VAL L 167 37.10 -6.88 -46.11
CA VAL L 167 36.96 -7.85 -47.18
C VAL L 167 38.32 -8.37 -47.64
N SER L 168 39.23 -7.46 -47.98
CA SER L 168 40.56 -7.85 -48.41
C SER L 168 41.54 -6.73 -48.11
N ASN L 169 42.83 -7.07 -48.19
CA ASN L 169 43.88 -6.08 -47.95
C ASN L 169 44.02 -5.10 -49.10
N LYS L 170 43.72 -5.54 -50.31
CA LYS L 170 43.88 -4.68 -51.47
C LYS L 170 42.75 -3.66 -51.55
N ILE L 171 43.08 -2.46 -52.03
CA ILE L 171 42.11 -1.41 -52.26
C ILE L 171 42.29 -0.88 -53.67
N ASN L 172 41.29 -0.10 -54.08
CA ASN L 172 41.32 0.62 -55.35
C ASN L 172 42.40 1.69 -55.32
N ALA L 173 43.22 1.71 -56.37
CA ALA L 173 44.25 2.74 -56.48
C ALA L 173 43.76 3.99 -57.18
N GLY L 174 42.49 4.03 -57.60
CA GLY L 174 41.93 5.25 -58.13
C GLY L 174 42.26 5.58 -59.57
N MET L 175 42.97 4.71 -60.27
CA MET L 175 43.11 4.79 -61.73
C MET L 175 42.25 3.76 -62.41
N TYR L 176 41.51 4.20 -63.41
CA TYR L 176 40.65 3.34 -64.20
C TYR L 176 41.00 3.50 -65.68
N ILE L 177 40.89 2.41 -66.43
CA ILE L 177 40.88 2.46 -67.89
C ILE L 177 39.53 1.89 -68.32
N LEU L 178 38.74 2.71 -69.01
CA LEU L 178 37.40 2.31 -69.40
C LEU L 178 37.27 2.32 -70.92
N SER L 179 36.62 1.30 -71.45
CA SER L 179 36.34 1.18 -72.87
C SER L 179 35.27 2.21 -73.27
N PRO L 180 35.11 2.47 -74.58
CA PRO L 180 33.95 3.26 -75.01
C PRO L 180 32.60 2.58 -74.78
N ALA L 181 32.58 1.27 -74.52
CA ALA L 181 31.33 0.57 -74.33
C ALA L 181 30.67 0.91 -72.99
N VAL L 182 31.45 1.25 -71.97
CA VAL L 182 30.82 1.53 -70.68
C VAL L 182 30.22 2.92 -70.68
N LEU L 183 30.65 3.77 -71.61
CA LEU L 183 30.16 5.14 -71.71
C LEU L 183 28.72 5.17 -72.21
N GLN L 184 28.31 4.16 -72.97
CA GLN L 184 26.93 4.07 -73.41
C GLN L 184 25.99 3.74 -72.25
N ARG L 185 26.42 2.85 -71.35
CA ARG L 185 25.54 2.40 -70.27
C ARG L 185 25.40 3.42 -69.16
N ILE L 186 26.25 4.46 -69.12
CA ILE L 186 26.08 5.49 -68.11
C ILE L 186 24.89 6.36 -68.48
N GLN L 187 24.28 6.96 -67.46
CA GLN L 187 23.10 7.77 -67.65
C GLN L 187 23.45 9.26 -67.60
N LEU L 188 22.60 10.07 -68.22
CA LEU L 188 22.91 11.49 -68.38
C LEU L 188 22.78 12.25 -67.08
N GLN L 189 21.90 11.80 -66.19
CA GLN L 189 21.67 12.54 -64.97
C GLN L 189 22.83 12.31 -63.97
N PRO L 190 23.06 13.28 -63.06
CA PRO L 190 24.07 13.14 -62.00
C PRO L 190 23.98 11.88 -61.14
N THR L 191 25.05 11.07 -61.14
CA THR L 191 25.22 9.93 -60.25
C THR L 191 26.70 9.78 -59.91
N SER L 192 27.05 8.67 -59.26
CA SER L 192 28.42 8.36 -58.87
C SER L 192 28.90 7.10 -59.59
N ILE L 193 30.17 7.08 -59.99
CA ILE L 193 30.65 6.01 -60.86
C ILE L 193 31.10 4.79 -60.07
N GLU L 194 31.87 5.00 -58.99
CA GLU L 194 32.70 3.93 -58.45
C GLU L 194 31.93 2.92 -57.62
N LYS L 195 30.75 3.29 -57.12
CA LYS L 195 29.92 2.29 -56.46
C LYS L 195 28.92 1.66 -57.42
N GLU L 196 28.49 2.41 -58.43
CA GLU L 196 27.38 1.96 -59.26
C GLU L 196 27.84 1.07 -60.41
N VAL L 197 28.78 1.53 -61.23
CA VAL L 197 29.15 0.74 -62.39
C VAL L 197 30.09 -0.41 -62.04
N PHE L 198 30.73 -0.38 -60.87
CA PHE L 198 31.65 -1.45 -60.54
C PHE L 198 30.87 -2.68 -60.11
N PRO L 199 29.71 -2.51 -59.47
CA PRO L 199 28.89 -3.68 -59.14
C PRO L 199 28.27 -4.33 -60.37
N ILE L 200 27.77 -3.53 -61.31
CA ILE L 200 27.18 -4.13 -62.50
C ILE L 200 28.24 -4.65 -63.45
N MET L 201 29.42 -4.03 -63.53
CA MET L 201 30.50 -4.65 -64.31
C MET L 201 31.14 -5.82 -63.58
N ALA L 202 31.00 -5.89 -62.26
CA ALA L 202 31.37 -7.10 -61.53
C ALA L 202 30.39 -8.23 -61.84
N LYS L 203 29.14 -7.88 -62.10
CA LYS L 203 28.18 -8.87 -62.57
C LYS L 203 28.46 -9.29 -64.01
N GLU L 204 28.90 -8.35 -64.86
CA GLU L 204 29.30 -8.76 -66.21
C GLU L 204 30.67 -9.43 -66.20
N GLY L 205 31.55 -9.01 -65.31
CA GLY L 205 32.86 -9.63 -65.21
C GLY L 205 33.91 -9.12 -66.16
N GLN L 206 33.64 -8.00 -66.85
CA GLN L 206 34.63 -7.42 -67.76
C GLN L 206 35.44 -6.35 -67.04
N LEU L 207 36.28 -6.85 -66.12
CA LEU L 207 37.14 -6.03 -65.29
C LEU L 207 38.38 -6.83 -64.95
N TYR L 208 39.54 -6.19 -64.98
CA TYR L 208 40.79 -6.81 -64.56
C TYR L 208 41.50 -5.86 -63.60
N ALA L 209 42.58 -6.35 -62.98
CA ALA L 209 43.28 -5.61 -61.94
C ALA L 209 44.79 -5.63 -62.17
N MET L 210 45.45 -4.52 -61.86
CA MET L 210 46.90 -4.41 -62.01
C MET L 210 47.48 -3.68 -60.80
N GLU L 211 48.63 -4.16 -60.32
CA GLU L 211 49.41 -3.57 -59.23
C GLU L 211 49.83 -2.15 -59.55
N LEU L 212 50.02 -1.36 -58.50
CA LEU L 212 50.91 -0.21 -58.59
C LEU L 212 52.28 -0.61 -58.07
N GLN L 213 53.31 0.02 -58.63
CA GLN L 213 54.67 -0.37 -58.31
C GLN L 213 55.07 0.09 -56.91
N GLY L 214 54.76 1.32 -56.54
CA GLY L 214 55.13 1.81 -55.24
C GLY L 214 54.55 3.15 -54.89
N PHE L 215 54.66 3.49 -53.59
CA PHE L 215 54.26 4.71 -52.89
C PHE L 215 52.97 5.37 -53.39
N TRP L 216 51.92 4.57 -53.59
CA TRP L 216 50.60 5.14 -53.81
C TRP L 216 50.12 5.82 -52.55
N MET L 217 49.60 7.04 -52.69
CA MET L 217 49.01 7.72 -51.54
C MET L 217 48.02 8.77 -52.03
N ASP L 218 46.93 8.89 -51.29
CA ASP L 218 45.96 9.96 -51.49
C ASP L 218 46.38 11.17 -50.68
N ILE L 219 46.13 12.37 -51.20
CA ILE L 219 46.44 13.60 -50.47
C ILE L 219 45.16 14.35 -50.07
N GLY L 220 44.03 13.66 -50.04
CA GLY L 220 42.78 14.24 -49.58
C GLY L 220 42.83 14.73 -48.15
N GLN L 221 43.04 13.82 -47.20
CA GLN L 221 43.18 14.23 -45.81
C GLN L 221 44.51 14.94 -45.60
N PRO L 222 44.56 15.94 -44.71
CA PRO L 222 45.84 16.67 -44.51
C PRO L 222 46.90 15.84 -43.81
N LYS L 223 46.49 14.98 -42.87
CA LYS L 223 47.27 13.82 -42.43
C LYS L 223 47.89 13.09 -43.61
N ASP L 224 47.04 12.66 -44.54
CA ASP L 224 47.50 11.94 -45.71
C ASP L 224 48.26 12.83 -46.68
N PHE L 225 48.02 14.16 -46.66
CA PHE L 225 48.84 15.08 -47.45
C PHE L 225 50.28 15.06 -46.97
N LEU L 226 50.49 15.19 -45.66
CA LEU L 226 51.84 15.24 -45.10
C LEU L 226 52.54 13.90 -45.26
N THR L 227 51.85 12.80 -45.00
CA THR L 227 52.52 11.53 -45.17
C THR L 227 52.68 11.14 -46.64
N GLY L 228 51.88 11.70 -47.55
CA GLY L 228 52.09 11.47 -48.96
C GLY L 228 53.29 12.22 -49.45
N MET L 229 53.50 13.41 -48.90
CA MET L 229 54.72 14.16 -49.19
C MET L 229 55.96 13.43 -48.68
N CYS L 230 55.89 12.87 -47.47
CA CYS L 230 57.04 12.14 -46.95
C CYS L 230 57.25 10.79 -47.64
N LEU L 231 56.22 10.23 -48.27
CA LEU L 231 56.43 9.04 -49.10
C LEU L 231 56.94 9.41 -50.49
N PHE L 232 56.58 10.60 -50.98
CA PHE L 232 57.06 11.04 -52.29
C PHE L 232 58.53 11.40 -52.25
N LEU L 233 59.01 11.91 -51.12
CA LEU L 233 60.33 12.53 -51.13
C LEU L 233 61.47 11.52 -51.23
N GLN L 234 61.38 10.34 -50.60
CA GLN L 234 62.57 9.50 -50.77
C GLN L 234 62.52 8.75 -52.09
N SER L 235 61.33 8.58 -52.67
CA SER L 235 61.26 8.07 -54.03
C SER L 235 61.83 9.07 -55.03
N LEU L 236 61.59 10.36 -54.78
CA LEU L 236 62.26 11.40 -55.56
C LEU L 236 63.76 11.40 -55.34
N ARG L 237 64.22 11.05 -54.14
CA ARG L 237 65.65 10.94 -53.92
C ARG L 237 66.24 9.72 -54.64
N GLN L 238 65.51 8.61 -54.65
CA GLN L 238 65.96 7.41 -55.34
C GLN L 238 66.05 7.63 -56.84
N LYS L 239 65.04 8.29 -57.41
CA LYS L 239 65.01 8.47 -58.86
C LYS L 239 65.75 9.72 -59.33
N GLN L 240 65.77 10.79 -58.55
CA GLN L 240 66.45 12.04 -58.93
C GLN L 240 67.16 12.60 -57.70
N PRO L 241 68.34 12.08 -57.37
CA PRO L 241 69.02 12.55 -56.15
C PRO L 241 69.56 13.97 -56.25
N GLU L 242 69.90 14.44 -57.45
CA GLU L 242 70.46 15.77 -57.60
C GLU L 242 69.42 16.87 -57.45
N ARG L 243 68.13 16.54 -57.62
CA ARG L 243 67.07 17.54 -57.50
C ARG L 243 66.86 17.96 -56.05
N LEU L 244 67.00 17.03 -55.11
CA LEU L 244 66.80 17.32 -53.70
C LEU L 244 67.97 18.13 -53.17
N CYS L 245 67.67 19.19 -52.43
CA CYS L 245 68.69 20.13 -52.01
C CYS L 245 69.49 19.56 -50.85
N SER L 246 70.79 19.82 -50.87
CA SER L 246 71.71 19.33 -49.85
C SER L 246 72.51 20.50 -49.29
N GLY L 247 72.65 20.53 -47.97
CA GLY L 247 73.36 21.60 -47.30
C GLY L 247 73.99 21.15 -46.00
N PRO L 248 74.80 22.03 -45.41
CA PRO L 248 75.40 21.69 -44.11
C PRO L 248 74.39 21.66 -42.97
N GLY L 249 73.50 22.63 -42.90
CA GLY L 249 72.44 22.64 -41.93
C GLY L 249 71.18 21.92 -42.35
N ILE L 250 71.25 21.10 -43.39
CA ILE L 250 70.10 20.38 -43.90
C ILE L 250 70.22 18.92 -43.49
N VAL L 251 69.19 18.40 -42.82
CA VAL L 251 69.18 17.03 -42.32
C VAL L 251 68.12 16.25 -43.09
N GLY L 252 68.53 15.17 -43.74
CA GLY L 252 67.59 14.30 -44.42
C GLY L 252 67.23 14.80 -45.80
N ASN L 253 66.00 14.49 -46.22
CA ASN L 253 65.50 14.80 -47.54
C ASN L 253 64.74 16.12 -47.49
N VAL L 254 65.27 17.15 -48.15
CA VAL L 254 64.70 18.49 -48.13
C VAL L 254 64.65 19.00 -49.56
N LEU L 255 63.46 19.38 -50.02
CA LEU L 255 63.29 20.00 -51.32
C LEU L 255 63.06 21.49 -51.14
N VAL L 256 63.82 22.31 -51.88
CA VAL L 256 63.75 23.75 -51.76
C VAL L 256 63.33 24.32 -53.11
N ASP L 257 62.80 25.53 -53.08
CA ASP L 257 62.59 26.29 -54.31
C ASP L 257 63.73 27.30 -54.49
N PRO L 258 64.13 27.56 -55.73
CA PRO L 258 65.23 28.52 -55.96
C PRO L 258 64.94 29.94 -55.49
N SER L 259 63.71 30.42 -55.61
CA SER L 259 63.41 31.77 -55.15
C SER L 259 63.19 31.84 -53.64
N ALA L 260 63.08 30.70 -52.96
CA ALA L 260 62.95 30.70 -51.52
C ALA L 260 64.26 31.11 -50.86
N ARG L 261 64.16 31.63 -49.64
CA ARG L 261 65.33 32.11 -48.91
C ARG L 261 65.33 31.51 -47.52
N ILE L 262 66.42 30.83 -47.18
CA ILE L 262 66.63 30.27 -45.85
C ILE L 262 67.68 31.11 -45.15
N GLY L 263 67.46 31.35 -43.86
CA GLY L 263 68.47 32.01 -43.06
C GLY L 263 69.52 31.04 -42.55
N GLN L 264 70.66 31.60 -42.16
CA GLN L 264 71.77 30.79 -41.69
C GLN L 264 71.51 30.31 -40.26
N ASN L 265 72.34 29.34 -39.84
CA ASN L 265 72.34 28.76 -38.49
C ASN L 265 70.99 28.14 -38.14
N CYS L 266 70.36 27.49 -39.11
CA CYS L 266 69.07 26.85 -38.89
C CYS L 266 69.12 25.44 -39.46
N SER L 267 68.34 24.54 -38.85
CA SER L 267 68.40 23.11 -39.14
C SER L 267 67.06 22.66 -39.70
N ILE L 268 67.01 22.39 -40.99
CA ILE L 268 65.79 21.95 -41.64
C ILE L 268 65.73 20.43 -41.63
N GLY L 269 64.75 19.88 -40.92
CA GLY L 269 64.67 18.45 -40.70
C GLY L 269 64.21 17.71 -41.93
N PRO L 270 64.09 16.38 -41.78
CA PRO L 270 63.76 15.54 -42.95
C PRO L 270 62.32 15.71 -43.40
N ASN L 271 62.12 15.44 -44.70
CA ASN L 271 60.81 15.49 -45.36
C ASN L 271 60.17 16.88 -45.24
N VAL L 272 60.93 17.91 -45.60
CA VAL L 272 60.46 19.29 -45.59
C VAL L 272 60.58 19.84 -46.99
N SER L 273 59.47 20.31 -47.55
CA SER L 273 59.46 20.99 -48.83
C SER L 273 59.07 22.45 -48.62
N LEU L 274 59.90 23.35 -49.12
CA LEU L 274 59.65 24.79 -49.02
C LEU L 274 59.07 25.30 -50.32
N GLY L 275 58.17 26.28 -50.23
CA GLY L 275 57.52 26.81 -51.38
C GLY L 275 58.38 27.87 -52.08
N PRO L 276 57.85 28.41 -53.18
CA PRO L 276 58.53 29.54 -53.84
C PRO L 276 58.25 30.85 -53.11
N GLY L 277 59.32 31.57 -52.80
CA GLY L 277 59.18 32.85 -52.16
C GLY L 277 59.03 32.82 -50.66
N VAL L 278 59.38 31.71 -50.01
CA VAL L 278 59.31 31.67 -48.55
C VAL L 278 60.55 32.33 -47.98
N VAL L 279 60.42 32.86 -46.77
CA VAL L 279 61.52 33.49 -46.06
C VAL L 279 61.61 32.82 -44.69
N VAL L 280 62.67 32.05 -44.48
CA VAL L 280 62.94 31.40 -43.21
C VAL L 280 64.12 32.09 -42.57
N GLU L 281 63.94 32.57 -41.36
CA GLU L 281 64.95 33.36 -40.68
C GLU L 281 65.92 32.45 -39.94
N ASP L 282 66.78 33.05 -39.11
CA ASP L 282 67.87 32.32 -38.50
C ASP L 282 67.40 31.50 -37.31
N GLY L 283 67.81 30.23 -37.27
CA GLY L 283 67.54 29.40 -36.11
C GLY L 283 66.15 28.80 -36.08
N VAL L 284 65.59 28.48 -37.23
CA VAL L 284 64.26 27.88 -37.34
C VAL L 284 64.44 26.41 -37.67
N CYS L 285 63.79 25.55 -36.91
CA CYS L 285 63.87 24.11 -37.14
C CYS L 285 62.51 23.62 -37.61
N ILE L 286 62.45 23.21 -38.88
CA ILE L 286 61.23 22.73 -39.51
C ILE L 286 61.42 21.26 -39.83
N ARG L 287 60.50 20.43 -39.35
CA ARG L 287 60.58 18.98 -39.55
C ARG L 287 59.23 18.45 -40.00
N ARG L 288 59.24 17.69 -41.11
CA ARG L 288 58.07 17.02 -41.69
C ARG L 288 56.94 17.99 -42.04
N CYS L 289 57.25 19.23 -42.37
CA CYS L 289 56.21 20.19 -42.69
C CYS L 289 56.17 20.47 -44.19
N THR L 290 55.26 21.35 -44.57
CA THR L 290 55.11 21.81 -45.95
C THR L 290 54.74 23.29 -45.91
N VAL L 291 55.56 24.12 -46.52
CA VAL L 291 55.39 25.57 -46.51
C VAL L 291 55.01 26.01 -47.91
N LEU L 292 53.89 26.71 -48.03
CA LEU L 292 53.38 27.13 -49.33
C LEU L 292 54.05 28.45 -49.73
N ARG L 293 53.60 29.05 -50.83
CA ARG L 293 54.30 30.19 -51.40
C ARG L 293 54.04 31.47 -50.59
N ASP L 294 55.05 32.36 -50.61
CA ASP L 294 55.05 33.68 -49.94
C ASP L 294 54.83 33.59 -48.43
N ALA L 295 55.15 32.46 -47.82
CA ALA L 295 54.90 32.25 -46.39
C ALA L 295 56.20 32.47 -45.62
N ARG L 296 56.18 33.40 -44.67
CA ARG L 296 57.36 33.79 -43.92
C ARG L 296 57.32 33.20 -42.52
N ILE L 297 58.41 32.53 -42.13
CA ILE L 297 58.52 31.92 -40.81
C ILE L 297 59.60 32.67 -40.04
N ARG L 298 59.21 33.31 -38.94
CA ARG L 298 60.16 34.14 -38.22
C ARG L 298 61.12 33.28 -37.39
N SER L 299 62.10 33.97 -36.81
CA SER L 299 63.27 33.32 -36.24
C SER L 299 62.96 32.63 -34.92
N HIS L 300 63.83 31.68 -34.57
CA HIS L 300 63.83 30.95 -33.30
C HIS L 300 62.55 30.16 -33.07
N SER L 301 61.95 29.64 -34.13
CA SER L 301 60.68 28.95 -34.02
C SER L 301 60.82 27.50 -34.47
N TRP L 302 59.96 26.65 -33.94
CA TRP L 302 59.99 25.21 -34.19
C TRP L 302 58.69 24.80 -34.86
N LEU L 303 58.79 24.20 -36.04
CA LEU L 303 57.61 23.77 -36.78
C LEU L 303 57.73 22.27 -37.03
N GLU L 304 56.67 21.53 -36.72
CA GLU L 304 56.73 20.07 -36.76
C GLU L 304 55.41 19.53 -37.28
N SER L 305 55.47 18.85 -38.42
CA SER L 305 54.34 18.17 -39.06
C SER L 305 53.16 19.10 -39.30
N CYS L 306 53.44 20.18 -40.02
CA CYS L 306 52.49 21.26 -40.19
C CYS L 306 52.29 21.56 -41.67
N ILE L 307 51.20 22.22 -41.99
CA ILE L 307 50.96 22.77 -43.32
C ILE L 307 50.75 24.26 -43.17
N VAL L 308 51.65 25.05 -43.76
CA VAL L 308 51.60 26.50 -43.67
C VAL L 308 51.04 27.04 -44.99
N GLY L 309 49.96 27.79 -44.92
CA GLY L 309 49.26 28.26 -46.10
C GLY L 309 50.02 29.34 -46.85
N TRP L 310 49.38 29.83 -47.91
CA TRP L 310 49.97 30.86 -48.74
C TRP L 310 49.91 32.21 -48.03
N ARG L 311 51.00 32.96 -48.13
CA ARG L 311 51.14 34.32 -47.58
C ARG L 311 50.91 34.36 -46.07
N CYS L 312 51.51 33.39 -45.39
CA CYS L 312 51.25 33.10 -43.99
C CYS L 312 52.48 33.47 -43.16
N ARG L 313 52.28 34.33 -42.16
CA ARG L 313 53.37 34.82 -41.34
C ARG L 313 53.30 34.15 -39.96
N VAL L 314 54.34 33.41 -39.63
CA VAL L 314 54.47 32.76 -38.33
C VAL L 314 55.43 33.57 -37.48
N GLY L 315 55.04 33.85 -36.24
CA GLY L 315 55.83 34.70 -35.37
C GLY L 315 57.07 34.01 -34.82
N GLN L 316 57.77 34.74 -33.94
CA GLN L 316 58.96 34.19 -33.32
C GLN L 316 58.58 33.31 -32.14
N TRP L 317 59.44 32.31 -31.89
CA TRP L 317 59.35 31.40 -30.74
C TRP L 317 58.04 30.63 -30.72
N VAL L 318 57.49 30.33 -31.89
CA VAL L 318 56.23 29.61 -32.00
C VAL L 318 56.53 28.13 -32.19
N ARG L 319 55.90 27.30 -31.38
CA ARG L 319 56.01 25.85 -31.49
C ARG L 319 54.72 25.29 -32.07
N MET L 320 54.85 24.46 -33.09
CA MET L 320 53.70 23.88 -33.78
C MET L 320 53.82 22.38 -33.84
N GLU L 321 52.71 21.66 -33.67
CA GLU L 321 52.78 20.20 -33.68
C GLU L 321 51.62 19.51 -34.39
N ASN L 322 51.55 18.19 -34.19
CA ASN L 322 50.51 17.36 -34.79
C ASN L 322 50.37 17.61 -36.27
N VAL L 323 49.15 17.91 -36.70
CA VAL L 323 48.87 18.18 -38.11
C VAL L 323 48.20 19.54 -38.25
N THR L 324 48.76 20.53 -37.58
CA THR L 324 48.22 21.89 -37.61
C THR L 324 48.34 22.50 -39.00
N VAL L 325 47.22 23.07 -39.46
CA VAL L 325 47.10 23.61 -40.81
C VAL L 325 46.74 25.08 -40.68
N LEU L 326 47.46 25.92 -41.40
CA LEU L 326 47.17 27.33 -41.46
C LEU L 326 46.63 27.68 -42.84
N GLY L 327 45.58 28.50 -42.88
CA GLY L 327 44.96 28.89 -44.12
C GLY L 327 45.76 29.97 -44.84
N GLU L 328 45.12 30.53 -45.87
CA GLU L 328 45.74 31.64 -46.59
C GLU L 328 45.71 32.88 -45.72
N ASP L 329 46.89 33.52 -45.58
CA ASP L 329 47.06 34.82 -44.92
C ASP L 329 46.65 34.74 -43.45
N VAL L 330 47.26 33.82 -42.73
CA VAL L 330 47.02 33.63 -41.31
C VAL L 330 48.22 34.18 -40.56
N ILE L 331 47.96 34.98 -39.53
CA ILE L 331 49.02 35.57 -38.72
C ILE L 331 49.04 34.87 -37.37
N VAL L 332 50.20 34.33 -37.00
CA VAL L 332 50.39 33.66 -35.72
C VAL L 332 51.25 34.56 -34.85
N ASN L 333 50.77 34.89 -33.66
CA ASN L 333 51.43 35.86 -32.82
C ASN L 333 52.65 35.25 -32.13
N ASP L 334 53.30 36.07 -31.31
CA ASP L 334 54.63 35.76 -30.81
C ASP L 334 54.57 34.83 -29.61
N GLU L 335 55.52 33.89 -29.56
CA GLU L 335 55.65 32.80 -28.58
C GLU L 335 54.32 32.15 -28.19
N LEU L 336 53.63 31.64 -29.20
CA LEU L 336 52.43 30.85 -29.00
C LEU L 336 52.73 29.39 -29.27
N TYR L 337 51.86 28.51 -28.75
CA TYR L 337 51.98 27.08 -28.96
C TYR L 337 50.71 26.57 -29.62
N LEU L 338 50.84 25.97 -30.80
CA LEU L 338 49.70 25.46 -31.55
C LEU L 338 49.86 23.97 -31.76
N ASN L 339 48.90 23.21 -31.28
CA ASN L 339 48.92 21.75 -31.35
C ASN L 339 47.69 21.30 -32.13
N GLY L 340 47.87 21.01 -33.41
CA GLY L 340 46.81 20.43 -34.21
C GLY L 340 45.69 21.35 -34.58
N ALA L 341 45.85 22.64 -34.40
CA ALA L 341 44.76 23.60 -34.61
C ALA L 341 44.63 23.92 -36.09
N SER L 342 43.45 23.72 -36.65
CA SER L 342 43.16 24.14 -38.01
C SER L 342 42.62 25.56 -37.97
N VAL L 343 43.32 26.47 -38.65
CA VAL L 343 42.95 27.88 -38.70
C VAL L 343 42.36 28.18 -40.07
N LEU L 344 41.20 28.82 -40.07
CA LEU L 344 40.57 29.25 -41.30
C LEU L 344 41.31 30.47 -41.84
N PRO L 345 41.20 30.76 -43.14
CA PRO L 345 41.98 31.86 -43.72
C PRO L 345 41.62 33.24 -43.17
N HIS L 346 42.63 34.12 -43.17
CA HIS L 346 42.52 35.52 -42.77
C HIS L 346 42.08 35.69 -41.32
N LYS L 347 42.48 34.75 -40.46
CA LYS L 347 42.26 34.83 -39.03
C LYS L 347 43.61 34.97 -38.35
N SER L 348 43.64 35.68 -37.23
CA SER L 348 44.87 35.87 -36.48
C SER L 348 44.75 35.21 -35.12
N ILE L 349 45.80 34.48 -34.73
CA ILE L 349 45.81 33.69 -33.51
C ILE L 349 46.61 34.43 -32.46
N GLY L 350 46.00 34.68 -31.31
CA GLY L 350 46.65 35.40 -30.25
C GLY L 350 46.66 34.64 -28.94
N GLU L 351 46.22 33.39 -28.98
CA GLU L 351 46.17 32.54 -27.81
C GLU L 351 46.74 31.17 -28.17
N SER L 352 47.39 30.52 -27.20
CA SER L 352 47.88 29.18 -27.45
C SER L 352 46.73 28.19 -27.46
N VAL L 353 46.85 27.16 -28.28
CA VAL L 353 45.84 26.12 -28.40
C VAL L 353 46.42 24.84 -27.83
N PRO L 354 45.93 24.35 -26.70
CA PRO L 354 46.48 23.13 -26.11
C PRO L 354 46.21 21.86 -26.92
N GLU L 355 44.96 21.66 -27.32
CA GLU L 355 44.49 20.44 -27.94
C GLU L 355 43.85 20.80 -29.28
N PRO L 356 43.82 19.88 -30.25
CA PRO L 356 43.35 20.25 -31.60
C PRO L 356 41.88 20.58 -31.67
N ARG L 357 41.60 21.78 -32.18
CA ARG L 357 40.25 22.25 -32.44
C ARG L 357 40.32 23.20 -33.63
N ILE L 358 39.16 23.40 -34.26
CA ILE L 358 39.07 24.26 -35.43
C ILE L 358 38.82 25.69 -34.98
N ILE L 359 39.60 26.62 -35.50
CA ILE L 359 39.55 28.02 -35.10
C ILE L 359 38.94 28.83 -36.24
N MET L 360 37.95 29.64 -35.92
CA MET L 360 37.40 30.60 -36.86
C MET L 360 37.75 32.02 -36.43
N2 GDD M . 37.52 48.13 -47.07
C2 GDD M . 37.56 47.59 -45.82
N1 GDD M . 38.75 47.05 -45.46
N3 GDD M . 36.45 47.64 -45.10
C4 GDD M . 36.49 47.11 -43.88
C5 GDD M . 37.65 46.52 -43.40
C6 GDD M . 38.78 46.51 -44.23
O6 GDD M . 39.81 46.01 -43.83
N7 GDD M . 37.43 46.06 -42.14
C8 GDD M . 36.16 46.33 -41.81
N9 GDD M . 35.58 46.97 -42.87
C1' GDD M . 34.19 47.38 -42.73
C2' GDD M . 33.30 46.15 -42.51
O2' GDD M . 32.56 45.88 -43.70
C3' GDD M . 32.34 46.58 -41.39
O3' GDD M . 31.10 46.97 -41.97
C4' GDD M . 32.99 47.81 -40.76
O4' GDD M . 34.07 48.23 -41.62
C5' GDD M . 33.55 47.43 -39.38
O5' GDD M . 34.13 46.14 -39.49
PA GDD M . 34.57 45.33 -38.18
O1A GDD M . 35.98 44.90 -38.32
O2A GDD M . 33.60 44.07 -38.01
O3A GDD M . 34.42 46.23 -36.87
PB GDD M . 33.99 45.78 -35.40
O2B GDD M . 35.09 44.79 -34.77
O3B GDD M . 32.65 45.14 -35.44
O1B GDD M . 33.96 47.12 -34.54
C11 GDD M . 33.82 48.37 -35.20
O51 GDD M . 32.45 48.63 -35.49
C51 GDD M . 31.64 48.56 -34.31
C61 GDD M . 30.17 48.72 -34.68
O6A GDD M . 29.80 47.59 -35.48
C21 GDD M . 34.38 49.43 -34.25
O21 GDD M . 34.33 50.68 -34.92
C31 GDD M . 33.53 49.50 -32.98
O31 GDD M . 33.94 50.60 -32.18
C41 GDD M . 32.03 49.64 -33.31
O41 GDD M . 31.27 49.47 -32.12
N2 GDD N . 75.59 -3.90 -14.75
C2 GDD N . 74.44 -3.33 -15.21
N1 GDD N . 74.56 -2.13 -15.85
N3 GDD N . 73.32 -3.96 -14.93
C4 GDD N . 72.18 -3.40 -15.36
C5 GDD N . 72.18 -2.19 -16.03
C6 GDD N . 73.41 -1.56 -16.27
O6 GDD N . 73.44 -0.50 -16.87
N7 GDD N . 70.90 -1.87 -16.33
C8 GDD N . 70.09 -2.83 -15.86
N9 GDD N . 70.87 -3.76 -15.27
C1' GDD N . 70.21 -4.90 -14.68
C2' GDD N . 69.12 -4.34 -13.74
O2' GDD N . 69.55 -4.38 -12.38
C3' GDD N . 67.96 -5.33 -13.93
O3' GDD N . 67.95 -6.22 -12.82
C4' GDD N . 68.28 -6.09 -15.23
O4' GDD N . 69.56 -5.61 -15.71
C5' GDD N . 67.22 -5.76 -16.28
O5' GDD N . 66.97 -4.37 -16.14
PA GDD N . 65.70 -3.77 -16.93
O1A GDD N . 66.04 -2.48 -17.55
O2A GDD N . 64.47 -3.57 -15.90
O3A GDD N . 65.25 -4.84 -18.04
PB GDD N . 63.77 -5.22 -18.54
O2B GDD N . 63.09 -3.97 -19.28
O3B GDD N . 62.98 -5.67 -17.38
O1B GDD N . 64.00 -6.42 -19.59
C11 GDD N . 65.01 -7.39 -19.32
O51 GDD N . 64.60 -8.22 -18.23
C51 GDD N . 63.42 -8.96 -18.50
C61 GDD N . 63.03 -9.74 -17.27
O6A GDD N . 62.96 -8.83 -16.17
C21 GDD N . 65.25 -8.18 -20.60
O21 GDD N . 66.41 -9.00 -20.44
C31 GDD N . 64.07 -9.11 -20.90
O31 GDD N . 64.46 -10.01 -21.94
C41 GDD N . 63.63 -9.90 -19.67
O41 GDD N . 62.42 -10.59 -19.95
N2 GDD O . 2.52 -24.06 10.04
C2 GDD O . 1.19 -24.25 10.09
N1 GDD O . 0.59 -24.52 8.92
N3 GDD O . 0.61 -24.13 11.25
C4 GDD O . -0.71 -24.31 11.32
C5 GDD O . -1.42 -24.61 10.19
C6 GDD O . -0.73 -24.70 8.99
O6 GDD O . -1.35 -24.95 7.99
N7 GDD O . -2.72 -24.73 10.51
C8 GDD O . -2.86 -24.53 11.82
N9 GDD O . -1.63 -24.28 12.31
C1' GDD O . -1.51 -24.03 13.74
C2' GDD O . -2.70 -23.25 14.27
O2' GDD O . -2.41 -21.87 14.22
C3' GDD O . -2.59 -23.61 15.73
O3' GDD O . -1.53 -22.83 16.25
C4' GDD O . -2.20 -25.07 15.68
O4' GDD O . -1.57 -25.26 14.40
C5' GDD O . -3.45 -25.92 15.75
O5' GDD O . -3.96 -26.09 14.43
PA GDD O . -5.49 -26.51 14.28
O1A GDD O . -5.66 -27.28 13.03
O2A GDD O . -6.47 -25.23 14.26
O3A GDD O . -5.90 -27.41 15.52
PB GDD O . -7.01 -27.13 16.61
O2B GDD O . -8.47 -27.11 15.96
O3B GDD O . -6.71 -25.86 17.27
O1B GDD O . -6.83 -28.36 17.63
C11 GDD O . -5.49 -28.70 17.93
O51 GDD O . -5.08 -28.07 19.13
C51 GDD O . -5.92 -28.40 20.22
C61 GDD O . -5.43 -27.62 21.41
O6A GDD O . -4.75 -26.48 20.88
C21 GDD O . -5.39 -30.21 18.06
O21 GDD O . -4.02 -30.57 18.22
C31 GDD O . -6.12 -30.69 19.30
O31 GDD O . -5.64 -32.01 19.55
C41 GDD O . -5.81 -29.86 20.54
O41 GDD O . -6.77 -30.13 21.54
N2 GDD P . -17.58 17.01 0.87
C2 GDD P . -18.38 16.46 1.82
N1 GDD P . -18.00 16.64 3.10
N3 GDD P . -19.44 15.82 1.40
C4 GDD P . -20.24 15.29 2.32
C5 GDD P . -19.95 15.42 3.66
C6 GDD P . -18.82 16.12 4.02
O6 GDD P . -18.56 16.23 5.19
N7 GDD P . -20.91 14.80 4.37
C8 GDD P . -21.79 14.28 3.52
N9 GDD P . -21.37 14.58 2.27
C1' GDD P . -22.19 14.13 1.17
C2' GDD P . -22.50 12.64 1.24
O2' GDD P . -21.56 11.89 0.49
C3' GDD P . -23.81 12.62 0.47
O3' GDD P . -23.50 12.64 -0.91
C4' GDD P . -24.48 13.93 0.84
O4' GDD P . -23.43 14.75 1.38
C5' GDD P . -25.50 13.65 1.93
O5' GDD P . -24.80 13.63 3.17
PA GDD P . -25.56 13.09 4.46
O1A GDD P . -25.09 13.81 5.65
O2A GDD P . -25.30 11.53 4.66
O3A GDD P . -27.13 13.30 4.25
PB GDD P . -28.23 12.18 3.97
O2B GDD P . -28.40 11.21 5.24
O3B GDD P . -27.84 11.43 2.78
O1B GDD P . -29.56 13.01 3.72
C11 GDD P . -29.46 14.11 2.83
O51 GDD P . -29.64 13.65 1.49
C51 GDD P . -30.89 13.01 1.29
C61 GDD P . -30.95 12.55 -0.16
O6A GDD P . -29.64 12.12 -0.48
C21 GDD P . -30.51 15.12 3.20
O21 GDD P . -30.36 16.23 2.33
C31 GDD P . -31.89 14.55 2.94
O31 GDD P . -32.78 15.65 3.03
C41 GDD P . -32.03 13.95 1.54
O41 GDD P . -33.21 13.17 1.46
N2 GDD Q . 1.99 25.75 0.60
C2 GDD Q . 2.97 25.85 -0.33
N1 GDD Q . 2.60 25.74 -1.63
N3 GDD Q . 4.18 26.07 0.11
C4 GDD Q . 5.16 26.18 -0.77
C5 GDD Q . 4.90 26.09 -2.12
C6 GDD Q . 3.59 25.85 -2.52
O6 GDD Q . 3.37 25.78 -3.71
N7 GDD Q . 6.05 26.24 -2.79
C8 GDD Q . 7.03 26.42 -1.92
N9 GDD Q . 6.48 26.39 -0.68
C1' GDD Q . 7.37 26.58 0.45
C2' GDD Q . 8.67 25.80 0.23
O2' GDD Q . 8.63 24.57 0.91
C3' GDD Q . 9.67 26.62 1.02
O3' GDD Q . 9.64 26.12 2.34
C4' GDD Q . 9.09 28.04 0.95
O4' GDD Q . 7.74 27.93 0.49
C5' GDD Q . 9.89 28.79 -0.09
O5' GDD Q . 9.45 28.33 -1.36
PA GDD Q . 10.37 28.59 -2.63
O1A GDD Q . 9.52 29.04 -3.76
O2A GDD Q . 11.16 27.26 -3.02
O3A GDD Q . 11.43 29.72 -2.30
PB GDD Q . 13.01 29.66 -2.43
O2B GDD Q . 13.45 29.44 -3.96
O3B GDD Q . 13.49 28.56 -1.59
O1B GDD Q . 13.49 31.08 -1.88
C11 GDD Q . 12.63 31.73 -0.96
O51 GDD Q . 13.18 31.61 0.34
C51 GDD Q . 14.47 32.17 0.43
C61 GDD Q . 15.09 31.80 1.77
O6A GDD Q . 14.81 30.41 1.97
C21 GDD Q . 12.49 33.19 -1.36
O21 GDD Q . 11.51 33.78 -0.52
C31 GDD Q . 13.78 33.95 -1.12
O31 GDD Q . 13.46 35.32 -1.18
C41 GDD Q . 14.34 33.68 0.27
O41 GDD Q . 15.61 34.28 0.36
N2 GDD R . 15.75 -18.63 -6.09
C2 GDD R . 16.78 -17.75 -6.25
N1 GDD R . 17.41 -17.40 -5.11
N3 GDD R . 17.06 -17.36 -7.47
C4 GDD R . 18.07 -16.50 -7.63
C5 GDD R . 18.78 -16.07 -6.54
C6 GDD R . 18.43 -16.54 -5.28
O6 GDD R . 19.06 -16.16 -4.31
N7 GDD R . 19.75 -15.23 -6.96
C8 GDD R . 19.65 -15.11 -8.28
N9 GDD R . 18.63 -15.88 -8.70
C1' GDD R . 18.37 -15.92 -10.13
C2' GDD R . 18.51 -14.56 -10.81
O2' GDD R . 17.28 -13.86 -10.84
C3' GDD R . 18.78 -15.03 -12.24
O3' GDD R . 17.58 -15.53 -12.79
C4' GDD R . 19.71 -16.22 -12.01
O4' GDD R . 19.41 -16.68 -10.68
C5' GDD R . 21.16 -15.74 -12.06
O5' GDD R . 21.55 -15.27 -10.78
PA GDD R . 22.84 -14.36 -10.68
O1A GDD R . 23.48 -14.51 -9.36
O2A GDD R . 22.44 -12.82 -10.93
O3A GDD R . 23.89 -14.72 -11.81
PB GDD R . 24.40 -13.80 -13.01
O2B GDD R . 25.29 -12.60 -12.45
O3B GDD R . 23.26 -13.28 -13.75
O1B GDD R . 25.28 -14.83 -13.89
C11 GDD R . 24.78 -16.14 -14.06
O51 GDD R . 24.05 -16.26 -15.29
C51 GDD R . 24.81 -15.88 -16.42
C61 GDD R . 23.94 -15.92 -17.65
O6A GDD R . 22.77 -15.14 -17.35
C21 GDD R . 25.97 -17.09 -14.09
O21 GDD R . 25.45 -18.39 -14.27
C31 GDD R . 26.81 -16.80 -15.32
O31 GDD R . 27.81 -17.81 -15.39
C41 GDD R . 25.97 -16.84 -16.59
O41 GDD R . 26.76 -16.44 -17.70
N2 GDD S . -64.08 -31.13 -11.94
C2 GDD S . -63.21 -30.17 -11.49
N1 GDD S . -61.92 -30.25 -11.92
N3 GDD S . -63.71 -29.25 -10.69
C4 GDD S . -62.87 -28.29 -10.25
C5 GDD S . -61.54 -28.28 -10.62
C6 GDD S . -61.08 -29.29 -11.47
O6 GDD S . -59.91 -29.30 -11.82
N7 GDD S . -60.94 -27.21 -10.04
C8 GDD S . -61.86 -26.56 -9.31
N9 GDD S . -63.04 -27.23 -9.45
C1' GDD S . -64.19 -26.71 -8.75
C2' GDD S . -64.06 -26.98 -7.25
O2' GDD S . -64.82 -28.13 -6.90
C3' GDD S . -64.67 -25.74 -6.61
O3' GDD S . -65.99 -26.05 -6.14
C4' GDD S . -64.73 -24.69 -7.74
O4' GDD S . -64.19 -25.31 -8.92
C5' GDD S . -63.85 -23.49 -7.41
O5' GDD S . -62.52 -23.97 -7.26
PA GDD S . -61.53 -23.16 -6.31
O1A GDD S . -60.13 -23.49 -6.65
O2A GDD S . -61.82 -23.53 -4.77
O3A GDD S . -61.75 -21.60 -6.49
PB GDD S . -61.22 -20.37 -5.61
O2B GDD S . -59.62 -20.41 -5.51
O3B GDD S . -61.86 -20.41 -4.28
O1B GDD S . -61.72 -19.08 -6.43
C11 GDD S . -62.89 -19.21 -7.22
O51 GDD S . -64.08 -19.29 -6.42
C51 GDD S . -64.41 -18.08 -5.72
C61 GDD S . -65.73 -18.25 -4.97
O6A GDD S . -65.67 -19.48 -4.24
C21 GDD S . -62.93 -18.04 -8.21
O21 GDD S . -63.95 -18.30 -9.17
C31 GDD S . -63.26 -16.75 -7.46
O31 GDD S . -63.36 -15.67 -8.40
C41 GDD S . -64.57 -16.92 -6.70
O41 GDD S . -64.88 -15.74 -5.96
MG MG T . -62.70 -21.96 -3.11
N2 GDD U . -53.26 -54.92 9.92
C2 GDD U . -52.61 -54.05 10.74
N1 GDD U . -53.37 -53.26 11.56
N3 GDD U . -51.29 -54.05 10.69
C4 GDD U . -50.64 -53.20 11.49
C5 GDD U . -51.31 -52.36 12.35
C6 GDD U . -52.71 -52.41 12.36
O6 GDD U . -53.34 -51.68 13.12
N7 GDD U . -50.40 -51.62 13.03
C8 GDD U . -49.18 -51.96 12.62
N9 GDD U . -49.31 -52.93 11.68
C1' GDD U . -48.10 -53.46 11.09
C2' GDD U . -47.69 -52.52 9.94
O2' GDD U . -47.99 -53.14 8.69
C3' GDD U . -46.17 -52.37 10.11
O3' GDD U . -45.50 -52.97 9.00
C4' GDD U . -45.84 -53.15 11.39
O4' GDD U . -47.09 -53.37 12.06
C5' GDD U . -44.97 -52.28 12.30
O5' GDD U . -45.82 -51.22 12.74
PA GDD U . -45.15 -49.93 13.40
O1A GDD U . -46.19 -49.10 14.03
O2A GDD U . -44.36 -49.07 12.30
O3A GDD U . -44.08 -50.38 14.52
PB GDD U . -42.73 -49.66 14.96
O2B GDD U . -43.04 -48.24 15.65
O3B GDD U . -41.85 -49.49 13.79
O1B GDD U . -42.11 -50.69 16.02
C11 GDD U . -42.29 -52.07 15.74
O51 GDD U . -41.46 -52.46 14.65
C51 GDD U . -40.06 -52.31 14.90
C61 GDD U . -39.25 -52.80 13.71
O6A GDD U . -39.39 -51.87 12.65
C21 GDD U . -41.97 -52.85 17.02
O21 GDD U . -42.26 -54.22 16.79
C31 GDD U . -40.47 -52.77 17.34
O31 GDD U . -40.18 -53.73 18.35
C41 GDD U . -39.63 -53.11 16.12
O41 GDD U . -38.27 -52.84 16.38
MG MG V . -42.06 -48.91 11.89
N2 GDD W . -32.00 -8.53 59.60
C2 GDD W . -31.61 -8.82 58.32
N1 GDD W . -31.07 -7.81 57.60
N3 GDD W . -31.78 -10.07 57.94
C4 GDD W . -31.40 -10.39 56.69
C5 GDD W . -30.84 -9.42 55.86
C6 GDD W . -30.69 -8.12 56.35
O6 GDD W . -30.19 -7.27 55.63
N7 GDD W . -30.55 -10.00 54.67
C8 GDD W . -30.91 -11.29 54.73
N9 GDD W . -31.43 -11.52 55.96
C1' GDD W . -31.87 -12.88 56.24
C2' GDD W . -32.87 -13.39 55.19
O2' GDD W . -34.19 -13.31 55.70
C3' GDD W . -32.54 -14.89 55.13
O3' GDD W . -33.26 -15.57 56.15
C4' GDD W . -31.04 -14.93 55.45
O4' GDD W . -30.71 -13.69 56.12
C5' GDD W . -30.22 -15.05 54.16
O5' GDD W . -30.58 -14.03 53.25
PA GDD W . -30.40 -14.29 51.69
O1A GDD W . -29.99 -13.04 51.02
O2A GDD W . -31.78 -14.81 51.05
O3A GDD W . -29.28 -15.41 51.45
PB GDD W . -29.15 -16.54 50.33
O2B GDD W . -29.06 -15.87 48.88
O3B GDD W . -30.28 -17.47 50.42
O1B GDD W . -27.78 -17.27 50.71
C11 GDD W . -27.50 -17.51 52.10
O51 GDD W . -28.32 -18.56 52.62
C51 GDD W . -28.10 -19.80 51.96
C61 GDD W . -29.06 -20.85 52.50
O6A GDD W . -30.37 -20.31 52.47
C21 GDD W . -26.01 -17.82 52.25
O21 GDD W . -25.67 -17.76 53.63
C31 GDD W . -25.67 -19.22 51.75
O31 GDD W . -24.39 -19.57 52.27
C41 GDD W . -26.68 -20.28 52.20
O41 GDD W . -26.52 -21.48 51.46
MG MG X . -33.77 -17.74 48.64
N2 GDD Y . -64.28 6.79 41.37
C2 GDD Y . -63.70 6.44 40.18
N1 GDD Y . -63.91 5.16 39.78
N3 GDD Y . -63.00 7.37 39.55
C4 GDD Y . -62.44 7.02 38.40
C5 GDD Y . -62.59 5.74 37.89
C6 GDD Y . -63.34 4.81 38.62
O6 GDD Y . -63.49 3.68 38.20
N7 GDD Y . -61.92 5.65 36.72
C8 GDD Y . -61.35 6.84 36.45
N9 GDD Y . -61.66 7.68 37.48
C1' GDD Y . -61.16 9.04 37.41
C2' GDD Y . -59.62 9.04 37.40
O2' GDD Y . -59.13 9.49 38.66
C3' GDD Y . -59.27 10.07 36.32
O3' GDD Y . -58.93 11.30 36.95
C4' GDD Y . -60.55 10.27 35.50
O4' GDD Y . -61.63 9.64 36.23
C5' GDD Y . -60.38 9.60 34.14
O5' GDD Y . -59.71 8.36 34.34
PA GDD Y . -59.14 7.54 33.09
O1A GDD Y . -59.62 6.15 33.16
O2A GDD Y . -57.53 7.58 33.14
O3A GDD Y . -59.60 8.19 31.71
PB GDD Y . -58.78 8.28 30.33
O2B GDD Y . -58.55 6.81 29.73
O3B GDD Y . -57.50 8.98 30.55
O1B GDD Y . -59.73 9.10 29.34
C11 GDD Y . -60.74 9.94 29.87
O51 GDD Y . -60.18 11.20 30.23
C51 GDD Y . -59.50 11.82 29.14
C61 GDD Y . -58.82 13.09 29.61
O6A GDD Y . -57.82 12.73 30.55
C21 GDD Y . -61.78 10.10 28.77
O21 GDD Y . -62.85 10.89 29.31
C31 GDD Y . -61.18 10.85 27.57
O31 GDD Y . -62.20 11.16 26.63
C41 GDD Y . -60.46 12.13 28.00
O41 GDD Y . -59.73 12.66 26.90
N2 GDD Z . 62.86 22.35 13.70
C2 GDD Z . 61.59 22.31 13.18
N1 GDD Z . 60.85 21.19 13.44
N3 GDD Z . 61.21 23.35 12.47
C4 GDD Z . 59.99 23.33 11.96
C5 GDD Z . 59.14 22.25 12.15
C6 GDD Z . 59.62 21.17 12.91
O6 GDD Z . 58.90 20.20 13.10
N7 GDD Z . 57.97 22.50 11.51
C8 GDD Z . 58.05 23.71 10.93
N9 GDD Z . 59.28 24.21 11.19
C1' GDD Z . 59.61 25.53 10.68
C2' GDD Z . 59.62 25.53 9.13
O2' GDD Z . 60.96 25.52 8.65
C3' GDD Z . 59.02 26.89 8.79
O3' GDD Z . 60.10 27.80 8.56
C4' GDD Z . 58.24 27.31 10.05
O4' GDD Z . 58.63 26.43 11.12
C5' GDD Z . 56.74 27.16 9.84
O5' GDD Z . 56.47 25.88 9.29
PA GDD Z . 55.25 25.73 8.25
O1A GDD Z . 54.67 24.38 8.34
O2A GDD Z . 55.78 26.01 6.75
O3A GDD Z . 54.12 26.81 8.57
PB GDD Z . 53.09 27.55 7.60
O2B GDD Z . 51.97 26.53 7.06
O3B GDD Z . 53.84 28.15 6.49
O1B GDD Z . 52.41 28.68 8.50
C11 GDD Z . 53.22 29.37 9.42
O51 GDD Z . 53.90 30.46 8.80
C51 GDD Z . 53.01 31.49 8.32
C61 GDD Z . 53.81 32.64 7.72
O6A GDD Z . 54.71 32.10 6.75
C21 GDD Z . 52.34 29.82 10.58
O21 GDD Z . 53.21 30.41 11.53
C31 GDD Z . 51.40 30.94 10.12
O31 GDD Z . 50.73 31.48 11.27
C41 GDD Z . 52.17 32.06 9.44
O41 GDD Z . 51.27 33.00 8.87
N2 GDD AA . 33.64 17.58 -61.39
C2 GDD AA . 33.55 16.85 -60.24
N1 GDD AA . 32.35 16.92 -59.60
N3 GDD AA . 34.61 16.16 -59.88
C4 GDD AA . 34.52 15.46 -58.76
C5 GDD AA . 33.34 15.46 -58.02
C6 GDD AA . 32.26 16.21 -58.47
O6 GDD AA . 31.23 16.22 -57.83
N7 GDD AA . 33.50 14.68 -56.94
C8 GDD AA . 34.75 14.17 -56.97
N9 GDD AA . 35.37 14.66 -58.07
C1' GDD AA . 36.74 14.21 -58.29
C2' GDD AA . 37.68 14.73 -57.20
O2' GDD AA . 38.40 15.86 -57.70
C3' GDD AA . 38.64 13.55 -56.97
O3' GDD AA . 39.84 13.73 -57.71
C4' GDD AA . 37.90 12.32 -57.50
O4' GDD AA . 36.74 12.80 -58.23
C5' GDD AA . 37.43 11.46 -56.34
O5' GDD AA . 36.68 12.29 -55.46
PA GDD AA . 36.58 11.92 -53.91
O1A GDD AA . 35.24 12.30 -53.40
O2A GDD AA . 37.72 12.68 -53.08
O3A GDD AA . 36.78 10.35 -53.71
PB GDD AA . 37.38 9.58 -52.46
O2B GDD AA . 36.34 9.69 -51.24
O3B GDD AA . 38.71 10.13 -52.12
O1B GDD AA . 37.53 8.04 -52.94
C11 GDD AA . 37.76 7.77 -54.31
O51 GDD AA . 39.16 7.73 -54.60
C51 GDD AA . 39.89 6.76 -53.86
C61 GDD AA . 41.31 6.67 -54.40
O6A GDD AA . 41.89 7.97 -54.42
C21 GDD AA . 37.12 6.44 -54.63
O21 GDD AA . 37.37 6.14 -55.99
C31 GDD AA . 37.76 5.36 -53.77
O31 GDD AA . 37.25 4.10 -54.18
C41 GDD AA . 39.28 5.35 -53.95
O41 GDD AA . 39.85 4.54 -52.91
#